data_2MBC
#
_entry.id   2MBC
#
_cell.length_a   1.000
_cell.length_b   1.000
_cell.length_c   1.000
_cell.angle_alpha   90.00
_cell.angle_beta   90.00
_cell.angle_gamma   90.00
#
_symmetry.space_group_name_H-M   'P 1'
#
_entity_poly.entity_id   1
_entity_poly.type   'polypeptide(L)'
_entity_poly.pdbx_seq_one_letter_code
;MARMNRPAPVEVSYKHMRFLITHNPTNATLSTFIEDLKKYGATTVVRVCEVTYDKTPLEKDGITVVDWPFDDGAPPPGKV
VEDWLSLVKAKFCEAPGSCVAVHCVAGLGRAPVLVALALIESGMKYEDAIQFIRQKRRGAINSKQLTYLEKYRPKQRLRF
KD
;
_entity_poly.pdbx_strand_id   A
#
# COMPACT_ATOMS: atom_id res chain seq x y z
N MET A 1 -7.75 -3.69 -22.42
CA MET A 1 -8.65 -4.56 -23.15
C MET A 1 -7.91 -5.77 -23.71
N ALA A 2 -8.15 -6.94 -23.13
CA ALA A 2 -7.50 -8.16 -23.58
C ALA A 2 -8.23 -9.39 -23.04
N ARG A 3 -8.65 -9.33 -21.79
CA ARG A 3 -9.36 -10.43 -21.16
C ARG A 3 -8.48 -11.68 -21.11
N MET A 4 -9.07 -12.80 -20.73
CA MET A 4 -8.34 -14.06 -20.63
C MET A 4 -7.25 -13.98 -19.57
N ASN A 5 -6.37 -14.98 -19.54
CA ASN A 5 -5.29 -15.02 -18.57
C ASN A 5 -5.84 -15.13 -17.15
N ARG A 6 -5.00 -15.63 -16.24
CA ARG A 6 -5.39 -15.80 -14.85
C ARG A 6 -4.28 -15.33 -13.91
N PRO A 7 -4.13 -14.00 -13.77
CA PRO A 7 -3.11 -13.41 -12.91
C PRO A 7 -3.40 -13.63 -11.43
N ALA A 8 -2.44 -14.21 -10.72
CA ALA A 8 -2.59 -14.47 -9.30
C ALA A 8 -1.76 -13.51 -8.47
N PRO A 9 -2.38 -12.41 -8.02
CA PRO A 9 -1.69 -11.40 -7.21
C PRO A 9 -1.36 -11.90 -5.81
N VAL A 10 -1.03 -10.97 -4.92
CA VAL A 10 -0.69 -11.32 -3.55
C VAL A 10 -1.48 -10.48 -2.55
N GLU A 11 -2.32 -11.14 -1.77
CA GLU A 11 -3.15 -10.46 -0.78
C GLU A 11 -2.51 -10.54 0.61
N VAL A 12 -2.33 -9.39 1.24
CA VAL A 12 -1.74 -9.32 2.57
C VAL A 12 -2.73 -8.81 3.59
N SER A 13 -3.22 -9.70 4.45
CA SER A 13 -4.18 -9.33 5.48
C SER A 13 -3.47 -8.97 6.78
N TYR A 14 -3.73 -7.77 7.28
CA TYR A 14 -3.12 -7.30 8.52
C TYR A 14 -4.07 -7.49 9.69
N LYS A 15 -3.77 -6.80 10.79
CA LYS A 15 -4.59 -6.87 11.99
C LYS A 15 -6.06 -6.60 11.66
N HIS A 16 -6.31 -5.49 10.98
CA HIS A 16 -7.67 -5.11 10.60
C HIS A 16 -7.69 -4.48 9.21
N MET A 17 -6.83 -4.97 8.33
CA MET A 17 -6.75 -4.45 6.97
C MET A 17 -6.35 -5.54 5.99
N ARG A 18 -6.33 -5.20 4.70
CA ARG A 18 -5.97 -6.16 3.67
C ARG A 18 -5.59 -5.45 2.37
N PHE A 19 -4.38 -5.71 1.89
CA PHE A 19 -3.90 -5.09 0.66
C PHE A 19 -3.59 -6.14 -0.40
N LEU A 20 -3.38 -5.69 -1.63
CA LEU A 20 -3.08 -6.60 -2.74
C LEU A 20 -1.90 -6.09 -3.55
N ILE A 21 -0.76 -6.77 -3.42
CA ILE A 21 0.45 -6.39 -4.15
C ILE A 21 0.52 -7.09 -5.50
N THR A 22 0.64 -6.31 -6.56
CA THR A 22 0.72 -6.86 -7.91
C THR A 22 2.06 -7.54 -8.14
N HIS A 23 2.01 -8.85 -8.41
CA HIS A 23 3.23 -9.61 -8.66
C HIS A 23 4.08 -8.96 -9.73
N ASN A 24 3.46 -8.62 -10.86
CA ASN A 24 4.16 -7.98 -11.96
C ASN A 24 3.91 -6.49 -11.98
N PRO A 25 4.78 -5.74 -12.67
CA PRO A 25 4.68 -4.29 -12.78
C PRO A 25 3.49 -3.86 -13.65
N THR A 26 2.30 -3.81 -13.03
CA THR A 26 1.10 -3.41 -13.74
C THR A 26 0.82 -4.34 -14.92
N ASN A 27 -0.32 -4.16 -15.56
CA ASN A 27 -0.70 -4.99 -16.70
C ASN A 27 -0.61 -4.19 -18.00
N ALA A 28 -0.33 -4.89 -19.10
CA ALA A 28 -0.21 -4.25 -20.40
C ALA A 28 -1.58 -4.08 -21.06
N THR A 29 -2.61 -4.63 -20.41
CA THR A 29 -3.97 -4.54 -20.93
C THR A 29 -4.89 -3.78 -19.96
N LEU A 30 -4.57 -3.87 -18.68
CA LEU A 30 -5.36 -3.20 -17.66
C LEU A 30 -6.65 -3.95 -17.38
N SER A 31 -7.39 -4.26 -18.44
CA SER A 31 -8.65 -4.98 -18.31
C SER A 31 -8.52 -6.14 -17.33
N THR A 32 -7.63 -7.08 -17.65
CA THR A 32 -7.41 -8.23 -16.80
C THR A 32 -6.95 -7.81 -15.40
N PHE A 33 -6.13 -6.78 -15.34
CA PHE A 33 -5.62 -6.27 -14.06
C PHE A 33 -6.78 -5.83 -13.17
N ILE A 34 -7.67 -5.03 -13.72
CA ILE A 34 -8.83 -4.53 -12.97
C ILE A 34 -9.67 -5.67 -12.43
N GLU A 35 -9.82 -6.72 -13.23
CA GLU A 35 -10.60 -7.88 -12.82
C GLU A 35 -9.94 -8.61 -11.66
N ASP A 36 -8.61 -8.63 -11.67
CA ASP A 36 -7.85 -9.29 -10.62
C ASP A 36 -8.15 -8.66 -9.25
N LEU A 37 -8.02 -7.34 -9.19
CA LEU A 37 -8.28 -6.61 -7.95
C LEU A 37 -9.77 -6.55 -7.65
N LYS A 38 -10.59 -6.72 -8.68
CA LYS A 38 -12.03 -6.69 -8.52
C LYS A 38 -12.55 -8.04 -8.02
N LYS A 39 -11.93 -9.12 -8.49
CA LYS A 39 -12.33 -10.46 -8.08
C LYS A 39 -11.86 -10.77 -6.67
N TYR A 40 -10.67 -10.28 -6.33
CA TYR A 40 -10.09 -10.51 -5.01
C TYR A 40 -10.89 -9.74 -3.94
N GLY A 41 -11.79 -8.89 -4.38
CA GLY A 41 -12.59 -8.11 -3.46
C GLY A 41 -11.89 -6.86 -2.98
N ALA A 42 -11.05 -6.30 -3.85
CA ALA A 42 -10.31 -5.08 -3.51
C ALA A 42 -10.92 -3.87 -4.19
N THR A 43 -11.44 -2.94 -3.38
CA THR A 43 -12.05 -1.72 -3.92
C THR A 43 -11.01 -0.61 -4.08
N THR A 44 -9.81 -0.99 -4.48
CA THR A 44 -8.73 -0.02 -4.68
C THR A 44 -7.80 -0.45 -5.80
N VAL A 45 -7.36 0.51 -6.61
CA VAL A 45 -6.46 0.22 -7.71
C VAL A 45 -5.01 0.30 -7.28
N VAL A 46 -4.19 -0.58 -7.84
CA VAL A 46 -2.76 -0.62 -7.51
C VAL A 46 -2.01 0.53 -8.17
N ARG A 47 -2.68 1.69 -8.26
CA ARG A 47 -2.07 2.87 -8.87
C ARG A 47 -0.88 3.35 -8.04
N VAL A 48 -0.59 2.65 -6.96
CA VAL A 48 0.52 3.01 -6.09
C VAL A 48 1.86 2.78 -6.77
N CYS A 49 2.22 3.70 -7.66
CA CYS A 49 3.48 3.61 -8.40
C CYS A 49 3.63 4.78 -9.37
N GLU A 50 4.56 4.64 -10.31
CA GLU A 50 4.82 5.69 -11.28
C GLU A 50 3.69 5.75 -12.32
N VAL A 51 2.48 6.00 -11.85
CA VAL A 51 1.32 6.08 -12.73
C VAL A 51 1.25 7.43 -13.44
N THR A 52 0.77 7.42 -14.67
CA THR A 52 0.66 8.64 -15.45
C THR A 52 -0.49 8.55 -16.46
N TYR A 53 -1.59 7.96 -16.03
CA TYR A 53 -2.76 7.80 -16.88
C TYR A 53 -4.05 8.10 -16.12
N ASP A 54 -5.04 8.62 -16.83
CA ASP A 54 -6.33 8.94 -16.22
C ASP A 54 -7.16 7.68 -15.99
N LYS A 55 -7.71 7.56 -14.78
CA LYS A 55 -8.53 6.41 -14.43
C LYS A 55 -9.87 6.45 -15.15
N THR A 56 -10.00 5.64 -16.19
CA THR A 56 -11.23 5.58 -16.97
C THR A 56 -12.10 4.41 -16.55
N PRO A 57 -11.54 3.19 -16.64
CA PRO A 57 -12.24 1.97 -16.27
C PRO A 57 -12.46 1.86 -14.76
N LEU A 58 -11.37 1.62 -14.03
CA LEU A 58 -11.44 1.49 -12.59
C LEU A 58 -12.22 2.65 -11.97
N GLU A 59 -12.34 3.74 -12.72
CA GLU A 59 -13.07 4.91 -12.25
C GLU A 59 -14.57 4.64 -12.20
N LYS A 60 -15.12 4.19 -13.31
CA LYS A 60 -16.55 3.90 -13.40
C LYS A 60 -16.88 2.63 -12.62
N ASP A 61 -15.86 1.83 -12.33
CA ASP A 61 -16.05 0.59 -11.58
C ASP A 61 -16.25 0.88 -10.09
N GLY A 62 -16.17 2.16 -9.72
CA GLY A 62 -16.33 2.54 -8.34
C GLY A 62 -15.18 2.08 -7.46
N ILE A 63 -13.99 1.97 -8.06
CA ILE A 63 -12.82 1.54 -7.33
C ILE A 63 -11.95 2.73 -6.93
N THR A 64 -11.51 2.75 -5.68
CA THR A 64 -10.67 3.83 -5.18
C THR A 64 -9.34 3.88 -5.93
N VAL A 65 -9.04 5.03 -6.52
CA VAL A 65 -7.80 5.21 -7.26
C VAL A 65 -6.64 5.52 -6.32
N VAL A 66 -5.74 4.57 -6.16
CA VAL A 66 -4.58 4.73 -5.30
C VAL A 66 -3.32 5.00 -6.10
N ASP A 67 -3.08 6.26 -6.42
CA ASP A 67 -1.90 6.64 -7.20
C ASP A 67 -0.89 7.39 -6.32
N TRP A 68 0.26 6.76 -6.10
CA TRP A 68 1.30 7.37 -5.28
C TRP A 68 2.69 6.98 -5.79
N PRO A 69 3.64 7.92 -5.69
CA PRO A 69 5.02 7.70 -6.14
C PRO A 69 5.76 6.71 -5.26
N PHE A 70 5.07 5.64 -4.86
CA PHE A 70 5.68 4.62 -4.02
C PHE A 70 6.75 3.84 -4.78
N ASP A 71 6.73 3.95 -6.10
CA ASP A 71 7.70 3.26 -6.95
C ASP A 71 8.90 4.15 -7.22
N ASP A 72 9.86 4.14 -6.31
CA ASP A 72 11.07 4.95 -6.46
C ASP A 72 10.74 6.43 -6.45
N GLY A 73 11.71 7.24 -6.05
CA GLY A 73 11.50 8.69 -5.99
C GLY A 73 10.63 9.10 -4.82
N ALA A 74 9.54 9.78 -5.13
CA ALA A 74 8.62 10.24 -4.10
C ALA A 74 9.31 11.20 -3.12
N PRO A 75 8.50 11.95 -2.35
CA PRO A 75 9.03 12.91 -1.38
C PRO A 75 9.67 12.22 -0.18
N PRO A 76 10.24 13.03 0.73
CA PRO A 76 10.90 12.51 1.93
C PRO A 76 9.91 11.91 2.93
N PRO A 77 10.45 11.32 4.01
CA PRO A 77 9.62 10.71 5.06
C PRO A 77 8.85 11.73 5.88
N GLY A 78 7.64 12.04 5.45
CA GLY A 78 6.82 13.01 6.16
C GLY A 78 5.62 13.45 5.35
N LYS A 79 5.77 13.47 4.02
CA LYS A 79 4.68 13.88 3.15
C LYS A 79 3.84 12.68 2.72
N VAL A 80 4.51 11.65 2.19
CA VAL A 80 3.82 10.44 1.76
C VAL A 80 2.92 9.89 2.85
N VAL A 81 3.32 10.10 4.11
CA VAL A 81 2.55 9.62 5.24
C VAL A 81 1.09 10.04 5.13
N GLU A 82 0.85 11.28 4.71
CA GLU A 82 -0.49 11.79 4.55
C GLU A 82 -1.34 10.84 3.69
N ASP A 83 -0.83 10.51 2.52
CA ASP A 83 -1.53 9.62 1.60
C ASP A 83 -1.64 8.21 2.19
N TRP A 84 -0.61 7.77 2.89
CA TRP A 84 -0.59 6.46 3.51
C TRP A 84 -1.84 6.24 4.35
N LEU A 85 -1.94 6.98 5.45
CA LEU A 85 -3.09 6.86 6.34
C LEU A 85 -4.39 7.16 5.60
N SER A 86 -4.40 8.25 4.84
CA SER A 86 -5.58 8.64 4.08
C SER A 86 -6.13 7.46 3.29
N LEU A 87 -5.29 6.90 2.43
CA LEU A 87 -5.70 5.76 1.60
C LEU A 87 -6.21 4.62 2.47
N VAL A 88 -5.33 4.04 3.27
CA VAL A 88 -5.69 2.94 4.15
C VAL A 88 -6.92 3.28 4.98
N LYS A 89 -7.16 4.58 5.16
CA LYS A 89 -8.31 5.04 5.93
C LYS A 89 -9.54 5.19 5.05
N ALA A 90 -9.31 5.35 3.75
CA ALA A 90 -10.41 5.50 2.79
C ALA A 90 -10.84 4.14 2.25
N LYS A 91 -9.91 3.43 1.62
CA LYS A 91 -10.20 2.13 1.06
C LYS A 91 -11.02 1.28 2.03
N PHE A 92 -10.77 1.46 3.32
CA PHE A 92 -11.48 0.72 4.35
C PHE A 92 -12.76 1.44 4.76
N CYS A 93 -12.70 2.77 4.75
CA CYS A 93 -13.85 3.58 5.12
C CYS A 93 -14.85 3.68 3.97
N GLU A 94 -14.42 3.25 2.78
CA GLU A 94 -15.28 3.29 1.60
C GLU A 94 -15.85 1.91 1.30
N ALA A 95 -15.07 0.87 1.60
CA ALA A 95 -15.49 -0.50 1.36
C ALA A 95 -15.52 -1.30 2.66
N PRO A 96 -16.37 -2.33 2.70
CA PRO A 96 -16.51 -3.19 3.87
C PRO A 96 -15.28 -4.08 4.09
N GLY A 97 -14.30 -3.54 4.81
CA GLY A 97 -13.09 -4.30 5.08
C GLY A 97 -12.50 -4.92 3.83
N SER A 98 -12.82 -4.34 2.68
CA SER A 98 -12.33 -4.85 1.40
C SER A 98 -10.80 -4.84 1.37
N CYS A 99 -10.24 -5.11 0.20
CA CYS A 99 -8.79 -5.13 0.03
C CYS A 99 -8.31 -3.91 -0.74
N VAL A 100 -7.02 -3.59 -0.61
CA VAL A 100 -6.44 -2.44 -1.29
C VAL A 100 -5.35 -2.88 -2.26
N ALA A 101 -5.62 -2.73 -3.56
CA ALA A 101 -4.66 -3.10 -4.59
C ALA A 101 -3.60 -2.01 -4.77
N VAL A 102 -2.34 -2.39 -4.58
CA VAL A 102 -1.24 -1.44 -4.73
C VAL A 102 -0.13 -2.03 -5.58
N HIS A 103 0.58 -1.16 -6.31
CA HIS A 103 1.66 -1.60 -7.17
C HIS A 103 2.98 -1.64 -6.41
N CYS A 104 3.76 -2.68 -6.63
CA CYS A 104 5.05 -2.84 -5.96
C CYS A 104 6.03 -3.62 -6.83
N VAL A 105 7.32 -3.31 -6.70
CA VAL A 105 8.35 -3.99 -7.48
C VAL A 105 8.72 -5.32 -6.84
N ALA A 106 9.79 -5.31 -6.04
CA ALA A 106 10.26 -6.53 -5.37
C ALA A 106 10.00 -6.44 -3.87
N GLY A 107 10.05 -5.23 -3.33
CA GLY A 107 9.82 -5.05 -1.90
C GLY A 107 10.94 -4.27 -1.24
N LEU A 108 11.80 -4.98 -0.53
CA LEU A 108 12.92 -4.34 0.16
C LEU A 108 12.54 -2.95 0.65
N GLY A 109 13.55 -2.14 0.98
CA GLY A 109 13.29 -0.79 1.46
C GLY A 109 11.81 -0.49 1.55
N ARG A 110 11.27 0.11 0.48
CA ARG A 110 9.86 0.46 0.45
C ARG A 110 9.02 -0.57 1.19
N ALA A 111 9.17 -1.83 0.81
CA ALA A 111 8.42 -2.91 1.45
C ALA A 111 8.20 -2.62 2.94
N PRO A 112 9.26 -2.78 3.74
CA PRO A 112 9.20 -2.53 5.18
C PRO A 112 9.04 -1.06 5.52
N VAL A 113 9.61 -0.20 4.68
CA VAL A 113 9.52 1.24 4.90
C VAL A 113 8.07 1.71 4.91
N LEU A 114 7.37 1.47 3.81
CA LEU A 114 5.96 1.87 3.70
C LEU A 114 5.12 1.18 4.78
N VAL A 115 5.13 -0.15 4.76
CA VAL A 115 4.36 -0.92 5.73
C VAL A 115 4.63 -0.45 7.15
N ALA A 116 5.87 -0.06 7.41
CA ALA A 116 6.27 0.42 8.73
C ALA A 116 5.50 1.69 9.10
N LEU A 117 5.41 2.62 8.17
CA LEU A 117 4.70 3.88 8.40
C LEU A 117 3.27 3.62 8.84
N ALA A 118 2.56 2.80 8.08
CA ALA A 118 1.18 2.45 8.40
C ALA A 118 1.09 1.61 9.65
N LEU A 119 2.06 0.71 9.83
CA LEU A 119 2.09 -0.17 10.99
C LEU A 119 2.12 0.64 12.28
N ILE A 120 3.05 1.59 12.36
CA ILE A 120 3.17 2.43 13.55
C ILE A 120 1.91 3.23 13.78
N GLU A 121 1.42 3.89 12.75
CA GLU A 121 0.20 4.68 12.84
C GLU A 121 -0.99 3.82 13.22
N SER A 122 -0.88 2.52 12.94
CA SER A 122 -1.96 1.58 13.25
C SER A 122 -2.09 1.37 14.75
N GLY A 123 -1.01 1.64 15.48
CA GLY A 123 -1.03 1.48 16.92
C GLY A 123 0.14 0.64 17.42
N MET A 124 1.13 0.44 16.56
CA MET A 124 2.31 -0.35 16.93
C MET A 124 3.47 0.56 17.30
N LYS A 125 4.36 0.05 18.15
CA LYS A 125 5.52 0.81 18.59
C LYS A 125 6.56 0.90 17.49
N TYR A 126 7.14 2.08 17.30
CA TYR A 126 8.15 2.29 16.27
C TYR A 126 9.27 1.27 16.40
N GLU A 127 9.86 1.20 17.59
CA GLU A 127 10.95 0.26 17.85
C GLU A 127 10.51 -1.18 17.55
N ASP A 128 9.46 -1.62 18.22
CA ASP A 128 8.94 -2.97 18.03
C ASP A 128 8.75 -3.27 16.55
N ALA A 129 7.96 -2.43 15.88
CA ALA A 129 7.69 -2.60 14.45
C ALA A 129 8.99 -2.73 13.67
N ILE A 130 9.91 -1.80 13.90
CA ILE A 130 11.19 -1.81 13.20
C ILE A 130 11.91 -3.14 13.38
N GLN A 131 12.11 -3.53 14.63
CA GLN A 131 12.79 -4.79 14.93
C GLN A 131 12.16 -5.95 14.16
N PHE A 132 10.85 -5.87 13.94
CA PHE A 132 10.13 -6.91 13.21
C PHE A 132 10.54 -6.92 11.74
N ILE A 133 10.19 -5.86 11.03
CA ILE A 133 10.52 -5.74 9.61
C ILE A 133 12.03 -5.74 9.40
N ARG A 134 12.77 -5.47 10.47
CA ARG A 134 14.23 -5.43 10.41
C ARG A 134 14.82 -6.82 10.57
N GLN A 135 14.30 -7.57 11.54
CA GLN A 135 14.78 -8.92 11.80
C GLN A 135 14.50 -9.83 10.61
N LYS A 136 13.47 -9.51 9.85
CA LYS A 136 13.11 -10.30 8.67
C LYS A 136 13.83 -9.80 7.42
N ARG A 137 14.74 -8.85 7.62
CA ARG A 137 15.51 -8.29 6.52
C ARG A 137 16.53 -7.26 7.02
N ARG A 138 17.80 -7.66 7.00
CA ARG A 138 18.87 -6.78 7.46
C ARG A 138 18.75 -5.39 6.84
N GLY A 139 18.79 -4.37 7.68
CA GLY A 139 18.67 -3.01 7.19
C GLY A 139 17.52 -2.82 6.23
N ALA A 140 16.31 -3.11 6.70
CA ALA A 140 15.12 -2.98 5.88
C ALA A 140 14.61 -1.53 5.89
N ILE A 141 14.21 -1.05 7.06
CA ILE A 141 13.70 0.31 7.19
C ILE A 141 14.80 1.26 7.66
N ASN A 142 15.86 0.69 8.23
CA ASN A 142 16.97 1.49 8.72
C ASN A 142 17.23 2.70 7.81
N SER A 143 17.80 3.75 8.38
CA SER A 143 18.09 4.96 7.64
C SER A 143 17.16 6.10 8.05
N LYS A 144 17.01 7.10 7.19
CA LYS A 144 16.16 8.25 7.46
C LYS A 144 14.81 7.79 8.02
N GLN A 145 14.39 6.60 7.63
CA GLN A 145 13.12 6.05 8.10
C GLN A 145 13.12 5.88 9.62
N LEU A 146 14.09 5.12 10.12
CA LEU A 146 14.21 4.88 11.56
C LEU A 146 14.29 6.19 12.32
N THR A 147 15.21 7.05 11.90
CA THR A 147 15.40 8.34 12.55
C THR A 147 14.15 9.20 12.44
N TYR A 148 13.43 9.06 11.33
CA TYR A 148 12.22 9.82 11.10
C TYR A 148 11.19 9.55 12.20
N LEU A 149 10.84 8.29 12.39
CA LEU A 149 9.87 7.89 13.40
C LEU A 149 10.42 8.16 14.81
N GLU A 150 11.74 8.14 14.92
CA GLU A 150 12.39 8.38 16.21
C GLU A 150 11.98 9.74 16.79
N LYS A 151 11.97 10.75 15.93
CA LYS A 151 11.60 12.10 16.34
C LYS A 151 10.12 12.37 16.06
N TYR A 152 9.60 11.70 15.04
CA TYR A 152 8.19 11.87 14.66
C TYR A 152 7.27 11.35 15.75
N ARG A 153 6.08 11.95 15.83
CA ARG A 153 5.10 11.55 16.84
C ARG A 153 3.80 11.11 16.17
N PRO A 154 3.25 9.97 16.63
CA PRO A 154 2.01 9.42 16.10
C PRO A 154 0.79 10.26 16.47
N LYS A 155 0.10 10.76 15.46
CA LYS A 155 -1.09 11.58 15.68
C LYS A 155 -2.32 10.71 15.93
N GLN A 156 -2.10 9.40 16.03
CA GLN A 156 -3.19 8.46 16.27
C GLN A 156 -4.14 8.40 15.08
N ARG A 157 -3.58 8.58 13.88
CA ARG A 157 -4.38 8.55 12.66
C ARG A 157 -5.10 7.21 12.51
N LEU A 158 -4.33 6.14 12.49
CA LEU A 158 -4.89 4.80 12.35
C LEU A 158 -5.09 4.15 13.71
N ARG A 159 -6.15 4.52 14.41
CA ARG A 159 -6.45 3.97 15.72
C ARG A 159 -5.55 4.61 16.79
N PHE A 160 -5.58 4.04 17.99
CA PHE A 160 -4.77 4.54 19.09
C PHE A 160 -3.43 3.82 19.16
N LYS A 161 -2.35 4.59 19.37
CA LYS A 161 -1.02 4.02 19.45
C LYS A 161 -0.46 4.17 20.86
N ASP A 162 0.60 3.42 21.16
CA ASP A 162 1.23 3.47 22.47
C ASP A 162 0.19 3.29 23.58
N MET A 1 3.26 -7.57 -20.04
CA MET A 1 1.98 -7.10 -20.57
C MET A 1 1.00 -8.26 -20.73
N ALA A 2 0.16 -8.47 -19.71
CA ALA A 2 -0.81 -9.55 -19.75
C ALA A 2 -1.98 -9.21 -20.67
N ARG A 3 -2.89 -10.16 -20.84
CA ARG A 3 -4.05 -9.96 -21.70
C ARG A 3 -4.95 -11.19 -21.70
N MET A 4 -6.09 -11.08 -21.02
CA MET A 4 -7.04 -12.17 -20.93
C MET A 4 -6.38 -13.42 -20.35
N ASN A 5 -6.22 -13.46 -19.04
CA ASN A 5 -5.60 -14.58 -18.37
C ASN A 5 -6.10 -14.71 -16.92
N ARG A 6 -5.46 -15.59 -16.16
CA ARG A 6 -5.85 -15.80 -14.76
C ARG A 6 -4.74 -15.35 -13.82
N PRO A 7 -4.59 -14.02 -13.69
CA PRO A 7 -3.57 -13.42 -12.82
C PRO A 7 -3.88 -13.63 -11.34
N ALA A 8 -2.92 -14.23 -10.63
CA ALA A 8 -3.08 -14.49 -9.21
C ALA A 8 -2.23 -13.53 -8.37
N PRO A 9 -2.85 -12.43 -7.93
CA PRO A 9 -2.17 -11.42 -7.11
C PRO A 9 -1.85 -11.91 -5.71
N VAL A 10 -1.51 -10.99 -4.81
CA VAL A 10 -1.18 -11.34 -3.45
C VAL A 10 -1.98 -10.50 -2.45
N GLU A 11 -2.83 -11.16 -1.67
CA GLU A 11 -3.65 -10.48 -0.69
C GLU A 11 -3.02 -10.55 0.70
N VAL A 12 -2.80 -9.38 1.30
CA VAL A 12 -2.19 -9.30 2.63
C VAL A 12 -3.18 -8.77 3.65
N SER A 13 -3.65 -9.65 4.53
CA SER A 13 -4.61 -9.27 5.57
C SER A 13 -3.89 -8.91 6.87
N TYR A 14 -4.12 -7.69 7.34
CA TYR A 14 -3.50 -7.22 8.58
C TYR A 14 -4.44 -7.40 9.76
N LYS A 15 -4.14 -6.69 10.85
CA LYS A 15 -4.96 -6.76 12.06
C LYS A 15 -6.42 -6.45 11.74
N HIS A 16 -6.65 -5.32 11.07
CA HIS A 16 -8.00 -4.90 10.71
C HIS A 16 -8.01 -4.27 9.33
N MET A 17 -7.30 -4.89 8.38
CA MET A 17 -7.24 -4.39 7.02
C MET A 17 -6.80 -5.48 6.05
N ARG A 18 -6.83 -5.18 4.77
CA ARG A 18 -6.44 -6.15 3.74
C ARG A 18 -6.06 -5.44 2.44
N PHE A 19 -4.85 -5.70 1.96
CA PHE A 19 -4.36 -5.09 0.74
C PHE A 19 -4.07 -6.14 -0.32
N LEU A 20 -3.86 -5.70 -1.55
CA LEU A 20 -3.56 -6.61 -2.65
C LEU A 20 -2.36 -6.11 -3.46
N ILE A 21 -1.22 -6.78 -3.29
CA ILE A 21 -0.01 -6.41 -4.01
C ILE A 21 0.06 -7.11 -5.37
N THR A 22 0.18 -6.32 -6.43
CA THR A 22 0.26 -6.85 -7.78
C THR A 22 1.63 -7.49 -8.04
N HIS A 23 1.70 -8.81 -7.89
CA HIS A 23 2.95 -9.54 -8.10
C HIS A 23 3.40 -9.40 -9.55
N ASN A 24 2.45 -9.15 -10.45
CA ASN A 24 2.76 -9.00 -11.87
C ASN A 24 2.58 -7.55 -12.31
N PRO A 25 3.65 -6.75 -12.13
CA PRO A 25 3.64 -5.33 -12.51
C PRO A 25 3.63 -5.14 -14.01
N THR A 26 2.45 -4.90 -14.57
CA THR A 26 2.30 -4.70 -16.01
C THR A 26 1.07 -3.84 -16.31
N ASN A 27 -0.10 -4.45 -16.25
CA ASN A 27 -1.35 -3.74 -16.52
C ASN A 27 -1.24 -2.92 -17.80
N ALA A 28 -0.85 -3.59 -18.89
CA ALA A 28 -0.71 -2.92 -20.18
C ALA A 28 -2.05 -2.82 -20.90
N THR A 29 -3.04 -3.56 -20.40
CA THR A 29 -4.37 -3.55 -21.00
C THR A 29 -5.42 -3.04 -20.01
N LEU A 30 -5.15 -3.23 -18.72
CA LEU A 30 -6.06 -2.80 -17.68
C LEU A 30 -7.38 -3.54 -17.76
N SER A 31 -7.40 -4.63 -18.53
CA SER A 31 -8.61 -5.43 -18.69
C SER A 31 -8.73 -6.47 -17.57
N THR A 32 -7.84 -7.46 -17.59
CA THR A 32 -7.85 -8.52 -16.58
C THR A 32 -7.39 -7.98 -15.23
N PHE A 33 -6.67 -6.87 -15.25
CA PHE A 33 -6.17 -6.26 -14.03
C PHE A 33 -7.32 -5.85 -13.12
N ILE A 34 -8.25 -5.07 -13.67
CA ILE A 34 -9.41 -4.61 -12.90
C ILE A 34 -10.21 -5.79 -12.36
N GLU A 35 -10.35 -6.82 -13.17
CA GLU A 35 -11.10 -8.01 -12.77
C GLU A 35 -10.42 -8.71 -11.59
N ASP A 36 -9.09 -8.70 -11.60
CA ASP A 36 -8.32 -9.33 -10.52
C ASP A 36 -8.64 -8.67 -9.18
N LEU A 37 -8.51 -7.35 -9.12
CA LEU A 37 -8.77 -6.62 -7.89
C LEU A 37 -10.27 -6.58 -7.60
N LYS A 38 -11.08 -6.78 -8.62
CA LYS A 38 -12.53 -6.77 -8.47
C LYS A 38 -13.03 -8.11 -7.95
N LYS A 39 -12.40 -9.20 -8.40
CA LYS A 39 -12.79 -10.54 -7.98
C LYS A 39 -12.30 -10.81 -6.55
N TYR A 40 -11.13 -10.29 -6.22
CA TYR A 40 -10.56 -10.48 -4.89
C TYR A 40 -11.35 -9.69 -3.84
N GLY A 41 -12.27 -8.86 -4.30
CA GLY A 41 -13.09 -8.07 -3.40
C GLY A 41 -12.36 -6.83 -2.90
N ALA A 42 -11.53 -6.26 -3.76
CA ALA A 42 -10.77 -5.06 -3.41
C ALA A 42 -11.36 -3.83 -4.08
N THR A 43 -11.86 -2.90 -3.26
CA THR A 43 -12.46 -1.67 -3.76
C THR A 43 -11.41 -0.58 -3.93
N THR A 44 -10.25 -0.95 -4.45
CA THR A 44 -9.16 0.00 -4.66
C THR A 44 -8.24 -0.46 -5.78
N VAL A 45 -7.80 0.49 -6.60
CA VAL A 45 -6.92 0.19 -7.72
C VAL A 45 -5.46 0.26 -7.30
N VAL A 46 -4.64 -0.63 -7.84
CA VAL A 46 -3.22 -0.68 -7.52
C VAL A 46 -2.47 0.46 -8.22
N ARG A 47 -3.09 1.63 -8.27
CA ARG A 47 -2.49 2.79 -8.91
C ARG A 47 -1.27 3.26 -8.13
N VAL A 48 -0.94 2.54 -7.06
CA VAL A 48 0.21 2.89 -6.23
C VAL A 48 1.52 2.60 -6.96
N CYS A 49 1.86 3.48 -7.90
CA CYS A 49 3.09 3.33 -8.67
C CYS A 49 3.23 4.45 -9.69
N GLU A 50 4.17 4.28 -10.63
CA GLU A 50 4.40 5.28 -11.66
C GLU A 50 3.22 5.38 -12.61
N VAL A 51 2.15 6.03 -12.15
CA VAL A 51 0.95 6.20 -12.96
C VAL A 51 1.07 7.41 -13.89
N THR A 52 0.18 7.48 -14.86
CA THR A 52 0.19 8.58 -15.82
C THR A 52 -0.94 8.44 -16.83
N TYR A 53 -2.06 7.88 -16.39
CA TYR A 53 -3.21 7.69 -17.25
C TYR A 53 -4.49 8.18 -16.59
N ASP A 54 -5.63 7.96 -17.24
CA ASP A 54 -6.91 8.38 -16.71
C ASP A 54 -7.78 7.18 -16.38
N LYS A 55 -8.23 7.10 -15.13
CA LYS A 55 -9.08 5.99 -14.68
C LYS A 55 -10.46 6.09 -15.31
N THR A 56 -10.72 5.26 -16.31
CA THR A 56 -12.01 5.24 -17.00
C THR A 56 -12.90 4.14 -16.45
N PRO A 57 -12.41 2.88 -16.52
CA PRO A 57 -13.16 1.72 -16.04
C PRO A 57 -13.27 1.69 -14.51
N LEU A 58 -12.16 1.45 -13.85
CA LEU A 58 -12.13 1.39 -12.39
C LEU A 58 -12.81 2.62 -11.79
N GLU A 59 -12.94 3.67 -12.59
CA GLU A 59 -13.57 4.90 -12.14
C GLU A 59 -15.08 4.72 -12.02
N LYS A 60 -15.70 4.23 -13.08
CA LYS A 60 -17.14 4.00 -13.10
C LYS A 60 -17.51 2.74 -12.32
N ASP A 61 -16.50 1.92 -12.04
CA ASP A 61 -16.72 0.68 -11.31
C ASP A 61 -16.87 0.95 -9.82
N GLY A 62 -16.76 2.22 -9.44
CA GLY A 62 -16.88 2.60 -8.04
C GLY A 62 -15.70 2.13 -7.21
N ILE A 63 -14.53 2.05 -7.84
CA ILE A 63 -13.32 1.61 -7.15
C ILE A 63 -12.44 2.81 -6.79
N THR A 64 -11.92 2.80 -5.56
CA THR A 64 -11.07 3.88 -5.09
C THR A 64 -9.75 3.90 -5.85
N VAL A 65 -9.43 5.04 -6.46
CA VAL A 65 -8.18 5.18 -7.20
C VAL A 65 -7.01 5.49 -6.29
N VAL A 66 -6.11 4.51 -6.15
CA VAL A 66 -4.94 4.68 -5.29
C VAL A 66 -3.69 4.91 -6.12
N ASP A 67 -3.39 6.18 -6.40
CA ASP A 67 -2.22 6.54 -7.18
C ASP A 67 -1.18 7.25 -6.31
N TRP A 68 -0.04 6.61 -6.12
CA TRP A 68 1.02 7.19 -5.31
C TRP A 68 2.39 6.90 -5.93
N PRO A 69 3.23 7.93 -6.04
CA PRO A 69 4.58 7.82 -6.60
C PRO A 69 5.52 7.02 -5.70
N PHE A 70 5.14 5.78 -5.39
CA PHE A 70 5.94 4.92 -4.54
C PHE A 70 6.62 3.83 -5.36
N ASP A 71 6.65 4.02 -6.68
CA ASP A 71 7.26 3.05 -7.58
C ASP A 71 8.79 3.18 -7.56
N ASP A 72 9.26 4.41 -7.34
CA ASP A 72 10.70 4.68 -7.30
C ASP A 72 10.96 6.16 -7.06
N GLY A 73 10.08 7.00 -7.59
CA GLY A 73 10.24 8.44 -7.42
C GLY A 73 9.33 9.00 -6.34
N ALA A 74 9.67 8.75 -5.08
CA ALA A 74 8.88 9.24 -3.96
C ALA A 74 9.68 10.21 -3.11
N PRO A 75 8.97 11.02 -2.31
CA PRO A 75 9.59 12.01 -1.43
C PRO A 75 10.35 11.37 -0.27
N PRO A 76 11.64 11.73 -0.14
CA PRO A 76 12.50 11.20 0.92
C PRO A 76 12.11 11.72 2.30
N PRO A 77 11.47 12.90 2.33
CA PRO A 77 11.03 13.54 3.57
C PRO A 77 9.88 12.80 4.23
N GLY A 78 9.34 11.81 3.52
CA GLY A 78 8.24 11.03 4.05
C GLY A 78 6.93 11.80 4.01
N LYS A 79 6.62 12.40 2.87
CA LYS A 79 5.39 13.16 2.71
C LYS A 79 4.24 12.25 2.28
N VAL A 80 4.57 11.11 1.71
CA VAL A 80 3.57 10.15 1.26
C VAL A 80 2.77 9.60 2.43
N VAL A 81 3.38 9.63 3.61
CA VAL A 81 2.73 9.13 4.82
C VAL A 81 1.28 9.60 4.89
N GLU A 82 1.06 10.88 4.59
CA GLU A 82 -0.29 11.45 4.62
C GLU A 82 -1.24 10.61 3.78
N ASP A 83 -0.84 10.31 2.57
CA ASP A 83 -1.67 9.52 1.66
C ASP A 83 -1.84 8.10 2.18
N TRP A 84 -0.80 7.57 2.82
CA TRP A 84 -0.83 6.23 3.37
C TRP A 84 -2.04 6.03 4.28
N LEU A 85 -2.08 6.76 5.38
CA LEU A 85 -3.18 6.67 6.33
C LEU A 85 -4.50 7.01 5.65
N SER A 86 -4.51 8.09 4.88
CA SER A 86 -5.71 8.52 4.19
C SER A 86 -6.32 7.37 3.38
N LEU A 87 -5.52 6.81 2.48
CA LEU A 87 -5.97 5.70 1.65
C LEU A 87 -6.51 4.56 2.50
N VAL A 88 -5.64 3.96 3.31
CA VAL A 88 -6.03 2.85 4.18
C VAL A 88 -7.23 3.23 5.03
N LYS A 89 -7.44 4.54 5.23
CA LYS A 89 -8.55 5.04 6.02
C LYS A 89 -9.80 5.21 5.15
N ALA A 90 -9.59 5.38 3.85
CA ALA A 90 -10.70 5.55 2.92
C ALA A 90 -11.18 4.21 2.37
N LYS A 91 -10.27 3.48 1.74
CA LYS A 91 -10.60 2.18 1.17
C LYS A 91 -11.43 1.35 2.14
N PHE A 92 -11.15 1.51 3.44
CA PHE A 92 -11.87 0.78 4.47
C PHE A 92 -13.13 1.53 4.89
N CYS A 93 -13.05 2.86 4.88
CA CYS A 93 -14.18 3.70 5.26
C CYS A 93 -15.20 3.79 4.12
N GLU A 94 -14.79 3.36 2.93
CA GLU A 94 -15.65 3.41 1.77
C GLU A 94 -16.23 2.03 1.46
N ALA A 95 -15.45 0.99 1.75
CA ALA A 95 -15.88 -0.38 1.51
C ALA A 95 -15.91 -1.19 2.81
N PRO A 96 -16.78 -2.20 2.87
CA PRO A 96 -16.91 -3.07 4.04
C PRO A 96 -15.70 -3.96 4.25
N GLY A 97 -14.69 -3.44 4.94
CA GLY A 97 -13.49 -4.21 5.20
C GLY A 97 -12.93 -4.85 3.94
N SER A 98 -13.26 -4.28 2.79
CA SER A 98 -12.80 -4.80 1.50
C SER A 98 -11.27 -4.80 1.46
N CYS A 99 -10.73 -5.08 0.27
CA CYS A 99 -9.28 -5.13 0.07
C CYS A 99 -8.80 -3.89 -0.68
N VAL A 100 -7.51 -3.60 -0.57
CA VAL A 100 -6.92 -2.46 -1.25
C VAL A 100 -5.83 -2.89 -2.23
N ALA A 101 -6.10 -2.74 -3.52
CA ALA A 101 -5.15 -3.12 -4.56
C ALA A 101 -4.11 -2.03 -4.76
N VAL A 102 -2.85 -2.38 -4.55
CA VAL A 102 -1.75 -1.42 -4.71
C VAL A 102 -0.59 -2.04 -5.49
N HIS A 103 0.08 -1.22 -6.28
CA HIS A 103 1.22 -1.69 -7.08
C HIS A 103 2.51 -1.57 -6.29
N CYS A 104 3.35 -2.61 -6.38
CA CYS A 104 4.62 -2.62 -5.67
C CYS A 104 5.64 -3.51 -6.38
N VAL A 105 6.92 -3.26 -6.14
CA VAL A 105 7.98 -4.05 -6.76
C VAL A 105 8.21 -5.36 -6.01
N ALA A 106 9.39 -5.93 -6.19
CA ALA A 106 9.74 -7.18 -5.53
C ALA A 106 9.57 -7.07 -4.02
N GLY A 107 9.63 -5.84 -3.51
CA GLY A 107 9.48 -5.63 -2.08
C GLY A 107 10.71 -5.00 -1.45
N LEU A 108 11.58 -5.84 -0.92
CA LEU A 108 12.81 -5.36 -0.28
C LEU A 108 12.55 -4.08 0.51
N GLY A 109 12.50 -2.96 -0.21
CA GLY A 109 12.26 -1.68 0.45
C GLY A 109 10.78 -1.37 0.58
N ARG A 110 10.20 -0.80 -0.48
CA ARG A 110 8.79 -0.44 -0.47
C ARG A 110 7.98 -1.46 0.33
N ALA A 111 8.24 -2.73 0.10
CA ALA A 111 7.54 -3.80 0.79
C ALA A 111 7.36 -3.46 2.27
N PRO A 112 8.45 -3.61 3.05
CA PRO A 112 8.45 -3.33 4.48
C PRO A 112 8.30 -1.84 4.78
N VAL A 113 8.97 -1.00 3.98
CA VAL A 113 8.92 0.43 4.15
C VAL A 113 7.48 0.93 4.21
N LEU A 114 6.69 0.58 3.19
CA LEU A 114 5.30 0.99 3.12
C LEU A 114 4.50 0.40 4.29
N VAL A 115 4.47 -0.93 4.36
CA VAL A 115 3.75 -1.61 5.43
C VAL A 115 4.19 -1.11 6.80
N ALA A 116 5.43 -0.66 6.89
CA ALA A 116 5.97 -0.15 8.14
C ALA A 116 5.30 1.17 8.54
N LEU A 117 5.18 2.07 7.58
CA LEU A 117 4.56 3.37 7.83
C LEU A 117 3.17 3.20 8.43
N ALA A 118 2.33 2.40 7.77
CA ALA A 118 0.99 2.15 8.24
C ALA A 118 0.99 1.34 9.52
N LEU A 119 1.91 0.38 9.62
CA LEU A 119 2.03 -0.46 10.80
C LEU A 119 2.24 0.38 12.05
N ILE A 120 3.13 1.36 11.95
CA ILE A 120 3.43 2.24 13.08
C ILE A 120 2.23 3.12 13.42
N GLU A 121 1.66 3.76 12.41
CA GLU A 121 0.51 4.63 12.61
C GLU A 121 -0.68 3.83 13.14
N SER A 122 -0.63 2.52 12.98
CA SER A 122 -1.71 1.65 13.43
C SER A 122 -1.71 1.54 14.95
N GLY A 123 -0.58 1.88 15.57
CA GLY A 123 -0.47 1.81 17.01
C GLY A 123 0.67 0.91 17.47
N MET A 124 1.66 0.74 16.60
CA MET A 124 2.81 -0.10 16.92
C MET A 124 4.07 0.75 17.09
N LYS A 125 5.02 0.23 17.88
CA LYS A 125 6.26 0.94 18.13
C LYS A 125 7.17 0.91 16.89
N TYR A 126 7.77 2.05 16.57
CA TYR A 126 8.66 2.14 15.41
C TYR A 126 9.75 1.09 15.48
N GLU A 127 10.41 0.99 16.64
CA GLU A 127 11.48 0.02 16.84
C GLU A 127 10.96 -1.41 16.69
N ASP A 128 9.93 -1.74 17.47
CA ASP A 128 9.34 -3.07 17.42
C ASP A 128 9.02 -3.48 15.99
N ALA A 129 8.20 -2.67 15.32
CA ALA A 129 7.81 -2.94 13.94
C ALA A 129 9.04 -3.14 13.06
N ILE A 130 10.01 -2.24 13.19
CA ILE A 130 11.23 -2.31 12.39
C ILE A 130 11.91 -3.67 12.58
N GLN A 131 12.24 -4.00 13.82
CA GLN A 131 12.89 -5.27 14.13
C GLN A 131 12.16 -6.43 13.47
N PHE A 132 10.85 -6.30 13.35
CA PHE A 132 10.04 -7.35 12.73
C PHE A 132 10.32 -7.46 11.24
N ILE A 133 9.95 -6.41 10.51
CA ILE A 133 10.16 -6.38 9.07
C ILE A 133 11.65 -6.38 8.73
N ARG A 134 12.48 -6.11 9.73
CA ARG A 134 13.92 -6.07 9.54
C ARG A 134 14.53 -7.46 9.73
N GLN A 135 14.08 -8.17 10.75
CA GLN A 135 14.58 -9.51 11.04
C GLN A 135 14.10 -10.50 10.00
N LYS A 136 12.94 -10.22 9.40
CA LYS A 136 12.36 -11.09 8.39
C LYS A 136 13.32 -11.27 7.22
N ARG A 137 14.28 -10.35 7.10
CA ARG A 137 15.25 -10.41 6.02
C ARG A 137 16.56 -9.74 6.45
N ARG A 138 16.65 -8.43 6.22
CA ARG A 138 17.84 -7.67 6.58
C ARG A 138 17.80 -6.26 5.99
N GLY A 139 17.95 -5.26 6.85
CA GLY A 139 17.92 -3.88 6.39
C GLY A 139 16.77 -3.61 5.45
N ALA A 140 15.55 -3.85 5.92
CA ALA A 140 14.36 -3.62 5.11
C ALA A 140 13.92 -2.16 5.16
N ILE A 141 13.61 -1.69 6.36
CA ILE A 141 13.18 -0.31 6.55
C ILE A 141 14.36 0.60 6.86
N ASN A 142 15.55 0.00 6.97
CA ASN A 142 16.76 0.75 7.28
C ASN A 142 16.92 1.92 6.32
N SER A 143 17.95 2.74 6.55
CA SER A 143 18.22 3.90 5.71
C SER A 143 17.36 5.08 6.13
N LYS A 144 17.23 6.05 5.23
CA LYS A 144 16.42 7.24 5.50
C LYS A 144 15.10 6.87 6.16
N GLN A 145 14.47 5.80 5.66
CA GLN A 145 13.20 5.33 6.20
C GLN A 145 13.29 5.15 7.71
N LEU A 146 14.29 4.40 8.16
CA LEU A 146 14.48 4.14 9.57
C LEU A 146 14.61 5.44 10.36
N THR A 147 15.56 6.28 9.95
CA THR A 147 15.78 7.57 10.60
C THR A 147 14.53 8.41 10.59
N TYR A 148 13.75 8.32 9.51
CA TYR A 148 12.52 9.08 9.38
C TYR A 148 11.61 8.88 10.59
N LEU A 149 11.21 7.63 10.81
CA LEU A 149 10.35 7.29 11.93
C LEU A 149 11.05 7.55 13.25
N GLU A 150 12.37 7.44 13.25
CA GLU A 150 13.16 7.66 14.45
C GLU A 150 12.90 9.05 15.02
N LYS A 151 12.91 10.05 14.15
CA LYS A 151 12.67 11.43 14.57
C LYS A 151 11.19 11.79 14.47
N TYR A 152 10.50 11.12 13.55
CA TYR A 152 9.07 11.37 13.35
C TYR A 152 8.26 10.95 14.57
N ARG A 153 7.16 11.65 14.81
CA ARG A 153 6.30 11.34 15.95
C ARG A 153 4.89 11.00 15.49
N PRO A 154 4.34 9.90 16.01
CA PRO A 154 2.98 9.45 15.67
C PRO A 154 1.90 10.38 16.23
N LYS A 155 1.15 11.01 15.33
CA LYS A 155 0.08 11.91 15.73
C LYS A 155 -1.21 11.15 15.99
N GLN A 156 -1.12 9.83 15.98
CA GLN A 156 -2.29 8.98 16.21
C GLN A 156 -3.34 9.20 15.13
N ARG A 157 -3.06 8.72 13.93
CA ARG A 157 -3.97 8.86 12.80
C ARG A 157 -4.79 7.58 12.61
N LEU A 158 -4.10 6.47 12.40
CA LEU A 158 -4.76 5.19 12.20
C LEU A 158 -5.27 4.62 13.52
N ARG A 159 -4.54 4.91 14.60
CA ARG A 159 -4.92 4.43 15.92
C ARG A 159 -3.94 4.92 16.97
N PHE A 160 -4.27 4.69 18.25
CA PHE A 160 -3.42 5.11 19.35
C PHE A 160 -2.13 4.29 19.39
N LYS A 161 -0.99 4.98 19.40
CA LYS A 161 0.31 4.32 19.43
C LYS A 161 0.99 4.53 20.79
N ASP A 162 1.92 3.64 21.12
CA ASP A 162 2.65 3.73 22.38
C ASP A 162 1.68 3.82 23.55
N MET A 1 -3.28 -3.43 -25.70
CA MET A 1 -4.21 -3.20 -24.60
C MET A 1 -5.39 -4.15 -24.66
N ALA A 2 -5.09 -5.45 -24.67
CA ALA A 2 -6.13 -6.47 -24.74
C ALA A 2 -5.53 -7.86 -24.59
N ARG A 3 -5.95 -8.58 -23.54
CA ARG A 3 -5.46 -9.92 -23.28
C ARG A 3 -6.07 -10.49 -22.00
N MET A 4 -6.37 -11.78 -22.02
CA MET A 4 -6.96 -12.45 -20.86
C MET A 4 -6.04 -13.55 -20.34
N ASN A 5 -6.17 -13.85 -19.06
CA ASN A 5 -5.35 -14.89 -18.44
C ASN A 5 -5.76 -15.11 -16.98
N ARG A 6 -4.95 -15.88 -16.26
CA ARG A 6 -5.24 -16.17 -14.85
C ARG A 6 -4.19 -15.53 -13.94
N PRO A 7 -4.28 -14.20 -13.78
CA PRO A 7 -3.34 -13.45 -12.94
C PRO A 7 -3.54 -13.73 -11.46
N ALA A 8 -2.44 -13.96 -10.75
CA ALA A 8 -2.49 -14.24 -9.32
C ALA A 8 -1.64 -13.25 -8.53
N PRO A 9 -2.28 -12.15 -8.09
CA PRO A 9 -1.60 -11.11 -7.31
C PRO A 9 -1.22 -11.58 -5.92
N VAL A 10 -0.87 -10.63 -5.05
CA VAL A 10 -0.49 -10.95 -3.68
C VAL A 10 -1.30 -10.14 -2.68
N GLU A 11 -2.14 -10.83 -1.92
CA GLU A 11 -2.97 -10.18 -0.91
C GLU A 11 -2.31 -10.21 0.46
N VAL A 12 -2.12 -9.03 1.04
CA VAL A 12 -1.49 -8.91 2.35
C VAL A 12 -2.49 -8.45 3.41
N SER A 13 -2.89 -9.35 4.28
CA SER A 13 -3.85 -9.03 5.34
C SER A 13 -3.13 -8.62 6.62
N TYR A 14 -3.49 -7.45 7.14
CA TYR A 14 -2.88 -6.93 8.35
C TYR A 14 -3.81 -7.11 9.55
N LYS A 15 -3.50 -6.43 10.64
CA LYS A 15 -4.30 -6.51 11.85
C LYS A 15 -5.78 -6.29 11.55
N HIS A 16 -6.08 -5.20 10.83
CA HIS A 16 -7.45 -4.88 10.46
C HIS A 16 -7.51 -4.29 9.06
N MET A 17 -6.64 -4.78 8.18
CA MET A 17 -6.61 -4.29 6.80
C MET A 17 -6.22 -5.42 5.84
N ARG A 18 -6.24 -5.12 4.54
CA ARG A 18 -5.90 -6.10 3.53
C ARG A 18 -5.63 -5.42 2.18
N PHE A 19 -4.37 -5.43 1.77
CA PHE A 19 -3.97 -4.82 0.51
C PHE A 19 -3.66 -5.89 -0.55
N LEU A 20 -3.38 -5.44 -1.76
CA LEU A 20 -3.07 -6.36 -2.86
C LEU A 20 -1.91 -5.83 -3.69
N ILE A 21 -0.75 -6.45 -3.54
CA ILE A 21 0.44 -6.04 -4.29
C ILE A 21 0.57 -6.84 -5.58
N THR A 22 0.58 -6.13 -6.71
CA THR A 22 0.71 -6.77 -8.02
C THR A 22 2.17 -6.82 -8.46
N HIS A 23 2.86 -7.89 -8.06
CA HIS A 23 4.27 -8.06 -8.42
C HIS A 23 4.40 -8.73 -9.79
N ASN A 24 3.70 -9.83 -9.98
CA ASN A 24 3.73 -10.56 -11.23
C ASN A 24 3.45 -9.63 -12.41
N PRO A 25 3.85 -10.06 -13.62
CA PRO A 25 3.64 -9.29 -14.84
C PRO A 25 2.17 -9.22 -15.25
N THR A 26 1.57 -8.04 -15.09
CA THR A 26 0.18 -7.85 -15.44
C THR A 26 -0.17 -6.37 -15.50
N ASN A 27 -1.46 -6.07 -15.63
CA ASN A 27 -1.93 -4.69 -15.70
C ASN A 27 -1.39 -3.99 -16.95
N ALA A 28 -0.97 -4.80 -17.94
CA ALA A 28 -0.44 -4.27 -19.19
C ALA A 28 -1.57 -3.93 -20.16
N THR A 29 -2.78 -4.33 -19.81
CA THR A 29 -3.94 -4.08 -20.66
C THR A 29 -5.04 -3.35 -19.89
N LEU A 30 -5.06 -3.55 -18.57
CA LEU A 30 -6.06 -2.91 -17.72
C LEU A 30 -7.42 -3.57 -17.89
N SER A 31 -7.46 -4.65 -18.67
CA SER A 31 -8.70 -5.37 -18.92
C SER A 31 -8.96 -6.39 -17.82
N THR A 32 -8.07 -7.37 -17.71
CA THR A 32 -8.21 -8.41 -16.69
C THR A 32 -7.73 -7.92 -15.33
N PHE A 33 -6.82 -6.96 -15.35
CA PHE A 33 -6.28 -6.40 -14.11
C PHE A 33 -7.40 -5.99 -13.17
N ILE A 34 -8.39 -5.28 -13.69
CA ILE A 34 -9.52 -4.83 -12.90
C ILE A 34 -10.24 -6.00 -12.26
N GLU A 35 -10.37 -7.10 -13.01
CA GLU A 35 -11.04 -8.29 -12.51
C GLU A 35 -10.25 -8.94 -11.39
N ASP A 36 -8.92 -8.84 -11.48
CA ASP A 36 -8.04 -9.42 -10.47
C ASP A 36 -8.27 -8.76 -9.11
N LEU A 37 -8.28 -7.43 -9.09
CA LEU A 37 -8.48 -6.69 -7.86
C LEU A 37 -9.95 -6.71 -7.44
N LYS A 38 -10.83 -6.94 -8.41
CA LYS A 38 -12.26 -7.00 -8.16
C LYS A 38 -12.65 -8.35 -7.59
N LYS A 39 -12.03 -9.41 -8.09
CA LYS A 39 -12.31 -10.76 -7.63
C LYS A 39 -11.74 -11.00 -6.24
N TYR A 40 -10.55 -10.45 -5.99
CA TYR A 40 -9.90 -10.60 -4.70
C TYR A 40 -10.68 -9.89 -3.60
N GLY A 41 -11.63 -9.05 -4.02
CA GLY A 41 -12.43 -8.31 -3.06
C GLY A 41 -11.81 -6.99 -2.66
N ALA A 42 -11.06 -6.40 -3.59
CA ALA A 42 -10.40 -5.12 -3.34
C ALA A 42 -11.14 -3.98 -4.04
N THR A 43 -11.59 -2.99 -3.25
CA THR A 43 -12.30 -1.85 -3.80
C THR A 43 -11.35 -0.70 -4.09
N THR A 44 -10.09 -1.03 -4.33
CA THR A 44 -9.08 -0.03 -4.64
C THR A 44 -8.20 -0.46 -5.80
N VAL A 45 -7.84 0.50 -6.66
CA VAL A 45 -6.99 0.21 -7.81
C VAL A 45 -5.52 0.32 -7.45
N VAL A 46 -4.70 -0.54 -8.05
CA VAL A 46 -3.26 -0.55 -7.80
C VAL A 46 -2.58 0.61 -8.53
N ARG A 47 -3.19 1.78 -8.48
CA ARG A 47 -2.65 2.97 -9.13
C ARG A 47 -1.39 3.45 -8.40
N VAL A 48 -0.99 2.72 -7.37
CA VAL A 48 0.19 3.07 -6.59
C VAL A 48 1.46 2.83 -7.38
N CYS A 49 1.73 3.71 -8.34
CA CYS A 49 2.93 3.59 -9.18
C CYS A 49 2.98 4.71 -10.21
N GLU A 50 3.81 4.53 -11.23
CA GLU A 50 3.97 5.52 -12.28
C GLU A 50 2.71 5.59 -13.14
N VAL A 51 1.63 6.14 -12.58
CA VAL A 51 0.37 6.27 -13.30
C VAL A 51 0.41 7.45 -14.26
N THR A 52 -0.11 7.24 -15.46
CA THR A 52 -0.13 8.29 -16.48
C THR A 52 -1.35 8.14 -17.39
N TYR A 53 -2.46 7.67 -16.83
CA TYR A 53 -3.69 7.48 -17.59
C TYR A 53 -4.91 7.62 -16.69
N ASP A 54 -5.90 8.37 -17.16
CA ASP A 54 -7.12 8.58 -16.41
C ASP A 54 -7.79 7.26 -16.08
N LYS A 55 -8.77 7.30 -15.17
CA LYS A 55 -9.49 6.10 -14.77
C LYS A 55 -10.89 6.08 -15.35
N THR A 56 -11.10 5.26 -16.38
CA THR A 56 -12.40 5.15 -17.03
C THR A 56 -13.18 3.96 -16.50
N PRO A 57 -12.60 2.76 -16.63
CA PRO A 57 -13.22 1.52 -16.16
C PRO A 57 -13.29 1.44 -14.63
N LEU A 58 -12.13 1.25 -14.02
CA LEU A 58 -12.04 1.16 -12.55
C LEU A 58 -12.80 2.30 -11.90
N GLU A 59 -13.05 3.36 -12.66
CA GLU A 59 -13.78 4.52 -12.14
C GLU A 59 -15.26 4.21 -12.00
N LYS A 60 -15.90 3.86 -13.11
CA LYS A 60 -17.32 3.53 -13.11
C LYS A 60 -17.60 2.28 -12.27
N ASP A 61 -16.56 1.49 -12.04
CA ASP A 61 -16.69 0.27 -11.26
C ASP A 61 -16.83 0.59 -9.77
N GLY A 62 -16.70 1.87 -9.45
CA GLY A 62 -16.81 2.30 -8.06
C GLY A 62 -15.62 1.89 -7.23
N ILE A 63 -14.46 1.74 -7.88
CA ILE A 63 -13.24 1.35 -7.20
C ILE A 63 -12.38 2.57 -6.88
N THR A 64 -11.95 2.69 -5.63
CA THR A 64 -11.12 3.80 -5.20
C THR A 64 -9.80 3.82 -5.96
N VAL A 65 -9.48 4.97 -6.54
CA VAL A 65 -8.23 5.12 -7.30
C VAL A 65 -7.07 5.43 -6.37
N VAL A 66 -6.19 4.45 -6.19
CA VAL A 66 -5.03 4.60 -5.32
C VAL A 66 -3.78 4.91 -6.14
N ASP A 67 -3.58 6.19 -6.46
CA ASP A 67 -2.42 6.61 -7.24
C ASP A 67 -1.41 7.34 -6.35
N TRP A 68 -0.21 6.76 -6.24
CA TRP A 68 0.85 7.34 -5.43
C TRP A 68 2.20 7.19 -6.11
N PRO A 69 3.05 8.22 -5.97
CA PRO A 69 4.39 8.22 -6.57
C PRO A 69 5.33 7.22 -5.88
N PHE A 70 4.76 6.18 -5.29
CA PHE A 70 5.55 5.17 -4.60
C PHE A 70 6.17 4.19 -5.59
N ASP A 71 6.00 4.49 -6.88
CA ASP A 71 6.56 3.64 -7.93
C ASP A 71 8.04 3.36 -7.68
N ASP A 72 8.85 4.41 -7.70
CA ASP A 72 10.28 4.28 -7.49
C ASP A 72 10.90 5.63 -7.11
N GLY A 73 10.07 6.53 -6.59
CA GLY A 73 10.55 7.85 -6.20
C GLY A 73 9.76 8.45 -5.05
N ALA A 74 8.78 9.28 -5.39
CA ALA A 74 7.94 9.92 -4.38
C ALA A 74 8.77 10.83 -3.49
N PRO A 75 8.08 11.71 -2.73
CA PRO A 75 8.72 12.66 -1.82
C PRO A 75 9.36 11.96 -0.62
N PRO A 76 10.02 12.76 0.23
CA PRO A 76 10.69 12.25 1.42
C PRO A 76 9.70 11.77 2.49
N PRO A 77 10.22 11.17 3.56
CA PRO A 77 9.40 10.66 4.66
C PRO A 77 8.78 11.78 5.48
N GLY A 78 7.47 11.98 5.29
CA GLY A 78 6.77 13.03 6.02
C GLY A 78 5.48 13.44 5.34
N LYS A 79 5.53 13.58 4.02
CA LYS A 79 4.35 13.98 3.25
C LYS A 79 3.56 12.76 2.80
N VAL A 80 4.25 11.80 2.20
CA VAL A 80 3.61 10.57 1.74
C VAL A 80 2.70 9.99 2.80
N VAL A 81 3.08 10.15 4.06
CA VAL A 81 2.29 9.64 5.17
C VAL A 81 0.82 10.00 5.02
N GLU A 82 0.57 11.25 4.64
CA GLU A 82 -0.79 11.73 4.45
C GLU A 82 -1.57 10.81 3.52
N ASP A 83 -0.97 10.51 2.37
CA ASP A 83 -1.61 9.64 1.38
C ASP A 83 -1.76 8.22 1.93
N TRP A 84 -0.81 7.81 2.75
CA TRP A 84 -0.82 6.47 3.34
C TRP A 84 -2.12 6.23 4.11
N LEU A 85 -2.27 6.93 5.22
CA LEU A 85 -3.46 6.79 6.05
C LEU A 85 -4.73 7.11 5.24
N SER A 86 -4.69 8.20 4.49
CA SER A 86 -5.83 8.61 3.69
C SER A 86 -6.38 7.43 2.89
N LEU A 87 -5.52 6.83 2.07
CA LEU A 87 -5.93 5.69 1.25
C LEU A 87 -6.59 4.61 2.10
N VAL A 88 -5.84 4.08 3.07
CA VAL A 88 -6.37 3.05 3.95
C VAL A 88 -7.69 3.47 4.56
N LYS A 89 -7.67 4.52 5.38
CA LYS A 89 -8.87 5.02 6.02
C LYS A 89 -9.98 5.24 5.00
N ALA A 90 -9.61 5.36 3.73
CA ALA A 90 -10.57 5.56 2.66
C ALA A 90 -11.09 4.24 2.13
N LYS A 91 -10.21 3.45 1.54
CA LYS A 91 -10.58 2.15 0.99
C LYS A 91 -11.36 1.33 2.02
N PHE A 92 -11.00 1.48 3.29
CA PHE A 92 -11.66 0.75 4.36
C PHE A 92 -12.94 1.46 4.79
N CYS A 93 -13.01 2.76 4.52
CA CYS A 93 -14.19 3.55 4.87
C CYS A 93 -15.20 3.54 3.74
N GLU A 94 -14.73 3.24 2.53
CA GLU A 94 -15.61 3.20 1.37
C GLU A 94 -16.15 1.80 1.13
N ALA A 95 -15.42 0.80 1.63
CA ALA A 95 -15.83 -0.59 1.47
C ALA A 95 -15.82 -1.32 2.81
N PRO A 96 -16.67 -2.35 2.93
CA PRO A 96 -16.77 -3.14 4.16
C PRO A 96 -15.54 -4.00 4.40
N GLY A 97 -14.54 -3.42 5.06
CA GLY A 97 -13.32 -4.16 5.35
C GLY A 97 -12.79 -4.89 4.13
N SER A 98 -13.10 -4.38 2.94
CA SER A 98 -12.66 -5.00 1.69
C SER A 98 -11.14 -5.02 1.62
N CYS A 99 -10.62 -5.18 0.41
CA CYS A 99 -9.18 -5.22 0.18
C CYS A 99 -8.72 -4.02 -0.64
N VAL A 100 -7.40 -3.79 -0.67
CA VAL A 100 -6.84 -2.68 -1.41
C VAL A 100 -5.83 -3.17 -2.45
N ALA A 101 -5.91 -2.62 -3.65
CA ALA A 101 -5.00 -3.00 -4.72
C ALA A 101 -3.97 -1.90 -5.00
N VAL A 102 -2.70 -2.24 -4.84
CA VAL A 102 -1.62 -1.28 -5.06
C VAL A 102 -0.52 -1.89 -5.92
N HIS A 103 0.12 -1.05 -6.73
CA HIS A 103 1.20 -1.50 -7.60
C HIS A 103 2.54 -1.41 -6.88
N CYS A 104 3.38 -2.42 -7.10
CA CYS A 104 4.70 -2.47 -6.48
C CYS A 104 5.69 -3.25 -7.34
N VAL A 105 6.98 -2.98 -7.15
CA VAL A 105 8.02 -3.67 -7.92
C VAL A 105 8.33 -5.04 -7.31
N ALA A 106 9.39 -5.09 -6.51
CA ALA A 106 9.79 -6.33 -5.87
C ALA A 106 9.52 -6.29 -4.37
N GLY A 107 9.62 -5.11 -3.79
CA GLY A 107 9.37 -4.95 -2.37
C GLY A 107 10.45 -4.15 -1.67
N LEU A 108 11.36 -4.84 -0.99
CA LEU A 108 12.45 -4.19 -0.27
C LEU A 108 12.04 -2.79 0.18
N GLY A 109 13.03 -1.95 0.45
CA GLY A 109 12.75 -0.59 0.88
C GLY A 109 11.26 -0.34 1.07
N ARG A 110 10.63 0.21 0.05
CA ARG A 110 9.21 0.50 0.10
C ARG A 110 8.46 -0.56 0.90
N ALA A 111 8.64 -1.82 0.51
CA ALA A 111 7.98 -2.93 1.18
C ALA A 111 7.84 -2.66 2.67
N PRO A 112 8.96 -2.79 3.41
CA PRO A 112 8.98 -2.55 4.86
C PRO A 112 8.78 -1.09 5.22
N VAL A 113 9.36 -0.20 4.41
CA VAL A 113 9.25 1.23 4.63
C VAL A 113 7.80 1.68 4.66
N LEU A 114 7.09 1.45 3.55
CA LEU A 114 5.68 1.83 3.45
C LEU A 114 4.87 1.21 4.58
N VAL A 115 4.91 -0.11 4.67
CA VAL A 115 4.18 -0.82 5.71
C VAL A 115 4.55 -0.31 7.11
N ALA A 116 5.81 0.07 7.27
CA ALA A 116 6.30 0.59 8.55
C ALA A 116 5.57 1.87 8.93
N LEU A 117 5.31 2.72 7.94
CA LEU A 117 4.62 3.98 8.18
C LEU A 117 3.20 3.74 8.66
N ALA A 118 2.47 2.89 7.93
CA ALA A 118 1.09 2.57 8.28
C ALA A 118 1.02 1.75 9.57
N LEU A 119 2.03 0.92 9.77
CA LEU A 119 2.10 0.07 10.96
C LEU A 119 2.22 0.92 12.22
N ILE A 120 3.18 1.84 12.23
CA ILE A 120 3.39 2.72 13.36
C ILE A 120 2.17 3.59 13.63
N GLU A 121 1.58 4.12 12.56
CA GLU A 121 0.40 4.97 12.67
C GLU A 121 -0.80 4.17 13.16
N SER A 122 -0.70 2.85 13.06
CA SER A 122 -1.79 1.98 13.50
C SER A 122 -1.80 1.83 15.01
N GLY A 123 -0.68 2.20 15.64
CA GLY A 123 -0.58 2.10 17.09
C GLY A 123 0.56 1.21 17.53
N MET A 124 1.47 0.91 16.61
CA MET A 124 2.62 0.07 16.91
C MET A 124 3.85 0.92 17.23
N LYS A 125 4.76 0.36 18.03
CA LYS A 125 5.97 1.06 18.41
C LYS A 125 6.97 1.09 17.26
N TYR A 126 7.54 2.26 17.01
CA TYR A 126 8.51 2.42 15.93
C TYR A 126 9.62 1.38 16.04
N GLU A 127 10.21 1.27 17.23
CA GLU A 127 11.28 0.30 17.47
C GLU A 127 10.81 -1.12 17.18
N ASP A 128 9.75 -1.54 17.87
CA ASP A 128 9.21 -2.88 17.68
C ASP A 128 8.98 -3.17 16.20
N ALA A 129 8.20 -2.33 15.55
CA ALA A 129 7.90 -2.49 14.13
C ALA A 129 9.19 -2.65 13.32
N ILE A 130 10.13 -1.74 13.53
CA ILE A 130 11.40 -1.78 12.82
C ILE A 130 12.07 -3.14 12.96
N GLN A 131 12.31 -3.55 14.20
CA GLN A 131 12.95 -4.84 14.47
C GLN A 131 12.24 -5.96 13.72
N PHE A 132 10.94 -5.80 13.50
CA PHE A 132 10.16 -6.80 12.79
C PHE A 132 10.51 -6.82 11.31
N ILE A 133 10.20 -5.72 10.62
CA ILE A 133 10.49 -5.62 9.19
C ILE A 133 12.00 -5.62 8.93
N ARG A 134 12.77 -5.42 10.00
CA ARG A 134 14.22 -5.39 9.88
C ARG A 134 14.80 -6.80 9.98
N GLN A 135 14.28 -7.58 10.93
CA GLN A 135 14.75 -8.95 11.13
C GLN A 135 14.27 -9.86 10.01
N LYS A 136 13.16 -9.50 9.38
CA LYS A 136 12.59 -10.27 8.29
C LYS A 136 13.58 -10.40 7.13
N ARG A 137 14.56 -9.51 7.11
CA ARG A 137 15.58 -9.51 6.07
C ARG A 137 16.88 -8.87 6.55
N ARG A 138 16.98 -7.56 6.37
CA ARG A 138 18.18 -6.82 6.79
C ARG A 138 18.18 -5.41 6.22
N GLY A 139 18.38 -4.42 7.08
CA GLY A 139 18.40 -3.05 6.64
C GLY A 139 17.22 -2.70 5.74
N ALA A 140 16.02 -2.92 6.26
CA ALA A 140 14.80 -2.63 5.50
C ALA A 140 14.40 -1.17 5.64
N ILE A 141 14.07 -0.77 6.86
CA ILE A 141 13.66 0.60 7.13
C ILE A 141 14.84 1.43 7.63
N ASN A 142 16.00 0.79 7.77
CA ASN A 142 17.19 1.47 8.24
C ASN A 142 17.47 2.72 7.41
N SER A 143 18.44 3.51 7.85
CA SER A 143 18.79 4.75 7.15
C SER A 143 17.83 5.87 7.50
N LYS A 144 17.69 6.83 6.59
CA LYS A 144 16.80 7.95 6.81
C LYS A 144 15.47 7.50 7.40
N GLN A 145 14.82 6.56 6.74
CA GLN A 145 13.54 6.03 7.21
C GLN A 145 13.58 5.79 8.72
N LEU A 146 14.63 5.12 9.18
CA LEU A 146 14.78 4.82 10.60
C LEU A 146 14.82 6.10 11.42
N THR A 147 15.76 6.99 11.09
CA THR A 147 15.90 8.26 11.80
C THR A 147 14.61 9.06 11.74
N TYR A 148 13.88 8.92 10.65
CA TYR A 148 12.63 9.64 10.47
C TYR A 148 11.67 9.37 11.62
N LEU A 149 11.28 8.10 11.77
CA LEU A 149 10.36 7.70 12.83
C LEU A 149 11.00 7.92 14.20
N GLU A 150 12.32 7.89 14.25
CA GLU A 150 13.05 8.08 15.49
C GLU A 150 12.72 9.43 16.11
N LYS A 151 12.73 10.48 15.28
CA LYS A 151 12.44 11.83 15.74
C LYS A 151 10.96 12.16 15.56
N TYR A 152 10.35 11.53 14.56
CA TYR A 152 8.94 11.76 14.27
C TYR A 152 8.06 11.34 15.46
N ARG A 153 6.92 12.00 15.60
CA ARG A 153 5.99 11.70 16.68
C ARG A 153 4.63 11.31 16.14
N PRO A 154 4.07 10.21 16.67
CA PRO A 154 2.76 9.70 16.26
C PRO A 154 1.62 10.60 16.71
N LYS A 155 0.95 11.23 15.74
CA LYS A 155 -0.16 12.12 16.04
C LYS A 155 -1.45 11.34 16.26
N GLN A 156 -1.35 10.01 16.19
CA GLN A 156 -2.50 9.14 16.39
C GLN A 156 -3.56 9.38 15.31
N ARG A 157 -3.23 9.00 14.08
CA ARG A 157 -4.14 9.18 12.96
C ARG A 157 -4.93 7.90 12.70
N LEU A 158 -4.21 6.80 12.47
CA LEU A 158 -4.85 5.51 12.21
C LEU A 158 -5.43 4.93 13.49
N ARG A 159 -4.83 5.27 14.63
CA ARG A 159 -5.29 4.77 15.91
C ARG A 159 -4.41 5.31 17.05
N PHE A 160 -4.61 4.77 18.25
CA PHE A 160 -3.85 5.19 19.41
C PHE A 160 -2.50 4.48 19.46
N LYS A 161 -1.42 5.25 19.46
CA LYS A 161 -0.08 4.70 19.50
C LYS A 161 0.58 4.97 20.85
N ASP A 162 1.71 4.32 21.10
CA ASP A 162 2.43 4.49 22.36
C ASP A 162 2.60 5.97 22.68
N MET A 1 4.38 -7.15 -21.80
CA MET A 1 3.45 -7.37 -22.90
C MET A 1 2.74 -8.72 -22.75
N ALA A 2 1.44 -8.74 -23.04
CA ALA A 2 0.66 -9.96 -22.93
C ALA A 2 0.59 -10.45 -21.49
N ARG A 3 -0.37 -9.92 -20.74
CA ARG A 3 -0.53 -10.30 -19.34
C ARG A 3 -1.91 -10.91 -19.10
N MET A 4 -2.90 -10.44 -19.86
CA MET A 4 -4.26 -10.95 -19.73
C MET A 4 -4.29 -12.47 -19.83
N ASN A 5 -4.63 -13.13 -18.72
CA ASN A 5 -4.69 -14.58 -18.68
C ASN A 5 -5.16 -15.06 -17.31
N ARG A 6 -4.32 -14.86 -16.29
CA ARG A 6 -4.66 -15.27 -14.94
C ARG A 6 -3.65 -14.70 -13.94
N PRO A 7 -3.74 -13.39 -13.68
CA PRO A 7 -2.86 -12.70 -12.75
C PRO A 7 -3.12 -13.09 -11.30
N ALA A 8 -2.08 -13.59 -10.64
CA ALA A 8 -2.20 -14.00 -9.25
C ALA A 8 -1.47 -13.03 -8.32
N PRO A 9 -2.19 -12.01 -7.85
CA PRO A 9 -1.63 -10.99 -6.96
C PRO A 9 -1.34 -11.54 -5.57
N VAL A 10 -1.11 -10.64 -4.61
CA VAL A 10 -0.81 -11.05 -3.24
C VAL A 10 -1.69 -10.29 -2.25
N GLU A 11 -2.51 -11.02 -1.50
CA GLU A 11 -3.39 -10.43 -0.51
C GLU A 11 -2.75 -10.43 0.87
N VAL A 12 -2.72 -9.25 1.49
CA VAL A 12 -2.13 -9.12 2.83
C VAL A 12 -3.17 -8.65 3.83
N SER A 13 -3.61 -9.57 4.70
CA SER A 13 -4.60 -9.25 5.72
C SER A 13 -3.94 -8.93 7.05
N TYR A 14 -4.21 -7.74 7.57
CA TYR A 14 -3.64 -7.31 8.84
C TYR A 14 -4.63 -7.50 9.98
N LYS A 15 -4.41 -6.79 11.08
CA LYS A 15 -5.29 -6.88 12.24
C LYS A 15 -6.72 -6.53 11.87
N HIS A 16 -6.90 -5.38 11.22
CA HIS A 16 -8.22 -4.94 10.80
C HIS A 16 -8.18 -4.29 9.43
N MET A 17 -7.43 -4.90 8.51
CA MET A 17 -7.30 -4.38 7.15
C MET A 17 -6.84 -5.47 6.19
N ARG A 18 -6.91 -5.18 4.89
CA ARG A 18 -6.50 -6.13 3.87
C ARG A 18 -6.14 -5.42 2.58
N PHE A 19 -4.90 -5.59 2.13
CA PHE A 19 -4.44 -4.96 0.89
C PHE A 19 -4.06 -6.01 -0.13
N LEU A 20 -3.86 -5.57 -1.38
CA LEU A 20 -3.49 -6.46 -2.46
C LEU A 20 -2.31 -5.92 -3.24
N ILE A 21 -1.13 -6.51 -3.03
CA ILE A 21 0.08 -6.07 -3.72
C ILE A 21 0.20 -6.75 -5.08
N THR A 22 0.26 -5.94 -6.14
CA THR A 22 0.38 -6.46 -7.49
C THR A 22 1.83 -6.58 -7.91
N HIS A 23 2.15 -7.60 -8.71
CA HIS A 23 3.50 -7.83 -9.17
C HIS A 23 3.69 -7.28 -10.58
N ASN A 24 2.59 -7.15 -11.32
CA ASN A 24 2.63 -6.64 -12.68
C ASN A 24 3.48 -5.38 -12.76
N PRO A 25 3.94 -5.06 -13.98
CA PRO A 25 4.76 -3.87 -14.23
C PRO A 25 3.97 -2.57 -14.07
N THR A 26 2.82 -2.51 -14.73
CA THR A 26 1.97 -1.33 -14.67
C THR A 26 0.70 -1.51 -15.50
N ASN A 27 -0.27 -0.64 -15.29
CA ASN A 27 -1.54 -0.70 -16.02
C ASN A 27 -1.28 -0.81 -17.52
N ALA A 28 -1.49 -2.00 -18.07
CA ALA A 28 -1.30 -2.22 -19.49
C ALA A 28 -2.54 -1.85 -20.28
N THR A 29 -3.67 -2.44 -19.91
CA THR A 29 -4.93 -2.17 -20.60
C THR A 29 -6.08 -2.08 -19.60
N LEU A 30 -5.82 -2.47 -18.35
CA LEU A 30 -6.84 -2.42 -17.30
C LEU A 30 -7.95 -3.43 -17.59
N SER A 31 -7.67 -4.39 -18.45
CA SER A 31 -8.64 -5.41 -18.82
C SER A 31 -8.75 -6.47 -17.72
N THR A 32 -7.73 -7.32 -17.63
CA THR A 32 -7.72 -8.37 -16.62
C THR A 32 -7.29 -7.84 -15.26
N PHE A 33 -6.55 -6.73 -15.27
CA PHE A 33 -6.09 -6.11 -14.03
C PHE A 33 -7.27 -5.74 -13.14
N ILE A 34 -8.15 -4.88 -13.65
CA ILE A 34 -9.31 -4.45 -12.90
C ILE A 34 -10.10 -5.64 -12.36
N GLU A 35 -10.10 -6.74 -13.12
CA GLU A 35 -10.81 -7.95 -12.73
C GLU A 35 -10.08 -8.66 -11.59
N ASP A 36 -8.76 -8.55 -11.59
CA ASP A 36 -7.94 -9.19 -10.57
C ASP A 36 -8.23 -8.59 -9.19
N LEU A 37 -8.29 -7.27 -9.12
CA LEU A 37 -8.57 -6.57 -7.87
C LEU A 37 -10.05 -6.63 -7.53
N LYS A 38 -10.89 -6.76 -8.55
CA LYS A 38 -12.33 -6.84 -8.36
C LYS A 38 -12.76 -8.24 -7.96
N LYS A 39 -12.06 -9.24 -8.49
CA LYS A 39 -12.36 -10.63 -8.18
C LYS A 39 -11.87 -11.01 -6.78
N TYR A 40 -10.70 -10.49 -6.41
CA TYR A 40 -10.12 -10.77 -5.10
C TYR A 40 -10.95 -10.13 -4.00
N GLY A 41 -11.89 -9.27 -4.39
CA GLY A 41 -12.73 -8.61 -3.42
C GLY A 41 -12.11 -7.33 -2.88
N ALA A 42 -11.41 -6.61 -3.74
CA ALA A 42 -10.76 -5.36 -3.35
C ALA A 42 -11.42 -4.16 -4.01
N THR A 43 -11.99 -3.29 -3.20
CA THR A 43 -12.66 -2.09 -3.70
C THR A 43 -11.69 -0.93 -3.84
N THR A 44 -10.49 -1.21 -4.33
CA THR A 44 -9.47 -0.20 -4.51
C THR A 44 -8.50 -0.57 -5.62
N VAL A 45 -8.11 0.42 -6.42
CA VAL A 45 -7.19 0.19 -7.53
C VAL A 45 -5.74 0.33 -7.06
N VAL A 46 -4.87 -0.51 -7.62
CA VAL A 46 -3.45 -0.47 -7.26
C VAL A 46 -2.75 0.70 -7.92
N ARG A 47 -3.42 1.85 -7.94
CA ARG A 47 -2.86 3.06 -8.54
C ARG A 47 -1.65 3.54 -7.76
N VAL A 48 -1.33 2.84 -6.68
CA VAL A 48 -0.20 3.20 -5.84
C VAL A 48 1.13 3.01 -6.57
N CYS A 49 1.46 3.98 -7.43
CA CYS A 49 2.70 3.92 -8.21
C CYS A 49 2.80 5.10 -9.16
N GLU A 50 3.70 4.99 -10.13
CA GLU A 50 3.90 6.06 -11.10
C GLU A 50 2.76 6.10 -12.11
N VAL A 51 1.54 6.30 -11.61
CA VAL A 51 0.36 6.36 -12.46
C VAL A 51 0.33 7.65 -13.27
N THR A 52 -0.11 7.55 -14.52
CA THR A 52 -0.19 8.71 -15.40
C THR A 52 -1.35 8.57 -16.39
N TYR A 53 -2.41 7.90 -15.96
CA TYR A 53 -3.57 7.70 -16.81
C TYR A 53 -4.86 8.08 -16.07
N ASP A 54 -5.91 8.34 -16.83
CA ASP A 54 -7.20 8.71 -16.25
C ASP A 54 -8.04 7.47 -15.95
N LYS A 55 -8.58 7.40 -14.74
CA LYS A 55 -9.40 6.27 -14.33
C LYS A 55 -10.76 6.31 -15.03
N THR A 56 -10.93 5.48 -16.04
CA THR A 56 -12.18 5.42 -16.80
C THR A 56 -13.05 4.26 -16.32
N PRO A 57 -12.50 3.03 -16.42
CA PRO A 57 -13.21 1.82 -16.01
C PRO A 57 -13.37 1.73 -14.49
N LEU A 58 -12.27 1.50 -13.80
CA LEU A 58 -12.29 1.39 -12.34
C LEU A 58 -13.04 2.57 -11.72
N GLU A 59 -13.19 3.65 -12.49
CA GLU A 59 -13.89 4.84 -12.01
C GLU A 59 -15.39 4.58 -11.91
N LYS A 60 -15.96 4.05 -12.99
CA LYS A 60 -17.39 3.75 -13.02
C LYS A 60 -17.69 2.45 -12.30
N ASP A 61 -16.65 1.67 -12.03
CA ASP A 61 -16.80 0.39 -11.34
C ASP A 61 -17.02 0.60 -9.84
N GLY A 62 -16.97 1.86 -9.42
CA GLY A 62 -17.15 2.18 -8.01
C GLY A 62 -15.98 1.75 -7.17
N ILE A 63 -14.79 1.75 -7.76
CA ILE A 63 -13.58 1.35 -7.05
C ILE A 63 -12.75 2.56 -6.66
N THR A 64 -12.32 2.60 -5.40
CA THR A 64 -11.51 3.71 -4.89
C THR A 64 -10.17 3.79 -5.62
N VAL A 65 -9.87 4.96 -6.17
CA VAL A 65 -8.62 5.17 -6.89
C VAL A 65 -7.48 5.48 -5.93
N VAL A 66 -6.54 4.54 -5.81
CA VAL A 66 -5.40 4.71 -4.92
C VAL A 66 -4.14 5.01 -5.72
N ASP A 67 -3.89 6.30 -5.98
CA ASP A 67 -2.72 6.72 -6.72
C ASP A 67 -1.74 7.46 -5.81
N TRP A 68 -0.53 6.92 -5.69
CA TRP A 68 0.50 7.52 -4.86
C TRP A 68 1.88 7.33 -5.47
N PRO A 69 2.78 8.30 -5.23
CA PRO A 69 4.15 8.26 -5.75
C PRO A 69 4.99 7.18 -5.07
N PHE A 70 4.31 6.23 -4.41
CA PHE A 70 5.00 5.15 -3.72
C PHE A 70 6.02 4.48 -4.64
N ASP A 71 5.79 4.59 -5.94
CA ASP A 71 6.68 4.00 -6.93
C ASP A 71 8.12 4.40 -6.68
N ASP A 72 8.43 5.67 -6.90
CA ASP A 72 9.77 6.19 -6.70
C ASP A 72 10.17 6.11 -5.23
N GLY A 73 11.24 6.80 -4.86
CA GLY A 73 11.70 6.80 -3.48
C GLY A 73 10.77 7.54 -2.56
N ALA A 74 9.80 8.24 -3.14
CA ALA A 74 8.83 9.00 -2.35
C ALA A 74 9.52 10.13 -1.60
N PRO A 75 8.70 11.05 -1.04
CA PRO A 75 9.21 12.20 -0.28
C PRO A 75 9.82 11.79 1.05
N PRO A 76 11.08 12.19 1.27
CA PRO A 76 11.81 11.88 2.50
C PRO A 76 11.26 12.63 3.71
N PRO A 77 10.61 13.77 3.45
CA PRO A 77 10.02 14.60 4.50
C PRO A 77 8.81 13.95 5.15
N GLY A 78 8.42 12.79 4.63
CA GLY A 78 7.28 12.08 5.16
C GLY A 78 5.96 12.63 4.64
N LYS A 79 5.91 12.93 3.35
CA LYS A 79 4.71 13.45 2.73
C LYS A 79 3.78 12.33 2.28
N VAL A 80 4.35 11.14 2.12
CA VAL A 80 3.57 9.97 1.71
C VAL A 80 2.73 9.43 2.85
N VAL A 81 3.23 9.58 4.08
CA VAL A 81 2.53 9.11 5.26
C VAL A 81 1.09 9.60 5.27
N GLU A 82 0.89 10.86 4.91
CA GLU A 82 -0.45 11.44 4.86
C GLU A 82 -1.39 10.61 3.99
N ASP A 83 -0.90 10.23 2.82
CA ASP A 83 -1.69 9.43 1.89
C ASP A 83 -1.87 8.01 2.41
N TRP A 84 -0.85 7.49 3.08
CA TRP A 84 -0.89 6.14 3.62
C TRP A 84 -2.15 5.94 4.46
N LEU A 85 -2.23 6.66 5.58
CA LEU A 85 -3.38 6.56 6.48
C LEU A 85 -4.66 6.98 5.76
N SER A 86 -4.55 7.99 4.90
CA SER A 86 -5.69 8.49 4.17
C SER A 86 -6.36 7.37 3.39
N LEU A 87 -5.62 6.77 2.47
CA LEU A 87 -6.13 5.67 1.66
C LEU A 87 -6.83 4.62 2.53
N VAL A 88 -6.11 4.13 3.53
CA VAL A 88 -6.65 3.12 4.43
C VAL A 88 -7.97 3.59 5.06
N LYS A 89 -7.92 4.74 5.74
CA LYS A 89 -9.10 5.30 6.38
C LYS A 89 -10.25 5.42 5.38
N ALA A 90 -9.91 5.46 4.10
CA ALA A 90 -10.92 5.58 3.04
C ALA A 90 -11.44 4.20 2.63
N LYS A 91 -10.55 3.39 2.07
CA LYS A 91 -10.92 2.04 1.63
C LYS A 91 -11.67 1.30 2.73
N PHE A 92 -11.26 1.51 3.98
CA PHE A 92 -11.90 0.85 5.11
C PHE A 92 -13.19 1.57 5.50
N CYS A 93 -13.27 2.85 5.13
CA CYS A 93 -14.45 3.66 5.44
C CYS A 93 -15.51 3.50 4.35
N GLU A 94 -15.07 3.12 3.16
CA GLU A 94 -15.98 2.95 2.03
C GLU A 94 -16.46 1.50 1.94
N ALA A 95 -15.69 0.59 2.52
CA ALA A 95 -16.03 -0.82 2.50
C ALA A 95 -15.88 -1.44 3.89
N PRO A 96 -16.57 -2.56 4.12
CA PRO A 96 -16.53 -3.27 5.41
C PRO A 96 -15.18 -3.93 5.65
N GLY A 97 -14.14 -3.44 4.98
CA GLY A 97 -12.81 -4.00 5.15
C GLY A 97 -12.47 -5.01 4.07
N SER A 98 -13.12 -4.90 2.92
CA SER A 98 -12.89 -5.82 1.82
C SER A 98 -11.41 -5.98 1.55
N CYS A 99 -10.87 -5.17 0.64
CA CYS A 99 -9.46 -5.22 0.30
C CYS A 99 -9.02 -3.95 -0.41
N VAL A 100 -7.72 -3.70 -0.43
CA VAL A 100 -7.17 -2.51 -1.07
C VAL A 100 -6.04 -2.87 -2.02
N ALA A 101 -6.30 -2.74 -3.32
CA ALA A 101 -5.29 -3.05 -4.33
C ALA A 101 -4.31 -1.90 -4.51
N VAL A 102 -3.03 -2.17 -4.27
CA VAL A 102 -2.00 -1.16 -4.40
C VAL A 102 -0.79 -1.70 -5.16
N HIS A 103 -0.15 -0.84 -5.94
CA HIS A 103 1.03 -1.23 -6.71
C HIS A 103 2.27 -1.23 -5.84
N CYS A 104 3.07 -2.30 -5.95
CA CYS A 104 4.29 -2.42 -5.17
C CYS A 104 5.32 -3.28 -5.91
N VAL A 105 6.59 -3.00 -5.66
CA VAL A 105 7.68 -3.73 -6.30
C VAL A 105 7.95 -5.05 -5.57
N ALA A 106 9.14 -5.60 -5.79
CA ALA A 106 9.53 -6.86 -5.16
C ALA A 106 9.41 -6.76 -3.64
N GLY A 107 9.54 -5.56 -3.11
CA GLY A 107 9.44 -5.36 -1.68
C GLY A 107 10.71 -4.76 -1.09
N LEU A 108 11.58 -5.63 -0.56
CA LEU A 108 12.83 -5.19 0.03
C LEU A 108 12.62 -3.91 0.84
N GLY A 109 12.58 -2.77 0.14
CA GLY A 109 12.39 -1.50 0.80
C GLY A 109 10.93 -1.15 0.98
N ARG A 110 10.33 -0.56 -0.05
CA ARG A 110 8.92 -0.16 0.00
C ARG A 110 8.11 -1.19 0.80
N ALA A 111 8.41 -2.46 0.59
CA ALA A 111 7.70 -3.53 1.29
C ALA A 111 7.55 -3.21 2.78
N PRO A 112 8.65 -3.38 3.53
CA PRO A 112 8.67 -3.11 4.96
C PRO A 112 8.55 -1.62 5.29
N VAL A 113 9.05 -0.78 4.39
CA VAL A 113 9.00 0.66 4.57
C VAL A 113 7.56 1.15 4.65
N LEU A 114 6.77 0.80 3.63
CA LEU A 114 5.37 1.20 3.59
C LEU A 114 4.58 0.56 4.73
N VAL A 115 4.59 -0.76 4.78
CA VAL A 115 3.88 -1.49 5.83
C VAL A 115 4.24 -0.96 7.22
N ALA A 116 5.49 -0.55 7.38
CA ALA A 116 5.97 -0.02 8.65
C ALA A 116 5.24 1.28 9.01
N LEU A 117 5.14 2.17 8.04
CA LEU A 117 4.47 3.45 8.25
C LEU A 117 3.06 3.25 8.79
N ALA A 118 2.28 2.43 8.09
CA ALA A 118 0.91 2.15 8.50
C ALA A 118 0.88 1.31 9.78
N LEU A 119 1.87 0.44 9.93
CA LEU A 119 1.97 -0.42 11.10
C LEU A 119 2.13 0.41 12.37
N ILE A 120 2.95 1.45 12.29
CA ILE A 120 3.19 2.32 13.44
C ILE A 120 1.93 3.11 13.80
N GLU A 121 1.34 3.75 12.80
CA GLU A 121 0.13 4.55 13.01
C GLU A 121 -1.01 3.67 13.53
N SER A 122 -0.93 2.37 13.25
CA SER A 122 -1.95 1.43 13.69
C SER A 122 -1.96 1.30 15.20
N GLY A 123 -0.87 1.72 15.84
CA GLY A 123 -0.77 1.65 17.28
C GLY A 123 0.40 0.79 17.74
N MET A 124 1.45 0.75 16.93
CA MET A 124 2.63 -0.04 17.25
C MET A 124 3.86 0.87 17.43
N LYS A 125 4.80 0.42 18.26
CA LYS A 125 6.01 1.17 18.52
C LYS A 125 6.93 1.17 17.30
N TYR A 126 7.47 2.33 16.96
CA TYR A 126 8.37 2.45 15.82
C TYR A 126 9.50 1.43 15.90
N GLU A 127 10.16 1.37 17.05
CA GLU A 127 11.26 0.43 17.26
C GLU A 127 10.77 -1.01 17.13
N ASP A 128 9.77 -1.36 17.91
CA ASP A 128 9.21 -2.70 17.88
C ASP A 128 8.90 -3.14 16.45
N ALA A 129 8.07 -2.35 15.77
CA ALA A 129 7.69 -2.65 14.39
C ALA A 129 8.92 -2.82 13.52
N ILE A 130 9.86 -1.90 13.63
CA ILE A 130 11.09 -1.95 12.85
C ILE A 130 11.84 -3.25 13.08
N GLN A 131 12.16 -3.53 14.34
CA GLN A 131 12.87 -4.75 14.69
C GLN A 131 12.23 -5.97 14.04
N PHE A 132 10.91 -5.93 13.92
CA PHE A 132 10.16 -7.03 13.32
C PHE A 132 10.48 -7.15 11.83
N ILE A 133 10.07 -6.16 11.05
CA ILE A 133 10.31 -6.16 9.61
C ILE A 133 11.81 -6.08 9.32
N ARG A 134 12.59 -5.74 10.32
CA ARG A 134 14.04 -5.63 10.16
C ARG A 134 14.71 -6.98 10.41
N GLN A 135 14.27 -7.67 11.45
CA GLN A 135 14.84 -8.97 11.79
C GLN A 135 14.49 -10.01 10.74
N LYS A 136 13.35 -9.81 10.07
CA LYS A 136 12.91 -10.72 9.03
C LYS A 136 13.89 -10.75 7.86
N ARG A 137 14.79 -9.78 7.83
CA ARG A 137 15.78 -9.69 6.77
C ARG A 137 16.98 -8.85 7.22
N ARG A 138 17.70 -8.29 6.25
CA ARG A 138 18.86 -7.47 6.54
C ARG A 138 18.62 -6.01 6.14
N GLY A 139 18.44 -5.15 7.14
CA GLY A 139 18.20 -3.75 6.88
C GLY A 139 17.06 -3.53 5.90
N ALA A 140 15.84 -3.83 6.33
CA ALA A 140 14.66 -3.66 5.48
C ALA A 140 14.21 -2.20 5.45
N ILE A 141 13.80 -1.69 6.61
CA ILE A 141 13.35 -0.31 6.71
C ILE A 141 14.48 0.61 7.16
N ASN A 142 15.51 0.03 7.75
CA ASN A 142 16.66 0.80 8.22
C ASN A 142 16.98 1.93 7.25
N SER A 143 17.67 2.96 7.75
CA SER A 143 18.04 4.10 6.94
C SER A 143 17.11 5.29 7.21
N LYS A 144 17.04 6.21 6.26
CA LYS A 144 16.20 7.40 6.39
C LYS A 144 14.87 7.04 7.05
N GLN A 145 14.30 5.92 6.63
CA GLN A 145 13.02 5.46 7.19
C GLN A 145 13.06 5.45 8.71
N LEU A 146 14.01 4.70 9.26
CA LEU A 146 14.16 4.59 10.70
C LEU A 146 14.29 5.98 11.34
N THR A 147 15.25 6.75 10.85
CA THR A 147 15.48 8.09 11.37
C THR A 147 14.22 8.94 11.29
N TYR A 148 13.46 8.76 10.21
CA TYR A 148 12.22 9.51 10.02
C TYR A 148 11.27 9.31 11.19
N LEU A 149 10.87 8.07 11.42
CA LEU A 149 9.95 7.75 12.51
C LEU A 149 10.61 8.02 13.87
N GLU A 150 11.93 8.06 13.87
CA GLU A 150 12.68 8.32 15.09
C GLU A 150 12.38 9.72 15.64
N LYS A 151 12.37 10.70 14.74
CA LYS A 151 12.08 12.08 15.13
C LYS A 151 10.62 12.43 14.88
N TYR A 152 9.98 11.68 14.00
CA TYR A 152 8.58 11.91 13.66
C TYR A 152 7.66 11.46 14.80
N ARG A 153 6.50 12.10 14.90
CA ARG A 153 5.54 11.77 15.96
C ARG A 153 4.23 11.31 15.36
N PRO A 154 3.67 10.21 15.89
CA PRO A 154 2.41 9.64 15.43
C PRO A 154 1.21 10.53 15.78
N LYS A 155 0.57 11.07 14.75
CA LYS A 155 -0.59 11.94 14.96
C LYS A 155 -1.74 11.16 15.58
N GLN A 156 -1.62 9.84 15.61
CA GLN A 156 -2.65 8.98 16.18
C GLN A 156 -3.93 9.07 15.37
N ARG A 157 -3.88 8.61 14.13
CA ARG A 157 -5.04 8.63 13.24
C ARG A 157 -5.68 7.25 13.15
N LEU A 158 -4.89 6.25 12.79
CA LEU A 158 -5.37 4.88 12.66
C LEU A 158 -6.00 4.40 13.97
N ARG A 159 -5.14 3.97 14.90
CA ARG A 159 -5.61 3.49 16.20
C ARG A 159 -4.80 4.10 17.33
N PHE A 160 -4.15 5.23 17.04
CA PHE A 160 -3.33 5.91 18.04
C PHE A 160 -2.13 5.07 18.44
N LYS A 161 -0.97 5.71 18.52
CA LYS A 161 0.26 5.01 18.89
C LYS A 161 0.74 5.45 20.27
N ASP A 162 1.70 4.72 20.82
CA ASP A 162 2.24 5.04 22.14
C ASP A 162 1.13 5.14 23.18
N MET A 1 -5.55 -8.12 -25.22
CA MET A 1 -6.26 -7.16 -24.39
C MET A 1 -7.62 -7.73 -23.96
N ALA A 2 -8.04 -7.37 -22.75
CA ALA A 2 -9.32 -7.84 -22.23
C ALA A 2 -9.32 -9.35 -22.04
N ARG A 3 -8.90 -9.80 -20.87
CA ARG A 3 -8.85 -11.23 -20.56
C ARG A 3 -9.73 -11.56 -19.36
N MET A 4 -9.59 -12.78 -18.86
CA MET A 4 -10.37 -13.23 -17.71
C MET A 4 -9.75 -14.47 -17.08
N ASN A 5 -9.42 -14.36 -15.79
CA ASN A 5 -8.81 -15.46 -15.06
C ASN A 5 -7.45 -15.82 -15.64
N ARG A 6 -6.39 -15.45 -14.93
CA ARG A 6 -5.03 -15.72 -15.38
C ARG A 6 -4.00 -15.19 -14.38
N PRO A 7 -4.03 -13.85 -14.17
CA PRO A 7 -3.12 -13.18 -13.25
C PRO A 7 -3.42 -13.51 -11.79
N ALA A 8 -2.37 -13.87 -11.05
CA ALA A 8 -2.53 -14.20 -9.64
C ALA A 8 -1.69 -13.29 -8.76
N PRO A 9 -2.30 -12.19 -8.30
CA PRO A 9 -1.63 -11.21 -7.44
C PRO A 9 -1.35 -11.75 -6.04
N VAL A 10 -0.97 -10.87 -5.13
CA VAL A 10 -0.67 -11.26 -3.76
C VAL A 10 -1.51 -10.48 -2.76
N GLU A 11 -2.38 -11.18 -2.04
CA GLU A 11 -3.25 -10.54 -1.06
C GLU A 11 -2.65 -10.64 0.34
N VAL A 12 -2.47 -9.49 0.99
CA VAL A 12 -1.90 -9.45 2.32
C VAL A 12 -2.95 -9.01 3.35
N SER A 13 -3.42 -9.96 4.15
CA SER A 13 -4.41 -9.67 5.17
C SER A 13 -3.75 -9.29 6.49
N TYR A 14 -3.99 -8.06 6.92
CA TYR A 14 -3.42 -7.56 8.17
C TYR A 14 -4.36 -7.82 9.35
N LYS A 15 -4.12 -7.13 10.46
CA LYS A 15 -4.94 -7.28 11.64
C LYS A 15 -6.42 -7.08 11.32
N HIS A 16 -6.73 -5.99 10.63
CA HIS A 16 -8.10 -5.69 10.25
C HIS A 16 -8.16 -5.08 8.85
N MET A 17 -7.18 -5.40 8.02
CA MET A 17 -7.11 -4.89 6.66
C MET A 17 -6.69 -5.98 5.68
N ARG A 18 -6.67 -5.65 4.39
CA ARG A 18 -6.28 -6.59 3.37
C ARG A 18 -5.94 -5.88 2.07
N PHE A 19 -4.65 -5.86 1.73
CA PHE A 19 -4.18 -5.21 0.52
C PHE A 19 -3.84 -6.23 -0.56
N LEU A 20 -3.46 -5.74 -1.73
CA LEU A 20 -3.10 -6.62 -2.85
C LEU A 20 -1.88 -6.09 -3.59
N ILE A 21 -0.75 -6.77 -3.40
CA ILE A 21 0.49 -6.38 -4.05
C ILE A 21 0.65 -7.05 -5.41
N THR A 22 0.76 -6.24 -6.45
CA THR A 22 0.90 -6.75 -7.80
C THR A 22 2.37 -6.93 -8.17
N HIS A 23 2.63 -7.77 -9.17
CA HIS A 23 4.00 -8.03 -9.61
C HIS A 23 4.25 -7.41 -10.98
N ASN A 24 3.20 -7.28 -11.78
CA ASN A 24 3.31 -6.69 -13.11
C ASN A 24 4.01 -5.35 -13.05
N PRO A 25 4.52 -4.90 -14.22
CA PRO A 25 5.24 -3.63 -14.33
C PRO A 25 4.31 -2.43 -14.17
N THR A 26 3.18 -2.46 -14.89
CA THR A 26 2.22 -1.37 -14.82
C THR A 26 1.02 -1.65 -15.72
N ASN A 27 0.10 -2.48 -15.23
CA ASN A 27 -1.09 -2.83 -15.99
C ASN A 27 -0.73 -3.28 -17.41
N ALA A 28 -0.46 -4.56 -17.56
CA ALA A 28 -0.10 -5.12 -18.87
C ALA A 28 -1.11 -4.71 -19.93
N THR A 29 -2.39 -4.95 -19.65
CA THR A 29 -3.46 -4.60 -20.58
C THR A 29 -4.50 -3.71 -19.93
N LEU A 30 -4.40 -3.56 -18.61
CA LEU A 30 -5.33 -2.73 -17.86
C LEU A 30 -6.68 -3.44 -17.71
N SER A 31 -7.31 -3.74 -18.84
CA SER A 31 -8.61 -4.41 -18.83
C SER A 31 -8.60 -5.59 -17.86
N THR A 32 -7.56 -6.41 -17.95
CA THR A 32 -7.43 -7.58 -17.08
C THR A 32 -7.04 -7.17 -15.67
N PHE A 33 -6.09 -6.26 -15.56
CA PHE A 33 -5.61 -5.78 -14.27
C PHE A 33 -6.79 -5.38 -13.38
N ILE A 34 -7.72 -4.61 -13.94
CA ILE A 34 -8.89 -4.16 -13.20
C ILE A 34 -9.72 -5.33 -12.71
N GLU A 35 -9.77 -6.39 -13.52
CA GLU A 35 -10.54 -7.59 -13.17
C GLU A 35 -9.85 -8.35 -12.04
N ASP A 36 -8.52 -8.31 -12.03
CA ASP A 36 -7.75 -9.01 -11.00
C ASP A 36 -8.02 -8.41 -9.62
N LEU A 37 -7.99 -7.08 -9.54
CA LEU A 37 -8.23 -6.39 -8.28
C LEU A 37 -9.71 -6.37 -7.94
N LYS A 38 -10.55 -6.43 -8.97
CA LYS A 38 -11.99 -6.43 -8.78
C LYS A 38 -12.50 -7.80 -8.35
N LYS A 39 -11.93 -8.85 -8.95
CA LYS A 39 -12.31 -10.22 -8.61
C LYS A 39 -11.85 -10.58 -7.20
N TYR A 40 -10.65 -10.15 -6.84
CA TYR A 40 -10.09 -10.44 -5.53
C TYR A 40 -10.92 -9.76 -4.43
N GLY A 41 -11.78 -8.83 -4.84
CA GLY A 41 -12.60 -8.12 -3.89
C GLY A 41 -11.93 -6.88 -3.35
N ALA A 42 -11.07 -6.27 -4.15
CA ALA A 42 -10.35 -5.06 -3.75
C ALA A 42 -10.96 -3.82 -4.40
N THR A 43 -11.39 -2.89 -3.56
CA THR A 43 -11.99 -1.65 -4.05
C THR A 43 -10.96 -0.54 -4.17
N THR A 44 -9.73 -0.92 -4.53
CA THR A 44 -8.65 0.05 -4.67
C THR A 44 -7.72 -0.35 -5.82
N VAL A 45 -7.21 0.65 -6.53
CA VAL A 45 -6.30 0.42 -7.65
C VAL A 45 -4.84 0.41 -7.18
N VAL A 46 -4.06 -0.51 -7.73
CA VAL A 46 -2.65 -0.62 -7.39
C VAL A 46 -1.84 0.52 -7.98
N ARG A 47 -2.43 1.72 -7.97
CA ARG A 47 -1.78 2.90 -8.51
C ARG A 47 -0.54 3.25 -7.69
N VAL A 48 -0.30 2.49 -6.62
CA VAL A 48 0.84 2.71 -5.76
C VAL A 48 2.16 2.51 -6.51
N CYS A 49 2.52 3.50 -7.33
CA CYS A 49 3.75 3.43 -8.11
C CYS A 49 3.91 4.66 -8.99
N GLU A 50 4.80 4.57 -9.97
CA GLU A 50 5.05 5.69 -10.88
C GLU A 50 3.91 5.82 -11.89
N VAL A 51 2.71 6.03 -11.38
CA VAL A 51 1.53 6.18 -12.24
C VAL A 51 1.59 7.49 -13.03
N THR A 52 1.15 7.44 -14.28
CA THR A 52 1.15 8.61 -15.15
C THR A 52 0.03 8.55 -16.17
N TYR A 53 -1.12 8.02 -15.74
CA TYR A 53 -2.28 7.91 -16.62
C TYR A 53 -3.56 8.24 -15.86
N ASP A 54 -4.48 8.92 -16.55
CA ASP A 54 -5.76 9.29 -15.94
C ASP A 54 -6.65 8.07 -15.75
N LYS A 55 -7.20 7.93 -14.55
CA LYS A 55 -8.06 6.81 -14.22
C LYS A 55 -9.39 6.92 -14.95
N THR A 56 -9.55 6.15 -16.02
CA THR A 56 -10.78 6.16 -16.81
C THR A 56 -11.69 5.00 -16.42
N PRO A 57 -11.16 3.78 -16.55
CA PRO A 57 -11.92 2.56 -16.22
C PRO A 57 -12.15 2.41 -14.72
N LEU A 58 -11.08 2.12 -13.99
CA LEU A 58 -11.18 1.95 -12.54
C LEU A 58 -11.93 3.11 -11.90
N GLU A 59 -12.00 4.23 -12.63
CA GLU A 59 -12.69 5.40 -12.12
C GLU A 59 -14.20 5.19 -12.10
N LYS A 60 -14.75 4.75 -13.23
CA LYS A 60 -16.18 4.50 -13.34
C LYS A 60 -16.57 3.23 -12.60
N ASP A 61 -15.58 2.39 -12.31
CA ASP A 61 -15.82 1.14 -11.61
C ASP A 61 -16.00 1.39 -10.11
N GLY A 62 -15.87 2.65 -9.70
CA GLY A 62 -16.03 3.00 -8.30
C GLY A 62 -14.90 2.47 -7.45
N ILE A 63 -13.72 2.35 -8.03
CA ILE A 63 -12.56 1.85 -7.31
C ILE A 63 -11.65 3.00 -6.86
N THR A 64 -11.26 2.98 -5.59
CA THR A 64 -10.39 4.02 -5.04
C THR A 64 -9.03 4.02 -5.72
N VAL A 65 -8.63 5.18 -6.23
CA VAL A 65 -7.35 5.31 -6.90
C VAL A 65 -6.22 5.56 -5.90
N VAL A 66 -5.28 4.62 -5.82
CA VAL A 66 -4.15 4.75 -4.91
C VAL A 66 -2.86 4.98 -5.67
N ASP A 67 -2.52 6.25 -5.86
CA ASP A 67 -1.29 6.61 -6.58
C ASP A 67 -0.20 7.03 -5.59
N TRP A 68 0.81 6.19 -5.45
CA TRP A 68 1.92 6.46 -4.55
C TRP A 68 3.24 6.56 -5.32
N PRO A 69 3.88 7.74 -5.25
CA PRO A 69 5.16 7.98 -5.92
C PRO A 69 6.31 7.20 -5.30
N PHE A 70 5.98 6.26 -4.42
CA PHE A 70 6.97 5.45 -3.75
C PHE A 70 7.80 4.66 -4.77
N ASP A 71 7.26 4.52 -5.97
CA ASP A 71 7.94 3.79 -7.03
C ASP A 71 9.41 4.22 -7.14
N ASP A 72 9.64 5.52 -7.07
CA ASP A 72 11.00 6.05 -7.15
C ASP A 72 10.99 7.57 -6.96
N GLY A 73 10.07 8.06 -6.13
CA GLY A 73 9.98 9.48 -5.87
C GLY A 73 9.98 9.80 -4.39
N ALA A 74 8.83 10.22 -3.87
CA ALA A 74 8.71 10.55 -2.46
C ALA A 74 9.84 11.47 -2.01
N PRO A 75 9.91 12.67 -2.62
CA PRO A 75 10.95 13.65 -2.30
C PRO A 75 10.77 14.26 -0.91
N PRO A 76 9.51 14.25 -0.42
CA PRO A 76 9.18 14.80 0.90
C PRO A 76 9.72 13.94 2.04
N PRO A 77 9.83 14.53 3.23
CA PRO A 77 10.33 13.85 4.42
C PRO A 77 9.36 12.78 4.93
N GLY A 78 8.08 13.08 4.88
CA GLY A 78 7.08 12.15 5.33
C GLY A 78 5.66 12.66 5.15
N LYS A 79 5.39 13.23 3.97
CA LYS A 79 4.07 13.76 3.68
C LYS A 79 3.14 12.68 3.14
N VAL A 80 3.73 11.61 2.61
CA VAL A 80 2.96 10.50 2.07
C VAL A 80 2.11 9.84 3.15
N VAL A 81 2.59 9.89 4.38
CA VAL A 81 1.88 9.30 5.51
C VAL A 81 0.40 9.64 5.45
N GLU A 82 0.10 10.88 5.05
CA GLU A 82 -1.28 11.33 4.96
C GLU A 82 -2.11 10.39 4.09
N ASP A 83 -1.55 10.02 2.94
CA ASP A 83 -2.25 9.12 2.02
C ASP A 83 -2.25 7.69 2.55
N TRP A 84 -1.21 7.34 3.31
CA TRP A 84 -1.09 6.01 3.87
C TRP A 84 -2.32 5.66 4.72
N LEU A 85 -2.48 6.37 5.82
CA LEU A 85 -3.61 6.15 6.71
C LEU A 85 -4.94 6.45 6.01
N SER A 86 -4.99 7.60 5.34
CA SER A 86 -6.19 8.01 4.62
C SER A 86 -6.67 6.91 3.68
N LEU A 87 -5.73 6.28 2.98
CA LEU A 87 -6.06 5.20 2.05
C LEU A 87 -6.63 4.00 2.79
N VAL A 88 -5.79 3.35 3.60
CA VAL A 88 -6.21 2.19 4.37
C VAL A 88 -7.49 2.48 5.16
N LYS A 89 -7.71 3.76 5.44
CA LYS A 89 -8.89 4.17 6.20
C LYS A 89 -10.06 4.46 5.26
N ALA A 90 -9.75 4.74 4.00
CA ALA A 90 -10.77 5.03 3.00
C ALA A 90 -11.27 3.75 2.34
N LYS A 91 -10.38 3.06 1.64
CA LYS A 91 -10.72 1.82 0.96
C LYS A 91 -11.53 0.90 1.88
N PHE A 92 -11.26 1.00 3.18
CA PHE A 92 -11.96 0.18 4.16
C PHE A 92 -13.25 0.86 4.62
N CYS A 93 -13.23 2.19 4.67
CA CYS A 93 -14.39 2.95 5.09
C CYS A 93 -15.39 3.12 3.94
N GLU A 94 -14.94 2.81 2.73
CA GLU A 94 -15.78 2.94 1.54
C GLU A 94 -16.35 1.57 1.15
N ALA A 95 -15.61 0.51 1.48
CA ALA A 95 -16.04 -0.84 1.16
C ALA A 95 -16.12 -1.71 2.41
N PRO A 96 -17.00 -2.72 2.38
CA PRO A 96 -17.19 -3.63 3.51
C PRO A 96 -15.98 -4.54 3.73
N GLY A 97 -15.02 -4.05 4.50
CA GLY A 97 -13.83 -4.85 4.77
C GLY A 97 -13.22 -5.44 3.53
N SER A 98 -13.47 -4.80 2.38
CA SER A 98 -12.95 -5.27 1.11
C SER A 98 -11.42 -5.31 1.12
N CYS A 99 -10.83 -5.46 -0.05
CA CYS A 99 -9.37 -5.51 -0.18
C CYS A 99 -8.85 -4.26 -0.89
N VAL A 100 -7.53 -4.08 -0.84
CA VAL A 100 -6.90 -2.93 -1.48
C VAL A 100 -5.81 -3.37 -2.45
N ALA A 101 -5.82 -2.78 -3.65
CA ALA A 101 -4.83 -3.11 -4.67
C ALA A 101 -3.75 -2.04 -4.75
N VAL A 102 -2.51 -2.44 -4.49
CA VAL A 102 -1.38 -1.51 -4.53
C VAL A 102 -0.20 -2.13 -5.26
N HIS A 103 0.52 -1.30 -6.02
CA HIS A 103 1.68 -1.78 -6.76
C HIS A 103 2.95 -1.69 -5.91
N CYS A 104 3.72 -2.77 -5.90
CA CYS A 104 4.95 -2.83 -5.12
C CYS A 104 5.96 -3.78 -5.75
N VAL A 105 7.24 -3.47 -5.58
CA VAL A 105 8.30 -4.31 -6.14
C VAL A 105 8.62 -5.48 -5.23
N ALA A 106 9.79 -6.06 -5.40
CA ALA A 106 10.22 -7.19 -4.60
C ALA A 106 10.03 -6.90 -3.10
N GLY A 107 10.06 -5.63 -2.74
CA GLY A 107 9.89 -5.25 -1.35
C GLY A 107 11.09 -4.51 -0.80
N LEU A 108 12.00 -5.25 -0.18
CA LEU A 108 13.21 -4.66 0.40
C LEU A 108 12.88 -3.37 1.14
N GLY A 109 12.70 -2.28 0.38
CA GLY A 109 12.39 -1.01 0.99
C GLY A 109 10.89 -0.75 1.05
N ARG A 110 10.34 -0.22 -0.04
CA ARG A 110 8.91 0.08 -0.10
C ARG A 110 8.11 -0.93 0.71
N ALA A 111 8.54 -2.20 0.66
CA ALA A 111 7.86 -3.25 1.39
C ALA A 111 7.69 -2.89 2.86
N PRO A 112 8.78 -2.97 3.63
CA PRO A 112 8.78 -2.65 5.06
C PRO A 112 8.59 -1.15 5.32
N VAL A 113 9.42 -0.34 4.67
CA VAL A 113 9.35 1.11 4.83
C VAL A 113 7.90 1.59 4.84
N LEU A 114 7.10 1.03 3.93
CA LEU A 114 5.69 1.39 3.83
C LEU A 114 4.87 0.74 4.94
N VAL A 115 4.81 -0.59 4.91
CA VAL A 115 4.07 -1.34 5.92
C VAL A 115 4.44 -0.90 7.33
N ALA A 116 5.66 -0.38 7.47
CA ALA A 116 6.15 0.07 8.77
C ALA A 116 5.43 1.35 9.20
N LEU A 117 5.36 2.32 8.30
CA LEU A 117 4.71 3.59 8.59
C LEU A 117 3.27 3.36 9.08
N ALA A 118 2.54 2.53 8.36
CA ALA A 118 1.16 2.22 8.72
C ALA A 118 1.09 1.39 9.99
N LEU A 119 2.00 0.42 10.11
CA LEU A 119 2.04 -0.45 11.27
C LEU A 119 2.14 0.37 12.56
N ILE A 120 2.95 1.42 12.53
CA ILE A 120 3.12 2.29 13.69
C ILE A 120 1.84 3.07 13.99
N GLU A 121 1.29 3.70 12.97
CA GLU A 121 0.06 4.48 13.13
C GLU A 121 -1.08 3.59 13.62
N SER A 122 -0.92 2.29 13.44
CA SER A 122 -1.95 1.34 13.86
C SER A 122 -1.99 1.21 15.38
N GLY A 123 -0.89 1.61 16.03
CA GLY A 123 -0.82 1.53 17.48
C GLY A 123 0.39 0.75 17.96
N MET A 124 1.35 0.56 17.07
CA MET A 124 2.56 -0.19 17.42
C MET A 124 3.73 0.75 17.66
N LYS A 125 4.67 0.32 18.49
CA LYS A 125 5.85 1.13 18.81
C LYS A 125 6.82 1.15 17.64
N TYR A 126 7.30 2.34 17.30
CA TYR A 126 8.25 2.50 16.20
C TYR A 126 9.40 1.51 16.32
N GLU A 127 10.01 1.46 17.51
CA GLU A 127 11.12 0.55 17.75
C GLU A 127 10.69 -0.90 17.60
N ASP A 128 9.65 -1.28 18.34
CA ASP A 128 9.15 -2.65 18.28
C ASP A 128 8.90 -3.08 16.84
N ALA A 129 8.07 -2.31 16.12
CA ALA A 129 7.75 -2.61 14.73
C ALA A 129 9.02 -2.78 13.91
N ILE A 130 9.95 -1.84 14.05
CA ILE A 130 11.20 -1.88 13.31
C ILE A 130 11.94 -3.19 13.56
N GLN A 131 12.20 -3.50 14.82
CA GLN A 131 12.89 -4.72 15.19
C GLN A 131 12.26 -5.93 14.52
N PHE A 132 10.95 -5.88 14.34
CA PHE A 132 10.21 -6.97 13.70
C PHE A 132 10.58 -7.07 12.22
N ILE A 133 10.21 -6.05 11.45
CA ILE A 133 10.49 -6.04 10.02
C ILE A 133 11.99 -6.00 9.76
N ARG A 134 12.76 -5.72 10.80
CA ARG A 134 14.21 -5.65 10.69
C ARG A 134 14.84 -7.01 10.98
N GLN A 135 14.32 -7.69 11.99
CA GLN A 135 14.84 -9.00 12.38
C GLN A 135 14.59 -10.02 11.29
N LYS A 136 13.52 -9.81 10.52
CA LYS A 136 13.18 -10.72 9.43
C LYS A 136 14.23 -10.68 8.32
N ARG A 137 15.11 -9.68 8.40
CA ARG A 137 16.16 -9.52 7.40
C ARG A 137 17.34 -8.73 7.98
N ARG A 138 17.23 -7.41 7.91
CA ARG A 138 18.29 -6.54 8.42
C ARG A 138 17.96 -5.08 8.15
N GLY A 139 18.18 -4.64 6.92
CA GLY A 139 17.91 -3.26 6.56
C GLY A 139 16.62 -3.12 5.78
N ALA A 140 15.55 -3.72 6.28
CA ALA A 140 14.25 -3.66 5.63
C ALA A 140 13.77 -2.21 5.52
N ILE A 141 13.56 -1.57 6.66
CA ILE A 141 13.09 -0.19 6.69
C ILE A 141 14.24 0.78 6.45
N ASN A 142 15.40 0.46 7.02
CA ASN A 142 16.58 1.31 6.87
C ASN A 142 16.59 2.41 7.92
N SER A 143 17.76 3.02 8.13
CA SER A 143 17.90 4.10 9.10
C SER A 143 17.06 5.31 8.70
N LYS A 144 17.19 5.73 7.45
CA LYS A 144 16.44 6.87 6.94
C LYS A 144 15.05 6.93 7.57
N GLN A 145 14.22 5.92 7.29
CA GLN A 145 12.88 5.87 7.83
C GLN A 145 12.90 5.67 9.34
N LEU A 146 13.88 4.90 9.82
CA LEU A 146 14.02 4.63 11.24
C LEU A 146 14.06 5.93 12.04
N THR A 147 15.00 6.80 11.70
CA THR A 147 15.15 8.07 12.39
C THR A 147 13.92 8.96 12.17
N TYR A 148 13.31 8.84 10.99
CA TYR A 148 12.14 9.64 10.66
C TYR A 148 11.05 9.45 11.71
N LEU A 149 10.73 8.20 12.01
CA LEU A 149 9.72 7.89 13.01
C LEU A 149 10.20 8.19 14.42
N GLU A 150 11.50 8.02 14.64
CA GLU A 150 12.10 8.28 15.94
C GLU A 150 11.75 9.68 16.43
N LYS A 151 11.84 10.66 15.53
CA LYS A 151 11.54 12.04 15.87
C LYS A 151 10.06 12.34 15.63
N TYR A 152 9.46 11.62 14.70
CA TYR A 152 8.05 11.81 14.37
C TYR A 152 7.16 11.34 15.52
N ARG A 153 6.00 11.98 15.66
CA ARG A 153 5.06 11.62 16.72
C ARG A 153 3.73 11.17 16.13
N PRO A 154 3.22 10.02 16.60
CA PRO A 154 1.96 9.47 16.14
C PRO A 154 0.75 10.29 16.58
N LYS A 155 0.03 10.84 15.61
CA LYS A 155 -1.14 11.66 15.90
C LYS A 155 -2.37 10.77 16.14
N GLN A 156 -2.16 9.47 16.13
CA GLN A 156 -3.24 8.52 16.36
C GLN A 156 -4.28 8.61 15.24
N ARG A 157 -3.92 8.14 14.06
CA ARG A 157 -4.81 8.17 12.91
C ARG A 157 -5.53 6.83 12.74
N LEU A 158 -4.75 5.76 12.61
CA LEU A 158 -5.32 4.43 12.44
C LEU A 158 -5.86 3.90 13.76
N ARG A 159 -5.17 4.22 14.85
CA ARG A 159 -5.59 3.78 16.18
C ARG A 159 -4.76 4.44 17.26
N PHE A 160 -4.91 3.98 18.50
CA PHE A 160 -4.17 4.54 19.63
C PHE A 160 -2.78 3.91 19.73
N LYS A 161 -1.76 4.75 19.67
CA LYS A 161 -0.38 4.28 19.76
C LYS A 161 0.26 4.71 21.07
N ASP A 162 1.27 3.95 21.51
CA ASP A 162 1.97 4.27 22.76
C ASP A 162 0.97 4.49 23.89
N MET A 1 -11.42 -5.04 -23.03
CA MET A 1 -11.19 -4.48 -24.36
C MET A 1 -10.35 -5.41 -25.21
N ALA A 2 -9.34 -6.02 -24.60
CA ALA A 2 -8.46 -6.94 -25.30
C ALA A 2 -7.47 -7.59 -24.34
N ARG A 3 -6.74 -8.59 -24.83
CA ARG A 3 -5.75 -9.29 -24.02
C ARG A 3 -6.43 -10.00 -22.84
N MET A 4 -5.70 -10.92 -22.21
CA MET A 4 -6.22 -11.66 -21.07
C MET A 4 -5.15 -12.59 -20.50
N ASN A 5 -5.33 -12.97 -19.23
CA ASN A 5 -4.38 -13.87 -18.57
C ASN A 5 -4.86 -14.22 -17.16
N ARG A 6 -4.03 -14.94 -16.43
CA ARG A 6 -4.36 -15.34 -15.06
C ARG A 6 -3.39 -14.72 -14.06
N PRO A 7 -3.55 -13.42 -13.80
CA PRO A 7 -2.70 -12.68 -12.86
C PRO A 7 -2.93 -13.11 -11.41
N ALA A 8 -1.88 -13.61 -10.77
CA ALA A 8 -1.97 -14.05 -9.38
C ALA A 8 -1.22 -13.09 -8.46
N PRO A 9 -1.93 -12.07 -7.97
CA PRO A 9 -1.36 -11.07 -7.07
C PRO A 9 -1.06 -11.64 -5.69
N VAL A 10 -0.83 -10.75 -4.73
CA VAL A 10 -0.52 -11.16 -3.37
C VAL A 10 -1.39 -10.43 -2.36
N GLU A 11 -2.22 -11.18 -1.63
CA GLU A 11 -3.11 -10.60 -0.63
C GLU A 11 -2.45 -10.61 0.75
N VAL A 12 -2.47 -9.45 1.41
CA VAL A 12 -1.89 -9.32 2.73
C VAL A 12 -2.88 -8.72 3.72
N SER A 13 -3.39 -9.55 4.61
CA SER A 13 -4.36 -9.11 5.61
C SER A 13 -3.67 -8.38 6.75
N TYR A 14 -3.78 -7.06 6.76
CA TYR A 14 -3.16 -6.25 7.80
C TYR A 14 -3.81 -6.51 9.16
N LYS A 15 -3.73 -5.51 10.04
CA LYS A 15 -4.32 -5.62 11.38
C LYS A 15 -5.64 -4.87 11.45
N HIS A 16 -6.01 -4.21 10.36
CA HIS A 16 -7.25 -3.45 10.30
C HIS A 16 -7.95 -3.64 8.95
N MET A 17 -7.15 -3.79 7.90
CA MET A 17 -7.69 -3.99 6.56
C MET A 17 -6.72 -4.81 5.70
N ARG A 18 -7.28 -5.60 4.79
CA ARG A 18 -6.47 -6.42 3.90
C ARG A 18 -6.04 -5.64 2.67
N PHE A 19 -4.81 -5.90 2.22
CA PHE A 19 -4.28 -5.22 1.04
C PHE A 19 -3.89 -6.22 -0.04
N LEU A 20 -3.57 -5.71 -1.23
CA LEU A 20 -3.17 -6.56 -2.34
C LEU A 20 -1.96 -5.98 -3.07
N ILE A 21 -0.82 -6.63 -2.91
CA ILE A 21 0.41 -6.18 -3.56
C ILE A 21 0.57 -6.81 -4.93
N THR A 22 0.71 -5.96 -5.95
CA THR A 22 0.87 -6.43 -7.32
C THR A 22 2.31 -6.27 -7.79
N HIS A 23 2.82 -7.29 -8.48
CA HIS A 23 4.19 -7.26 -8.98
C HIS A 23 4.33 -8.17 -10.20
N ASN A 24 3.22 -8.41 -10.88
CA ASN A 24 3.22 -9.27 -12.07
C ASN A 24 2.76 -8.49 -13.30
N PRO A 25 3.09 -9.02 -14.49
CA PRO A 25 2.72 -8.39 -15.76
C PRO A 25 1.22 -8.47 -16.04
N THR A 26 0.83 -8.21 -17.28
CA THR A 26 -0.57 -8.24 -17.66
C THR A 26 -1.34 -7.09 -17.03
N ASN A 27 -0.70 -5.93 -16.94
CA ASN A 27 -1.32 -4.75 -16.36
C ASN A 27 -1.16 -3.54 -17.27
N ALA A 28 -0.56 -3.77 -18.44
CA ALA A 28 -0.35 -2.70 -19.41
C ALA A 28 -1.59 -2.47 -20.26
N THR A 29 -2.61 -3.31 -20.05
CA THR A 29 -3.85 -3.20 -20.80
C THR A 29 -5.02 -2.87 -19.88
N LEU A 30 -4.87 -3.19 -18.61
CA LEU A 30 -5.91 -2.93 -17.62
C LEU A 30 -7.12 -3.82 -17.86
N SER A 31 -6.96 -4.81 -18.74
CA SER A 31 -8.04 -5.73 -19.07
C SER A 31 -8.35 -6.64 -17.88
N THR A 32 -7.42 -7.56 -17.60
CA THR A 32 -7.58 -8.50 -16.49
C THR A 32 -7.17 -7.86 -15.17
N PHE A 33 -6.44 -6.76 -15.25
CA PHE A 33 -5.98 -6.05 -14.06
C PHE A 33 -7.15 -5.77 -13.11
N ILE A 34 -8.18 -5.11 -13.64
CA ILE A 34 -9.36 -4.78 -12.84
C ILE A 34 -10.04 -6.04 -12.31
N GLU A 35 -10.11 -7.07 -13.15
CA GLU A 35 -10.74 -8.33 -12.76
C GLU A 35 -9.96 -8.99 -11.62
N ASP A 36 -8.64 -8.79 -11.62
CA ASP A 36 -7.79 -9.37 -10.59
C ASP A 36 -8.08 -8.73 -9.23
N LEU A 37 -8.05 -7.40 -9.19
CA LEU A 37 -8.31 -6.67 -7.96
C LEU A 37 -9.78 -6.74 -7.57
N LYS A 38 -10.63 -7.02 -8.55
CA LYS A 38 -12.07 -7.14 -8.32
C LYS A 38 -12.44 -8.52 -7.83
N LYS A 39 -11.82 -9.54 -8.42
CA LYS A 39 -12.10 -10.93 -8.04
C LYS A 39 -11.55 -11.22 -6.65
N TYR A 40 -10.40 -10.64 -6.34
CA TYR A 40 -9.77 -10.84 -5.04
C TYR A 40 -10.56 -10.14 -3.94
N GLY A 41 -11.51 -9.31 -4.34
CA GLY A 41 -12.33 -8.59 -3.37
C GLY A 41 -11.67 -7.32 -2.90
N ALA A 42 -10.96 -6.65 -3.80
CA ALA A 42 -10.27 -5.40 -3.47
C ALA A 42 -10.94 -4.22 -4.17
N THR A 43 -11.48 -3.30 -3.38
CA THR A 43 -12.15 -2.12 -3.91
C THR A 43 -11.16 -0.95 -4.06
N THR A 44 -9.92 -1.28 -4.39
CA THR A 44 -8.89 -0.26 -4.56
C THR A 44 -7.91 -0.65 -5.66
N VAL A 45 -7.50 0.33 -6.47
CA VAL A 45 -6.56 0.08 -7.55
C VAL A 45 -5.12 0.22 -7.08
N VAL A 46 -4.25 -0.64 -7.57
CA VAL A 46 -2.85 -0.62 -7.20
C VAL A 46 -2.12 0.53 -7.89
N ARG A 47 -2.77 1.67 -7.97
CA ARG A 47 -2.19 2.85 -8.61
C ARG A 47 -0.99 3.36 -7.81
N VAL A 48 -0.71 2.69 -6.70
CA VAL A 48 0.41 3.07 -5.84
C VAL A 48 1.75 2.89 -6.56
N CYS A 49 2.07 3.84 -7.44
CA CYS A 49 3.31 3.78 -8.19
C CYS A 49 3.43 4.97 -9.14
N GLU A 50 4.34 4.87 -10.11
CA GLU A 50 4.54 5.93 -11.08
C GLU A 50 3.43 5.95 -12.11
N VAL A 51 2.19 6.10 -11.63
CA VAL A 51 1.04 6.14 -12.52
C VAL A 51 0.89 7.50 -13.18
N THR A 52 0.38 7.51 -14.41
CA THR A 52 0.20 8.75 -15.16
C THR A 52 -0.97 8.64 -16.13
N TYR A 53 -1.91 7.75 -15.82
CA TYR A 53 -3.07 7.54 -16.68
C TYR A 53 -4.36 7.70 -15.88
N ASP A 54 -5.32 8.42 -16.46
CA ASP A 54 -6.61 8.65 -15.82
C ASP A 54 -7.33 7.32 -15.56
N LYS A 55 -8.24 7.34 -14.59
CA LYS A 55 -9.01 6.14 -14.26
C LYS A 55 -10.41 6.19 -14.87
N THR A 56 -10.60 5.43 -15.94
CA THR A 56 -11.89 5.39 -16.62
C THR A 56 -12.70 4.19 -16.17
N PRO A 57 -12.15 2.99 -16.34
CA PRO A 57 -12.80 1.74 -15.96
C PRO A 57 -12.90 1.57 -14.45
N LEU A 58 -11.77 1.34 -13.80
CA LEU A 58 -11.72 1.17 -12.35
C LEU A 58 -12.48 2.29 -11.66
N GLU A 59 -12.70 3.39 -12.36
CA GLU A 59 -13.41 4.54 -11.81
C GLU A 59 -14.90 4.24 -11.70
N LYS A 60 -15.52 3.95 -12.85
CA LYS A 60 -16.95 3.66 -12.88
C LYS A 60 -17.25 2.34 -12.17
N ASP A 61 -16.22 1.51 -12.01
CA ASP A 61 -16.37 0.22 -11.34
C ASP A 61 -16.55 0.40 -9.84
N GLY A 62 -16.41 1.65 -9.37
CA GLY A 62 -16.56 1.94 -7.96
C GLY A 62 -15.34 1.54 -7.16
N ILE A 63 -14.18 1.55 -7.81
CA ILE A 63 -12.93 1.18 -7.16
C ILE A 63 -12.11 2.43 -6.80
N THR A 64 -11.67 2.49 -5.55
CA THR A 64 -10.87 3.63 -5.08
C THR A 64 -9.53 3.68 -5.79
N VAL A 65 -9.24 4.83 -6.39
CA VAL A 65 -7.98 5.03 -7.10
C VAL A 65 -6.85 5.37 -6.14
N VAL A 66 -5.92 4.44 -5.97
CA VAL A 66 -4.78 4.64 -5.07
C VAL A 66 -3.51 4.91 -5.86
N ASP A 67 -3.23 6.19 -6.11
CA ASP A 67 -2.04 6.58 -6.85
C ASP A 67 -1.04 7.30 -5.95
N TRP A 68 0.14 6.71 -5.79
CA TRP A 68 1.17 7.30 -4.95
C TRP A 68 2.55 7.09 -5.56
N PRO A 69 3.43 8.08 -5.40
CA PRO A 69 4.79 8.03 -5.92
C PRO A 69 5.67 7.02 -5.19
N PHE A 70 5.02 6.13 -4.44
CA PHE A 70 5.73 5.11 -3.68
C PHE A 70 6.39 4.10 -4.61
N ASP A 71 6.18 4.28 -5.91
CA ASP A 71 6.76 3.38 -6.91
C ASP A 71 8.23 3.12 -6.62
N ASP A 72 8.93 4.15 -6.14
CA ASP A 72 10.34 4.02 -5.82
C ASP A 72 10.62 4.51 -4.40
N GLY A 73 10.85 5.82 -4.26
CA GLY A 73 11.13 6.38 -2.95
C GLY A 73 10.23 7.56 -2.63
N ALA A 74 9.48 8.02 -3.62
CA ALA A 74 8.57 9.15 -3.43
C ALA A 74 9.35 10.44 -3.20
N PRO A 75 9.01 11.48 -3.97
CA PRO A 75 9.67 12.79 -3.87
C PRO A 75 9.32 13.52 -2.57
N PRO A 76 8.15 13.17 -2.00
CA PRO A 76 7.68 13.77 -0.75
C PRO A 76 8.51 13.34 0.45
N PRO A 77 9.29 14.28 1.02
CA PRO A 77 10.13 14.01 2.18
C PRO A 77 9.32 13.79 3.45
N GLY A 78 9.13 12.52 3.81
CA GLY A 78 8.38 12.19 5.00
C GLY A 78 6.92 12.61 4.90
N LYS A 79 6.52 13.07 3.71
CA LYS A 79 5.14 13.51 3.49
C LYS A 79 4.26 12.33 3.08
N VAL A 80 4.90 11.27 2.58
CA VAL A 80 4.16 10.08 2.15
C VAL A 80 3.21 9.60 3.23
N VAL A 81 3.62 9.75 4.49
CA VAL A 81 2.79 9.34 5.62
C VAL A 81 1.36 9.84 5.47
N GLU A 82 1.22 11.10 5.06
CA GLU A 82 -0.09 11.70 4.88
C GLU A 82 -0.96 10.84 3.97
N ASP A 83 -0.46 10.54 2.78
CA ASP A 83 -1.19 9.72 1.81
C ASP A 83 -1.38 8.31 2.34
N TRP A 84 -0.40 7.82 3.09
CA TRP A 84 -0.46 6.47 3.66
C TRP A 84 -1.76 6.28 4.43
N LEU A 85 -1.89 6.97 5.55
CA LEU A 85 -3.09 6.88 6.38
C LEU A 85 -4.33 7.24 5.58
N SER A 86 -4.23 8.29 4.79
CA SER A 86 -5.36 8.75 3.97
C SER A 86 -6.03 7.57 3.27
N LEU A 87 -5.26 6.85 2.47
CA LEU A 87 -5.77 5.70 1.74
C LEU A 87 -6.31 4.64 2.70
N VAL A 88 -5.44 4.13 3.56
CA VAL A 88 -5.83 3.12 4.53
C VAL A 88 -7.11 3.52 5.26
N LYS A 89 -7.37 4.81 5.32
CA LYS A 89 -8.56 5.32 5.98
C LYS A 89 -9.71 5.49 4.99
N ALA A 90 -9.37 5.61 3.71
CA ALA A 90 -10.37 5.77 2.66
C ALA A 90 -10.86 4.41 2.17
N LYS A 91 -9.96 3.65 1.56
CA LYS A 91 -10.31 2.33 1.05
C LYS A 91 -11.20 1.58 2.03
N PHE A 92 -10.94 1.77 3.33
CA PHE A 92 -11.71 1.10 4.36
C PHE A 92 -12.97 1.89 4.70
N CYS A 93 -12.93 3.20 4.46
CA CYS A 93 -14.06 4.07 4.73
C CYS A 93 -15.02 4.11 3.54
N GLU A 94 -14.53 3.65 2.39
CA GLU A 94 -15.34 3.63 1.18
C GLU A 94 -15.98 2.26 0.96
N ALA A 95 -15.23 1.21 1.30
CA ALA A 95 -15.73 -0.15 1.14
C ALA A 95 -16.10 -0.76 2.49
N PRO A 96 -16.89 -1.84 2.46
CA PRO A 96 -17.33 -2.54 3.67
C PRO A 96 -16.19 -3.27 4.37
N GLY A 97 -14.97 -3.07 3.87
CA GLY A 97 -13.81 -3.71 4.46
C GLY A 97 -13.10 -4.62 3.48
N SER A 98 -13.34 -4.40 2.19
CA SER A 98 -12.70 -5.20 1.14
C SER A 98 -11.18 -5.12 1.23
N CYS A 99 -10.51 -5.41 0.13
CA CYS A 99 -9.07 -5.37 0.07
C CYS A 99 -8.57 -4.11 -0.65
N VAL A 100 -7.32 -3.75 -0.43
CA VAL A 100 -6.73 -2.58 -1.06
C VAL A 100 -5.58 -2.97 -1.99
N ALA A 101 -5.80 -2.83 -3.29
CA ALA A 101 -4.79 -3.16 -4.27
C ALA A 101 -3.80 -2.01 -4.46
N VAL A 102 -2.53 -2.28 -4.17
CA VAL A 102 -1.49 -1.27 -4.30
C VAL A 102 -0.26 -1.84 -5.00
N HIS A 103 0.40 -1.00 -5.80
CA HIS A 103 1.59 -1.41 -6.52
C HIS A 103 2.82 -1.42 -5.61
N CYS A 104 3.62 -2.48 -5.71
CA CYS A 104 4.82 -2.60 -4.89
C CYS A 104 5.88 -3.42 -5.61
N VAL A 105 7.14 -3.07 -5.37
CA VAL A 105 8.25 -3.78 -6.00
C VAL A 105 8.58 -5.06 -5.25
N ALA A 106 9.81 -5.56 -5.43
CA ALA A 106 10.25 -6.78 -4.77
C ALA A 106 10.07 -6.68 -3.26
N GLY A 107 10.08 -5.45 -2.75
CA GLY A 107 9.92 -5.24 -1.32
C GLY A 107 11.18 -4.66 -0.68
N LEU A 108 12.02 -5.54 -0.13
CA LEU A 108 13.24 -5.11 0.52
C LEU A 108 13.04 -3.79 1.27
N GLY A 109 13.08 -2.69 0.54
CA GLY A 109 12.89 -1.39 1.16
C GLY A 109 11.42 -1.02 1.32
N ARG A 110 10.85 -0.42 0.28
CA ARG A 110 9.45 -0.03 0.31
C ARG A 110 8.61 -1.01 1.12
N ALA A 111 8.79 -2.30 0.83
CA ALA A 111 8.05 -3.34 1.53
C ALA A 111 7.87 -2.99 3.01
N PRO A 112 8.95 -3.14 3.78
CA PRO A 112 8.94 -2.84 5.22
C PRO A 112 8.82 -1.34 5.50
N VAL A 113 9.56 -0.54 4.75
CA VAL A 113 9.53 0.91 4.91
C VAL A 113 8.11 1.43 4.94
N LEU A 114 7.38 1.20 3.85
CA LEU A 114 5.98 1.65 3.76
C LEU A 114 5.12 0.98 4.82
N VAL A 115 5.06 -0.35 4.79
CA VAL A 115 4.28 -1.10 5.75
C VAL A 115 4.59 -0.67 7.18
N ALA A 116 5.82 -0.22 7.41
CA ALA A 116 6.25 0.23 8.73
C ALA A 116 5.52 1.49 9.13
N LEU A 117 5.44 2.45 8.21
CA LEU A 117 4.77 3.72 8.48
C LEU A 117 3.31 3.48 8.89
N ALA A 118 2.58 2.75 8.06
CA ALA A 118 1.18 2.45 8.34
C ALA A 118 1.05 1.56 9.57
N LEU A 119 2.00 0.66 9.76
CA LEU A 119 1.99 -0.25 10.89
C LEU A 119 1.97 0.52 12.21
N ILE A 120 2.88 1.49 12.33
CA ILE A 120 2.97 2.29 13.54
C ILE A 120 1.68 3.07 13.78
N GLU A 121 1.22 3.77 12.74
CA GLU A 121 0.00 4.56 12.83
C GLU A 121 -1.20 3.67 13.10
N SER A 122 -1.08 2.39 12.73
CA SER A 122 -2.16 1.44 12.92
C SER A 122 -2.35 1.12 14.40
N GLY A 123 -1.32 1.38 15.20
CA GLY A 123 -1.39 1.13 16.62
C GLY A 123 -0.24 0.28 17.13
N MET A 124 0.87 0.31 16.39
CA MET A 124 2.04 -0.47 16.77
C MET A 124 3.21 0.45 17.14
N LYS A 125 4.10 -0.05 17.99
CA LYS A 125 5.26 0.74 18.43
C LYS A 125 6.34 0.75 17.35
N TYR A 126 6.95 1.91 17.15
CA TYR A 126 8.00 2.06 16.16
C TYR A 126 9.09 1.02 16.35
N GLU A 127 9.63 0.95 17.56
CA GLU A 127 10.68 -0.01 17.88
C GLU A 127 10.21 -1.43 17.63
N ASP A 128 9.13 -1.82 18.28
CA ASP A 128 8.58 -3.17 18.13
C ASP A 128 8.40 -3.51 16.65
N ALA A 129 7.66 -2.67 15.93
CA ALA A 129 7.41 -2.89 14.52
C ALA A 129 8.72 -3.10 13.76
N ILE A 130 9.68 -2.21 13.99
CA ILE A 130 10.98 -2.30 13.32
C ILE A 130 11.62 -3.66 13.56
N GLN A 131 11.79 -4.03 14.82
CA GLN A 131 12.39 -5.31 15.18
C GLN A 131 11.73 -6.44 14.41
N PHE A 132 10.43 -6.31 14.17
CA PHE A 132 9.68 -7.33 13.44
C PHE A 132 10.11 -7.38 11.96
N ILE A 133 9.81 -6.30 11.25
CA ILE A 133 10.16 -6.21 9.83
C ILE A 133 11.67 -6.28 9.63
N ARG A 134 12.41 -6.07 10.72
CA ARG A 134 13.87 -6.10 10.66
C ARG A 134 14.39 -7.52 10.89
N GLN A 135 13.79 -8.21 11.85
CA GLN A 135 14.19 -9.58 12.17
C GLN A 135 13.85 -10.53 11.04
N LYS A 136 12.84 -10.16 10.23
CA LYS A 136 12.40 -10.98 9.12
C LYS A 136 13.49 -11.06 8.05
N ARG A 137 14.39 -10.09 8.05
CA ARG A 137 15.48 -10.05 7.08
C ARG A 137 16.39 -8.85 7.32
N ARG A 138 17.10 -8.86 8.45
CA ARG A 138 18.00 -7.76 8.79
C ARG A 138 17.33 -6.42 8.57
N GLY A 139 18.14 -5.37 8.48
CA GLY A 139 17.61 -4.03 8.27
C GLY A 139 16.75 -3.96 7.02
N ALA A 140 15.45 -4.16 7.19
CA ALA A 140 14.52 -4.11 6.07
C ALA A 140 14.03 -2.69 5.83
N ILE A 141 13.81 -1.96 6.91
CA ILE A 141 13.34 -0.57 6.82
C ILE A 141 14.51 0.39 6.66
N ASN A 142 15.63 0.07 7.30
CA ASN A 142 16.82 0.91 7.23
C ASN A 142 16.79 1.97 8.33
N SER A 143 17.97 2.49 8.67
CA SER A 143 18.10 3.51 9.70
C SER A 143 17.32 4.77 9.32
N LYS A 144 17.59 5.27 8.11
CA LYS A 144 16.91 6.48 7.62
C LYS A 144 15.48 6.54 8.12
N GLN A 145 14.66 5.57 7.73
CA GLN A 145 13.27 5.51 8.14
C GLN A 145 13.16 5.24 9.64
N LEU A 146 14.04 4.40 10.15
CA LEU A 146 14.04 4.05 11.56
C LEU A 146 14.06 5.30 12.43
N THR A 147 15.08 6.13 12.23
CA THR A 147 15.21 7.37 12.99
C THR A 147 14.04 8.31 12.73
N TYR A 148 13.55 8.30 11.50
CA TYR A 148 12.43 9.16 11.12
C TYR A 148 11.27 9.00 12.09
N LEU A 149 10.86 7.76 12.31
CA LEU A 149 9.74 7.48 13.22
C LEU A 149 10.17 7.70 14.68
N GLU A 150 11.42 7.39 14.97
CA GLU A 150 11.95 7.55 16.33
C GLU A 150 11.70 8.97 16.84
N LYS A 151 12.06 9.96 16.02
CA LYS A 151 11.87 11.36 16.38
C LYS A 151 10.43 11.80 16.15
N TYR A 152 9.75 11.12 15.23
CA TYR A 152 8.36 11.43 14.92
C TYR A 152 7.42 10.87 15.98
N ARG A 153 6.28 11.53 16.16
CA ARG A 153 5.30 11.10 17.14
C ARG A 153 3.98 10.71 16.47
N PRO A 154 3.44 9.55 16.84
CA PRO A 154 2.18 9.04 16.28
C PRO A 154 0.97 9.86 16.74
N LYS A 155 0.32 10.51 15.78
CA LYS A 155 -0.85 11.32 16.09
C LYS A 155 -2.10 10.45 16.24
N GLN A 156 -1.91 9.14 16.14
CA GLN A 156 -3.01 8.21 16.27
C GLN A 156 -4.02 8.39 15.13
N ARG A 157 -3.51 8.59 13.92
CA ARG A 157 -4.36 8.79 12.75
C ARG A 157 -5.19 7.54 12.48
N LEU A 158 -4.51 6.42 12.28
CA LEU A 158 -5.19 5.15 12.00
C LEU A 158 -5.82 4.58 13.27
N ARG A 159 -5.06 4.61 14.37
CA ARG A 159 -5.56 4.10 15.64
C ARG A 159 -4.66 4.56 16.79
N PHE A 160 -5.08 4.27 18.01
CA PHE A 160 -4.31 4.65 19.20
C PHE A 160 -3.05 3.81 19.32
N LYS A 161 -1.90 4.47 19.41
CA LYS A 161 -0.62 3.78 19.54
C LYS A 161 -0.03 3.98 20.93
N ASP A 162 0.77 3.02 21.37
CA ASP A 162 1.39 3.09 22.69
C ASP A 162 0.37 3.37 23.77
N MET A 1 -1.59 -3.95 -24.77
CA MET A 1 -2.95 -4.06 -24.26
C MET A 1 -3.63 -5.32 -24.81
N ALA A 2 -4.71 -5.74 -24.15
CA ALA A 2 -5.44 -6.92 -24.57
C ALA A 2 -4.58 -8.17 -24.44
N ARG A 3 -4.79 -8.92 -23.37
CA ARG A 3 -4.04 -10.14 -23.12
C ARG A 3 -4.94 -11.25 -22.61
N MET A 4 -5.70 -10.96 -21.56
CA MET A 4 -6.61 -11.93 -20.97
C MET A 4 -5.84 -13.12 -20.41
N ASN A 5 -5.70 -13.16 -19.09
CA ASN A 5 -4.98 -14.24 -18.42
C ASN A 5 -5.46 -14.40 -16.99
N ARG A 6 -4.78 -15.27 -16.23
CA ARG A 6 -5.14 -15.52 -14.84
C ARG A 6 -4.04 -15.03 -13.90
N PRO A 7 -3.95 -13.70 -13.76
CA PRO A 7 -2.95 -13.07 -12.88
C PRO A 7 -3.24 -13.32 -11.40
N ALA A 8 -2.25 -13.85 -10.70
CA ALA A 8 -2.39 -14.12 -9.27
C ALA A 8 -1.56 -13.16 -8.43
N PRO A 9 -2.20 -12.07 -7.98
CA PRO A 9 -1.54 -11.05 -7.16
C PRO A 9 -1.20 -11.56 -5.77
N VAL A 10 -0.88 -10.63 -4.86
CA VAL A 10 -0.54 -10.99 -3.49
C VAL A 10 -1.38 -10.20 -2.49
N GLU A 11 -2.20 -10.92 -1.73
CA GLU A 11 -3.06 -10.30 -0.73
C GLU A 11 -2.41 -10.32 0.65
N VAL A 12 -2.27 -9.13 1.24
CA VAL A 12 -1.66 -9.01 2.55
C VAL A 12 -2.68 -8.53 3.59
N SER A 13 -3.11 -9.44 4.46
CA SER A 13 -4.08 -9.11 5.49
C SER A 13 -3.38 -8.66 6.77
N TYR A 14 -3.72 -7.45 7.22
CA TYR A 14 -3.12 -6.90 8.44
C TYR A 14 -4.03 -7.13 9.64
N LYS A 15 -3.74 -6.43 10.73
CA LYS A 15 -4.52 -6.55 11.95
C LYS A 15 -6.01 -6.37 11.66
N HIS A 16 -6.34 -5.30 10.95
CA HIS A 16 -7.72 -5.01 10.60
C HIS A 16 -7.82 -4.45 9.19
N MET A 17 -6.90 -4.84 8.32
CA MET A 17 -6.89 -4.37 6.95
C MET A 17 -6.45 -5.48 5.99
N ARG A 18 -6.45 -5.18 4.70
CA ARG A 18 -6.06 -6.16 3.69
C ARG A 18 -5.76 -5.46 2.36
N PHE A 19 -4.49 -5.46 1.99
CA PHE A 19 -4.06 -4.83 0.73
C PHE A 19 -3.76 -5.89 -0.33
N LEU A 20 -3.43 -5.43 -1.53
CA LEU A 20 -3.12 -6.32 -2.63
C LEU A 20 -1.94 -5.80 -3.45
N ILE A 21 -0.78 -6.44 -3.29
CA ILE A 21 0.42 -6.04 -4.01
C ILE A 21 0.51 -6.74 -5.36
N THR A 22 0.54 -5.96 -6.44
CA THR A 22 0.63 -6.52 -7.78
C THR A 22 1.77 -7.53 -7.88
N HIS A 23 1.78 -8.29 -8.97
CA HIS A 23 2.82 -9.29 -9.19
C HIS A 23 3.75 -8.86 -10.32
N ASN A 24 4.46 -9.82 -10.90
CA ASN A 24 5.39 -9.54 -11.99
C ASN A 24 4.77 -8.57 -13.00
N PRO A 25 3.67 -8.99 -13.62
CA PRO A 25 2.96 -8.17 -14.61
C PRO A 25 2.26 -6.98 -13.99
N THR A 26 2.57 -5.79 -14.50
CA THR A 26 1.97 -4.56 -13.98
C THR A 26 1.06 -3.92 -15.02
N ASN A 27 -0.24 -4.20 -14.91
CA ASN A 27 -1.22 -3.64 -15.85
C ASN A 27 -0.78 -3.87 -17.29
N ALA A 28 -0.91 -5.11 -17.76
CA ALA A 28 -0.54 -5.45 -19.12
C ALA A 28 -1.66 -5.13 -20.11
N THR A 29 -2.89 -5.42 -19.71
CA THR A 29 -4.05 -5.16 -20.56
C THR A 29 -5.09 -4.33 -19.81
N LEU A 30 -4.91 -4.18 -18.50
CA LEU A 30 -5.83 -3.40 -17.68
C LEU A 30 -7.11 -4.19 -17.43
N SER A 31 -7.77 -4.61 -18.50
CA SER A 31 -9.01 -5.37 -18.39
C SER A 31 -8.88 -6.48 -17.35
N THR A 32 -7.88 -7.34 -17.54
CA THR A 32 -7.64 -8.45 -16.61
C THR A 32 -7.20 -7.94 -15.24
N PHE A 33 -6.46 -6.84 -15.24
CA PHE A 33 -5.98 -6.25 -14.00
C PHE A 33 -7.14 -5.87 -13.09
N ILE A 34 -8.08 -5.12 -13.64
CA ILE A 34 -9.25 -4.69 -12.88
C ILE A 34 -10.00 -5.88 -12.27
N GLU A 35 -10.11 -6.95 -13.05
CA GLU A 35 -10.79 -8.16 -12.60
C GLU A 35 -10.04 -8.80 -11.43
N ASP A 36 -8.71 -8.73 -11.48
CA ASP A 36 -7.88 -9.30 -10.43
C ASP A 36 -8.19 -8.66 -9.08
N LEU A 37 -8.14 -7.33 -9.03
CA LEU A 37 -8.42 -6.60 -7.80
C LEU A 37 -9.90 -6.63 -7.47
N LYS A 38 -10.73 -6.89 -8.48
CA LYS A 38 -12.17 -6.95 -8.29
C LYS A 38 -12.59 -8.31 -7.74
N LYS A 39 -11.91 -9.35 -8.20
CA LYS A 39 -12.20 -10.71 -7.75
C LYS A 39 -11.68 -10.95 -6.34
N TYR A 40 -10.53 -10.37 -6.03
CA TYR A 40 -9.92 -10.52 -4.72
C TYR A 40 -10.73 -9.79 -3.65
N GLY A 41 -11.69 -8.98 -4.11
CA GLY A 41 -12.53 -8.24 -3.18
C GLY A 41 -11.89 -6.94 -2.74
N ALA A 42 -11.09 -6.35 -3.62
CA ALA A 42 -10.42 -5.10 -3.31
C ALA A 42 -11.11 -3.92 -4.00
N THR A 43 -11.60 -2.97 -3.20
CA THR A 43 -12.28 -1.80 -3.72
C THR A 43 -11.31 -0.66 -3.96
N THR A 44 -10.06 -0.99 -4.30
CA THR A 44 -9.04 0.00 -4.56
C THR A 44 -8.14 -0.42 -5.70
N VAL A 45 -7.75 0.54 -6.54
CA VAL A 45 -6.88 0.27 -7.67
C VAL A 45 -5.41 0.40 -7.28
N VAL A 46 -4.57 -0.47 -7.85
CA VAL A 46 -3.15 -0.46 -7.57
C VAL A 46 -2.45 0.68 -8.31
N ARG A 47 -3.08 1.85 -8.30
CA ARG A 47 -2.52 3.02 -8.97
C ARG A 47 -1.30 3.54 -8.23
N VAL A 48 -0.95 2.88 -7.13
CA VAL A 48 0.20 3.27 -6.34
C VAL A 48 1.51 3.08 -7.11
N CYS A 49 1.81 4.05 -7.98
CA CYS A 49 3.02 3.99 -8.79
C CYS A 49 3.13 5.20 -9.70
N GLU A 50 4.00 5.12 -10.70
CA GLU A 50 4.19 6.20 -11.64
C GLU A 50 3.08 6.23 -12.69
N VAL A 51 1.83 6.28 -12.21
CA VAL A 51 0.68 6.31 -13.10
C VAL A 51 0.59 7.63 -13.85
N THR A 52 0.16 7.57 -15.10
CA THR A 52 0.03 8.77 -15.93
C THR A 52 -1.15 8.66 -16.89
N TYR A 53 -2.25 8.12 -16.38
CA TYR A 53 -3.45 7.94 -17.20
C TYR A 53 -4.71 8.04 -16.34
N ASP A 54 -5.73 8.72 -16.86
CA ASP A 54 -6.98 8.89 -16.14
C ASP A 54 -7.66 7.54 -15.92
N LYS A 55 -8.51 7.47 -14.89
CA LYS A 55 -9.22 6.24 -14.58
C LYS A 55 -10.60 6.22 -15.24
N THR A 56 -10.74 5.40 -16.27
CA THR A 56 -12.00 5.30 -16.99
C THR A 56 -12.80 4.09 -16.52
N PRO A 57 -12.19 2.89 -16.64
CA PRO A 57 -12.83 1.64 -16.23
C PRO A 57 -12.96 1.53 -14.71
N LEU A 58 -11.84 1.32 -14.03
CA LEU A 58 -11.84 1.20 -12.58
C LEU A 58 -12.62 2.34 -11.93
N GLU A 59 -12.82 3.41 -12.68
CA GLU A 59 -13.56 4.57 -12.18
C GLU A 59 -15.05 4.26 -12.09
N LYS A 60 -15.64 3.89 -13.22
CA LYS A 60 -17.07 3.57 -13.26
C LYS A 60 -17.37 2.35 -12.41
N ASP A 61 -16.35 1.54 -12.15
CA ASP A 61 -16.51 0.34 -11.34
C ASP A 61 -16.69 0.69 -9.87
N GLY A 62 -16.54 1.97 -9.55
CA GLY A 62 -16.69 2.41 -8.18
C GLY A 62 -15.52 2.00 -7.30
N ILE A 63 -14.35 1.82 -7.92
CA ILE A 63 -13.16 1.43 -7.18
C ILE A 63 -12.29 2.64 -6.85
N THR A 64 -11.88 2.72 -5.58
CA THR A 64 -11.05 3.83 -5.12
C THR A 64 -9.73 3.87 -5.88
N VAL A 65 -9.42 5.03 -6.45
CA VAL A 65 -8.19 5.21 -7.21
C VAL A 65 -7.02 5.55 -6.28
N VAL A 66 -6.12 4.58 -6.09
CA VAL A 66 -4.96 4.78 -5.22
C VAL A 66 -3.70 5.03 -6.05
N ASP A 67 -3.48 6.29 -6.40
CA ASP A 67 -2.30 6.66 -7.19
C ASP A 67 -1.30 7.43 -6.34
N TRP A 68 -0.09 6.92 -6.24
CA TRP A 68 0.96 7.56 -5.45
C TRP A 68 2.33 7.34 -6.09
N PRO A 69 3.26 8.28 -5.85
CA PRO A 69 4.62 8.21 -6.38
C PRO A 69 5.44 7.10 -5.75
N PHE A 70 4.77 6.23 -4.99
CA PHE A 70 5.43 5.12 -4.33
C PHE A 70 6.43 4.45 -5.26
N ASP A 71 6.10 4.40 -6.54
CA ASP A 71 6.96 3.78 -7.54
C ASP A 71 7.74 4.84 -8.31
N ASP A 72 8.65 5.51 -7.62
CA ASP A 72 9.47 6.56 -8.24
C ASP A 72 10.42 7.18 -7.22
N GLY A 73 9.87 8.03 -6.35
CA GLY A 73 10.68 8.68 -5.35
C GLY A 73 9.86 9.19 -4.18
N ALA A 74 8.84 10.01 -4.49
CA ALA A 74 7.98 10.56 -3.45
C ALA A 74 8.76 11.50 -2.53
N PRO A 75 8.02 12.35 -1.79
CA PRO A 75 8.62 13.31 -0.86
C PRO A 75 9.24 12.63 0.35
N PRO A 76 10.46 13.05 0.71
CA PRO A 76 11.19 12.50 1.86
C PRO A 76 10.55 12.89 3.19
N PRO A 77 9.86 14.04 3.20
CA PRO A 77 9.20 14.55 4.40
C PRO A 77 8.00 13.70 4.81
N GLY A 78 7.29 14.14 5.84
CA GLY A 78 6.12 13.41 6.30
C GLY A 78 4.86 13.76 5.53
N LYS A 79 4.99 13.81 4.20
CA LYS A 79 3.85 14.13 3.34
C LYS A 79 3.11 12.87 2.93
N VAL A 80 3.84 11.92 2.36
CA VAL A 80 3.25 10.65 1.91
C VAL A 80 2.41 10.03 3.02
N VAL A 81 2.83 10.23 4.27
CA VAL A 81 2.12 9.68 5.42
C VAL A 81 0.63 10.01 5.35
N GLU A 82 0.33 11.25 4.97
CA GLU A 82 -1.05 11.70 4.86
C GLU A 82 -1.86 10.77 3.95
N ASP A 83 -1.31 10.48 2.78
CA ASP A 83 -1.97 9.60 1.82
C ASP A 83 -2.03 8.17 2.34
N TRP A 84 -1.01 7.78 3.08
CA TRP A 84 -0.95 6.43 3.65
C TRP A 84 -2.18 6.13 4.48
N LEU A 85 -2.31 6.83 5.61
CA LEU A 85 -3.45 6.64 6.50
C LEU A 85 -4.76 6.95 5.78
N SER A 86 -4.78 8.04 5.04
CA SER A 86 -5.97 8.46 4.30
C SER A 86 -6.51 7.31 3.47
N LEU A 87 -5.65 6.75 2.61
CA LEU A 87 -6.05 5.64 1.75
C LEU A 87 -6.58 4.48 2.58
N VAL A 88 -5.72 3.88 3.39
CA VAL A 88 -6.10 2.76 4.23
C VAL A 88 -7.35 3.09 5.05
N LYS A 89 -7.58 4.37 5.27
CA LYS A 89 -8.73 4.83 6.04
C LYS A 89 -9.94 5.02 5.13
N ALA A 90 -9.68 5.22 3.85
CA ALA A 90 -10.75 5.41 2.87
C ALA A 90 -11.24 4.09 2.31
N LYS A 91 -10.34 3.37 1.64
CA LYS A 91 -10.67 2.08 1.04
C LYS A 91 -11.44 1.21 2.04
N PHE A 92 -11.15 1.38 3.32
CA PHE A 92 -11.82 0.62 4.37
C PHE A 92 -13.10 1.32 4.83
N CYS A 93 -13.09 2.64 4.77
CA CYS A 93 -14.25 3.43 5.18
C CYS A 93 -15.27 3.53 4.05
N GLU A 94 -14.84 3.14 2.84
CA GLU A 94 -15.72 3.19 1.68
C GLU A 94 -16.26 1.81 1.35
N ALA A 95 -15.52 0.78 1.76
CA ALA A 95 -15.94 -0.60 1.51
C ALA A 95 -15.97 -1.40 2.81
N PRO A 96 -16.84 -2.43 2.85
CA PRO A 96 -16.98 -3.29 4.02
C PRO A 96 -15.76 -4.18 4.25
N GLY A 97 -14.77 -3.65 4.97
CA GLY A 97 -13.57 -4.40 5.25
C GLY A 97 -12.99 -5.04 4.01
N SER A 98 -13.29 -4.47 2.85
CA SER A 98 -12.80 -5.00 1.58
C SER A 98 -11.27 -5.01 1.55
N CYS A 99 -10.71 -5.21 0.36
CA CYS A 99 -9.26 -5.24 0.19
C CYS A 99 -8.77 -4.03 -0.58
N VAL A 100 -7.47 -3.80 -0.56
CA VAL A 100 -6.87 -2.67 -1.26
C VAL A 100 -5.83 -3.13 -2.27
N ALA A 101 -5.89 -2.56 -3.47
CA ALA A 101 -4.95 -2.91 -4.53
C ALA A 101 -3.95 -1.80 -4.77
N VAL A 102 -2.67 -2.09 -4.55
CA VAL A 102 -1.61 -1.11 -4.74
C VAL A 102 -0.48 -1.68 -5.59
N HIS A 103 0.16 -0.82 -6.38
CA HIS A 103 1.26 -1.23 -7.24
C HIS A 103 2.56 -1.33 -6.45
N CYS A 104 3.33 -2.38 -6.71
CA CYS A 104 4.60 -2.59 -6.02
C CYS A 104 5.56 -3.40 -6.89
N VAL A 105 6.85 -3.14 -6.74
CA VAL A 105 7.87 -3.84 -7.51
C VAL A 105 8.21 -5.20 -6.87
N ALA A 106 9.27 -5.22 -6.08
CA ALA A 106 9.70 -6.43 -5.40
C ALA A 106 9.47 -6.33 -3.90
N GLY A 107 9.51 -5.11 -3.37
CA GLY A 107 9.31 -4.91 -1.95
C GLY A 107 10.59 -4.50 -1.24
N LEU A 108 11.30 -5.48 -0.71
CA LEU A 108 12.56 -5.23 0.00
C LEU A 108 12.44 -3.96 0.86
N GLY A 109 12.57 -2.80 0.21
CA GLY A 109 12.47 -1.54 0.92
C GLY A 109 11.03 -1.08 1.09
N ARG A 110 10.53 -0.37 0.09
CA ARG A 110 9.16 0.15 0.13
C ARG A 110 8.23 -0.84 0.82
N ALA A 111 8.42 -2.12 0.51
CA ALA A 111 7.60 -3.17 1.10
C ALA A 111 7.39 -2.94 2.59
N PRO A 112 8.42 -3.25 3.40
CA PRO A 112 8.38 -3.08 4.85
C PRO A 112 8.38 -1.61 5.25
N VAL A 113 9.03 -0.77 4.45
CA VAL A 113 9.09 0.66 4.73
C VAL A 113 7.70 1.28 4.76
N LEU A 114 6.99 1.17 3.64
CA LEU A 114 5.65 1.72 3.52
C LEU A 114 4.72 1.10 4.57
N VAL A 115 4.61 -0.23 4.55
CA VAL A 115 3.76 -0.93 5.50
C VAL A 115 4.09 -0.55 6.94
N ALA A 116 5.38 -0.30 7.19
CA ALA A 116 5.82 0.08 8.52
C ALA A 116 5.19 1.39 8.97
N LEU A 117 5.17 2.37 8.07
CA LEU A 117 4.59 3.67 8.37
C LEU A 117 3.14 3.53 8.83
N ALA A 118 2.36 2.77 8.07
CA ALA A 118 0.96 2.55 8.40
C ALA A 118 0.81 1.71 9.66
N LEU A 119 1.70 0.75 9.83
CA LEU A 119 1.68 -0.12 11.00
C LEU A 119 1.86 0.68 12.29
N ILE A 120 2.89 1.52 12.31
CA ILE A 120 3.18 2.36 13.47
C ILE A 120 2.01 3.28 13.78
N GLU A 121 1.47 3.91 12.74
CA GLU A 121 0.34 4.83 12.92
C GLU A 121 -0.88 4.09 13.45
N SER A 122 -0.88 2.77 13.32
CA SER A 122 -1.99 1.95 13.78
C SER A 122 -1.98 1.85 15.30
N GLY A 123 -0.83 2.16 15.91
CA GLY A 123 -0.72 2.10 17.35
C GLY A 123 0.38 1.15 17.80
N MET A 124 1.25 0.77 16.86
CA MET A 124 2.35 -0.14 17.17
C MET A 124 3.64 0.63 17.41
N LYS A 125 4.52 0.06 18.22
CA LYS A 125 5.80 0.70 18.53
C LYS A 125 6.75 0.63 17.34
N TYR A 126 7.40 1.74 17.04
CA TYR A 126 8.34 1.80 15.93
C TYR A 126 9.37 0.67 16.01
N GLU A 127 9.95 0.51 17.19
CA GLU A 127 10.95 -0.53 17.40
C GLU A 127 10.35 -1.92 17.17
N ASP A 128 9.27 -2.21 17.89
CA ASP A 128 8.60 -3.50 17.77
C ASP A 128 8.30 -3.82 16.31
N ALA A 129 7.58 -2.92 15.64
CA ALA A 129 7.22 -3.10 14.25
C ALA A 129 8.45 -3.38 13.40
N ILE A 130 9.49 -2.57 13.59
CA ILE A 130 10.74 -2.73 12.84
C ILE A 130 11.29 -4.13 12.98
N GLN A 131 11.51 -4.56 14.22
CA GLN A 131 12.03 -5.89 14.48
C GLN A 131 11.23 -6.95 13.74
N PHE A 132 9.94 -6.71 13.59
CA PHE A 132 9.05 -7.64 12.89
C PHE A 132 9.38 -7.70 11.41
N ILE A 133 9.20 -6.56 10.73
CA ILE A 133 9.48 -6.49 9.30
C ILE A 133 10.97 -6.62 9.02
N ARG A 134 11.77 -6.56 10.07
CA ARG A 134 13.22 -6.68 9.94
C ARG A 134 13.67 -8.12 10.12
N GLN A 135 13.10 -8.79 11.11
CA GLN A 135 13.44 -10.19 11.39
C GLN A 135 12.98 -11.10 10.25
N LYS A 136 11.85 -10.75 9.65
CA LYS A 136 11.30 -11.54 8.55
C LYS A 136 12.33 -11.73 7.44
N ARG A 137 13.28 -10.79 7.36
CA ARG A 137 14.33 -10.85 6.35
C ARG A 137 15.64 -10.35 6.91
N ARG A 138 15.93 -9.06 6.69
CA ARG A 138 17.17 -8.47 7.17
C ARG A 138 17.31 -7.04 6.65
N GLY A 139 17.51 -6.10 7.57
CA GLY A 139 17.66 -4.70 7.19
C GLY A 139 16.61 -4.26 6.18
N ALA A 140 15.34 -4.42 6.54
CA ALA A 140 14.24 -4.04 5.66
C ALA A 140 13.97 -2.55 5.75
N ILE A 141 13.62 -2.07 6.94
CA ILE A 141 13.34 -0.66 7.15
C ILE A 141 14.58 0.08 7.65
N ASN A 142 15.68 -0.65 7.82
CA ASN A 142 16.92 -0.07 8.29
C ASN A 142 17.33 1.12 7.41
N SER A 143 18.34 1.85 7.86
CA SER A 143 18.82 3.01 7.12
C SER A 143 17.96 4.24 7.42
N LYS A 144 17.98 5.20 6.50
CA LYS A 144 17.21 6.43 6.66
C LYS A 144 15.82 6.12 7.20
N GLN A 145 15.15 5.15 6.61
CA GLN A 145 13.81 4.76 7.04
C GLN A 145 13.75 4.59 8.56
N LEU A 146 14.60 3.72 9.08
CA LEU A 146 14.65 3.46 10.52
C LEU A 146 14.72 4.77 11.30
N THR A 147 15.73 5.59 10.98
CA THR A 147 15.91 6.87 11.65
C THR A 147 14.69 7.76 11.49
N TYR A 148 14.03 7.65 10.33
CA TYR A 148 12.84 8.44 10.05
C TYR A 148 11.83 8.33 11.19
N LEU A 149 11.36 7.10 11.45
CA LEU A 149 10.40 6.87 12.51
C LEU A 149 11.02 7.14 13.88
N GLU A 150 12.31 6.91 13.99
CA GLU A 150 13.02 7.14 15.25
C GLU A 150 12.81 8.55 15.75
N LYS A 151 12.94 9.52 14.84
CA LYS A 151 12.77 10.92 15.18
C LYS A 151 11.32 11.36 14.99
N TYR A 152 10.62 10.70 14.07
CA TYR A 152 9.23 11.01 13.80
C TYR A 152 8.34 10.71 15.01
N ARG A 153 7.27 11.47 15.15
CA ARG A 153 6.35 11.30 16.27
C ARG A 153 4.97 10.89 15.78
N PRO A 154 4.39 9.86 16.41
CA PRO A 154 3.06 9.35 16.04
C PRO A 154 1.95 10.32 16.41
N LYS A 155 1.32 10.91 15.40
CA LYS A 155 0.24 11.86 15.62
C LYS A 155 -1.07 11.12 15.93
N GLN A 156 -1.01 9.80 15.94
CA GLN A 156 -2.20 8.99 16.22
C GLN A 156 -3.28 9.24 15.17
N ARG A 157 -3.06 8.73 13.97
CA ARG A 157 -4.03 8.90 12.88
C ARG A 157 -4.90 7.66 12.74
N LEU A 158 -4.27 6.52 12.52
CA LEU A 158 -5.00 5.26 12.37
C LEU A 158 -5.52 4.77 13.71
N ARG A 159 -4.83 5.16 14.79
CA ARG A 159 -5.24 4.75 16.13
C ARG A 159 -4.29 5.34 17.18
N PHE A 160 -4.50 4.96 18.43
CA PHE A 160 -3.66 5.45 19.53
C PHE A 160 -2.36 4.65 19.61
N LYS A 161 -1.23 5.37 19.55
CA LYS A 161 0.07 4.73 19.62
C LYS A 161 0.79 5.10 20.92
N ASP A 162 1.86 4.38 21.22
CA ASP A 162 2.63 4.63 22.44
C ASP A 162 2.91 6.12 22.61
N MET A 1 2.61 -7.06 -21.63
CA MET A 1 2.81 -8.45 -21.20
C MET A 1 1.77 -9.37 -21.83
N ALA A 2 0.51 -8.93 -21.82
CA ALA A 2 -0.58 -9.71 -22.39
C ALA A 2 -1.91 -8.97 -22.28
N ARG A 3 -2.88 -9.40 -23.07
CA ARG A 3 -4.20 -8.78 -23.07
C ARG A 3 -5.26 -9.77 -22.60
N MET A 4 -4.83 -10.88 -22.04
CA MET A 4 -5.75 -11.90 -21.55
C MET A 4 -4.99 -13.07 -20.94
N ASN A 5 -5.08 -13.21 -19.62
CA ASN A 5 -4.40 -14.29 -18.91
C ASN A 5 -4.97 -14.47 -17.51
N ARG A 6 -4.29 -15.28 -16.70
CA ARG A 6 -4.73 -15.52 -15.33
C ARG A 6 -3.74 -14.93 -14.33
N PRO A 7 -3.85 -13.61 -14.11
CA PRO A 7 -2.98 -12.89 -13.18
C PRO A 7 -3.26 -13.26 -11.72
N ALA A 8 -2.21 -13.56 -10.98
CA ALA A 8 -2.34 -13.92 -9.57
C ALA A 8 -1.55 -12.96 -8.68
N PRO A 9 -2.23 -11.91 -8.20
CA PRO A 9 -1.62 -10.90 -7.33
C PRO A 9 -1.29 -11.46 -5.94
N VAL A 10 -0.96 -10.56 -5.02
CA VAL A 10 -0.63 -10.95 -3.66
C VAL A 10 -1.47 -10.18 -2.65
N GLU A 11 -2.27 -10.91 -1.87
CA GLU A 11 -3.12 -10.30 -0.86
C GLU A 11 -2.48 -10.38 0.52
N VAL A 12 -2.36 -9.23 1.18
CA VAL A 12 -1.76 -9.17 2.51
C VAL A 12 -2.78 -8.72 3.55
N SER A 13 -3.22 -9.66 4.39
CA SER A 13 -4.19 -9.37 5.43
C SER A 13 -3.50 -9.03 6.75
N TYR A 14 -3.79 -7.85 7.27
CA TYR A 14 -3.20 -7.39 8.52
C TYR A 14 -4.15 -7.63 9.70
N LYS A 15 -3.88 -6.99 10.82
CA LYS A 15 -4.69 -7.13 12.01
C LYS A 15 -6.17 -6.92 11.68
N HIS A 16 -6.47 -5.80 11.03
CA HIS A 16 -7.84 -5.48 10.65
C HIS A 16 -7.89 -4.81 9.28
N MET A 17 -7.02 -5.25 8.38
CA MET A 17 -6.96 -4.68 7.04
C MET A 17 -6.53 -5.75 6.03
N ARG A 18 -6.54 -5.38 4.75
CA ARG A 18 -6.16 -6.30 3.69
C ARG A 18 -5.82 -5.53 2.41
N PHE A 19 -4.58 -5.66 1.96
CA PHE A 19 -4.12 -4.99 0.75
C PHE A 19 -3.77 -6.00 -0.34
N LEU A 20 -3.55 -5.51 -1.56
CA LEU A 20 -3.20 -6.36 -2.68
C LEU A 20 -2.02 -5.79 -3.44
N ILE A 21 -0.85 -6.41 -3.27
CA ILE A 21 0.37 -5.97 -3.94
C ILE A 21 0.48 -6.59 -5.33
N THR A 22 0.57 -5.75 -6.35
CA THR A 22 0.68 -6.22 -7.72
C THR A 22 2.06 -5.91 -8.30
N HIS A 23 2.56 -6.80 -9.14
CA HIS A 23 3.87 -6.61 -9.76
C HIS A 23 4.11 -7.66 -10.85
N ASN A 24 3.91 -8.93 -10.51
CA ASN A 24 4.10 -10.01 -11.46
C ASN A 24 3.21 -9.84 -12.68
N PRO A 25 1.89 -9.81 -12.44
CA PRO A 25 0.89 -9.65 -13.52
C PRO A 25 0.92 -8.25 -14.11
N THR A 26 0.91 -7.24 -13.25
CA THR A 26 0.92 -5.85 -13.69
C THR A 26 -0.29 -5.53 -14.54
N ASN A 27 -0.40 -4.28 -14.97
CA ASN A 27 -1.52 -3.84 -15.79
C ASN A 27 -1.06 -3.51 -17.21
N ALA A 28 -0.84 -4.54 -18.02
CA ALA A 28 -0.39 -4.35 -19.39
C ALA A 28 -1.58 -4.06 -20.31
N THR A 29 -2.76 -4.48 -19.89
CA THR A 29 -3.97 -4.27 -20.68
C THR A 29 -5.01 -3.46 -19.90
N LEU A 30 -4.85 -3.42 -18.58
CA LEU A 30 -5.77 -2.69 -17.72
C LEU A 30 -7.08 -3.45 -17.56
N SER A 31 -7.74 -3.74 -18.68
CA SER A 31 -9.01 -4.45 -18.66
C SER A 31 -8.95 -5.61 -17.68
N THR A 32 -7.90 -6.42 -17.78
CA THR A 32 -7.73 -7.58 -16.91
C THR A 32 -7.29 -7.15 -15.51
N PHE A 33 -6.38 -6.18 -15.45
CA PHE A 33 -5.87 -5.67 -14.18
C PHE A 33 -7.02 -5.34 -13.23
N ILE A 34 -7.99 -4.58 -13.73
CA ILE A 34 -9.14 -4.19 -12.92
C ILE A 34 -9.90 -5.41 -12.44
N GLU A 35 -10.01 -6.42 -13.29
CA GLU A 35 -10.72 -7.64 -12.95
C GLU A 35 -9.98 -8.40 -11.84
N ASP A 36 -8.67 -8.34 -11.85
CA ASP A 36 -7.85 -9.01 -10.85
C ASP A 36 -8.12 -8.44 -9.46
N LEU A 37 -8.08 -7.11 -9.35
CA LEU A 37 -8.32 -6.45 -8.08
C LEU A 37 -9.81 -6.46 -7.72
N LYS A 38 -10.65 -6.60 -8.74
CA LYS A 38 -12.10 -6.64 -8.54
C LYS A 38 -12.54 -8.02 -8.08
N LYS A 39 -11.96 -9.06 -8.67
CA LYS A 39 -12.30 -10.43 -8.32
C LYS A 39 -11.81 -10.77 -6.92
N TYR A 40 -10.63 -10.28 -6.57
CA TYR A 40 -10.04 -10.53 -5.26
C TYR A 40 -10.86 -9.85 -4.16
N GLY A 41 -11.77 -8.98 -4.57
CA GLY A 41 -12.61 -8.28 -3.60
C GLY A 41 -11.96 -7.02 -3.08
N ALA A 42 -11.14 -6.38 -3.92
CA ALA A 42 -10.45 -5.16 -3.54
C ALA A 42 -11.10 -3.94 -4.18
N THR A 43 -11.64 -3.05 -3.35
CA THR A 43 -12.29 -1.84 -3.85
C THR A 43 -11.30 -0.69 -3.96
N THR A 44 -10.09 -1.01 -4.40
CA THR A 44 -9.05 -0.01 -4.55
C THR A 44 -8.09 -0.38 -5.68
N VAL A 45 -7.70 0.61 -6.48
CA VAL A 45 -6.78 0.38 -7.59
C VAL A 45 -5.33 0.49 -7.13
N VAL A 46 -4.48 -0.37 -7.68
CA VAL A 46 -3.07 -0.38 -7.33
C VAL A 46 -2.34 0.80 -7.97
N ARG A 47 -3.01 1.95 -8.01
CA ARG A 47 -2.42 3.15 -8.59
C ARG A 47 -1.28 3.67 -7.74
N VAL A 48 -0.99 2.96 -6.66
CA VAL A 48 0.09 3.35 -5.74
C VAL A 48 1.44 3.29 -6.44
N CYS A 49 1.80 4.37 -7.12
CA CYS A 49 3.07 4.45 -7.82
C CYS A 49 3.13 5.68 -8.72
N GLU A 50 4.11 5.70 -9.61
CA GLU A 50 4.28 6.83 -10.53
C GLU A 50 3.24 6.78 -11.65
N VAL A 51 1.97 6.83 -11.27
CA VAL A 51 0.89 6.78 -12.25
C VAL A 51 0.73 8.13 -12.97
N THR A 52 0.31 8.07 -14.22
CA THR A 52 0.12 9.28 -15.02
C THR A 52 -0.97 9.09 -16.06
N TYR A 53 -2.04 8.40 -15.67
CA TYR A 53 -3.15 8.14 -16.58
C TYR A 53 -4.48 8.26 -15.85
N ASP A 54 -5.35 9.14 -16.36
CA ASP A 54 -6.67 9.34 -15.76
C ASP A 54 -7.35 8.02 -15.47
N LYS A 55 -8.38 8.06 -14.63
CA LYS A 55 -9.13 6.85 -14.28
C LYS A 55 -10.52 6.86 -14.91
N THR A 56 -10.68 6.08 -15.97
CA THR A 56 -11.96 5.99 -16.67
C THR A 56 -12.74 4.77 -16.22
N PRO A 57 -12.15 3.58 -16.39
CA PRO A 57 -12.78 2.32 -16.00
C PRO A 57 -12.89 2.15 -14.49
N LEU A 58 -11.76 1.94 -13.84
CA LEU A 58 -11.73 1.78 -12.39
C LEU A 58 -12.51 2.89 -11.70
N GLU A 59 -12.73 3.99 -12.41
CA GLU A 59 -13.48 5.12 -11.87
C GLU A 59 -14.97 4.80 -11.78
N LYS A 60 -15.58 4.50 -12.92
CA LYS A 60 -16.99 4.16 -12.98
C LYS A 60 -17.28 2.85 -12.26
N ASP A 61 -16.23 2.06 -12.07
CA ASP A 61 -16.37 0.78 -11.39
C ASP A 61 -16.56 0.96 -9.89
N GLY A 62 -16.52 2.21 -9.45
CA GLY A 62 -16.68 2.51 -8.04
C GLY A 62 -15.50 2.05 -7.21
N ILE A 63 -14.33 1.96 -7.83
CA ILE A 63 -13.13 1.53 -7.13
C ILE A 63 -12.28 2.73 -6.72
N THR A 64 -11.88 2.75 -5.45
CA THR A 64 -11.06 3.85 -4.93
C THR A 64 -9.73 3.93 -5.67
N VAL A 65 -9.46 5.11 -6.24
CA VAL A 65 -8.22 5.33 -6.99
C VAL A 65 -7.07 5.65 -6.04
N VAL A 66 -6.16 4.69 -5.87
CA VAL A 66 -5.01 4.88 -4.99
C VAL A 66 -3.76 5.20 -5.80
N ASP A 67 -3.55 6.48 -6.08
CA ASP A 67 -2.38 6.91 -6.84
C ASP A 67 -1.41 7.68 -5.95
N TRP A 68 -0.28 7.05 -5.66
CA TRP A 68 0.74 7.68 -4.82
C TRP A 68 2.14 7.26 -5.27
N PRO A 69 2.95 8.26 -5.67
CA PRO A 69 4.32 8.02 -6.12
C PRO A 69 5.24 7.60 -4.98
N PHE A 70 5.03 6.41 -4.46
CA PHE A 70 5.84 5.88 -3.36
C PHE A 70 6.04 4.38 -3.50
N ASP A 71 5.68 3.85 -4.65
CA ASP A 71 5.82 2.41 -4.91
C ASP A 71 7.29 2.04 -5.11
N ASP A 72 8.14 3.05 -5.17
CA ASP A 72 9.58 2.83 -5.35
C ASP A 72 10.39 3.52 -4.25
N GLY A 73 9.97 4.74 -3.91
CA GLY A 73 10.67 5.48 -2.88
C GLY A 73 10.03 6.84 -2.61
N ALA A 74 9.42 7.41 -3.63
CA ALA A 74 8.77 8.71 -3.50
C ALA A 74 9.80 9.82 -3.32
N PRO A 75 9.76 10.82 -4.22
CA PRO A 75 10.68 11.96 -4.17
C PRO A 75 10.39 12.88 -2.98
N PRO A 76 9.15 12.88 -2.51
CA PRO A 76 8.73 13.70 -1.38
C PRO A 76 9.32 13.23 -0.06
N PRO A 77 9.71 14.19 0.79
CA PRO A 77 10.30 13.89 2.10
C PRO A 77 9.29 13.31 3.08
N GLY A 78 9.10 11.98 3.00
CA GLY A 78 8.16 11.32 3.88
C GLY A 78 6.81 11.99 3.89
N LYS A 79 6.41 12.55 2.76
CA LYS A 79 5.11 13.22 2.65
C LYS A 79 4.01 12.23 2.32
N VAL A 80 4.36 11.18 1.58
CA VAL A 80 3.39 10.16 1.20
C VAL A 80 2.65 9.62 2.42
N VAL A 81 3.32 9.66 3.57
CA VAL A 81 2.73 9.16 4.81
C VAL A 81 1.29 9.61 4.94
N GLU A 82 1.03 10.88 4.64
CA GLU A 82 -0.32 11.43 4.72
C GLU A 82 -1.32 10.55 3.98
N ASP A 83 -0.99 10.22 2.74
CA ASP A 83 -1.86 9.37 1.92
C ASP A 83 -1.95 7.96 2.50
N TRP A 84 -0.86 7.52 3.12
CA TRP A 84 -0.81 6.18 3.71
C TRP A 84 -2.00 5.94 4.61
N LEU A 85 -2.09 6.70 5.69
CA LEU A 85 -3.20 6.58 6.64
C LEU A 85 -4.53 6.89 5.97
N SER A 86 -4.56 7.98 5.20
CA SER A 86 -5.76 8.39 4.51
C SER A 86 -6.35 7.23 3.71
N LEU A 87 -5.58 6.72 2.76
CA LEU A 87 -6.01 5.62 1.92
C LEU A 87 -6.53 4.46 2.77
N VAL A 88 -5.65 3.88 3.57
CA VAL A 88 -6.02 2.77 4.44
C VAL A 88 -7.22 3.12 5.30
N LYS A 89 -7.44 4.42 5.50
CA LYS A 89 -8.56 4.88 6.31
C LYS A 89 -9.82 5.02 5.46
N ALA A 90 -9.64 5.18 4.15
CA ALA A 90 -10.76 5.32 3.23
C ALA A 90 -11.23 3.96 2.73
N LYS A 91 -10.31 3.24 2.08
CA LYS A 91 -10.62 1.92 1.54
C LYS A 91 -11.38 1.08 2.56
N PHE A 92 -11.04 1.25 3.84
CA PHE A 92 -11.70 0.51 4.91
C PHE A 92 -12.98 1.22 5.35
N CYS A 93 -13.00 2.54 5.21
CA CYS A 93 -14.16 3.33 5.59
C CYS A 93 -15.24 3.29 4.51
N GLU A 94 -14.86 2.83 3.32
CA GLU A 94 -15.79 2.74 2.20
C GLU A 94 -16.31 1.32 2.04
N ALA A 95 -15.49 0.34 2.45
CA ALA A 95 -15.87 -1.06 2.36
C ALA A 95 -15.65 -1.78 3.68
N PRO A 96 -16.34 -2.91 3.86
CA PRO A 96 -16.25 -3.72 5.08
C PRO A 96 -14.90 -4.42 5.21
N GLY A 97 -14.83 -5.65 4.73
CA GLY A 97 -13.59 -6.41 4.78
C GLY A 97 -12.95 -6.58 3.42
N SER A 98 -13.20 -5.64 2.53
CA SER A 98 -12.64 -5.69 1.18
C SER A 98 -11.12 -5.66 1.22
N CYS A 99 -10.51 -5.36 0.08
CA CYS A 99 -9.06 -5.29 -0.02
C CYS A 99 -8.61 -4.01 -0.72
N VAL A 100 -7.34 -3.66 -0.55
CA VAL A 100 -6.79 -2.46 -1.16
C VAL A 100 -5.66 -2.80 -2.13
N ALA A 101 -5.93 -2.64 -3.42
CA ALA A 101 -4.94 -2.93 -4.45
C ALA A 101 -3.96 -1.77 -4.61
N VAL A 102 -2.68 -2.04 -4.38
CA VAL A 102 -1.66 -1.01 -4.50
C VAL A 102 -0.43 -1.55 -5.23
N HIS A 103 0.23 -0.68 -6.00
CA HIS A 103 1.42 -1.07 -6.75
C HIS A 103 2.65 -1.11 -5.84
N CYS A 104 3.42 -2.18 -5.95
CA CYS A 104 4.63 -2.35 -5.15
C CYS A 104 5.67 -3.16 -5.89
N VAL A 105 6.94 -2.77 -5.73
CA VAL A 105 8.04 -3.47 -6.39
C VAL A 105 8.48 -4.69 -5.58
N ALA A 106 9.69 -5.16 -5.84
CA ALA A 106 10.23 -6.32 -5.15
C ALA A 106 10.08 -6.16 -3.63
N GLY A 107 10.10 -4.91 -3.16
CA GLY A 107 9.98 -4.66 -1.74
C GLY A 107 11.28 -4.22 -1.11
N LEU A 108 11.99 -5.17 -0.50
CA LEU A 108 13.26 -4.89 0.15
C LEU A 108 13.20 -3.56 0.89
N GLY A 109 13.31 -2.46 0.15
CA GLY A 109 13.26 -1.14 0.76
C GLY A 109 11.85 -0.70 1.10
N ARG A 110 11.19 -0.05 0.15
CA ARG A 110 9.83 0.42 0.36
C ARG A 110 8.99 -0.64 1.07
N ALA A 111 9.27 -1.91 0.79
CA ALA A 111 8.55 -3.01 1.41
C ALA A 111 8.30 -2.74 2.89
N PRO A 112 9.36 -2.91 3.70
CA PRO A 112 9.29 -2.69 5.15
C PRO A 112 9.10 -1.22 5.51
N VAL A 113 9.81 -0.35 4.78
CA VAL A 113 9.72 1.09 5.03
C VAL A 113 8.28 1.55 5.05
N LEU A 114 7.56 1.32 3.95
CA LEU A 114 6.17 1.72 3.85
C LEU A 114 5.30 0.94 4.83
N VAL A 115 5.31 -0.38 4.70
CA VAL A 115 4.52 -1.24 5.58
C VAL A 115 4.72 -0.86 7.04
N ALA A 116 5.92 -0.38 7.36
CA ALA A 116 6.24 0.03 8.72
C ALA A 116 5.51 1.31 9.10
N LEU A 117 5.48 2.26 8.19
CA LEU A 117 4.82 3.54 8.42
C LEU A 117 3.39 3.32 8.90
N ALA A 118 2.64 2.50 8.17
CA ALA A 118 1.25 2.21 8.51
C ALA A 118 1.17 1.33 9.76
N LEU A 119 2.06 0.34 9.84
CA LEU A 119 2.09 -0.56 10.98
C LEU A 119 2.22 0.21 12.29
N ILE A 120 3.05 1.25 12.27
CA ILE A 120 3.25 2.08 13.46
C ILE A 120 2.02 2.91 13.77
N GLU A 121 1.49 3.59 12.76
CA GLU A 121 0.31 4.43 12.93
C GLU A 121 -0.88 3.59 13.39
N SER A 122 -0.80 2.28 13.16
CA SER A 122 -1.88 1.38 13.54
C SER A 122 -1.95 1.22 15.06
N GLY A 123 -0.85 1.57 15.73
CA GLY A 123 -0.80 1.46 17.18
C GLY A 123 0.34 0.59 17.66
N MET A 124 1.31 0.35 16.78
CA MET A 124 2.46 -0.47 17.12
C MET A 124 3.69 0.39 17.43
N LYS A 125 4.58 -0.12 18.26
CA LYS A 125 5.79 0.60 18.63
C LYS A 125 6.79 0.63 17.48
N TYR A 126 7.35 1.80 17.21
CA TYR A 126 8.32 1.96 16.13
C TYR A 126 9.43 0.92 16.24
N GLU A 127 10.01 0.81 17.44
CA GLU A 127 11.09 -0.15 17.67
C GLU A 127 10.60 -1.57 17.43
N ASP A 128 9.55 -1.97 18.13
CA ASP A 128 8.99 -3.31 17.98
C ASP A 128 8.76 -3.65 16.51
N ALA A 129 7.99 -2.82 15.82
CA ALA A 129 7.71 -3.04 14.42
C ALA A 129 8.99 -3.18 13.61
N ILE A 130 9.94 -2.27 13.83
CA ILE A 130 11.22 -2.31 13.12
C ILE A 130 11.91 -3.65 13.31
N GLN A 131 12.14 -4.02 14.57
CA GLN A 131 12.80 -5.29 14.88
C GLN A 131 12.16 -6.44 14.11
N PHE A 132 10.84 -6.36 13.93
CA PHE A 132 10.10 -7.40 13.21
C PHE A 132 10.50 -7.43 11.74
N ILE A 133 10.14 -6.38 11.01
CA ILE A 133 10.45 -6.28 9.60
C ILE A 133 11.96 -6.27 9.37
N ARG A 134 12.71 -6.01 10.44
CA ARG A 134 14.17 -5.97 10.35
C ARG A 134 14.76 -7.37 10.50
N GLN A 135 14.25 -8.12 11.48
CA GLN A 135 14.73 -9.47 11.73
C GLN A 135 14.42 -10.38 10.54
N LYS A 136 13.36 -10.05 9.80
CA LYS A 136 12.97 -10.84 8.64
C LYS A 136 13.63 -10.31 7.37
N ARG A 137 14.53 -9.35 7.54
CA ARG A 137 15.24 -8.76 6.40
C ARG A 137 16.23 -7.70 6.87
N ARG A 138 17.50 -8.08 6.97
CA ARG A 138 18.54 -7.16 7.40
C ARG A 138 18.47 -5.85 6.63
N GLY A 139 18.69 -4.74 7.33
CA GLY A 139 18.65 -3.44 6.70
C GLY A 139 17.39 -3.24 5.87
N ALA A 140 16.25 -3.60 6.43
CA ALA A 140 14.97 -3.46 5.74
C ALA A 140 14.43 -2.03 5.86
N ILE A 141 14.15 -1.62 7.09
CA ILE A 141 13.63 -0.27 7.34
C ILE A 141 14.76 0.68 7.74
N ASN A 142 15.91 0.12 8.07
CA ASN A 142 17.06 0.92 8.47
C ASN A 142 17.28 2.08 7.51
N SER A 143 18.14 3.02 7.90
CA SER A 143 18.44 4.18 7.07
C SER A 143 17.55 5.35 7.44
N LYS A 144 17.43 6.31 6.52
CA LYS A 144 16.60 7.49 6.75
C LYS A 144 15.26 7.10 7.38
N GLN A 145 14.67 6.02 6.88
CA GLN A 145 13.39 5.55 7.38
C GLN A 145 13.45 5.34 8.90
N LEU A 146 14.36 4.47 9.34
CA LEU A 146 14.51 4.19 10.76
C LEU A 146 14.55 5.48 11.57
N THR A 147 15.49 6.36 11.23
CA THR A 147 15.62 7.64 11.93
C THR A 147 14.34 8.46 11.84
N TYR A 148 13.65 8.33 10.72
CA TYR A 148 12.40 9.07 10.50
C TYR A 148 11.44 8.84 11.65
N LEU A 149 11.03 7.58 11.85
CA LEU A 149 10.10 7.23 12.91
C LEU A 149 10.74 7.46 14.28
N GLU A 150 12.06 7.34 14.34
CA GLU A 150 12.79 7.53 15.60
C GLU A 150 12.52 8.91 16.18
N LYS A 151 12.55 9.93 15.32
CA LYS A 151 12.30 11.30 15.75
C LYS A 151 10.82 11.66 15.58
N TYR A 152 10.17 11.02 14.62
CA TYR A 152 8.76 11.28 14.36
C TYR A 152 7.88 10.80 15.52
N ARG A 153 6.76 11.47 15.72
CA ARG A 153 5.84 11.11 16.79
C ARG A 153 4.46 10.78 16.24
N PRO A 154 3.89 9.66 16.69
CA PRO A 154 2.56 9.21 16.25
C PRO A 154 1.45 10.09 16.78
N LYS A 155 0.76 10.77 15.87
CA LYS A 155 -0.35 11.65 16.24
C LYS A 155 -1.65 10.87 16.40
N GLN A 156 -1.56 9.55 16.31
CA GLN A 156 -2.72 8.69 16.44
C GLN A 156 -3.71 8.94 15.30
N ARG A 157 -3.36 8.47 14.11
CA ARG A 157 -4.22 8.65 12.94
C ARG A 157 -5.04 7.39 12.68
N LEU A 158 -4.36 6.27 12.49
CA LEU A 158 -5.03 5.00 12.24
C LEU A 158 -5.82 4.54 13.46
N ARG A 159 -5.36 4.94 14.64
CA ARG A 159 -6.03 4.58 15.89
C ARG A 159 -5.35 5.25 17.08
N PHE A 160 -4.23 4.69 17.50
CA PHE A 160 -3.48 5.24 18.64
C PHE A 160 -2.24 4.40 18.92
N LYS A 161 -1.09 5.07 19.02
CA LYS A 161 0.16 4.38 19.28
C LYS A 161 0.69 4.76 20.68
N ASP A 162 1.67 4.00 21.15
CA ASP A 162 2.26 4.24 22.46
C ASP A 162 1.18 4.35 23.53
N MET A 1 -4.97 -6.78 -23.38
CA MET A 1 -6.13 -6.29 -24.11
C MET A 1 -7.40 -6.95 -23.61
N ALA A 2 -7.30 -8.21 -23.19
CA ALA A 2 -8.43 -8.95 -22.68
C ALA A 2 -8.02 -10.33 -22.20
N ARG A 3 -8.50 -10.72 -21.02
CA ARG A 3 -8.17 -12.03 -20.46
C ARG A 3 -8.92 -12.25 -19.14
N MET A 4 -9.43 -13.45 -18.96
CA MET A 4 -10.17 -13.79 -17.74
C MET A 4 -9.48 -14.94 -17.00
N ASN A 5 -9.17 -14.70 -15.73
CA ASN A 5 -8.51 -15.71 -14.91
C ASN A 5 -7.13 -16.03 -15.45
N ARG A 6 -6.10 -15.61 -14.71
CA ARG A 6 -4.72 -15.86 -15.12
C ARG A 6 -3.74 -15.28 -14.11
N PRO A 7 -3.80 -13.95 -13.92
CA PRO A 7 -2.93 -13.24 -12.97
C PRO A 7 -3.26 -13.55 -11.53
N ALA A 8 -2.23 -13.89 -10.75
CA ALA A 8 -2.42 -14.22 -9.35
C ALA A 8 -1.61 -13.28 -8.45
N PRO A 9 -2.25 -12.18 -8.02
CA PRO A 9 -1.62 -11.18 -7.15
C PRO A 9 -1.36 -11.71 -5.75
N VAL A 10 -1.06 -10.80 -4.82
CA VAL A 10 -0.79 -11.17 -3.44
C VAL A 10 -1.64 -10.36 -2.48
N GLU A 11 -2.47 -11.05 -1.70
CA GLU A 11 -3.34 -10.40 -0.74
C GLU A 11 -2.73 -10.42 0.66
N VAL A 12 -2.51 -9.25 1.23
CA VAL A 12 -1.94 -9.14 2.56
C VAL A 12 -2.96 -8.63 3.57
N SER A 13 -3.42 -9.52 4.44
CA SER A 13 -4.41 -9.17 5.45
C SER A 13 -3.73 -8.80 6.77
N TYR A 14 -4.00 -7.59 7.25
CA TYR A 14 -3.42 -7.12 8.51
C TYR A 14 -4.37 -7.34 9.67
N LYS A 15 -4.09 -6.67 10.78
CA LYS A 15 -4.92 -6.78 11.98
C LYS A 15 -6.39 -6.52 11.64
N HIS A 16 -6.64 -5.42 10.94
CA HIS A 16 -8.00 -5.06 10.54
C HIS A 16 -8.02 -4.44 9.15
N MET A 17 -7.04 -4.83 8.32
CA MET A 17 -6.96 -4.31 6.97
C MET A 17 -6.59 -5.43 6.00
N ARG A 18 -6.56 -5.10 4.71
CA ARG A 18 -6.23 -6.07 3.67
C ARG A 18 -5.87 -5.38 2.36
N PHE A 19 -4.63 -5.54 1.93
CA PHE A 19 -4.16 -4.93 0.69
C PHE A 19 -3.83 -5.99 -0.36
N LEU A 20 -3.59 -5.56 -1.58
CA LEU A 20 -3.26 -6.46 -2.66
C LEU A 20 -2.05 -5.96 -3.45
N ILE A 21 -0.91 -6.62 -3.26
CA ILE A 21 0.31 -6.25 -3.95
C ILE A 21 0.39 -6.92 -5.33
N THR A 22 0.47 -6.10 -6.37
CA THR A 22 0.54 -6.60 -7.73
C THR A 22 1.83 -7.39 -7.94
N HIS A 23 1.72 -8.47 -8.73
CA HIS A 23 2.88 -9.31 -9.02
C HIS A 23 3.54 -8.91 -10.33
N ASN A 24 2.74 -8.86 -11.40
CA ASN A 24 3.25 -8.48 -12.71
C ASN A 24 3.77 -7.05 -12.71
N PRO A 25 4.61 -6.72 -13.70
CA PRO A 25 5.20 -5.39 -13.84
C PRO A 25 4.16 -4.34 -14.24
N THR A 26 3.34 -3.93 -13.27
CA THR A 26 2.31 -2.93 -13.52
C THR A 26 1.35 -3.40 -14.61
N ASN A 27 0.27 -2.64 -14.81
CA ASN A 27 -0.73 -2.98 -15.82
C ASN A 27 -0.25 -2.58 -17.20
N ALA A 28 -0.05 -3.58 -18.05
CA ALA A 28 0.40 -3.35 -19.42
C ALA A 28 -0.77 -3.00 -20.34
N THR A 29 -1.93 -3.57 -20.04
CA THR A 29 -3.12 -3.33 -20.83
C THR A 29 -4.23 -2.70 -20.00
N LEU A 30 -4.15 -2.90 -18.68
CA LEU A 30 -5.15 -2.35 -17.76
C LEU A 30 -6.51 -3.00 -17.99
N SER A 31 -6.53 -4.07 -18.78
CA SER A 31 -7.76 -4.78 -19.07
C SER A 31 -8.04 -5.83 -18.01
N THR A 32 -7.19 -6.86 -17.96
CA THR A 32 -7.34 -7.94 -17.00
C THR A 32 -6.97 -7.48 -15.59
N PHE A 33 -6.05 -6.53 -15.52
CA PHE A 33 -5.59 -6.00 -14.24
C PHE A 33 -6.78 -5.61 -13.35
N ILE A 34 -7.69 -4.82 -13.93
CA ILE A 34 -8.87 -4.38 -13.19
C ILE A 34 -9.67 -5.56 -12.68
N GLU A 35 -9.75 -6.62 -13.49
CA GLU A 35 -10.49 -7.82 -13.10
C GLU A 35 -9.80 -8.53 -11.95
N ASP A 36 -8.48 -8.44 -11.91
CA ASP A 36 -7.70 -9.09 -10.85
C ASP A 36 -8.02 -8.49 -9.49
N LEU A 37 -8.00 -7.15 -9.42
CA LEU A 37 -8.29 -6.46 -8.17
C LEU A 37 -9.79 -6.45 -7.89
N LYS A 38 -10.58 -6.62 -8.94
CA LYS A 38 -12.03 -6.64 -8.82
C LYS A 38 -12.52 -8.01 -8.38
N LYS A 39 -11.87 -9.05 -8.88
CA LYS A 39 -12.24 -10.42 -8.54
C LYS A 39 -11.79 -10.77 -7.13
N TYR A 40 -10.62 -10.29 -6.74
CA TYR A 40 -10.08 -10.55 -5.41
C TYR A 40 -10.94 -9.88 -4.34
N GLY A 41 -11.83 -8.99 -4.76
CA GLY A 41 -12.69 -8.29 -3.83
C GLY A 41 -12.03 -7.05 -3.25
N ALA A 42 -11.24 -6.37 -4.06
CA ALA A 42 -10.55 -5.17 -3.63
C ALA A 42 -11.13 -3.93 -4.28
N THR A 43 -11.69 -3.03 -3.47
CA THR A 43 -12.29 -1.81 -3.97
C THR A 43 -11.25 -0.69 -4.08
N THR A 44 -10.08 -1.03 -4.57
CA THR A 44 -9.00 -0.06 -4.73
C THR A 44 -8.03 -0.47 -5.83
N VAL A 45 -7.61 0.49 -6.64
CA VAL A 45 -6.68 0.22 -7.73
C VAL A 45 -5.23 0.30 -7.25
N VAL A 46 -4.38 -0.55 -7.81
CA VAL A 46 -2.97 -0.58 -7.44
C VAL A 46 -2.21 0.54 -8.14
N ARG A 47 -2.81 1.72 -8.18
CA ARG A 47 -2.18 2.88 -8.83
C ARG A 47 -0.98 3.35 -8.02
N VAL A 48 -0.69 2.65 -6.93
CA VAL A 48 0.45 3.00 -6.07
C VAL A 48 1.77 2.77 -6.80
N CYS A 49 2.11 3.68 -7.70
CA CYS A 49 3.36 3.56 -8.45
C CYS A 49 3.51 4.73 -9.43
N GLU A 50 4.42 4.59 -10.39
CA GLU A 50 4.66 5.64 -11.37
C GLU A 50 3.51 5.72 -12.37
N VAL A 51 2.33 6.05 -11.87
CA VAL A 51 1.14 6.16 -12.70
C VAL A 51 1.03 7.56 -13.31
N THR A 52 0.58 7.63 -14.56
CA THR A 52 0.43 8.91 -15.25
C THR A 52 -0.68 8.84 -16.29
N TYR A 53 -1.81 8.23 -15.90
CA TYR A 53 -2.95 8.11 -16.80
C TYR A 53 -4.25 8.39 -16.06
N ASP A 54 -5.26 8.85 -16.80
CA ASP A 54 -6.56 9.15 -16.22
C ASP A 54 -7.38 7.89 -16.04
N LYS A 55 -7.87 7.69 -14.82
CA LYS A 55 -8.68 6.51 -14.50
C LYS A 55 -10.04 6.58 -15.20
N THR A 56 -10.20 5.77 -16.25
CA THR A 56 -11.45 5.75 -17.00
C THR A 56 -12.32 4.58 -16.58
N PRO A 57 -11.78 3.36 -16.69
CA PRO A 57 -12.49 2.13 -16.33
C PRO A 57 -12.68 2.01 -14.82
N LEU A 58 -11.59 1.73 -14.10
CA LEU A 58 -11.65 1.58 -12.66
C LEU A 58 -12.39 2.75 -12.02
N GLU A 59 -12.49 3.85 -12.76
CA GLU A 59 -13.18 5.04 -12.26
C GLU A 59 -14.68 4.81 -12.19
N LYS A 60 -15.27 4.40 -13.31
CA LYS A 60 -16.70 4.15 -13.38
C LYS A 60 -17.07 2.88 -12.61
N ASP A 61 -16.07 2.05 -12.35
CA ASP A 61 -16.27 0.81 -11.63
C ASP A 61 -16.48 1.07 -10.14
N GLY A 62 -16.32 2.33 -9.74
CA GLY A 62 -16.49 2.70 -8.35
C GLY A 62 -15.35 2.21 -7.48
N ILE A 63 -14.17 2.09 -8.08
CA ILE A 63 -13.00 1.63 -7.35
C ILE A 63 -12.10 2.80 -6.95
N THR A 64 -11.70 2.83 -5.69
CA THR A 64 -10.84 3.90 -5.19
C THR A 64 -9.50 3.91 -5.91
N VAL A 65 -9.15 5.06 -6.48
CA VAL A 65 -7.89 5.20 -7.19
C VAL A 65 -6.75 5.51 -6.23
N VAL A 66 -5.88 4.51 -6.03
CA VAL A 66 -4.73 4.66 -5.13
C VAL A 66 -3.45 4.89 -5.92
N ASP A 67 -3.15 6.14 -6.22
CA ASP A 67 -1.95 6.49 -6.97
C ASP A 67 -0.94 7.20 -6.08
N TRP A 68 0.25 6.62 -5.95
CA TRP A 68 1.31 7.20 -5.13
C TRP A 68 2.68 6.94 -5.74
N PRO A 69 3.61 7.89 -5.53
CA PRO A 69 4.98 7.78 -6.05
C PRO A 69 5.78 6.69 -5.34
N PHE A 70 5.09 5.86 -4.57
CA PHE A 70 5.74 4.77 -3.84
C PHE A 70 6.67 3.99 -4.76
N ASP A 71 6.37 4.00 -6.05
CA ASP A 71 7.17 3.28 -7.04
C ASP A 71 8.66 3.53 -6.80
N ASP A 72 9.12 4.73 -7.15
CA ASP A 72 10.52 5.09 -6.98
C ASP A 72 10.67 6.58 -6.69
N GLY A 73 11.55 6.90 -5.75
CA GLY A 73 11.76 8.30 -5.39
C GLY A 73 10.95 8.71 -4.18
N ALA A 74 9.92 9.51 -4.41
CA ALA A 74 9.05 9.99 -3.34
C ALA A 74 9.84 10.82 -2.33
N PRO A 75 9.12 11.65 -1.56
CA PRO A 75 9.74 12.52 -0.55
C PRO A 75 10.28 11.74 0.63
N PRO A 76 11.53 12.02 1.00
CA PRO A 76 12.21 11.35 2.12
C PRO A 76 11.61 11.75 3.47
N PRO A 77 11.04 12.95 3.52
CA PRO A 77 10.42 13.48 4.75
C PRO A 77 9.15 12.74 5.13
N GLY A 78 8.41 13.29 6.09
CA GLY A 78 7.17 12.66 6.53
C GLY A 78 5.97 13.14 5.74
N LYS A 79 6.13 13.25 4.43
CA LYS A 79 5.05 13.71 3.56
C LYS A 79 4.22 12.53 3.07
N VAL A 80 4.89 11.54 2.50
CA VAL A 80 4.21 10.35 1.99
C VAL A 80 3.25 9.78 3.02
N VAL A 81 3.61 9.90 4.29
CA VAL A 81 2.78 9.40 5.38
C VAL A 81 1.33 9.85 5.22
N GLU A 82 1.14 11.11 4.84
CA GLU A 82 -0.19 11.66 4.64
C GLU A 82 -1.01 10.78 3.70
N ASP A 83 -0.41 10.43 2.56
CA ASP A 83 -1.08 9.60 1.57
C ASP A 83 -1.28 8.18 2.11
N TRP A 84 -0.32 7.71 2.89
CA TRP A 84 -0.40 6.36 3.46
C TRP A 84 -1.69 6.18 4.25
N LEU A 85 -1.82 6.90 5.36
CA LEU A 85 -3.00 6.82 6.20
C LEU A 85 -4.26 7.20 5.42
N SER A 86 -4.14 8.26 4.61
CA SER A 86 -5.26 8.73 3.81
C SER A 86 -5.91 7.57 3.05
N LEU A 87 -5.08 6.75 2.41
CA LEU A 87 -5.58 5.62 1.64
C LEU A 87 -6.13 4.54 2.58
N VAL A 88 -5.26 3.96 3.39
CA VAL A 88 -5.65 2.92 4.33
C VAL A 88 -6.88 3.34 5.14
N LYS A 89 -7.09 4.65 5.24
CA LYS A 89 -8.23 5.19 5.98
C LYS A 89 -9.45 5.32 5.07
N ALA A 90 -9.20 5.61 3.80
CA ALA A 90 -10.27 5.78 2.82
C ALA A 90 -10.83 4.42 2.40
N LYS A 91 -9.98 3.60 1.79
CA LYS A 91 -10.39 2.27 1.34
C LYS A 91 -11.19 1.56 2.42
N PHE A 92 -10.79 1.74 3.68
CA PHE A 92 -11.47 1.11 4.79
C PHE A 92 -12.70 1.91 5.21
N CYS A 93 -12.66 3.21 4.95
CA CYS A 93 -13.77 4.09 5.30
C CYS A 93 -14.85 4.05 4.22
N GLU A 94 -14.48 3.56 3.04
CA GLU A 94 -15.42 3.47 1.93
C GLU A 94 -15.99 2.07 1.81
N ALA A 95 -15.25 1.08 2.31
CA ALA A 95 -15.68 -0.31 2.26
C ALA A 95 -15.60 -0.96 3.64
N PRO A 96 -16.31 -2.07 3.81
CA PRO A 96 -16.34 -2.81 5.08
C PRO A 96 -15.01 -3.51 5.37
N GLY A 97 -13.96 -3.10 4.65
CA GLY A 97 -12.66 -3.70 4.85
C GLY A 97 -12.33 -4.73 3.78
N SER A 98 -12.94 -4.58 2.61
CA SER A 98 -12.71 -5.50 1.51
C SER A 98 -11.21 -5.71 1.28
N CYS A 99 -10.64 -4.93 0.37
CA CYS A 99 -9.21 -5.04 0.07
C CYS A 99 -8.71 -3.78 -0.64
N VAL A 100 -7.40 -3.58 -0.63
CA VAL A 100 -6.79 -2.42 -1.26
C VAL A 100 -5.67 -2.84 -2.21
N ALA A 101 -5.93 -2.70 -3.51
CA ALA A 101 -4.94 -3.06 -4.53
C ALA A 101 -3.92 -1.95 -4.70
N VAL A 102 -2.65 -2.27 -4.47
CA VAL A 102 -1.58 -1.29 -4.61
C VAL A 102 -0.37 -1.90 -5.32
N HIS A 103 0.32 -1.08 -6.11
CA HIS A 103 1.49 -1.54 -6.85
C HIS A 103 2.75 -1.39 -6.01
N CYS A 104 3.61 -2.41 -6.04
CA CYS A 104 4.85 -2.40 -5.29
C CYS A 104 5.92 -3.26 -5.97
N VAL A 105 7.18 -2.99 -5.64
CA VAL A 105 8.29 -3.73 -6.22
C VAL A 105 8.52 -5.04 -5.48
N ALA A 106 9.68 -5.65 -5.71
CA ALA A 106 10.02 -6.91 -5.06
C ALA A 106 9.81 -6.83 -3.55
N GLY A 107 9.98 -5.63 -3.00
CA GLY A 107 9.81 -5.44 -1.57
C GLY A 107 11.06 -4.88 -0.90
N LEU A 108 11.86 -5.78 -0.34
CA LEU A 108 13.09 -5.38 0.34
C LEU A 108 12.88 -4.11 1.15
N GLY A 109 12.89 -2.96 0.47
CA GLY A 109 12.69 -1.69 1.14
C GLY A 109 11.23 -1.31 1.24
N ARG A 110 10.72 -0.67 0.19
CA ARG A 110 9.32 -0.24 0.16
C ARG A 110 8.43 -1.24 0.90
N ALA A 111 8.66 -2.52 0.66
CA ALA A 111 7.89 -3.57 1.31
C ALA A 111 7.70 -3.29 2.78
N PRO A 112 8.76 -3.51 3.57
CA PRO A 112 8.73 -3.28 5.02
C PRO A 112 8.66 -1.80 5.37
N VAL A 113 9.32 -0.97 4.56
CA VAL A 113 9.32 0.47 4.78
C VAL A 113 7.90 1.03 4.78
N LEU A 114 7.16 0.77 3.73
CA LEU A 114 5.79 1.25 3.61
C LEU A 114 4.91 0.65 4.70
N VAL A 115 4.83 -0.68 4.73
CA VAL A 115 4.03 -1.37 5.73
C VAL A 115 4.39 -0.91 7.14
N ALA A 116 5.64 -0.57 7.34
CA ALA A 116 6.11 -0.11 8.65
C ALA A 116 5.43 1.20 9.05
N LEU A 117 5.37 2.14 8.11
CA LEU A 117 4.75 3.43 8.36
C LEU A 117 3.30 3.25 8.83
N ALA A 118 2.53 2.47 8.08
CA ALA A 118 1.13 2.22 8.41
C ALA A 118 1.03 1.37 9.66
N LEU A 119 1.93 0.40 9.81
CA LEU A 119 1.92 -0.49 10.96
C LEU A 119 2.05 0.31 12.26
N ILE A 120 3.00 1.24 12.28
CA ILE A 120 3.22 2.08 13.45
C ILE A 120 2.01 2.97 13.73
N GLU A 121 1.50 3.60 12.68
CA GLU A 121 0.34 4.48 12.81
C GLU A 121 -0.90 3.69 13.24
N SER A 122 -0.90 2.40 12.93
CA SER A 122 -2.02 1.53 13.28
C SER A 122 -2.13 1.35 14.79
N GLY A 123 -1.01 1.57 15.48
CA GLY A 123 -1.00 1.41 16.93
C GLY A 123 0.11 0.50 17.40
N MET A 124 1.10 0.26 16.54
CA MET A 124 2.22 -0.59 16.87
C MET A 124 3.46 0.23 17.24
N LYS A 125 4.31 -0.34 18.09
CA LYS A 125 5.52 0.35 18.52
C LYS A 125 6.57 0.35 17.40
N TYR A 126 7.19 1.51 17.20
CA TYR A 126 8.20 1.65 16.16
C TYR A 126 9.28 0.57 16.30
N GLU A 127 9.83 0.46 17.51
CA GLU A 127 10.87 -0.53 17.78
C GLU A 127 10.36 -1.95 17.47
N ASP A 128 9.28 -2.33 18.13
CA ASP A 128 8.69 -3.65 17.94
C ASP A 128 8.49 -3.95 16.45
N ALA A 129 7.75 -3.08 15.78
CA ALA A 129 7.47 -3.24 14.36
C ALA A 129 8.77 -3.43 13.58
N ILE A 130 9.74 -2.56 13.82
CA ILE A 130 11.02 -2.62 13.14
C ILE A 130 11.67 -3.99 13.31
N GLN A 131 11.87 -4.40 14.56
CA GLN A 131 12.47 -5.69 14.86
C GLN A 131 11.76 -6.81 14.09
N PHE A 132 10.48 -6.63 13.85
CA PHE A 132 9.69 -7.62 13.13
C PHE A 132 10.11 -7.69 11.66
N ILE A 133 9.87 -6.60 10.93
CA ILE A 133 10.24 -6.55 9.52
C ILE A 133 11.75 -6.57 9.34
N ARG A 134 12.47 -6.38 10.43
CA ARG A 134 13.93 -6.37 10.39
C ARG A 134 14.48 -7.78 10.61
N GLN A 135 13.90 -8.50 11.56
CA GLN A 135 14.33 -9.85 11.87
C GLN A 135 13.87 -10.83 10.81
N LYS A 136 12.80 -10.47 10.11
CA LYS A 136 12.24 -11.32 9.06
C LYS A 136 13.30 -11.62 8.00
N ARG A 137 14.34 -10.80 7.96
CA ARG A 137 15.42 -10.98 6.99
C ARG A 137 16.66 -10.21 7.41
N ARG A 138 16.63 -8.89 7.21
CA ARG A 138 17.76 -8.04 7.55
C ARG A 138 17.33 -6.58 7.66
N GLY A 139 18.29 -5.67 7.52
CA GLY A 139 17.99 -4.26 7.59
C GLY A 139 16.97 -3.83 6.55
N ALA A 140 15.70 -3.96 6.89
CA ALA A 140 14.61 -3.58 5.98
C ALA A 140 14.29 -2.09 6.11
N ILE A 141 13.85 -1.69 7.30
CA ILE A 141 13.50 -0.29 7.54
C ILE A 141 14.69 0.48 8.11
N ASN A 142 15.82 -0.21 8.24
CA ASN A 142 17.04 0.42 8.76
C ASN A 142 17.41 1.65 7.95
N SER A 143 18.36 2.42 8.46
CA SER A 143 18.81 3.63 7.78
C SER A 143 17.87 4.81 8.07
N LYS A 144 17.84 5.77 7.16
CA LYS A 144 16.98 6.94 7.32
C LYS A 144 15.61 6.54 7.83
N GLN A 145 15.01 5.55 7.18
CA GLN A 145 13.68 5.08 7.56
C GLN A 145 13.60 4.86 9.07
N LEU A 146 14.56 4.11 9.61
CA LEU A 146 14.60 3.83 11.04
C LEU A 146 14.65 5.12 11.85
N THR A 147 15.65 5.94 11.59
CA THR A 147 15.81 7.21 12.29
C THR A 147 14.55 8.07 12.17
N TYR A 148 13.90 7.98 11.01
CA TYR A 148 12.70 8.75 10.76
C TYR A 148 11.67 8.53 11.86
N LEU A 149 11.23 7.28 12.00
CA LEU A 149 10.24 6.92 13.02
C LEU A 149 10.79 7.18 14.42
N GLU A 150 12.11 7.08 14.56
CA GLU A 150 12.75 7.30 15.86
C GLU A 150 12.40 8.68 16.41
N LYS A 151 12.49 9.70 15.56
CA LYS A 151 12.18 11.07 15.95
C LYS A 151 10.72 11.40 15.65
N TYR A 152 10.16 10.75 14.64
CA TYR A 152 8.78 10.98 14.25
C TYR A 152 7.83 10.61 15.39
N ARG A 153 6.69 11.30 15.43
CA ARG A 153 5.69 11.05 16.47
C ARG A 153 4.35 10.67 15.85
N PRO A 154 3.73 9.60 16.38
CA PRO A 154 2.44 9.11 15.90
C PRO A 154 1.30 10.05 16.24
N LYS A 155 0.64 10.57 15.20
CA LYS A 155 -0.48 11.48 15.39
C LYS A 155 -1.76 10.73 15.74
N GLN A 156 -1.64 9.41 15.88
CA GLN A 156 -2.79 8.56 16.21
C GLN A 156 -3.80 8.55 15.06
N ARG A 157 -3.28 8.62 13.83
CA ARG A 157 -4.13 8.61 12.65
C ARG A 157 -4.92 7.31 12.55
N LEU A 158 -4.20 6.20 12.51
CA LEU A 158 -4.82 4.88 12.41
C LEU A 158 -4.99 4.26 13.80
N ARG A 159 -6.05 4.66 14.49
CA ARG A 159 -6.32 4.14 15.83
C ARG A 159 -5.37 4.76 16.85
N PHE A 160 -5.39 4.20 18.06
CA PHE A 160 -4.53 4.69 19.14
C PHE A 160 -3.23 3.90 19.19
N LYS A 161 -2.11 4.61 19.35
CA LYS A 161 -0.80 3.98 19.42
C LYS A 161 -0.20 4.12 20.81
N ASP A 162 0.82 3.32 21.09
CA ASP A 162 1.49 3.36 22.39
C ASP A 162 0.48 3.20 23.52
N MET A 1 -2.90 -2.75 -25.44
CA MET A 1 -3.46 -3.22 -24.18
C MET A 1 -4.32 -4.46 -24.39
N ALA A 2 -3.70 -5.63 -24.24
CA ALA A 2 -4.40 -6.89 -24.41
C ALA A 2 -3.50 -8.07 -24.08
N ARG A 3 -3.70 -8.67 -22.90
CA ARG A 3 -2.90 -9.81 -22.48
C ARG A 3 -3.40 -10.34 -21.13
N MET A 4 -2.69 -11.33 -20.59
CA MET A 4 -3.06 -11.93 -19.32
C MET A 4 -4.42 -12.62 -19.41
N ASN A 5 -4.68 -13.53 -18.48
CA ASN A 5 -5.95 -14.25 -18.46
C ASN A 5 -6.40 -14.53 -17.03
N ARG A 6 -5.63 -15.34 -16.31
CA ARG A 6 -5.95 -15.69 -14.93
C ARG A 6 -4.84 -15.23 -13.99
N PRO A 7 -4.69 -13.91 -13.85
CA PRO A 7 -3.66 -13.31 -12.98
C PRO A 7 -3.96 -13.54 -11.51
N ALA A 8 -3.01 -14.13 -10.80
CA ALA A 8 -3.17 -14.40 -9.38
C ALA A 8 -2.31 -13.46 -8.54
N PRO A 9 -2.91 -12.35 -8.08
CA PRO A 9 -2.22 -11.35 -7.27
C PRO A 9 -1.90 -11.86 -5.87
N VAL A 10 -1.55 -10.95 -4.98
CA VAL A 10 -1.22 -11.30 -3.60
C VAL A 10 -2.03 -10.47 -2.61
N GLU A 11 -2.90 -11.13 -1.87
CA GLU A 11 -3.73 -10.46 -0.88
C GLU A 11 -3.11 -10.54 0.50
N VAL A 12 -2.85 -9.37 1.10
CA VAL A 12 -2.26 -9.31 2.43
C VAL A 12 -3.28 -8.85 3.47
N SER A 13 -3.73 -9.78 4.30
CA SER A 13 -4.70 -9.48 5.34
C SER A 13 -4.01 -9.10 6.65
N TYR A 14 -4.27 -7.89 7.13
CA TYR A 14 -3.67 -7.42 8.37
C TYR A 14 -4.62 -7.61 9.54
N LYS A 15 -4.33 -6.93 10.65
CA LYS A 15 -5.16 -7.04 11.85
C LYS A 15 -6.63 -6.79 11.51
N HIS A 16 -6.89 -5.68 10.82
CA HIS A 16 -8.25 -5.33 10.43
C HIS A 16 -8.28 -4.70 9.04
N MET A 17 -7.43 -5.21 8.15
CA MET A 17 -7.36 -4.71 6.79
C MET A 17 -6.96 -5.81 5.81
N ARG A 18 -6.98 -5.50 4.53
CA ARG A 18 -6.62 -6.47 3.49
C ARG A 18 -6.30 -5.76 2.18
N PHE A 19 -5.03 -5.77 1.80
CA PHE A 19 -4.59 -5.13 0.57
C PHE A 19 -4.29 -6.17 -0.50
N LEU A 20 -3.93 -5.70 -1.69
CA LEU A 20 -3.60 -6.59 -2.80
C LEU A 20 -2.39 -6.09 -3.57
N ILE A 21 -1.26 -6.77 -3.39
CA ILE A 21 -0.02 -6.40 -4.06
C ILE A 21 0.11 -7.11 -5.40
N THR A 22 0.27 -6.34 -6.47
CA THR A 22 0.40 -6.90 -7.80
C THR A 22 1.86 -6.93 -8.25
N HIS A 23 2.20 -7.90 -9.07
CA HIS A 23 3.58 -8.04 -9.57
C HIS A 23 3.99 -6.80 -10.37
N ASN A 24 3.50 -6.71 -11.59
CA ASN A 24 3.82 -5.57 -12.46
C ASN A 24 3.16 -5.73 -13.82
N PRO A 25 3.51 -6.80 -14.54
CA PRO A 25 2.97 -7.09 -15.86
C PRO A 25 1.49 -7.49 -15.81
N THR A 26 1.03 -7.84 -14.62
CA THR A 26 -0.37 -8.24 -14.43
C THR A 26 -1.32 -7.14 -14.87
N ASN A 27 -0.83 -5.90 -14.91
CA ASN A 27 -1.64 -4.77 -15.32
C ASN A 27 -1.00 -4.05 -16.51
N ALA A 28 -0.47 -4.82 -17.45
CA ALA A 28 0.15 -4.26 -18.64
C ALA A 28 -0.89 -3.91 -19.70
N THR A 29 -2.12 -4.35 -19.48
CA THR A 29 -3.21 -4.08 -20.42
C THR A 29 -4.36 -3.37 -19.74
N LEU A 30 -4.47 -3.55 -18.42
CA LEU A 30 -5.53 -2.92 -17.65
C LEU A 30 -6.89 -3.57 -17.95
N SER A 31 -6.85 -4.67 -18.71
CA SER A 31 -8.06 -5.38 -19.07
C SER A 31 -8.44 -6.40 -17.99
N THR A 32 -7.51 -7.33 -17.72
CA THR A 32 -7.74 -8.35 -16.71
C THR A 32 -7.36 -7.85 -15.31
N PHE A 33 -6.55 -6.79 -15.28
CA PHE A 33 -6.12 -6.22 -14.01
C PHE A 33 -7.31 -5.76 -13.18
N ILE A 34 -8.20 -5.00 -13.79
CA ILE A 34 -9.38 -4.51 -13.10
C ILE A 34 -10.22 -5.66 -12.54
N GLU A 35 -10.36 -6.72 -13.33
CA GLU A 35 -11.14 -7.87 -12.91
C GLU A 35 -10.46 -8.58 -11.74
N ASP A 36 -9.13 -8.55 -11.72
CA ASP A 36 -8.37 -9.19 -10.65
C ASP A 36 -8.68 -8.55 -9.30
N LEU A 37 -8.57 -7.22 -9.24
CA LEU A 37 -8.85 -6.50 -8.00
C LEU A 37 -10.35 -6.45 -7.73
N LYS A 38 -11.14 -6.64 -8.77
CA LYS A 38 -12.60 -6.63 -8.63
C LYS A 38 -13.11 -7.97 -8.13
N LYS A 39 -12.47 -9.05 -8.58
CA LYS A 39 -12.86 -10.40 -8.17
C LYS A 39 -12.39 -10.69 -6.75
N TYR A 40 -11.21 -10.19 -6.41
CA TYR A 40 -10.65 -10.40 -5.08
C TYR A 40 -11.45 -9.64 -4.02
N GLY A 41 -12.35 -8.78 -4.48
CA GLY A 41 -13.17 -8.01 -3.56
C GLY A 41 -12.45 -6.76 -3.06
N ALA A 42 -11.62 -6.18 -3.92
CA ALA A 42 -10.88 -4.98 -3.54
C ALA A 42 -11.49 -3.74 -4.20
N THR A 43 -11.90 -2.79 -3.36
CA THR A 43 -12.52 -1.56 -3.86
C THR A 43 -11.46 -0.46 -4.05
N THR A 44 -10.25 -0.87 -4.41
CA THR A 44 -9.15 0.06 -4.61
C THR A 44 -8.25 -0.39 -5.76
N VAL A 45 -7.74 0.57 -6.52
CA VAL A 45 -6.86 0.27 -7.64
C VAL A 45 -5.39 0.33 -7.22
N VAL A 46 -4.60 -0.60 -7.75
CA VAL A 46 -3.17 -0.65 -7.44
C VAL A 46 -2.41 0.49 -8.11
N ARG A 47 -3.08 1.62 -8.25
CA ARG A 47 -2.48 2.79 -8.89
C ARG A 47 -1.25 3.26 -8.11
N VAL A 48 -0.98 2.60 -6.98
CA VAL A 48 0.16 2.95 -6.14
C VAL A 48 1.47 2.63 -6.84
N CYS A 49 1.88 3.49 -7.75
CA CYS A 49 3.13 3.30 -8.49
C CYS A 49 3.34 4.41 -9.50
N GLU A 50 4.23 4.18 -10.46
CA GLU A 50 4.54 5.17 -11.48
C GLU A 50 3.39 5.27 -12.49
N VAL A 51 2.20 5.60 -12.00
CA VAL A 51 1.02 5.74 -12.85
C VAL A 51 1.10 7.02 -13.68
N THR A 52 0.61 6.93 -14.91
CA THR A 52 0.61 8.08 -15.81
C THR A 52 -0.54 8.02 -16.79
N TYR A 53 -1.71 7.60 -16.29
CA TYR A 53 -2.90 7.49 -17.13
C TYR A 53 -4.15 7.87 -16.35
N ASP A 54 -5.13 8.44 -17.03
CA ASP A 54 -6.38 8.86 -16.40
C ASP A 54 -7.27 7.64 -16.14
N LYS A 55 -7.74 7.52 -14.90
CA LYS A 55 -8.60 6.41 -14.51
C LYS A 55 -9.95 6.49 -15.22
N THR A 56 -10.12 5.67 -16.26
CA THR A 56 -11.36 5.65 -17.02
C THR A 56 -12.27 4.53 -16.56
N PRO A 57 -11.75 3.28 -16.64
CA PRO A 57 -12.50 2.10 -16.23
C PRO A 57 -12.73 2.03 -14.73
N LEU A 58 -11.65 1.76 -13.99
CA LEU A 58 -11.72 1.67 -12.54
C LEU A 58 -12.47 2.87 -11.95
N GLU A 59 -12.55 3.94 -12.73
CA GLU A 59 -13.23 5.15 -12.29
C GLU A 59 -14.74 4.94 -12.25
N LYS A 60 -15.30 4.45 -13.35
CA LYS A 60 -16.73 4.21 -13.44
C LYS A 60 -17.11 2.93 -12.68
N ASP A 61 -16.12 2.11 -12.38
CA ASP A 61 -16.34 0.87 -11.65
C ASP A 61 -16.57 1.14 -10.17
N GLY A 62 -16.48 2.41 -9.78
CA GLY A 62 -16.68 2.79 -8.39
C GLY A 62 -15.55 2.30 -7.49
N ILE A 63 -14.37 2.15 -8.07
CA ILE A 63 -13.21 1.68 -7.31
C ILE A 63 -12.32 2.85 -6.91
N THR A 64 -11.87 2.84 -5.65
CA THR A 64 -11.00 3.89 -5.14
C THR A 64 -9.67 3.94 -5.89
N VAL A 65 -9.40 5.06 -6.52
CA VAL A 65 -8.16 5.24 -7.28
C VAL A 65 -6.98 5.54 -6.35
N VAL A 66 -6.08 4.58 -6.20
CA VAL A 66 -4.92 4.75 -5.35
C VAL A 66 -3.65 4.97 -6.17
N ASP A 67 -3.35 6.23 -6.47
CA ASP A 67 -2.16 6.56 -7.24
C ASP A 67 -1.14 7.31 -6.39
N TRP A 68 -0.01 6.66 -6.14
CA TRP A 68 1.04 7.27 -5.33
C TRP A 68 2.42 6.92 -5.89
N PRO A 69 3.31 7.92 -5.96
CA PRO A 69 4.67 7.75 -6.47
C PRO A 69 5.54 6.92 -5.54
N PHE A 70 5.10 5.70 -5.25
CA PHE A 70 5.84 4.80 -4.36
C PHE A 70 6.52 3.70 -5.15
N ASP A 71 6.63 3.89 -6.46
CA ASP A 71 7.26 2.90 -7.33
C ASP A 71 8.36 3.55 -8.18
N ASP A 72 8.91 4.65 -7.67
CA ASP A 72 9.97 5.37 -8.39
C ASP A 72 10.98 5.94 -7.41
N GLY A 73 10.57 6.99 -6.69
CA GLY A 73 11.46 7.62 -5.73
C GLY A 73 10.73 8.06 -4.47
N ALA A 74 9.63 8.78 -4.65
CA ALA A 74 8.84 9.27 -3.52
C ALA A 74 9.62 10.28 -2.71
N PRO A 75 8.91 11.06 -1.87
CA PRO A 75 9.51 12.09 -1.02
C PRO A 75 10.36 11.49 0.10
N PRO A 76 11.59 11.99 0.24
CA PRO A 76 12.52 11.52 1.27
C PRO A 76 12.08 11.92 2.68
N PRO A 77 11.31 13.02 2.77
CA PRO A 77 10.80 13.53 4.04
C PRO A 77 9.75 12.61 4.66
N GLY A 78 8.77 12.23 3.86
CA GLY A 78 7.71 11.35 4.33
C GLY A 78 6.34 12.00 4.25
N LYS A 79 6.03 12.57 3.10
CA LYS A 79 4.74 13.22 2.89
C LYS A 79 3.68 12.22 2.44
N VAL A 80 4.14 11.11 1.86
CA VAL A 80 3.23 10.07 1.39
C VAL A 80 2.40 9.49 2.54
N VAL A 81 2.97 9.52 3.74
CA VAL A 81 2.29 9.00 4.91
C VAL A 81 0.84 9.47 4.96
N GLU A 82 0.61 10.74 4.63
CA GLU A 82 -0.73 11.30 4.64
C GLU A 82 -1.66 10.49 3.74
N ASP A 83 -1.16 10.11 2.57
CA ASP A 83 -1.95 9.33 1.61
C ASP A 83 -2.08 7.88 2.09
N TRP A 84 -1.10 7.41 2.83
CA TRP A 84 -1.11 6.05 3.34
C TRP A 84 -2.34 5.80 4.20
N LEU A 85 -2.40 6.46 5.35
CA LEU A 85 -3.52 6.32 6.26
C LEU A 85 -4.83 6.72 5.58
N SER A 86 -4.78 7.79 4.81
CA SER A 86 -5.96 8.29 4.10
C SER A 86 -6.52 7.22 3.17
N LEU A 87 -5.65 6.63 2.37
CA LEU A 87 -6.05 5.60 1.42
C LEU A 87 -6.78 4.46 2.13
N VAL A 88 -6.10 3.82 3.09
CA VAL A 88 -6.68 2.73 3.84
C VAL A 88 -7.92 3.18 4.59
N LYS A 89 -7.80 4.25 5.36
CA LYS A 89 -8.91 4.79 6.13
C LYS A 89 -10.11 5.04 5.22
N ALA A 90 -9.86 5.19 3.93
CA ALA A 90 -10.92 5.44 2.96
C ALA A 90 -11.48 4.12 2.42
N LYS A 91 -10.66 3.38 1.70
CA LYS A 91 -11.08 2.11 1.13
C LYS A 91 -11.78 1.24 2.18
N PHE A 92 -11.34 1.37 3.43
CA PHE A 92 -11.93 0.61 4.52
C PHE A 92 -13.20 1.28 5.04
N CYS A 93 -13.16 2.60 5.17
CA CYS A 93 -14.31 3.36 5.65
C CYS A 93 -15.36 3.50 4.55
N GLU A 94 -14.98 3.18 3.32
CA GLU A 94 -15.90 3.27 2.18
C GLU A 94 -16.43 1.89 1.80
N ALA A 95 -15.65 0.86 2.10
CA ALA A 95 -16.04 -0.51 1.79
C ALA A 95 -16.08 -1.37 3.04
N PRO A 96 -17.03 -2.32 3.07
CA PRO A 96 -17.20 -3.23 4.21
C PRO A 96 -16.06 -4.23 4.35
N GLY A 97 -15.01 -3.82 5.06
CA GLY A 97 -13.86 -4.69 5.25
C GLY A 97 -13.37 -5.28 3.95
N SER A 98 -13.67 -4.62 2.84
CA SER A 98 -13.25 -5.09 1.52
C SER A 98 -11.73 -5.17 1.44
N CYS A 99 -11.22 -5.31 0.21
CA CYS A 99 -9.78 -5.40 -0.01
C CYS A 99 -9.27 -4.17 -0.74
N VAL A 100 -7.95 -4.01 -0.76
CA VAL A 100 -7.33 -2.86 -1.42
C VAL A 100 -6.26 -3.32 -2.41
N ALA A 101 -6.28 -2.76 -3.61
CA ALA A 101 -5.30 -3.10 -4.63
C ALA A 101 -4.21 -2.04 -4.73
N VAL A 102 -2.97 -2.45 -4.46
CA VAL A 102 -1.84 -1.53 -4.53
C VAL A 102 -0.67 -2.14 -5.31
N HIS A 103 0.02 -1.30 -6.07
CA HIS A 103 1.16 -1.76 -6.86
C HIS A 103 2.46 -1.63 -6.08
N CYS A 104 3.27 -2.69 -6.11
CA CYS A 104 4.55 -2.69 -5.40
C CYS A 104 5.54 -3.62 -6.09
N VAL A 105 6.83 -3.40 -5.83
CA VAL A 105 7.88 -4.22 -6.42
C VAL A 105 8.06 -5.52 -5.64
N ALA A 106 9.19 -6.19 -5.87
CA ALA A 106 9.48 -7.44 -5.20
C ALA A 106 9.29 -7.31 -3.68
N GLY A 107 9.43 -6.09 -3.18
CA GLY A 107 9.27 -5.85 -1.76
C GLY A 107 10.51 -5.24 -1.13
N LEU A 108 11.35 -6.09 -0.56
CA LEU A 108 12.58 -5.63 0.09
C LEU A 108 12.34 -4.34 0.86
N GLY A 109 12.30 -3.22 0.13
CA GLY A 109 12.08 -1.94 0.77
C GLY A 109 10.60 -1.58 0.85
N ARG A 110 10.06 -1.00 -0.21
CA ARG A 110 8.66 -0.62 -0.24
C ARG A 110 7.81 -1.61 0.54
N ALA A 111 8.08 -2.90 0.37
CA ALA A 111 7.34 -3.93 1.07
C ALA A 111 7.15 -3.59 2.54
N PRO A 112 8.23 -3.74 3.33
CA PRO A 112 8.21 -3.45 4.76
C PRO A 112 8.10 -1.97 5.05
N VAL A 113 8.64 -1.15 4.15
CA VAL A 113 8.61 0.30 4.30
C VAL A 113 7.18 0.82 4.34
N LEU A 114 6.38 0.42 3.35
CA LEU A 114 4.99 0.84 3.26
C LEU A 114 4.19 0.29 4.43
N VAL A 115 4.21 -1.03 4.60
CA VAL A 115 3.48 -1.67 5.68
C VAL A 115 3.91 -1.13 7.04
N ALA A 116 5.19 -0.77 7.14
CA ALA A 116 5.73 -0.22 8.38
C ALA A 116 5.04 1.09 8.75
N LEU A 117 4.89 1.97 7.76
CA LEU A 117 4.26 3.27 7.98
C LEU A 117 2.87 3.10 8.60
N ALA A 118 2.02 2.31 7.94
CA ALA A 118 0.67 2.06 8.43
C ALA A 118 0.70 1.24 9.71
N LEU A 119 1.65 0.32 9.80
CA LEU A 119 1.78 -0.53 10.98
C LEU A 119 1.99 0.31 12.24
N ILE A 120 2.86 1.31 12.13
CA ILE A 120 3.16 2.19 13.26
C ILE A 120 1.94 3.02 13.64
N GLU A 121 1.32 3.65 12.64
CA GLU A 121 0.13 4.47 12.88
C GLU A 121 -1.02 3.63 13.39
N SER A 122 -0.95 2.32 13.12
CA SER A 122 -2.00 1.40 13.54
C SER A 122 -2.01 1.24 15.06
N GLY A 123 -0.91 1.64 15.70
CA GLY A 123 -0.81 1.53 17.14
C GLY A 123 0.39 0.69 17.57
N MET A 124 1.32 0.48 16.66
CA MET A 124 2.51 -0.30 16.96
C MET A 124 3.73 0.60 17.17
N LYS A 125 4.68 0.12 17.95
CA LYS A 125 5.89 0.89 18.24
C LYS A 125 6.85 0.86 17.05
N TYR A 126 7.40 2.02 16.71
CA TYR A 126 8.33 2.13 15.59
C TYR A 126 9.43 1.09 15.70
N GLU A 127 10.12 1.08 16.84
CA GLU A 127 11.20 0.13 17.07
C GLU A 127 10.71 -1.31 16.91
N ASP A 128 9.70 -1.67 17.68
CA ASP A 128 9.15 -3.01 17.62
C ASP A 128 8.81 -3.41 16.18
N ALA A 129 7.99 -2.61 15.53
CA ALA A 129 7.60 -2.86 14.15
C ALA A 129 8.82 -3.06 13.26
N ILE A 130 9.79 -2.17 13.38
CA ILE A 130 11.01 -2.25 12.59
C ILE A 130 11.72 -3.58 12.81
N GLN A 131 12.03 -3.88 14.06
CA GLN A 131 12.71 -5.12 14.41
C GLN A 131 12.01 -6.32 13.78
N PHE A 132 10.69 -6.23 13.65
CA PHE A 132 9.90 -7.30 13.06
C PHE A 132 10.18 -7.42 11.56
N ILE A 133 9.78 -6.41 10.80
CA ILE A 133 10.00 -6.41 9.36
C ILE A 133 11.49 -6.42 9.03
N ARG A 134 12.31 -6.11 10.02
CA ARG A 134 13.76 -6.08 9.83
C ARG A 134 14.37 -7.46 10.06
N GLN A 135 13.93 -8.12 11.12
CA GLN A 135 14.43 -9.46 11.46
C GLN A 135 13.98 -10.48 10.43
N LYS A 136 12.91 -10.15 9.70
CA LYS A 136 12.37 -11.04 8.68
C LYS A 136 13.31 -11.12 7.47
N ARG A 137 14.20 -10.14 7.37
CA ARG A 137 15.16 -10.11 6.27
C ARG A 137 16.13 -8.93 6.43
N ARG A 138 16.91 -8.96 7.50
CA ARG A 138 17.87 -7.91 7.77
C ARG A 138 17.23 -6.53 7.65
N GLY A 139 18.06 -5.49 7.66
CA GLY A 139 17.54 -4.14 7.56
C GLY A 139 16.64 -3.95 6.36
N ALA A 140 15.33 -4.10 6.57
CA ALA A 140 14.36 -3.95 5.50
C ALA A 140 13.91 -2.50 5.36
N ILE A 141 13.50 -1.90 6.46
CA ILE A 141 13.05 -0.51 6.46
C ILE A 141 14.20 0.43 6.80
N ASN A 142 15.32 -0.14 7.23
CA ASN A 142 16.49 0.65 7.59
C ASN A 142 16.70 1.80 6.60
N SER A 143 17.51 2.77 7.00
CA SER A 143 17.79 3.92 6.15
C SER A 143 16.89 5.10 6.51
N LYS A 144 16.75 6.04 5.58
CA LYS A 144 15.92 7.21 5.81
C LYS A 144 14.62 6.84 6.51
N GLN A 145 14.02 5.73 6.07
CA GLN A 145 12.78 5.26 6.67
C GLN A 145 12.89 5.19 8.19
N LEU A 146 13.85 4.42 8.67
CA LEU A 146 14.06 4.27 10.11
C LEU A 146 14.21 5.62 10.78
N THR A 147 15.14 6.43 10.28
CA THR A 147 15.39 7.75 10.83
C THR A 147 14.12 8.60 10.82
N TYR A 148 13.32 8.44 9.77
CA TYR A 148 12.07 9.20 9.64
C TYR A 148 11.18 8.99 10.86
N LEU A 149 10.80 7.75 11.10
CA LEU A 149 9.94 7.42 12.24
C LEU A 149 10.67 7.67 13.56
N GLU A 150 12.00 7.67 13.51
CA GLU A 150 12.82 7.89 14.69
C GLU A 150 12.58 9.29 15.26
N LYS A 151 12.59 10.29 14.39
CA LYS A 151 12.38 11.67 14.80
C LYS A 151 10.90 12.04 14.72
N TYR A 152 10.13 11.19 14.03
CA TYR A 152 8.69 11.43 13.88
C TYR A 152 7.92 10.91 15.08
N ARG A 153 6.79 11.56 15.39
CA ARG A 153 5.97 11.16 16.52
C ARG A 153 4.56 10.82 16.06
N PRO A 154 4.03 9.69 16.56
CA PRO A 154 2.68 9.22 16.23
C PRO A 154 1.59 10.12 16.82
N LYS A 155 0.78 10.72 15.95
CA LYS A 155 -0.30 11.60 16.38
C LYS A 155 -1.56 10.79 16.66
N GLN A 156 -1.46 9.47 16.56
CA GLN A 156 -2.59 8.60 16.81
C GLN A 156 -3.71 8.84 15.80
N ARG A 157 -3.48 8.43 14.55
CA ARG A 157 -4.46 8.61 13.48
C ARG A 157 -5.26 7.33 13.27
N LEU A 158 -4.56 6.21 13.15
CA LEU A 158 -5.20 4.92 12.93
C LEU A 158 -5.57 4.26 14.26
N ARG A 159 -4.88 4.66 15.32
CA ARG A 159 -5.13 4.11 16.64
C ARG A 159 -4.20 4.72 17.68
N PHE A 160 -4.18 4.16 18.88
CA PHE A 160 -3.33 4.65 19.96
C PHE A 160 -1.92 4.10 19.83
N LYS A 161 -0.96 4.99 19.60
CA LYS A 161 0.43 4.59 19.46
C LYS A 161 1.24 4.99 20.68
N ASP A 162 2.33 4.28 20.93
CA ASP A 162 3.19 4.57 22.08
C ASP A 162 3.54 6.05 22.12
N MET A 1 -6.08 -3.97 -26.60
CA MET A 1 -6.14 -4.35 -25.20
C MET A 1 -6.59 -5.80 -25.05
N ALA A 2 -5.84 -6.71 -25.65
CA ALA A 2 -6.16 -8.13 -25.58
C ALA A 2 -6.10 -8.63 -24.13
N ARG A 3 -7.25 -9.02 -23.60
CA ARG A 3 -7.33 -9.51 -22.23
C ARG A 3 -7.72 -10.99 -22.21
N MET A 4 -6.88 -11.81 -21.60
CA MET A 4 -7.13 -13.25 -21.51
C MET A 4 -6.02 -13.95 -20.74
N ASN A 5 -6.19 -14.07 -19.42
CA ASN A 5 -5.20 -14.73 -18.58
C ASN A 5 -5.69 -14.81 -17.13
N ARG A 6 -5.07 -15.68 -16.36
CA ARG A 6 -5.44 -15.87 -14.96
C ARG A 6 -4.33 -15.39 -14.03
N PRO A 7 -4.20 -14.07 -13.90
CA PRO A 7 -3.18 -13.45 -13.04
C PRO A 7 -3.46 -13.67 -11.56
N ALA A 8 -2.48 -14.24 -10.86
CA ALA A 8 -2.61 -14.51 -9.43
C ALA A 8 -1.76 -13.54 -8.60
N PRO A 9 -2.38 -12.44 -8.16
CA PRO A 9 -1.69 -11.42 -7.36
C PRO A 9 -1.36 -11.92 -5.95
N VAL A 10 -1.01 -10.98 -5.07
CA VAL A 10 -0.67 -11.33 -3.69
C VAL A 10 -1.50 -10.52 -2.71
N GLU A 11 -2.33 -11.22 -1.93
CA GLU A 11 -3.18 -10.58 -0.94
C GLU A 11 -2.51 -10.58 0.44
N VAL A 12 -2.33 -9.39 1.00
CA VAL A 12 -1.71 -9.25 2.31
C VAL A 12 -2.71 -8.77 3.35
N SER A 13 -3.14 -9.69 4.22
CA SER A 13 -4.10 -9.36 5.27
C SER A 13 -3.39 -8.98 6.56
N TYR A 14 -3.66 -7.76 7.03
CA TYR A 14 -3.05 -7.27 8.27
C TYR A 14 -3.99 -7.43 9.44
N LYS A 15 -3.67 -6.78 10.55
CA LYS A 15 -4.49 -6.85 11.76
C LYS A 15 -5.94 -6.50 11.45
N HIS A 16 -6.13 -5.38 10.75
CA HIS A 16 -7.47 -4.93 10.38
C HIS A 16 -7.48 -4.34 8.98
N MET A 17 -6.69 -4.92 8.08
CA MET A 17 -6.62 -4.45 6.71
C MET A 17 -6.27 -5.59 5.76
N ARG A 18 -6.31 -5.31 4.46
CA ARG A 18 -6.02 -6.32 3.45
C ARG A 18 -5.73 -5.66 2.10
N PHE A 19 -4.45 -5.66 1.71
CA PHE A 19 -4.05 -5.06 0.44
C PHE A 19 -3.76 -6.14 -0.60
N LEU A 20 -3.45 -5.71 -1.81
CA LEU A 20 -3.15 -6.64 -2.90
C LEU A 20 -1.98 -6.15 -3.72
N ILE A 21 -0.83 -6.81 -3.57
CA ILE A 21 0.37 -6.44 -4.31
C ILE A 21 0.45 -7.20 -5.63
N THR A 22 0.43 -6.46 -6.73
CA THR A 22 0.51 -7.05 -8.05
C THR A 22 1.90 -7.61 -8.33
N HIS A 23 2.92 -6.76 -8.17
CA HIS A 23 4.29 -7.17 -8.40
C HIS A 23 4.50 -7.56 -9.86
N ASN A 24 3.60 -7.13 -10.73
CA ASN A 24 3.69 -7.44 -12.15
C ASN A 24 4.23 -6.23 -12.92
N PRO A 25 4.71 -6.49 -14.15
CA PRO A 25 5.26 -5.45 -15.02
C PRO A 25 4.18 -4.50 -15.55
N THR A 26 3.70 -3.62 -14.68
CA THR A 26 2.66 -2.67 -15.06
C THR A 26 1.44 -3.39 -15.63
N ASN A 27 0.45 -2.61 -16.04
CA ASN A 27 -0.78 -3.17 -16.61
C ASN A 27 -0.53 -3.69 -18.03
N ALA A 28 -0.92 -4.94 -18.26
CA ALA A 28 -0.74 -5.56 -19.57
C ALA A 28 -1.88 -5.19 -20.50
N THR A 29 -3.11 -5.43 -20.07
CA THR A 29 -4.29 -5.12 -20.86
C THR A 29 -5.31 -4.31 -20.06
N LEU A 30 -5.04 -4.14 -18.77
CA LEU A 30 -5.91 -3.37 -17.90
C LEU A 30 -7.18 -4.17 -17.57
N SER A 31 -7.91 -4.55 -18.61
CA SER A 31 -9.15 -5.31 -18.43
C SER A 31 -8.94 -6.45 -17.43
N THR A 32 -8.00 -7.34 -17.74
CA THR A 32 -7.71 -8.47 -16.87
C THR A 32 -7.24 -8.00 -15.49
N PHE A 33 -6.48 -6.91 -15.47
CA PHE A 33 -5.98 -6.36 -14.22
C PHE A 33 -7.12 -5.96 -13.29
N ILE A 34 -8.08 -5.21 -13.83
CA ILE A 34 -9.23 -4.76 -13.06
C ILE A 34 -10.00 -5.94 -12.48
N GLU A 35 -10.13 -7.00 -13.28
CA GLU A 35 -10.84 -8.20 -12.84
C GLU A 35 -10.11 -8.87 -11.68
N ASP A 36 -8.79 -8.85 -11.72
CA ASP A 36 -7.98 -9.47 -10.67
C ASP A 36 -8.27 -8.82 -9.32
N LEU A 37 -8.16 -7.49 -9.26
CA LEU A 37 -8.42 -6.76 -8.03
C LEU A 37 -9.91 -6.77 -7.69
N LYS A 38 -10.74 -6.99 -8.70
CA LYS A 38 -12.18 -7.02 -8.51
C LYS A 38 -12.63 -8.37 -7.97
N LYS A 39 -11.98 -9.44 -8.42
CA LYS A 39 -12.30 -10.79 -7.98
C LYS A 39 -11.80 -11.04 -6.57
N TYR A 40 -10.64 -10.45 -6.25
CA TYR A 40 -10.05 -10.60 -4.92
C TYR A 40 -10.85 -9.83 -3.87
N GLY A 41 -11.80 -9.04 -4.32
CA GLY A 41 -12.62 -8.26 -3.41
C GLY A 41 -11.94 -6.98 -2.96
N ALA A 42 -11.11 -6.42 -3.84
CA ALA A 42 -10.39 -5.18 -3.54
C ALA A 42 -11.06 -3.99 -4.20
N THR A 43 -11.48 -3.02 -3.40
CA THR A 43 -12.12 -1.82 -3.92
C THR A 43 -11.12 -0.70 -4.12
N THR A 44 -9.91 -1.07 -4.55
CA THR A 44 -8.86 -0.08 -4.79
C THR A 44 -7.96 -0.52 -5.95
N VAL A 45 -7.47 0.46 -6.70
CA VAL A 45 -6.60 0.17 -7.84
C VAL A 45 -5.13 0.20 -7.42
N VAL A 46 -4.34 -0.72 -7.99
CA VAL A 46 -2.92 -0.80 -7.68
C VAL A 46 -2.14 0.33 -8.33
N ARG A 47 -2.79 1.49 -8.44
CA ARG A 47 -2.16 2.66 -9.06
C ARG A 47 -0.96 3.11 -8.24
N VAL A 48 -0.68 2.42 -7.14
CA VAL A 48 0.44 2.74 -6.27
C VAL A 48 1.77 2.49 -6.98
N CYS A 49 2.15 3.41 -7.87
CA CYS A 49 3.41 3.28 -8.60
C CYS A 49 3.57 4.44 -9.58
N GLU A 50 4.49 4.27 -10.54
CA GLU A 50 4.75 5.30 -11.53
C GLU A 50 3.61 5.37 -12.56
N VAL A 51 2.41 5.65 -12.07
CA VAL A 51 1.24 5.74 -12.93
C VAL A 51 1.10 7.14 -13.50
N THR A 52 0.56 7.23 -14.72
CA THR A 52 0.37 8.51 -15.38
C THR A 52 -0.81 8.47 -16.34
N TYR A 53 -1.88 7.79 -15.93
CA TYR A 53 -3.07 7.68 -16.75
C TYR A 53 -4.33 8.00 -15.94
N ASP A 54 -5.37 8.45 -16.63
CA ASP A 54 -6.62 8.80 -15.98
C ASP A 54 -7.47 7.56 -15.73
N LYS A 55 -8.07 7.48 -14.55
CA LYS A 55 -8.91 6.34 -14.19
C LYS A 55 -10.22 6.36 -14.97
N THR A 56 -10.29 5.53 -16.01
CA THR A 56 -11.49 5.45 -16.83
C THR A 56 -12.35 4.25 -16.43
N PRO A 57 -11.76 3.05 -16.52
CA PRO A 57 -12.46 1.80 -16.18
C PRO A 57 -12.72 1.68 -14.69
N LEU A 58 -11.66 1.46 -13.92
CA LEU A 58 -11.77 1.32 -12.47
C LEU A 58 -12.58 2.46 -11.88
N GLU A 59 -12.68 3.56 -12.62
CA GLU A 59 -13.43 4.73 -12.17
C GLU A 59 -14.93 4.43 -12.13
N LYS A 60 -15.45 3.93 -13.24
CA LYS A 60 -16.87 3.61 -13.34
C LYS A 60 -17.20 2.36 -12.53
N ASP A 61 -16.17 1.57 -12.22
CA ASP A 61 -16.35 0.35 -11.45
C ASP A 61 -16.52 0.66 -9.96
N GLY A 62 -16.42 1.94 -9.63
CA GLY A 62 -16.56 2.35 -8.24
C GLY A 62 -15.40 1.90 -7.38
N ILE A 63 -14.21 1.85 -7.97
CA ILE A 63 -13.02 1.42 -7.25
C ILE A 63 -12.11 2.61 -6.95
N THR A 64 -11.65 2.70 -5.71
CA THR A 64 -10.76 3.79 -5.29
C THR A 64 -9.44 3.74 -6.05
N VAL A 65 -9.10 4.83 -6.72
CA VAL A 65 -7.86 4.92 -7.47
C VAL A 65 -6.68 5.30 -6.57
N VAL A 66 -5.79 4.34 -6.33
CA VAL A 66 -4.63 4.57 -5.49
C VAL A 66 -3.39 4.82 -6.32
N ASP A 67 -3.13 6.09 -6.64
CA ASP A 67 -1.97 6.46 -7.44
C ASP A 67 -0.96 7.22 -6.60
N TRP A 68 0.21 6.61 -6.39
CA TRP A 68 1.26 7.23 -5.60
C TRP A 68 2.64 6.87 -6.15
N PRO A 69 3.61 7.77 -5.96
CA PRO A 69 4.99 7.56 -6.42
C PRO A 69 5.71 6.47 -5.65
N PHE A 70 4.94 5.67 -4.90
CA PHE A 70 5.51 4.58 -4.12
C PHE A 70 6.59 3.84 -4.91
N ASP A 71 6.37 3.72 -6.22
CA ASP A 71 7.32 3.03 -7.08
C ASP A 71 8.53 3.92 -7.39
N ASP A 72 9.30 4.24 -6.35
CA ASP A 72 10.48 5.08 -6.51
C ASP A 72 10.08 6.50 -6.89
N GLY A 73 10.82 7.48 -6.37
CA GLY A 73 10.54 8.87 -6.68
C GLY A 73 9.50 9.46 -5.74
N ALA A 74 9.69 9.24 -4.44
CA ALA A 74 8.77 9.77 -3.43
C ALA A 74 9.49 10.66 -2.44
N PRO A 75 8.72 11.51 -1.73
CA PRO A 75 9.27 12.43 -0.73
C PRO A 75 9.80 11.71 0.50
N PRO A 76 11.02 12.04 0.92
CA PRO A 76 11.66 11.43 2.08
C PRO A 76 11.00 11.86 3.39
N PRO A 77 10.38 13.05 3.38
CA PRO A 77 9.70 13.61 4.55
C PRO A 77 8.43 12.85 4.90
N GLY A 78 7.67 13.37 5.85
CA GLY A 78 6.44 12.73 6.27
C GLY A 78 5.24 13.16 5.44
N LYS A 79 5.42 13.18 4.12
CA LYS A 79 4.35 13.58 3.21
C LYS A 79 3.53 12.37 2.77
N VAL A 80 4.20 11.38 2.19
CA VAL A 80 3.53 10.18 1.72
C VAL A 80 2.66 9.58 2.81
N VAL A 81 3.08 9.74 4.06
CA VAL A 81 2.34 9.22 5.20
C VAL A 81 0.86 9.62 5.12
N GLU A 82 0.61 10.87 4.75
CA GLU A 82 -0.75 11.37 4.63
C GLU A 82 -1.59 10.46 3.73
N ASP A 83 -1.06 10.15 2.56
CA ASP A 83 -1.76 9.29 1.61
C ASP A 83 -1.86 7.86 2.14
N TRP A 84 -0.84 7.44 2.87
CA TRP A 84 -0.81 6.09 3.44
C TRP A 84 -2.05 5.83 4.28
N LEU A 85 -2.17 6.52 5.40
CA LEU A 85 -3.31 6.37 6.29
C LEU A 85 -4.61 6.71 5.58
N SER A 86 -4.61 7.84 4.86
CA SER A 86 -5.78 8.29 4.13
C SER A 86 -6.34 7.17 3.26
N LEU A 87 -5.47 6.59 2.44
CA LEU A 87 -5.87 5.49 1.54
C LEU A 87 -6.43 4.32 2.33
N VAL A 88 -5.58 3.70 3.15
CA VAL A 88 -5.99 2.57 3.96
C VAL A 88 -7.23 2.90 4.77
N LYS A 89 -7.44 4.18 5.03
CA LYS A 89 -8.60 4.63 5.80
C LYS A 89 -9.81 4.86 4.89
N ALA A 90 -9.54 5.08 3.60
CA ALA A 90 -10.60 5.31 2.63
C ALA A 90 -11.11 3.99 2.06
N LYS A 91 -10.23 3.27 1.38
CA LYS A 91 -10.59 1.99 0.79
C LYS A 91 -11.37 1.12 1.78
N PHE A 92 -11.06 1.29 3.06
CA PHE A 92 -11.73 0.52 4.10
C PHE A 92 -13.01 1.23 4.56
N CYS A 93 -12.99 2.55 4.50
CA CYS A 93 -14.15 3.34 4.91
C CYS A 93 -15.17 3.42 3.78
N GLU A 94 -14.76 3.07 2.58
CA GLU A 94 -15.64 3.10 1.42
C GLU A 94 -16.22 1.72 1.14
N ALA A 95 -15.48 0.69 1.51
CA ALA A 95 -15.93 -0.69 1.31
C ALA A 95 -15.95 -1.47 2.62
N PRO A 96 -16.82 -2.48 2.69
CA PRO A 96 -16.96 -3.33 3.88
C PRO A 96 -15.74 -4.22 4.11
N GLY A 97 -14.75 -3.68 4.81
CA GLY A 97 -13.54 -4.43 5.09
C GLY A 97 -12.98 -5.12 3.85
N SER A 98 -13.28 -4.55 2.69
CA SER A 98 -12.81 -5.12 1.43
C SER A 98 -11.28 -5.14 1.38
N CYS A 99 -10.73 -5.36 0.20
CA CYS A 99 -9.29 -5.41 0.01
C CYS A 99 -8.79 -4.20 -0.78
N VAL A 100 -7.48 -4.02 -0.80
CA VAL A 100 -6.89 -2.89 -1.52
C VAL A 100 -5.85 -3.39 -2.52
N ALA A 101 -5.89 -2.82 -3.73
CA ALA A 101 -4.94 -3.20 -4.78
C ALA A 101 -3.86 -2.14 -4.96
N VAL A 102 -2.61 -2.54 -4.72
CA VAL A 102 -1.49 -1.62 -4.86
C VAL A 102 -0.36 -2.24 -5.67
N HIS A 103 0.37 -1.40 -6.39
CA HIS A 103 1.48 -1.88 -7.22
C HIS A 103 2.80 -1.80 -6.45
N CYS A 104 3.71 -2.72 -6.75
CA CYS A 104 5.00 -2.76 -6.09
C CYS A 104 6.07 -3.32 -7.02
N VAL A 105 7.27 -2.74 -6.96
CA VAL A 105 8.38 -3.19 -7.80
C VAL A 105 8.77 -4.62 -7.47
N ALA A 106 9.81 -4.75 -6.63
CA ALA A 106 10.30 -6.06 -6.24
C ALA A 106 9.95 -6.35 -4.77
N GLY A 107 9.85 -5.29 -3.98
CA GLY A 107 9.53 -5.45 -2.56
C GLY A 107 10.54 -4.79 -1.67
N LEU A 108 11.42 -5.59 -1.06
CA LEU A 108 12.44 -5.08 -0.17
C LEU A 108 12.04 -3.71 0.38
N GLY A 109 13.04 -2.86 0.63
CA GLY A 109 12.77 -1.53 1.16
C GLY A 109 11.29 -1.25 1.26
N ARG A 110 10.72 -0.69 0.20
CA ARG A 110 9.30 -0.35 0.18
C ARG A 110 8.50 -1.34 1.02
N ALA A 111 8.54 -2.61 0.64
CA ALA A 111 7.83 -3.66 1.36
C ALA A 111 7.68 -3.30 2.84
N PRO A 112 8.78 -3.45 3.60
CA PRO A 112 8.81 -3.14 5.03
C PRO A 112 8.70 -1.65 5.31
N VAL A 113 9.24 -0.83 4.41
CA VAL A 113 9.20 0.61 4.56
C VAL A 113 7.76 1.11 4.65
N LEU A 114 6.98 0.85 3.60
CA LEU A 114 5.58 1.27 3.57
C LEU A 114 4.79 0.64 4.70
N VAL A 115 4.76 -0.69 4.73
CA VAL A 115 4.04 -1.41 5.77
C VAL A 115 4.41 -0.90 7.16
N ALA A 116 5.68 -0.51 7.33
CA ALA A 116 6.15 0.01 8.61
C ALA A 116 5.43 1.30 8.98
N LEU A 117 5.32 2.21 8.02
CA LEU A 117 4.67 3.49 8.24
C LEU A 117 3.24 3.29 8.76
N ALA A 118 2.49 2.43 8.07
CA ALA A 118 1.12 2.14 8.46
C ALA A 118 1.07 1.36 9.77
N LEU A 119 2.02 0.45 9.95
CA LEU A 119 2.10 -0.37 11.16
C LEU A 119 2.22 0.51 12.40
N ILE A 120 3.13 1.46 12.36
CA ILE A 120 3.34 2.37 13.47
C ILE A 120 2.10 3.22 13.74
N GLU A 121 1.56 3.81 12.67
CA GLU A 121 0.37 4.65 12.78
C GLU A 121 -0.81 3.85 13.31
N SER A 122 -0.70 2.53 13.24
CA SER A 122 -1.77 1.64 13.71
C SER A 122 -1.78 1.56 15.23
N GLY A 123 -0.64 1.89 15.84
CA GLY A 123 -0.54 1.86 17.28
C GLY A 123 0.60 0.99 17.76
N MET A 124 1.57 0.74 16.89
CA MET A 124 2.72 -0.09 17.23
C MET A 124 3.97 0.77 17.44
N LYS A 125 4.88 0.28 18.27
CA LYS A 125 6.11 1.01 18.56
C LYS A 125 7.05 0.99 17.37
N TYR A 126 7.61 2.16 17.05
CA TYR A 126 8.52 2.28 15.92
C TYR A 126 9.65 1.24 16.01
N GLU A 127 10.29 1.18 17.16
CA GLU A 127 11.39 0.22 17.38
C GLU A 127 10.88 -1.20 17.23
N ASP A 128 9.86 -1.55 17.99
CA ASP A 128 9.28 -2.90 17.94
C ASP A 128 8.98 -3.31 16.50
N ALA A 129 8.18 -2.50 15.81
CA ALA A 129 7.83 -2.78 14.43
C ALA A 129 9.07 -2.97 13.56
N ILE A 130 10.01 -2.05 13.67
CA ILE A 130 11.24 -2.12 12.89
C ILE A 130 11.95 -3.45 13.12
N GLN A 131 12.25 -3.76 14.38
CA GLN A 131 12.93 -5.00 14.72
C GLN A 131 12.22 -6.20 14.10
N PHE A 132 10.90 -6.09 13.96
CA PHE A 132 10.11 -7.16 13.37
C PHE A 132 10.42 -7.33 11.89
N ILE A 133 10.09 -6.31 11.10
CA ILE A 133 10.34 -6.34 9.67
C ILE A 133 11.83 -6.34 9.36
N ARG A 134 12.64 -6.03 10.38
CA ARG A 134 14.08 -6.00 10.22
C ARG A 134 14.70 -7.36 10.50
N GLN A 135 14.21 -8.03 11.54
CA GLN A 135 14.71 -9.34 11.92
C GLN A 135 14.24 -10.41 10.93
N LYS A 136 13.09 -10.15 10.32
CA LYS A 136 12.53 -11.09 9.34
C LYS A 136 13.53 -11.38 8.22
N ARG A 137 14.50 -10.49 8.06
CA ARG A 137 15.51 -10.65 7.03
C ARG A 137 16.83 -10.01 7.46
N ARG A 138 16.96 -8.71 7.21
CA ARG A 138 18.17 -7.98 7.57
C ARG A 138 18.16 -6.59 6.96
N GLY A 139 18.19 -5.57 7.82
CA GLY A 139 18.18 -4.20 7.35
C GLY A 139 17.15 -3.96 6.27
N ALA A 140 15.89 -4.17 6.62
CA ALA A 140 14.79 -3.99 5.67
C ALA A 140 14.39 -2.51 5.60
N ILE A 141 13.97 -1.96 6.73
CA ILE A 141 13.54 -0.58 6.79
C ILE A 141 14.70 0.33 7.23
N ASN A 142 15.70 -0.26 7.86
CA ASN A 142 16.86 0.48 8.33
C ASN A 142 17.22 1.59 7.34
N SER A 143 17.85 2.65 7.86
CA SER A 143 18.24 3.78 7.02
C SER A 143 17.38 5.00 7.33
N LYS A 144 17.31 5.92 6.36
CA LYS A 144 16.53 7.14 6.53
C LYS A 144 15.18 6.84 7.16
N GLN A 145 14.62 5.67 6.85
CA GLN A 145 13.33 5.26 7.39
C GLN A 145 13.36 5.25 8.91
N LEU A 146 14.28 4.47 9.48
CA LEU A 146 14.41 4.36 10.93
C LEU A 146 14.57 5.73 11.56
N THR A 147 15.47 6.54 11.00
CA THR A 147 15.72 7.88 11.50
C THR A 147 14.47 8.75 11.39
N TYR A 148 13.71 8.54 10.32
CA TYR A 148 12.49 9.31 10.08
C TYR A 148 11.52 9.16 11.24
N LEU A 149 11.15 7.91 11.54
CA LEU A 149 10.22 7.62 12.62
C LEU A 149 10.84 7.96 13.97
N GLU A 150 12.17 7.92 14.03
CA GLU A 150 12.89 8.23 15.26
C GLU A 150 12.56 9.64 15.76
N LYS A 151 12.59 10.59 14.85
CA LYS A 151 12.29 11.98 15.18
C LYS A 151 10.81 12.28 15.01
N TYR A 152 10.16 11.55 14.10
CA TYR A 152 8.74 11.73 13.84
C TYR A 152 7.91 11.31 15.04
N ARG A 153 6.76 11.96 15.20
CA ARG A 153 5.86 11.65 16.32
C ARG A 153 4.51 11.16 15.80
N PRO A 154 4.04 10.03 16.38
CA PRO A 154 2.75 9.43 16.01
C PRO A 154 1.56 10.28 16.44
N LYS A 155 0.86 10.83 15.45
CA LYS A 155 -0.31 11.66 15.72
C LYS A 155 -1.55 10.81 15.95
N GLN A 156 -1.37 9.49 15.94
CA GLN A 156 -2.47 8.56 16.15
C GLN A 156 -3.54 8.75 15.07
N ARG A 157 -3.19 8.41 13.84
CA ARG A 157 -4.12 8.53 12.72
C ARG A 157 -4.95 7.26 12.55
N LEU A 158 -4.26 6.13 12.36
CA LEU A 158 -4.93 4.85 12.18
C LEU A 158 -5.45 4.32 13.52
N ARG A 159 -4.83 4.76 14.60
CA ARG A 159 -5.23 4.34 15.94
C ARG A 159 -4.34 4.98 17.01
N PHE A 160 -4.55 4.57 18.26
CA PHE A 160 -3.77 5.12 19.37
C PHE A 160 -2.42 4.41 19.48
N LYS A 161 -1.35 5.19 19.41
CA LYS A 161 0.00 4.64 19.51
C LYS A 161 0.67 5.05 20.82
N ASP A 162 1.79 4.42 21.13
CA ASP A 162 2.53 4.73 22.34
C ASP A 162 2.71 6.23 22.51
N MET A 1 -6.30 -4.55 -24.10
CA MET A 1 -7.62 -4.85 -23.56
C MET A 1 -8.20 -6.12 -24.20
N ALA A 2 -9.37 -6.53 -23.74
CA ALA A 2 -10.03 -7.72 -24.28
C ALA A 2 -9.16 -8.95 -24.09
N ARG A 3 -8.86 -9.28 -22.84
CA ARG A 3 -8.04 -10.45 -22.53
C ARG A 3 -8.55 -11.16 -21.28
N MET A 4 -8.39 -12.48 -21.25
CA MET A 4 -8.84 -13.27 -20.12
C MET A 4 -7.69 -13.53 -19.15
N ASN A 5 -6.79 -14.43 -19.53
CA ASN A 5 -5.64 -14.76 -18.69
C ASN A 5 -6.08 -15.14 -17.28
N ARG A 6 -5.12 -15.28 -16.38
CA ARG A 6 -5.42 -15.63 -14.99
C ARG A 6 -4.30 -15.19 -14.06
N PRO A 7 -4.15 -13.86 -13.92
CA PRO A 7 -3.12 -13.27 -13.06
C PRO A 7 -3.40 -13.50 -11.57
N ALA A 8 -2.43 -14.10 -10.89
CA ALA A 8 -2.57 -14.37 -9.46
C ALA A 8 -1.70 -13.43 -8.63
N PRO A 9 -2.30 -12.32 -8.17
CA PRO A 9 -1.59 -11.32 -7.36
C PRO A 9 -1.25 -11.84 -5.97
N VAL A 10 -0.90 -10.92 -5.07
CA VAL A 10 -0.56 -11.29 -3.70
C VAL A 10 -1.36 -10.47 -2.70
N GLU A 11 -2.25 -11.14 -1.97
CA GLU A 11 -3.07 -10.47 -0.97
C GLU A 11 -2.42 -10.54 0.41
N VAL A 12 -2.17 -9.37 1.01
CA VAL A 12 -1.56 -9.30 2.32
C VAL A 12 -2.56 -8.83 3.37
N SER A 13 -3.02 -9.77 4.20
CA SER A 13 -4.00 -9.46 5.25
C SER A 13 -3.29 -9.04 6.54
N TYR A 14 -3.56 -7.83 7.00
CA TYR A 14 -2.96 -7.32 8.22
C TYR A 14 -3.86 -7.56 9.42
N LYS A 15 -3.60 -6.84 10.51
CA LYS A 15 -4.40 -6.96 11.72
C LYS A 15 -5.87 -6.73 11.43
N HIS A 16 -6.17 -5.63 10.73
CA HIS A 16 -7.55 -5.30 10.38
C HIS A 16 -7.62 -4.72 8.98
N MET A 17 -6.69 -5.10 8.13
CA MET A 17 -6.65 -4.62 6.75
C MET A 17 -6.24 -5.74 5.79
N ARG A 18 -6.25 -5.42 4.50
CA ARG A 18 -5.88 -6.41 3.48
C ARG A 18 -5.57 -5.72 2.15
N PHE A 19 -4.31 -5.72 1.77
CA PHE A 19 -3.88 -5.10 0.51
C PHE A 19 -3.60 -6.16 -0.55
N LEU A 20 -3.28 -5.70 -1.76
CA LEU A 20 -2.98 -6.60 -2.86
C LEU A 20 -1.78 -6.10 -3.67
N ILE A 21 -0.65 -6.78 -3.51
CA ILE A 21 0.57 -6.40 -4.22
C ILE A 21 0.68 -7.16 -5.55
N THR A 22 0.75 -6.40 -6.64
CA THR A 22 0.86 -6.99 -7.98
C THR A 22 2.31 -7.23 -8.35
N HIS A 23 2.54 -7.69 -9.58
CA HIS A 23 3.89 -7.96 -10.06
C HIS A 23 4.08 -7.43 -11.48
N ASN A 24 3.06 -7.62 -12.32
CA ASN A 24 3.11 -7.16 -13.69
C ASN A 24 3.53 -5.70 -13.77
N PRO A 25 4.03 -5.29 -14.95
CA PRO A 25 4.48 -3.91 -15.18
C PRO A 25 3.32 -2.92 -15.21
N THR A 26 2.76 -2.63 -14.05
CA THR A 26 1.64 -1.70 -13.94
C THR A 26 0.54 -2.07 -14.92
N ASN A 27 -0.06 -3.24 -14.73
CA ASN A 27 -1.13 -3.71 -15.60
C ASN A 27 -0.62 -3.96 -17.01
N ALA A 28 -0.72 -5.21 -17.46
CA ALA A 28 -0.27 -5.58 -18.79
C ALA A 28 -1.30 -5.19 -19.85
N THR A 29 -2.57 -5.45 -19.55
CA THR A 29 -3.64 -5.13 -20.47
C THR A 29 -4.71 -4.28 -19.79
N LEU A 30 -4.59 -4.12 -18.48
CA LEU A 30 -5.55 -3.32 -17.72
C LEU A 30 -6.86 -4.09 -17.53
N SER A 31 -7.48 -4.47 -18.63
CA SER A 31 -8.75 -5.20 -18.58
C SER A 31 -8.68 -6.32 -17.56
N THR A 32 -7.69 -7.20 -17.70
CA THR A 32 -7.51 -8.32 -16.79
C THR A 32 -7.07 -7.84 -15.41
N PHE A 33 -6.31 -6.76 -15.38
CA PHE A 33 -5.82 -6.20 -14.13
C PHE A 33 -6.97 -5.79 -13.23
N ILE A 34 -7.89 -5.00 -13.78
CA ILE A 34 -9.04 -4.54 -13.03
C ILE A 34 -9.84 -5.70 -12.46
N GLU A 35 -9.96 -6.78 -13.24
CA GLU A 35 -10.69 -7.96 -12.81
C GLU A 35 -9.99 -8.65 -11.65
N ASP A 36 -8.66 -8.63 -11.68
CA ASP A 36 -7.86 -9.25 -10.63
C ASP A 36 -8.14 -8.60 -9.28
N LEU A 37 -8.06 -7.28 -9.23
CA LEU A 37 -8.31 -6.55 -7.99
C LEU A 37 -9.81 -6.53 -7.66
N LYS A 38 -10.63 -6.74 -8.68
CA LYS A 38 -12.07 -6.74 -8.50
C LYS A 38 -12.55 -8.09 -7.97
N LYS A 39 -11.91 -9.16 -8.44
CA LYS A 39 -12.26 -10.51 -8.02
C LYS A 39 -11.75 -10.79 -6.61
N TYR A 40 -10.57 -10.27 -6.29
CA TYR A 40 -9.97 -10.46 -4.98
C TYR A 40 -10.75 -9.70 -3.91
N GLY A 41 -11.67 -8.86 -4.35
CA GLY A 41 -12.48 -8.09 -3.41
C GLY A 41 -11.78 -6.82 -2.95
N ALA A 42 -10.97 -6.25 -3.83
CA ALA A 42 -10.23 -5.03 -3.51
C ALA A 42 -10.88 -3.81 -4.17
N THR A 43 -11.32 -2.86 -3.36
CA THR A 43 -11.95 -1.65 -3.87
C THR A 43 -10.94 -0.54 -4.07
N THR A 44 -9.71 -0.93 -4.43
CA THR A 44 -8.65 0.05 -4.66
C THR A 44 -7.74 -0.38 -5.80
N VAL A 45 -7.28 0.58 -6.58
CA VAL A 45 -6.40 0.30 -7.71
C VAL A 45 -4.94 0.32 -7.30
N VAL A 46 -4.16 -0.59 -7.87
CA VAL A 46 -2.73 -0.68 -7.56
C VAL A 46 -1.96 0.48 -8.18
N ARG A 47 -2.56 1.66 -8.15
CA ARG A 47 -1.92 2.85 -8.71
C ARG A 47 -0.71 3.25 -7.88
N VAL A 48 -0.41 2.47 -6.86
CA VAL A 48 0.73 2.75 -5.99
C VAL A 48 2.05 2.52 -6.73
N CYS A 49 2.41 3.46 -7.59
CA CYS A 49 3.65 3.37 -8.35
C CYS A 49 3.79 4.55 -9.30
N GLU A 50 4.69 4.41 -10.28
CA GLU A 50 4.91 5.47 -11.26
C GLU A 50 3.76 5.56 -12.25
N VAL A 51 2.56 5.81 -11.74
CA VAL A 51 1.37 5.92 -12.57
C VAL A 51 1.43 7.18 -13.43
N THR A 52 0.94 7.06 -14.66
CA THR A 52 0.92 8.19 -15.59
C THR A 52 -0.23 8.08 -16.58
N TYR A 53 -1.31 7.46 -16.15
CA TYR A 53 -2.48 7.28 -16.99
C TYR A 53 -3.77 7.65 -16.24
N ASP A 54 -4.68 8.32 -16.93
CA ASP A 54 -5.94 8.73 -16.33
C ASP A 54 -6.84 7.53 -16.07
N LYS A 55 -7.37 7.43 -14.86
CA LYS A 55 -8.24 6.33 -14.49
C LYS A 55 -9.58 6.44 -15.20
N THR A 56 -9.77 5.62 -16.24
CA THR A 56 -11.02 5.63 -17.00
C THR A 56 -11.93 4.50 -16.55
N PRO A 57 -11.43 3.26 -16.64
CA PRO A 57 -12.20 2.07 -16.25
C PRO A 57 -12.41 1.99 -14.74
N LEU A 58 -11.33 1.71 -14.02
CA LEU A 58 -11.40 1.60 -12.56
C LEU A 58 -12.13 2.79 -11.96
N GLU A 59 -12.20 3.88 -12.72
CA GLU A 59 -12.87 5.09 -12.27
C GLU A 59 -14.38 4.89 -12.20
N LYS A 60 -14.94 4.32 -13.27
CA LYS A 60 -16.38 4.07 -13.34
C LYS A 60 -16.74 2.80 -12.58
N ASP A 61 -15.74 1.99 -12.28
CA ASP A 61 -15.96 0.74 -11.55
C ASP A 61 -16.15 1.01 -10.06
N GLY A 62 -16.05 2.28 -9.67
CA GLY A 62 -16.22 2.65 -8.28
C GLY A 62 -15.08 2.17 -7.41
N ILE A 63 -13.89 2.08 -8.00
CA ILE A 63 -12.71 1.64 -7.28
C ILE A 63 -11.83 2.82 -6.88
N THR A 64 -11.40 2.84 -5.62
CA THR A 64 -10.56 3.90 -5.12
C THR A 64 -9.21 3.92 -5.82
N VAL A 65 -8.85 5.08 -6.39
CA VAL A 65 -7.58 5.22 -7.09
C VAL A 65 -6.44 5.47 -6.12
N VAL A 66 -5.56 4.48 -5.98
CA VAL A 66 -4.41 4.59 -5.09
C VAL A 66 -3.13 4.87 -5.86
N ASP A 67 -2.85 6.14 -6.09
CA ASP A 67 -1.65 6.55 -6.82
C ASP A 67 -0.64 7.21 -5.88
N TRP A 68 0.48 6.54 -5.64
CA TRP A 68 1.51 7.09 -4.76
C TRP A 68 2.90 6.82 -5.34
N PRO A 69 3.79 7.81 -5.21
CA PRO A 69 5.17 7.71 -5.71
C PRO A 69 6.00 6.71 -4.91
N PHE A 70 5.48 5.50 -4.76
CA PHE A 70 6.18 4.45 -4.02
C PHE A 70 7.01 3.59 -4.97
N ASP A 71 7.05 3.97 -6.24
CA ASP A 71 7.80 3.22 -7.23
C ASP A 71 8.80 4.13 -7.95
N ASP A 72 9.12 5.26 -7.34
CA ASP A 72 10.06 6.21 -7.91
C ASP A 72 11.01 6.74 -6.84
N GLY A 73 10.51 7.66 -6.02
CA GLY A 73 11.33 8.24 -4.97
C GLY A 73 10.51 8.72 -3.78
N ALA A 74 9.47 9.50 -4.07
CA ALA A 74 8.59 10.02 -3.02
C ALA A 74 9.37 10.93 -2.06
N PRO A 75 8.63 11.74 -1.30
CA PRO A 75 9.23 12.67 -0.34
C PRO A 75 9.84 11.96 0.85
N PRO A 76 11.08 12.36 1.21
CA PRO A 76 11.80 11.76 2.33
C PRO A 76 11.19 12.14 3.68
N PRO A 77 10.51 13.29 3.72
CA PRO A 77 9.87 13.79 4.94
C PRO A 77 8.66 12.95 5.33
N GLY A 78 7.92 13.41 6.35
CA GLY A 78 6.75 12.69 6.81
C GLY A 78 5.49 13.11 6.07
N LYS A 79 5.60 13.27 4.76
CA LYS A 79 4.45 13.67 3.94
C LYS A 79 3.68 12.46 3.47
N VAL A 80 4.38 11.49 2.90
CA VAL A 80 3.75 10.27 2.40
C VAL A 80 2.82 9.67 3.43
N VAL A 81 3.19 9.82 4.71
CA VAL A 81 2.38 9.29 5.81
C VAL A 81 0.90 9.66 5.63
N GLU A 82 0.66 10.90 5.25
CA GLU A 82 -0.71 11.38 5.04
C GLU A 82 -1.45 10.49 4.05
N ASP A 83 -0.81 10.21 2.92
CA ASP A 83 -1.42 9.37 1.88
C ASP A 83 -1.54 7.93 2.37
N TRP A 84 -0.58 7.50 3.17
CA TRP A 84 -0.58 6.13 3.70
C TRP A 84 -1.89 5.85 4.44
N LEU A 85 -2.08 6.53 5.56
CA LEU A 85 -3.28 6.33 6.37
C LEU A 85 -4.53 6.68 5.57
N SER A 86 -4.52 7.84 4.92
CA SER A 86 -5.66 8.28 4.12
C SER A 86 -6.16 7.15 3.23
N LEU A 87 -5.24 6.41 2.64
CA LEU A 87 -5.59 5.30 1.77
C LEU A 87 -6.15 4.13 2.58
N VAL A 88 -5.30 3.50 3.37
CA VAL A 88 -5.71 2.37 4.20
C VAL A 88 -6.98 2.69 4.97
N LYS A 89 -7.21 3.97 5.21
CA LYS A 89 -8.39 4.42 5.95
C LYS A 89 -9.57 4.62 5.00
N ALA A 90 -9.29 5.08 3.78
CA ALA A 90 -10.32 5.31 2.80
C ALA A 90 -10.86 4.00 2.24
N LYS A 91 -10.00 3.24 1.58
CA LYS A 91 -10.39 1.96 1.01
C LYS A 91 -11.18 1.13 2.02
N PHE A 92 -10.84 1.27 3.29
CA PHE A 92 -11.52 0.53 4.35
C PHE A 92 -12.77 1.28 4.81
N CYS A 93 -12.72 2.61 4.72
CA CYS A 93 -13.85 3.44 5.14
C CYS A 93 -14.89 3.54 4.02
N GLU A 94 -14.48 3.15 2.82
CA GLU A 94 -15.39 3.20 1.66
C GLU A 94 -15.97 1.81 1.37
N ALA A 95 -15.25 0.77 1.76
CA ALA A 95 -15.70 -0.59 1.54
C ALA A 95 -15.70 -1.39 2.85
N PRO A 96 -16.57 -2.40 2.92
CA PRO A 96 -16.69 -3.26 4.11
C PRO A 96 -15.47 -4.15 4.30
N GLY A 97 -14.45 -3.63 4.99
CA GLY A 97 -13.25 -4.40 5.23
C GLY A 97 -12.73 -5.06 3.97
N SER A 98 -13.04 -4.48 2.82
CA SER A 98 -12.60 -5.03 1.54
C SER A 98 -11.08 -5.08 1.47
N CYS A 99 -10.56 -5.30 0.26
CA CYS A 99 -9.11 -5.37 0.05
C CYS A 99 -8.61 -4.16 -0.71
N VAL A 100 -7.29 -3.99 -0.74
CA VAL A 100 -6.68 -2.87 -1.44
C VAL A 100 -5.65 -3.35 -2.45
N ALA A 101 -5.67 -2.75 -3.64
CA ALA A 101 -4.74 -3.12 -4.70
C ALA A 101 -3.65 -2.05 -4.86
N VAL A 102 -2.40 -2.46 -4.65
CA VAL A 102 -1.27 -1.55 -4.78
C VAL A 102 -0.16 -2.16 -5.63
N HIS A 103 0.55 -1.31 -6.36
CA HIS A 103 1.65 -1.77 -7.21
C HIS A 103 2.97 -1.76 -6.44
N CYS A 104 3.80 -2.77 -6.70
CA CYS A 104 5.10 -2.88 -6.03
C CYS A 104 6.10 -3.60 -6.92
N VAL A 105 7.38 -3.30 -6.72
CA VAL A 105 8.44 -3.92 -7.51
C VAL A 105 8.82 -5.29 -6.94
N ALA A 106 9.85 -5.31 -6.11
CA ALA A 106 10.30 -6.56 -5.50
C ALA A 106 10.00 -6.59 -4.01
N GLY A 107 9.99 -5.41 -3.39
CA GLY A 107 9.71 -5.32 -1.97
C GLY A 107 10.77 -4.55 -1.21
N LEU A 108 11.63 -5.27 -0.50
CA LEU A 108 12.70 -4.65 0.27
C LEU A 108 12.34 -3.21 0.63
N GLY A 109 13.37 -2.38 0.78
CA GLY A 109 13.14 -0.98 1.11
C GLY A 109 11.69 -0.68 1.39
N ARG A 110 10.99 -0.17 0.38
CA ARG A 110 9.58 0.16 0.52
C ARG A 110 8.84 -0.89 1.35
N ALA A 111 9.01 -2.15 0.95
CA ALA A 111 8.36 -3.26 1.64
C ALA A 111 8.21 -2.96 3.14
N PRO A 112 9.33 -3.04 3.87
CA PRO A 112 9.34 -2.77 5.32
C PRO A 112 9.11 -1.30 5.64
N VAL A 113 9.66 -0.42 4.81
CA VAL A 113 9.51 1.02 5.01
C VAL A 113 8.03 1.42 5.03
N LEU A 114 7.33 1.12 3.95
CA LEU A 114 5.91 1.46 3.85
C LEU A 114 5.12 0.81 4.98
N VAL A 115 5.18 -0.52 5.06
CA VAL A 115 4.48 -1.26 6.10
C VAL A 115 4.81 -0.72 7.48
N ALA A 116 6.04 -0.27 7.65
CA ALA A 116 6.49 0.28 8.93
C ALA A 116 5.70 1.53 9.29
N LEU A 117 5.49 2.40 8.31
CA LEU A 117 4.75 3.63 8.52
C LEU A 117 3.33 3.35 8.99
N ALA A 118 2.62 2.51 8.24
CA ALA A 118 1.25 2.15 8.58
C ALA A 118 1.20 1.33 9.87
N LEU A 119 2.18 0.43 10.04
CA LEU A 119 2.24 -0.41 11.22
C LEU A 119 2.28 0.44 12.49
N ILE A 120 3.20 1.39 12.53
CA ILE A 120 3.34 2.27 13.68
C ILE A 120 2.06 3.07 13.93
N GLU A 121 1.58 3.73 12.89
CA GLU A 121 0.36 4.54 12.99
C GLU A 121 -0.81 3.69 13.49
N SER A 122 -0.80 2.41 13.12
CA SER A 122 -1.85 1.49 13.53
C SER A 122 -1.94 1.41 15.05
N GLY A 123 -0.85 1.74 15.72
CA GLY A 123 -0.83 1.70 17.17
C GLY A 123 0.30 0.84 17.72
N MET A 124 1.30 0.58 16.87
CA MET A 124 2.43 -0.24 17.27
C MET A 124 3.64 0.64 17.59
N LYS A 125 4.53 0.13 18.44
CA LYS A 125 5.73 0.87 18.83
C LYS A 125 6.73 0.90 17.68
N TYR A 126 7.32 2.07 17.46
CA TYR A 126 8.31 2.23 16.39
C TYR A 126 9.42 1.19 16.51
N GLU A 127 10.05 1.13 17.68
CA GLU A 127 11.12 0.19 17.92
C GLU A 127 10.65 -1.25 17.72
N ASP A 128 9.60 -1.62 18.43
CA ASP A 128 9.04 -2.97 18.33
C ASP A 128 8.79 -3.34 16.87
N ALA A 129 8.01 -2.51 16.18
CA ALA A 129 7.69 -2.75 14.78
C ALA A 129 8.96 -2.91 13.95
N ILE A 130 9.88 -1.98 14.09
CA ILE A 130 11.14 -2.02 13.36
C ILE A 130 11.85 -3.35 13.57
N GLN A 131 12.12 -3.68 14.84
CA GLN A 131 12.80 -4.92 15.19
C GLN A 131 12.13 -6.11 14.49
N PHE A 132 10.82 -6.06 14.37
CA PHE A 132 10.08 -7.14 13.73
C PHE A 132 10.44 -7.25 12.25
N ILE A 133 10.06 -6.24 11.48
CA ILE A 133 10.37 -6.22 10.05
C ILE A 133 11.87 -6.23 9.79
N ARG A 134 12.63 -5.92 10.83
CA ARG A 134 14.08 -5.89 10.73
C ARG A 134 14.68 -7.28 10.92
N GLN A 135 14.19 -8.00 11.93
CA GLN A 135 14.67 -9.34 12.22
C GLN A 135 14.41 -10.28 11.05
N LYS A 136 13.32 -10.04 10.34
CA LYS A 136 12.95 -10.86 9.19
C LYS A 136 13.73 -10.44 7.95
N ARG A 137 14.57 -9.43 8.11
CA ARG A 137 15.38 -8.94 7.00
C ARG A 137 16.36 -7.86 7.47
N ARG A 138 17.64 -8.22 7.52
CA ARG A 138 18.67 -7.29 7.96
C ARG A 138 18.49 -5.92 7.29
N GLY A 139 18.43 -4.88 8.12
CA GLY A 139 18.26 -3.53 7.60
C GLY A 139 17.13 -3.44 6.58
N ALA A 140 15.93 -3.81 7.00
CA ALA A 140 14.76 -3.77 6.13
C ALA A 140 14.29 -2.33 5.90
N ILE A 141 14.00 -1.63 6.99
CA ILE A 141 13.55 -0.25 6.91
C ILE A 141 14.72 0.72 6.99
N ASN A 142 15.31 0.84 8.17
CA ASN A 142 16.45 1.73 8.37
C ASN A 142 16.29 3.01 7.54
N SER A 143 17.41 3.66 7.26
CA SER A 143 17.40 4.90 6.48
C SER A 143 16.65 6.00 7.21
N LYS A 144 16.35 7.09 6.51
CA LYS A 144 15.64 8.22 7.09
C LYS A 144 14.36 7.75 7.77
N GLN A 145 13.85 6.60 7.36
CA GLN A 145 12.62 6.04 7.93
C GLN A 145 12.78 5.81 9.43
N LEU A 146 13.83 5.08 9.80
CA LEU A 146 14.09 4.79 11.20
C LEU A 146 14.28 6.07 12.01
N THR A 147 15.19 6.92 11.54
CA THR A 147 15.46 8.19 12.21
C THR A 147 14.22 9.09 12.23
N TYR A 148 13.39 8.96 11.21
CA TYR A 148 12.17 9.75 11.10
C TYR A 148 11.22 9.44 12.26
N LEU A 149 10.86 8.17 12.40
CA LEU A 149 9.96 7.73 13.46
C LEU A 149 10.61 7.93 14.84
N GLU A 150 11.94 7.98 14.86
CA GLU A 150 12.68 8.15 16.10
C GLU A 150 12.30 9.47 16.77
N LYS A 151 12.05 10.49 15.97
CA LYS A 151 11.67 11.80 16.48
C LYS A 151 10.21 12.11 16.18
N TYR A 152 9.71 11.55 15.08
CA TYR A 152 8.33 11.76 14.67
C TYR A 152 7.36 11.31 15.76
N ARG A 153 6.19 11.92 15.80
CA ARG A 153 5.17 11.58 16.79
C ARG A 153 3.84 11.24 16.12
N PRO A 154 3.21 10.14 16.57
CA PRO A 154 1.92 9.70 16.02
C PRO A 154 0.77 10.63 16.39
N LYS A 155 0.08 11.13 15.37
CA LYS A 155 -1.04 12.03 15.58
C LYS A 155 -2.32 11.25 15.88
N GLN A 156 -2.17 9.96 16.12
CA GLN A 156 -3.32 9.10 16.42
C GLN A 156 -4.23 8.97 15.21
N ARG A 157 -3.64 9.03 14.02
CA ARG A 157 -4.40 8.92 12.78
C ARG A 157 -4.96 7.51 12.61
N LEU A 158 -4.07 6.52 12.65
CA LEU A 158 -4.47 5.13 12.49
C LEU A 158 -4.68 4.47 13.85
N ARG A 159 -5.55 5.07 14.66
CA ARG A 159 -5.86 4.55 15.98
C ARG A 159 -4.78 4.96 16.98
N PHE A 160 -5.19 5.15 18.24
CA PHE A 160 -4.26 5.55 19.29
C PHE A 160 -3.05 4.61 19.34
N LYS A 161 -1.87 5.19 19.47
CA LYS A 161 -0.64 4.41 19.52
C LYS A 161 0.00 4.51 20.91
N ASP A 162 0.91 3.58 21.20
CA ASP A 162 1.60 3.57 22.48
C ASP A 162 0.60 3.68 23.64
N MET A 1 -0.89 -3.63 -24.95
CA MET A 1 -0.26 -4.88 -24.56
C MET A 1 -1.29 -5.99 -24.37
N ALA A 2 -2.45 -5.62 -23.82
CA ALA A 2 -3.52 -6.58 -23.60
C ALA A 2 -3.08 -7.69 -22.63
N ARG A 3 -4.04 -8.46 -22.16
CA ARG A 3 -3.75 -9.55 -21.22
C ARG A 3 -4.69 -10.73 -21.46
N MET A 4 -5.94 -10.58 -21.02
CA MET A 4 -6.93 -11.63 -21.18
C MET A 4 -6.44 -12.95 -20.60
N ASN A 5 -6.63 -13.12 -19.30
CA ASN A 5 -6.20 -14.34 -18.62
C ASN A 5 -6.74 -14.40 -17.19
N ARG A 6 -6.22 -15.33 -16.41
CA ARG A 6 -6.66 -15.49 -15.02
C ARG A 6 -5.52 -15.13 -14.06
N PRO A 7 -5.27 -13.83 -13.90
CA PRO A 7 -4.22 -13.33 -13.01
C PRO A 7 -4.54 -13.55 -11.53
N ALA A 8 -3.66 -14.24 -10.83
CA ALA A 8 -3.86 -14.52 -9.41
C ALA A 8 -2.93 -13.67 -8.55
N PRO A 9 -3.46 -12.51 -8.08
CA PRO A 9 -2.70 -11.59 -7.24
C PRO A 9 -2.44 -12.14 -5.85
N VAL A 10 -2.03 -11.27 -4.93
CA VAL A 10 -1.74 -11.68 -3.56
C VAL A 10 -2.50 -10.81 -2.56
N GLU A 11 -3.39 -11.44 -1.80
CA GLU A 11 -4.17 -10.72 -0.80
C GLU A 11 -3.54 -10.84 0.58
N VAL A 12 -3.23 -9.70 1.18
CA VAL A 12 -2.61 -9.68 2.52
C VAL A 12 -3.58 -9.10 3.55
N SER A 13 -4.10 -9.97 4.40
CA SER A 13 -5.03 -9.55 5.44
C SER A 13 -4.30 -9.25 6.74
N TYR A 14 -4.46 -8.03 7.23
CA TYR A 14 -3.80 -7.61 8.47
C TYR A 14 -4.73 -7.79 9.66
N LYS A 15 -4.40 -7.14 10.77
CA LYS A 15 -5.21 -7.23 11.98
C LYS A 15 -6.67 -6.89 11.69
N HIS A 16 -6.88 -5.76 11.01
CA HIS A 16 -8.23 -5.32 10.67
C HIS A 16 -8.26 -4.69 9.27
N MET A 17 -7.31 -5.09 8.43
CA MET A 17 -7.23 -4.56 7.08
C MET A 17 -6.94 -5.67 6.08
N ARG A 18 -6.90 -5.31 4.80
CA ARG A 18 -6.63 -6.29 3.74
C ARG A 18 -6.23 -5.59 2.45
N PHE A 19 -5.02 -5.89 1.96
CA PHE A 19 -4.52 -5.28 0.74
C PHE A 19 -4.29 -6.35 -0.33
N LEU A 20 -4.01 -5.90 -1.56
CA LEU A 20 -3.77 -6.81 -2.67
C LEU A 20 -2.54 -6.39 -3.46
N ILE A 21 -1.46 -7.15 -3.31
CA ILE A 21 -0.22 -6.86 -4.00
C ILE A 21 -0.19 -7.52 -5.38
N THR A 22 -0.04 -6.69 -6.41
CA THR A 22 -0.01 -7.19 -7.80
C THR A 22 1.17 -6.59 -8.56
N HIS A 23 1.80 -7.40 -9.39
CA HIS A 23 2.93 -6.95 -10.19
C HIS A 23 2.56 -6.83 -11.65
N ASN A 24 2.45 -7.96 -12.34
CA ASN A 24 2.09 -7.97 -13.75
C ASN A 24 3.13 -7.24 -14.59
N PRO A 25 3.12 -7.50 -15.91
CA PRO A 25 4.06 -6.86 -16.84
C PRO A 25 3.77 -5.38 -17.03
N THR A 26 2.51 -5.05 -17.29
CA THR A 26 2.10 -3.67 -17.50
C THR A 26 0.60 -3.58 -17.80
N ASN A 27 -0.12 -2.90 -16.91
CA ASN A 27 -1.56 -2.73 -17.07
C ASN A 27 -1.87 -1.68 -18.14
N ALA A 28 -1.45 -1.95 -19.36
CA ALA A 28 -1.69 -1.03 -20.48
C ALA A 28 -3.08 -1.23 -21.07
N THR A 29 -3.78 -2.24 -20.58
CA THR A 29 -5.13 -2.54 -21.06
C THR A 29 -6.17 -2.25 -19.99
N LEU A 30 -5.80 -2.46 -18.73
CA LEU A 30 -6.70 -2.20 -17.62
C LEU A 30 -7.99 -3.02 -17.77
N SER A 31 -7.91 -4.10 -18.54
CA SER A 31 -9.06 -4.97 -18.76
C SER A 31 -9.18 -6.02 -17.66
N THR A 32 -8.25 -6.98 -17.67
CA THR A 32 -8.25 -8.05 -16.68
C THR A 32 -7.77 -7.54 -15.33
N PHE A 33 -6.96 -6.48 -15.35
CA PHE A 33 -6.43 -5.90 -14.12
C PHE A 33 -7.56 -5.47 -13.20
N ILE A 34 -8.42 -4.60 -13.69
CA ILE A 34 -9.55 -4.10 -12.91
C ILE A 34 -10.42 -5.25 -12.42
N GLU A 35 -10.55 -6.29 -13.25
CA GLU A 35 -11.36 -7.45 -12.89
C GLU A 35 -10.74 -8.20 -11.72
N ASP A 36 -9.41 -8.27 -11.70
CA ASP A 36 -8.69 -8.96 -10.63
C ASP A 36 -8.97 -8.32 -9.28
N LEU A 37 -8.79 -7.00 -9.21
CA LEU A 37 -9.02 -6.26 -7.97
C LEU A 37 -10.51 -6.16 -7.67
N LYS A 38 -11.33 -6.30 -8.71
CA LYS A 38 -12.78 -6.22 -8.56
C LYS A 38 -13.34 -7.55 -8.06
N LYS A 39 -12.77 -8.64 -8.54
CA LYS A 39 -13.22 -9.98 -8.15
C LYS A 39 -12.77 -10.30 -6.73
N TYR A 40 -11.58 -9.83 -6.36
CA TYR A 40 -11.02 -10.07 -5.03
C TYR A 40 -11.78 -9.26 -3.98
N GLY A 41 -12.67 -8.39 -4.45
CA GLY A 41 -13.43 -7.57 -3.53
C GLY A 41 -12.65 -6.38 -3.01
N ALA A 42 -11.74 -5.88 -3.83
CA ALA A 42 -10.91 -4.74 -3.44
C ALA A 42 -11.42 -3.45 -4.08
N THR A 43 -11.86 -2.52 -3.25
CA THR A 43 -12.37 -1.24 -3.75
C THR A 43 -11.25 -0.22 -3.87
N THR A 44 -10.10 -0.66 -4.37
CA THR A 44 -8.95 0.22 -4.55
C THR A 44 -8.05 -0.26 -5.68
N VAL A 45 -7.52 0.68 -6.45
CA VAL A 45 -6.64 0.36 -7.57
C VAL A 45 -5.18 0.29 -7.12
N VAL A 46 -4.44 -0.65 -7.68
CA VAL A 46 -3.03 -0.81 -7.35
C VAL A 46 -2.18 0.29 -7.97
N ARG A 47 -2.71 1.52 -7.96
CA ARG A 47 -2.00 2.65 -8.54
C ARG A 47 -0.72 2.94 -7.75
N VAL A 48 -0.47 2.15 -6.72
CA VAL A 48 0.71 2.33 -5.89
C VAL A 48 1.99 2.03 -6.68
N CYS A 49 2.36 2.96 -7.55
CA CYS A 49 3.56 2.79 -8.37
C CYS A 49 3.72 3.95 -9.34
N GLU A 50 4.58 3.77 -10.33
CA GLU A 50 4.82 4.81 -11.33
C GLU A 50 3.61 5.00 -12.23
N VAL A 51 2.52 5.51 -11.67
CA VAL A 51 1.30 5.73 -12.42
C VAL A 51 1.44 6.94 -13.35
N THR A 52 0.92 6.81 -14.57
CA THR A 52 0.98 7.88 -15.54
C THR A 52 -0.22 7.84 -16.49
N TYR A 53 -1.33 7.29 -16.01
CA TYR A 53 -2.54 7.18 -16.82
C TYR A 53 -3.77 7.64 -16.02
N ASP A 54 -4.65 8.36 -16.68
CA ASP A 54 -5.87 8.86 -16.05
C ASP A 54 -6.85 7.72 -15.80
N LYS A 55 -7.35 7.64 -14.57
CA LYS A 55 -8.30 6.60 -14.19
C LYS A 55 -9.65 6.83 -14.87
N THR A 56 -9.92 6.05 -15.92
CA THR A 56 -11.17 6.17 -16.65
C THR A 56 -12.17 5.10 -16.21
N PRO A 57 -11.77 3.83 -16.34
CA PRO A 57 -12.62 2.70 -15.95
C PRO A 57 -12.80 2.59 -14.43
N LEU A 58 -11.73 2.22 -13.75
CA LEU A 58 -11.77 2.08 -12.29
C LEU A 58 -12.37 3.32 -11.65
N GLU A 59 -12.38 4.43 -12.39
CA GLU A 59 -12.94 5.68 -11.89
C GLU A 59 -14.45 5.60 -11.79
N LYS A 60 -15.09 5.18 -12.87
CA LYS A 60 -16.54 5.06 -12.90
C LYS A 60 -17.01 3.81 -12.16
N ASP A 61 -16.08 2.90 -11.93
CA ASP A 61 -16.39 1.65 -11.22
C ASP A 61 -16.52 1.90 -9.72
N GLY A 62 -16.27 3.14 -9.30
CA GLY A 62 -16.37 3.48 -7.90
C GLY A 62 -15.22 2.92 -7.08
N ILE A 63 -14.06 2.77 -7.72
CA ILE A 63 -12.89 2.24 -7.05
C ILE A 63 -11.92 3.35 -6.64
N THR A 64 -11.43 3.28 -5.41
CA THR A 64 -10.50 4.27 -4.91
C THR A 64 -9.14 4.18 -5.61
N VAL A 65 -8.68 5.31 -6.14
CA VAL A 65 -7.40 5.35 -6.84
C VAL A 65 -6.25 5.55 -5.86
N VAL A 66 -5.37 4.56 -5.79
CA VAL A 66 -4.22 4.63 -4.89
C VAL A 66 -2.92 4.82 -5.68
N ASP A 67 -2.54 6.07 -5.90
CA ASP A 67 -1.33 6.39 -6.64
C ASP A 67 -0.19 6.73 -5.68
N TRP A 68 0.76 5.81 -5.55
CA TRP A 68 1.90 6.03 -4.67
C TRP A 68 3.21 5.97 -5.44
N PRO A 69 3.97 7.07 -5.42
CA PRO A 69 5.25 7.18 -6.12
C PRO A 69 6.33 6.30 -5.48
N PHE A 70 5.98 5.05 -5.21
CA PHE A 70 6.92 4.12 -4.59
C PHE A 70 7.77 3.41 -5.65
N ASP A 71 7.52 3.76 -6.92
CA ASP A 71 8.25 3.16 -8.02
C ASP A 71 9.77 3.23 -7.79
N ASP A 72 10.26 4.45 -7.59
CA ASP A 72 11.69 4.65 -7.34
C ASP A 72 11.99 6.13 -7.09
N GLY A 73 11.99 6.51 -5.81
CA GLY A 73 12.26 7.89 -5.45
C GLY A 73 11.55 8.31 -4.18
N ALA A 74 10.32 8.80 -4.32
CA ALA A 74 9.54 9.23 -3.18
C ALA A 74 10.19 10.42 -2.48
N PRO A 75 9.41 11.13 -1.65
CA PRO A 75 9.89 12.30 -0.90
C PRO A 75 10.89 11.91 0.20
N PRO A 76 12.03 12.60 0.22
CA PRO A 76 13.09 12.35 1.21
C PRO A 76 12.68 12.79 2.61
N PRO A 77 11.76 13.77 2.67
CA PRO A 77 11.26 14.30 3.95
C PRO A 77 10.40 13.30 4.70
N GLY A 78 9.42 12.72 4.00
CA GLY A 78 8.54 11.75 4.62
C GLY A 78 7.09 12.18 4.57
N LYS A 79 6.67 12.73 3.45
CA LYS A 79 5.28 13.19 3.28
C LYS A 79 4.40 12.05 2.80
N VAL A 80 5.00 11.05 2.18
CA VAL A 80 4.25 9.90 1.67
C VAL A 80 3.33 9.33 2.74
N VAL A 81 3.79 9.38 3.99
CA VAL A 81 3.01 8.86 5.11
C VAL A 81 1.57 9.34 5.03
N GLU A 82 1.38 10.59 4.60
CA GLU A 82 0.04 11.16 4.49
C GLU A 82 -0.86 10.27 3.64
N ASP A 83 -0.34 9.81 2.52
CA ASP A 83 -1.09 8.95 1.61
C ASP A 83 -1.26 7.55 2.21
N TRP A 84 -0.26 7.12 2.95
CA TRP A 84 -0.29 5.80 3.58
C TRP A 84 -1.53 5.63 4.43
N LEU A 85 -1.63 6.41 5.50
CA LEU A 85 -2.78 6.34 6.40
C LEU A 85 -4.06 6.75 5.68
N SER A 86 -3.98 7.84 4.92
CA SER A 86 -5.13 8.35 4.18
C SER A 86 -5.83 7.21 3.44
N LEU A 87 -5.04 6.38 2.77
CA LEU A 87 -5.59 5.26 2.01
C LEU A 87 -6.18 4.20 2.94
N VAL A 88 -5.30 3.53 3.69
CA VAL A 88 -5.73 2.50 4.63
C VAL A 88 -6.91 2.97 5.47
N LYS A 89 -7.00 4.28 5.66
CA LYS A 89 -8.08 4.87 6.45
C LYS A 89 -9.28 5.17 5.57
N ALA A 90 -9.04 5.35 4.27
CA ALA A 90 -10.11 5.64 3.32
C ALA A 90 -10.69 4.36 2.75
N LYS A 91 -9.86 3.58 2.06
CA LYS A 91 -10.30 2.33 1.46
C LYS A 91 -11.17 1.54 2.44
N PHE A 92 -10.85 1.64 3.72
CA PHE A 92 -11.61 0.94 4.75
C PHE A 92 -12.82 1.75 5.20
N CYS A 93 -12.66 3.07 5.22
CA CYS A 93 -13.74 3.96 5.63
C CYS A 93 -14.73 4.18 4.49
N GLU A 94 -14.34 3.76 3.29
CA GLU A 94 -15.20 3.91 2.11
C GLU A 94 -15.85 2.59 1.75
N ALA A 95 -15.15 1.49 2.03
CA ALA A 95 -15.68 0.16 1.72
C ALA A 95 -15.76 -0.69 2.99
N PRO A 96 -16.70 -1.64 3.00
CA PRO A 96 -16.91 -2.54 4.14
C PRO A 96 -15.77 -3.54 4.30
N GLY A 97 -14.73 -3.13 5.02
CA GLY A 97 -13.59 -4.01 5.24
C GLY A 97 -13.09 -4.64 3.95
N SER A 98 -13.37 -3.98 2.83
CA SER A 98 -12.94 -4.49 1.53
C SER A 98 -11.43 -4.62 1.46
N CYS A 99 -10.92 -4.85 0.26
CA CYS A 99 -9.47 -4.99 0.06
C CYS A 99 -8.91 -3.78 -0.67
N VAL A 100 -7.60 -3.59 -0.55
CA VAL A 100 -6.92 -2.46 -1.19
C VAL A 100 -5.86 -2.95 -2.16
N ALA A 101 -6.11 -2.75 -3.46
CA ALA A 101 -5.18 -3.17 -4.49
C ALA A 101 -4.04 -2.15 -4.64
N VAL A 102 -2.81 -2.62 -4.46
CA VAL A 102 -1.65 -1.76 -4.58
C VAL A 102 -0.52 -2.46 -5.33
N HIS A 103 0.21 -1.69 -6.14
CA HIS A 103 1.32 -2.23 -6.92
C HIS A 103 2.61 -2.26 -6.09
N CYS A 104 3.29 -3.40 -6.12
CA CYS A 104 4.54 -3.55 -5.37
C CYS A 104 5.46 -4.56 -6.05
N VAL A 105 6.76 -4.40 -5.85
CA VAL A 105 7.74 -5.30 -6.44
C VAL A 105 7.91 -6.56 -5.60
N ALA A 106 9.07 -7.20 -5.74
CA ALA A 106 9.35 -8.42 -4.99
C ALA A 106 9.20 -8.19 -3.50
N GLY A 107 9.43 -6.96 -3.05
CA GLY A 107 9.31 -6.64 -1.64
C GLY A 107 10.50 -5.87 -1.12
N LEU A 108 11.39 -6.56 -0.42
CA LEU A 108 12.59 -5.93 0.14
C LEU A 108 12.30 -4.49 0.56
N GLY A 109 13.36 -3.72 0.75
CA GLY A 109 13.19 -2.33 1.14
C GLY A 109 11.74 -1.93 1.30
N ARG A 110 11.16 -1.41 0.23
CA ARG A 110 9.75 -1.00 0.24
C ARG A 110 8.92 -1.92 1.13
N ALA A 111 8.94 -3.21 0.81
CA ALA A 111 8.18 -4.19 1.58
C ALA A 111 8.05 -3.77 3.04
N PRO A 112 9.16 -3.90 3.80
CA PRO A 112 9.20 -3.54 5.21
C PRO A 112 9.11 -2.04 5.42
N VAL A 113 9.76 -1.27 4.56
CA VAL A 113 9.76 0.18 4.65
C VAL A 113 8.34 0.72 4.75
N LEU A 114 7.54 0.45 3.73
CA LEU A 114 6.16 0.91 3.70
C LEU A 114 5.35 0.26 4.82
N VAL A 115 5.29 -1.06 4.81
CA VAL A 115 4.55 -1.81 5.83
C VAL A 115 4.91 -1.31 7.23
N ALA A 116 6.15 -0.85 7.39
CA ALA A 116 6.61 -0.36 8.69
C ALA A 116 5.90 0.94 9.06
N LEU A 117 5.86 1.88 8.12
CA LEU A 117 5.21 3.16 8.34
C LEU A 117 3.80 2.97 8.92
N ALA A 118 2.97 2.24 8.18
CA ALA A 118 1.61 1.98 8.62
C ALA A 118 1.58 1.13 9.88
N LEU A 119 2.49 0.16 9.95
CA LEU A 119 2.57 -0.72 11.11
C LEU A 119 2.65 0.07 12.41
N ILE A 120 3.48 1.10 12.41
CA ILE A 120 3.64 1.96 13.59
C ILE A 120 2.35 2.69 13.92
N GLU A 121 1.79 3.37 12.92
CA GLU A 121 0.54 4.10 13.10
C GLU A 121 -0.61 3.17 13.46
N SER A 122 -0.45 1.89 13.13
CA SER A 122 -1.47 0.89 13.41
C SER A 122 -1.61 0.67 14.91
N GLY A 123 -0.56 1.02 15.66
CA GLY A 123 -0.59 0.85 17.09
C GLY A 123 0.63 0.12 17.61
N MET A 124 1.67 0.04 16.79
CA MET A 124 2.90 -0.64 17.17
C MET A 124 4.03 0.35 17.41
N LYS A 125 4.94 -0.01 18.31
CA LYS A 125 6.07 0.86 18.63
C LYS A 125 7.05 0.94 17.45
N TYR A 126 7.62 2.12 17.24
CA TYR A 126 8.58 2.32 16.16
C TYR A 126 9.75 1.35 16.27
N GLU A 127 10.41 1.36 17.42
CA GLU A 127 11.55 0.48 17.67
C GLU A 127 11.14 -0.97 17.55
N ASP A 128 10.09 -1.35 18.28
CA ASP A 128 9.61 -2.73 18.25
C ASP A 128 9.37 -3.19 16.82
N ALA A 129 8.53 -2.46 16.09
CA ALA A 129 8.22 -2.80 14.71
C ALA A 129 9.49 -2.92 13.87
N ILE A 130 10.34 -1.91 13.95
CA ILE A 130 11.60 -1.90 13.20
C ILE A 130 12.41 -3.15 13.49
N GLN A 131 12.74 -3.37 14.76
CA GLN A 131 13.51 -4.54 15.16
C GLN A 131 12.89 -5.82 14.61
N PHE A 132 11.57 -5.82 14.46
CA PHE A 132 10.86 -6.98 13.95
C PHE A 132 11.22 -7.24 12.49
N ILE A 133 10.81 -6.32 11.61
CA ILE A 133 11.09 -6.46 10.19
C ILE A 133 12.59 -6.41 9.91
N ARG A 134 13.35 -5.90 10.89
CA ARG A 134 14.80 -5.81 10.76
C ARG A 134 15.48 -7.13 11.14
N GLN A 135 15.05 -7.70 12.27
CA GLN A 135 15.60 -8.95 12.74
C GLN A 135 15.29 -10.10 11.78
N LYS A 136 14.16 -9.97 11.08
CA LYS A 136 13.73 -10.99 10.13
C LYS A 136 14.29 -10.70 8.74
N ARG A 137 15.44 -10.05 8.68
CA ARG A 137 16.07 -9.72 7.41
C ARG A 137 17.34 -8.90 7.64
N ARG A 138 17.88 -8.33 6.56
CA ARG A 138 19.10 -7.53 6.65
C ARG A 138 18.84 -6.11 6.16
N GLY A 139 18.84 -5.16 7.09
CA GLY A 139 18.61 -3.77 6.74
C GLY A 139 17.35 -3.59 5.90
N ALA A 140 16.26 -4.24 6.33
CA ALA A 140 14.99 -4.14 5.61
C ALA A 140 14.52 -2.69 5.55
N ILE A 141 14.25 -2.10 6.70
CA ILE A 141 13.79 -0.73 6.76
C ILE A 141 14.94 0.24 7.00
N ASN A 142 15.73 -0.04 8.04
CA ASN A 142 16.87 0.81 8.37
C ASN A 142 17.18 1.78 7.23
N SER A 143 16.66 3.01 7.34
CA SER A 143 16.87 4.02 6.33
C SER A 143 16.02 5.26 6.60
N LYS A 144 15.72 6.01 5.55
CA LYS A 144 14.91 7.21 5.68
C LYS A 144 13.67 6.95 6.54
N GLN A 145 13.22 5.71 6.53
CA GLN A 145 12.04 5.32 7.32
C GLN A 145 12.28 5.54 8.80
N LEU A 146 13.32 4.89 9.33
CA LEU A 146 13.66 5.01 10.74
C LEU A 146 13.72 6.47 11.17
N THR A 147 14.40 7.29 10.39
CA THR A 147 14.51 8.72 10.68
C THR A 147 13.14 9.37 10.80
N TYR A 148 12.25 9.04 9.88
CA TYR A 148 10.90 9.59 9.88
C TYR A 148 10.23 9.39 11.24
N LEU A 149 10.00 8.12 11.59
CA LEU A 149 9.37 7.79 12.86
C LEU A 149 10.19 8.30 14.03
N GLU A 150 11.49 8.54 13.79
CA GLU A 150 12.38 9.04 14.83
C GLU A 150 11.95 10.42 15.30
N LYS A 151 11.66 11.30 14.34
CA LYS A 151 11.24 12.66 14.65
C LYS A 151 9.72 12.80 14.54
N TYR A 152 9.06 11.72 14.14
CA TYR A 152 7.61 11.72 13.99
C TYR A 152 6.94 11.16 15.23
N ARG A 153 5.81 11.75 15.61
CA ARG A 153 5.06 11.31 16.78
C ARG A 153 3.66 10.83 16.39
N PRO A 154 3.26 9.68 16.93
CA PRO A 154 1.95 9.08 16.66
C PRO A 154 0.81 9.88 17.28
N LYS A 155 0.01 10.51 16.43
CA LYS A 155 -1.12 11.31 16.90
C LYS A 155 -2.35 10.44 17.10
N GLN A 156 -2.17 9.12 17.00
CA GLN A 156 -3.26 8.19 17.19
C GLN A 156 -4.26 8.29 16.04
N ARG A 157 -3.83 7.89 14.84
CA ARG A 157 -4.68 7.94 13.66
C ARG A 157 -5.22 6.56 13.33
N LEU A 158 -4.32 5.58 13.21
CA LEU A 158 -4.72 4.21 12.89
C LEU A 158 -4.94 3.40 14.16
N ARG A 159 -6.21 3.26 14.54
CA ARG A 159 -6.56 2.51 15.75
C ARG A 159 -6.09 3.24 17.00
N PHE A 160 -4.82 3.05 17.35
CA PHE A 160 -4.24 3.69 18.53
C PHE A 160 -2.84 3.16 18.81
N LYS A 161 -1.90 4.06 19.04
CA LYS A 161 -0.53 3.68 19.32
C LYS A 161 -0.14 4.05 20.76
N ASP A 162 1.01 3.55 21.21
CA ASP A 162 1.48 3.83 22.56
C ASP A 162 1.42 5.32 22.85
N MET A 1 4.02 -9.62 -21.93
CA MET A 1 2.76 -9.23 -21.28
C MET A 1 1.56 -9.53 -22.18
N ALA A 2 0.74 -10.49 -21.78
CA ALA A 2 -0.43 -10.86 -22.54
C ALA A 2 -1.59 -9.90 -22.28
N ARG A 3 -2.77 -10.26 -22.76
CA ARG A 3 -3.96 -9.43 -22.59
C ARG A 3 -4.99 -10.13 -21.70
N MET A 4 -5.67 -11.11 -22.28
CA MET A 4 -6.69 -11.87 -21.55
C MET A 4 -6.09 -13.13 -20.93
N ASN A 5 -6.32 -13.31 -19.64
CA ASN A 5 -5.81 -14.48 -18.93
C ASN A 5 -6.33 -14.52 -17.49
N ARG A 6 -5.75 -15.39 -16.68
CA ARG A 6 -6.16 -15.53 -15.29
C ARG A 6 -5.08 -15.00 -14.35
N PRO A 7 -5.10 -13.68 -14.13
CA PRO A 7 -4.13 -13.01 -13.24
C PRO A 7 -4.35 -13.37 -11.77
N ALA A 8 -3.33 -13.97 -11.16
CA ALA A 8 -3.40 -14.36 -9.76
C ALA A 8 -2.53 -13.45 -8.89
N PRO A 9 -3.12 -12.35 -8.40
CA PRO A 9 -2.42 -11.38 -7.55
C PRO A 9 -2.10 -11.96 -6.17
N VAL A 10 -1.73 -11.07 -5.24
CA VAL A 10 -1.40 -11.48 -3.88
C VAL A 10 -2.18 -10.65 -2.87
N GLU A 11 -3.03 -11.33 -2.09
CA GLU A 11 -3.84 -10.66 -1.08
C GLU A 11 -3.19 -10.78 0.30
N VAL A 12 -2.99 -9.65 0.95
CA VAL A 12 -2.37 -9.63 2.29
C VAL A 12 -3.34 -9.09 3.33
N SER A 13 -3.84 -9.96 4.19
CA SER A 13 -4.77 -9.56 5.23
C SER A 13 -4.03 -9.19 6.52
N TYR A 14 -4.22 -7.96 6.97
CA TYR A 14 -3.57 -7.47 8.19
C TYR A 14 -4.45 -7.71 9.41
N LYS A 15 -4.12 -7.05 10.50
CA LYS A 15 -4.88 -7.18 11.74
C LYS A 15 -6.37 -6.97 11.50
N HIS A 16 -6.70 -5.89 10.81
CA HIS A 16 -8.09 -5.58 10.50
C HIS A 16 -8.21 -4.95 9.12
N MET A 17 -7.29 -5.29 8.23
CA MET A 17 -7.29 -4.75 6.87
C MET A 17 -6.91 -5.83 5.86
N ARG A 18 -6.87 -5.46 4.59
CA ARG A 18 -6.52 -6.39 3.53
C ARG A 18 -6.12 -5.64 2.26
N PHE A 19 -4.92 -5.94 1.77
CA PHE A 19 -4.42 -5.29 0.56
C PHE A 19 -4.15 -6.32 -0.54
N LEU A 20 -3.91 -5.83 -1.75
CA LEU A 20 -3.65 -6.71 -2.89
C LEU A 20 -2.42 -6.22 -3.68
N ILE A 21 -1.32 -6.95 -3.55
CA ILE A 21 -0.10 -6.59 -4.26
C ILE A 21 -0.05 -7.24 -5.64
N THR A 22 0.10 -6.42 -6.68
CA THR A 22 0.17 -6.92 -8.04
C THR A 22 1.38 -7.83 -8.24
N HIS A 23 2.55 -7.23 -8.33
CA HIS A 23 3.78 -7.99 -8.52
C HIS A 23 3.72 -8.82 -9.80
N ASN A 24 3.22 -8.22 -10.87
CA ASN A 24 3.11 -8.91 -12.15
C ASN A 24 2.46 -8.01 -13.20
N PRO A 25 2.82 -8.23 -14.47
CA PRO A 25 2.29 -7.44 -15.59
C PRO A 25 0.81 -7.73 -15.85
N THR A 26 -0.06 -7.05 -15.12
CA THR A 26 -1.50 -7.24 -15.28
C THR A 26 -2.17 -5.95 -15.75
N ASN A 27 -1.51 -4.83 -15.53
CA ASN A 27 -2.05 -3.53 -15.93
C ASN A 27 -1.51 -3.12 -17.30
N ALA A 28 -1.14 -4.11 -18.10
CA ALA A 28 -0.62 -3.86 -19.44
C ALA A 28 -1.75 -3.69 -20.45
N THR A 29 -2.91 -4.24 -20.13
CA THR A 29 -4.07 -4.16 -21.01
C THR A 29 -5.24 -3.50 -20.30
N LEU A 30 -5.23 -3.54 -18.97
CA LEU A 30 -6.30 -2.94 -18.18
C LEU A 30 -7.62 -3.67 -18.39
N SER A 31 -7.56 -4.78 -19.10
CA SER A 31 -8.75 -5.57 -19.39
C SER A 31 -9.15 -6.40 -18.18
N THR A 32 -8.33 -7.37 -17.81
CA THR A 32 -8.59 -8.23 -16.67
C THR A 32 -8.10 -7.59 -15.37
N PHE A 33 -7.26 -6.57 -15.51
CA PHE A 33 -6.72 -5.87 -14.34
C PHE A 33 -7.83 -5.47 -13.38
N ILE A 34 -8.81 -4.73 -13.90
CA ILE A 34 -9.94 -4.28 -13.08
C ILE A 34 -10.69 -5.47 -12.49
N GLU A 35 -10.89 -6.50 -13.31
CA GLU A 35 -11.60 -7.69 -12.88
C GLU A 35 -10.83 -8.42 -11.78
N ASP A 36 -9.51 -8.30 -11.81
CA ASP A 36 -8.66 -8.94 -10.82
C ASP A 36 -8.88 -8.34 -9.43
N LEU A 37 -8.77 -7.01 -9.36
CA LEU A 37 -8.96 -6.30 -8.10
C LEU A 37 -10.44 -6.26 -7.71
N LYS A 38 -11.31 -6.44 -8.69
CA LYS A 38 -12.75 -6.43 -8.45
C LYS A 38 -13.23 -7.80 -7.98
N LYS A 39 -12.68 -8.85 -8.57
CA LYS A 39 -13.06 -10.21 -8.21
C LYS A 39 -12.53 -10.57 -6.83
N TYR A 40 -11.34 -10.09 -6.51
CA TYR A 40 -10.71 -10.36 -5.22
C TYR A 40 -11.43 -9.60 -4.10
N GLY A 41 -12.36 -8.73 -4.49
CA GLY A 41 -13.10 -7.95 -3.52
C GLY A 41 -12.34 -6.73 -3.05
N ALA A 42 -11.56 -6.14 -3.95
CA ALA A 42 -10.78 -4.96 -3.62
C ALA A 42 -11.35 -3.72 -4.31
N THR A 43 -11.81 -2.77 -3.50
CA THR A 43 -12.39 -1.53 -4.01
C THR A 43 -11.32 -0.45 -4.16
N THR A 44 -10.12 -0.85 -4.54
CA THR A 44 -9.01 0.08 -4.72
C THR A 44 -8.09 -0.36 -5.85
N VAL A 45 -7.59 0.59 -6.61
CA VAL A 45 -6.69 0.31 -7.73
C VAL A 45 -5.24 0.30 -7.27
N VAL A 46 -4.45 -0.61 -7.83
CA VAL A 46 -3.03 -0.70 -7.49
C VAL A 46 -2.23 0.43 -8.11
N ARG A 47 -2.73 1.64 -7.96
CA ARG A 47 -2.06 2.83 -8.51
C ARG A 47 -0.82 3.17 -7.69
N VAL A 48 -0.52 2.34 -6.70
CA VAL A 48 0.63 2.57 -5.84
C VAL A 48 1.94 2.38 -6.61
N CYS A 49 2.32 3.39 -7.38
CA CYS A 49 3.55 3.33 -8.16
C CYS A 49 3.67 4.54 -9.07
N GLU A 50 4.54 4.44 -10.07
CA GLU A 50 4.75 5.54 -11.02
C GLU A 50 3.55 5.69 -11.95
N VAL A 51 2.42 6.11 -11.39
CA VAL A 51 1.20 6.30 -12.17
C VAL A 51 1.37 7.41 -13.21
N THR A 52 0.86 7.17 -14.41
CA THR A 52 0.96 8.15 -15.49
C THR A 52 -0.22 8.02 -16.45
N TYR A 53 -1.34 7.53 -15.94
CA TYR A 53 -2.54 7.36 -16.76
C TYR A 53 -3.80 7.60 -15.92
N ASP A 54 -4.62 8.54 -16.37
CA ASP A 54 -5.86 8.87 -15.67
C ASP A 54 -6.69 7.61 -15.42
N LYS A 55 -7.73 7.74 -14.60
CA LYS A 55 -8.60 6.63 -14.27
C LYS A 55 -9.98 6.81 -14.89
N THR A 56 -10.24 6.10 -15.98
CA THR A 56 -11.52 6.18 -16.66
C THR A 56 -12.44 5.05 -16.23
N PRO A 57 -12.00 3.81 -16.45
CA PRO A 57 -12.77 2.62 -16.09
C PRO A 57 -12.88 2.42 -14.58
N LEU A 58 -11.76 2.08 -13.95
CA LEU A 58 -11.74 1.87 -12.50
C LEU A 58 -12.40 3.03 -11.77
N GLU A 59 -12.50 4.17 -12.45
CA GLU A 59 -13.12 5.35 -11.87
C GLU A 59 -14.64 5.18 -11.77
N LYS A 60 -15.28 4.97 -12.92
CA LYS A 60 -16.72 4.80 -12.96
C LYS A 60 -17.14 3.52 -12.25
N ASP A 61 -16.19 2.61 -12.09
CA ASP A 61 -16.46 1.33 -11.42
C ASP A 61 -16.61 1.53 -9.92
N GLY A 62 -16.38 2.75 -9.46
CA GLY A 62 -16.48 3.06 -8.05
C GLY A 62 -15.31 2.55 -7.24
N ILE A 63 -14.16 2.38 -7.91
CA ILE A 63 -12.96 1.90 -7.26
C ILE A 63 -12.04 3.07 -6.87
N THR A 64 -11.59 3.05 -5.62
CA THR A 64 -10.71 4.10 -5.12
C THR A 64 -9.34 4.03 -5.78
N VAL A 65 -8.84 5.17 -6.25
CA VAL A 65 -7.55 5.23 -6.90
C VAL A 65 -6.43 5.46 -5.89
N VAL A 66 -5.51 4.50 -5.81
CA VAL A 66 -4.39 4.59 -4.87
C VAL A 66 -3.09 4.88 -5.61
N ASP A 67 -2.79 6.17 -5.78
CA ASP A 67 -1.57 6.59 -6.46
C ASP A 67 -0.47 6.90 -5.45
N TRP A 68 0.52 6.02 -5.37
CA TRP A 68 1.63 6.20 -4.45
C TRP A 68 2.95 6.31 -5.21
N PRO A 69 3.60 7.48 -5.10
CA PRO A 69 4.87 7.73 -5.77
C PRO A 69 6.03 6.93 -5.17
N PHE A 70 5.71 5.73 -4.69
CA PHE A 70 6.72 4.86 -4.09
C PHE A 70 7.40 4.01 -5.14
N ASP A 71 6.97 4.15 -6.39
CA ASP A 71 7.54 3.39 -7.49
C ASP A 71 9.05 3.24 -7.33
N ASP A 72 9.71 4.32 -6.91
CA ASP A 72 11.15 4.31 -6.71
C ASP A 72 11.65 5.69 -6.30
N GLY A 73 11.51 6.01 -5.01
CA GLY A 73 11.94 7.30 -4.51
C GLY A 73 11.07 7.81 -3.38
N ALA A 74 10.00 8.51 -3.74
CA ALA A 74 9.08 9.05 -2.75
C ALA A 74 9.75 10.14 -1.92
N PRO A 75 8.94 10.98 -1.27
CA PRO A 75 9.43 12.07 -0.43
C PRO A 75 10.09 11.57 0.85
N PRO A 76 11.32 12.05 1.11
CA PRO A 76 12.07 11.66 2.30
C PRO A 76 11.47 12.22 3.58
N PRO A 77 10.76 13.36 3.45
CA PRO A 77 10.13 14.02 4.58
C PRO A 77 8.95 13.23 5.14
N GLY A 78 8.57 12.17 4.44
CA GLY A 78 7.47 11.34 4.88
C GLY A 78 6.12 12.03 4.72
N LYS A 79 5.88 12.59 3.54
CA LYS A 79 4.63 13.29 3.26
C LYS A 79 3.56 12.32 2.78
N VAL A 80 4.00 11.19 2.22
CA VAL A 80 3.08 10.17 1.72
C VAL A 80 2.20 9.63 2.84
N VAL A 81 2.71 9.70 4.07
CA VAL A 81 1.96 9.22 5.23
C VAL A 81 0.50 9.63 5.15
N GLU A 82 0.25 10.85 4.74
CA GLU A 82 -1.12 11.36 4.62
C GLU A 82 -1.98 10.41 3.80
N ASP A 83 -1.49 10.05 2.61
CA ASP A 83 -2.21 9.15 1.73
C ASP A 83 -2.28 7.75 2.32
N TRP A 84 -1.27 7.40 3.10
CA TRP A 84 -1.21 6.08 3.72
C TRP A 84 -2.44 5.84 4.60
N LEU A 85 -2.54 6.59 5.69
CA LEU A 85 -3.66 6.45 6.61
C LEU A 85 -4.98 6.78 5.91
N SER A 86 -4.99 7.88 5.16
CA SER A 86 -6.19 8.30 4.44
C SER A 86 -6.74 7.16 3.59
N LEU A 87 -5.85 6.50 2.85
CA LEU A 87 -6.25 5.39 1.99
C LEU A 87 -6.79 4.23 2.82
N VAL A 88 -5.91 3.60 3.59
CA VAL A 88 -6.30 2.47 4.44
C VAL A 88 -7.55 2.80 5.24
N LYS A 89 -7.78 4.09 5.48
CA LYS A 89 -8.95 4.53 6.24
C LYS A 89 -10.14 4.74 5.32
N ALA A 90 -9.86 5.00 4.04
CA ALA A 90 -10.92 5.22 3.06
C ALA A 90 -11.35 3.91 2.42
N LYS A 91 -10.42 3.23 1.76
CA LYS A 91 -10.70 1.96 1.10
C LYS A 91 -11.52 1.05 2.01
N PHE A 92 -11.30 1.17 3.32
CA PHE A 92 -12.01 0.37 4.29
C PHE A 92 -13.30 1.05 4.72
N CYS A 93 -13.28 2.38 4.76
CA CYS A 93 -14.45 3.15 5.17
C CYS A 93 -15.43 3.30 4.00
N GLU A 94 -14.96 2.97 2.80
CA GLU A 94 -15.79 3.08 1.60
C GLU A 94 -16.38 1.72 1.22
N ALA A 95 -15.67 0.66 1.57
CA ALA A 95 -16.12 -0.69 1.27
C ALA A 95 -16.15 -1.55 2.52
N PRO A 96 -16.99 -2.60 2.51
CA PRO A 96 -17.12 -3.53 3.65
C PRO A 96 -15.88 -4.38 3.84
N GLY A 97 -14.92 -3.89 4.61
CA GLY A 97 -13.70 -4.62 4.85
C GLY A 97 -13.09 -5.17 3.58
N SER A 98 -13.37 -4.52 2.46
CA SER A 98 -12.85 -4.95 1.17
C SER A 98 -11.32 -4.95 1.18
N CYS A 99 -10.73 -5.17 0.01
CA CYS A 99 -9.28 -5.20 -0.12
C CYS A 99 -8.77 -3.97 -0.86
N VAL A 100 -7.48 -3.69 -0.71
CA VAL A 100 -6.87 -2.52 -1.36
C VAL A 100 -5.79 -2.96 -2.33
N ALA A 101 -6.04 -2.78 -3.62
CA ALA A 101 -5.08 -3.14 -4.65
C ALA A 101 -4.00 -2.08 -4.80
N VAL A 102 -2.75 -2.49 -4.60
CA VAL A 102 -1.62 -1.58 -4.71
C VAL A 102 -0.50 -2.16 -5.56
N HIS A 103 0.18 -1.30 -6.31
CA HIS A 103 1.28 -1.75 -7.17
C HIS A 103 2.54 -2.01 -6.36
N CYS A 104 3.27 -3.06 -6.71
CA CYS A 104 4.50 -3.42 -6.01
C CYS A 104 5.47 -4.11 -6.95
N VAL A 105 6.73 -3.67 -6.92
CA VAL A 105 7.76 -4.25 -7.77
C VAL A 105 8.31 -5.54 -7.17
N ALA A 106 9.36 -5.41 -6.36
CA ALA A 106 9.97 -6.56 -5.72
C ALA A 106 9.67 -6.58 -4.22
N GLY A 107 9.49 -5.40 -3.65
CA GLY A 107 9.21 -5.31 -2.22
C GLY A 107 10.19 -4.42 -1.49
N LEU A 108 11.17 -5.04 -0.84
CA LEU A 108 12.18 -4.29 -0.09
C LEU A 108 11.61 -2.96 0.40
N GLY A 109 12.50 -2.00 0.65
CA GLY A 109 12.08 -0.70 1.12
C GLY A 109 10.58 -0.60 1.26
N ARG A 110 9.92 -0.08 0.22
CA ARG A 110 8.47 0.07 0.24
C ARG A 110 7.81 -1.00 1.10
N ALA A 111 8.13 -2.26 0.81
CA ALA A 111 7.58 -3.38 1.56
C ALA A 111 7.48 -3.05 3.04
N PRO A 112 8.62 -3.12 3.75
CA PRO A 112 8.68 -2.82 5.18
C PRO A 112 8.47 -1.35 5.49
N VAL A 113 9.08 -0.49 4.68
CA VAL A 113 8.95 0.96 4.87
C VAL A 113 7.48 1.38 4.93
N LEU A 114 6.73 1.03 3.89
CA LEU A 114 5.31 1.36 3.83
C LEU A 114 4.55 0.72 4.98
N VAL A 115 4.55 -0.62 5.01
CA VAL A 115 3.86 -1.36 6.06
C VAL A 115 4.22 -0.83 7.44
N ALA A 116 5.47 -0.39 7.58
CA ALA A 116 5.95 0.14 8.86
C ALA A 116 5.20 1.41 9.23
N LEU A 117 5.05 2.32 8.28
CA LEU A 117 4.35 3.58 8.51
C LEU A 117 2.94 3.33 9.04
N ALA A 118 2.21 2.45 8.36
CA ALA A 118 0.85 2.12 8.76
C ALA A 118 0.85 1.31 10.05
N LEU A 119 1.83 0.44 10.21
CA LEU A 119 1.94 -0.39 11.40
C LEU A 119 2.02 0.47 12.66
N ILE A 120 2.81 1.54 12.59
CA ILE A 120 2.98 2.44 13.72
C ILE A 120 1.69 3.22 14.00
N GLU A 121 1.13 3.81 12.95
CA GLU A 121 -0.10 4.59 13.06
C GLU A 121 -1.25 3.71 13.58
N SER A 122 -1.07 2.40 13.45
CA SER A 122 -2.10 1.45 13.89
C SER A 122 -2.12 1.36 15.41
N GLY A 123 -1.00 1.71 16.04
CA GLY A 123 -0.91 1.66 17.49
C GLY A 123 0.27 0.83 17.97
N MET A 124 1.29 0.73 17.11
CA MET A 124 2.48 -0.03 17.46
C MET A 124 3.67 0.90 17.70
N LYS A 125 4.62 0.44 18.50
CA LYS A 125 5.81 1.23 18.81
C LYS A 125 6.75 1.28 17.61
N TYR A 126 7.23 2.47 17.29
CA TYR A 126 8.13 2.65 16.16
C TYR A 126 9.31 1.70 16.25
N GLU A 127 9.97 1.67 17.41
CA GLU A 127 11.12 0.80 17.62
C GLU A 127 10.71 -0.67 17.45
N ASP A 128 9.71 -1.09 18.21
CA ASP A 128 9.22 -2.46 18.15
C ASP A 128 8.96 -2.89 16.71
N ALA A 129 8.12 -2.11 16.02
CA ALA A 129 7.79 -2.41 14.63
C ALA A 129 9.05 -2.52 13.77
N ILE A 130 9.92 -1.52 13.89
CA ILE A 130 11.16 -1.50 13.12
C ILE A 130 11.96 -2.78 13.35
N GLN A 131 12.27 -3.06 14.60
CA GLN A 131 13.04 -4.25 14.95
C GLN A 131 12.44 -5.49 14.30
N PHE A 132 11.12 -5.50 14.17
CA PHE A 132 10.42 -6.63 13.55
C PHE A 132 10.78 -6.76 12.08
N ILE A 133 10.33 -5.79 11.29
CA ILE A 133 10.61 -5.80 9.85
C ILE A 133 12.11 -5.69 9.58
N ARG A 134 12.86 -5.28 10.59
CA ARG A 134 14.30 -5.12 10.46
C ARG A 134 15.01 -6.45 10.74
N GLN A 135 14.48 -7.22 11.70
CA GLN A 135 15.05 -8.49 12.07
C GLN A 135 14.76 -9.55 11.01
N LYS A 136 13.71 -9.32 10.22
CA LYS A 136 13.32 -10.25 9.17
C LYS A 136 14.01 -9.89 7.85
N ARG A 137 15.11 -9.15 7.94
CA ARG A 137 15.85 -8.74 6.76
C ARG A 137 17.04 -7.87 7.15
N ARG A 138 17.64 -7.21 6.15
CA ARG A 138 18.79 -6.34 6.39
C ARG A 138 18.46 -4.90 6.00
N GLY A 139 18.39 -4.03 7.00
CA GLY A 139 18.09 -2.63 6.75
C GLY A 139 16.87 -2.45 5.89
N ALA A 140 15.74 -2.98 6.34
CA ALA A 140 14.49 -2.87 5.60
C ALA A 140 13.97 -1.44 5.61
N ILE A 141 13.63 -0.93 6.78
CA ILE A 141 13.12 0.42 6.93
C ILE A 141 14.24 1.39 7.28
N ASN A 142 15.36 0.86 7.77
CA ASN A 142 16.50 1.68 8.14
C ASN A 142 16.67 2.85 7.17
N SER A 143 17.32 3.91 7.64
CA SER A 143 17.54 5.09 6.82
C SER A 143 16.58 6.21 7.22
N LYS A 144 16.40 7.16 6.31
CA LYS A 144 15.51 8.29 6.55
C LYS A 144 14.22 7.84 7.22
N GLN A 145 13.72 6.68 6.81
CA GLN A 145 12.50 6.13 7.37
C GLN A 145 12.59 6.04 8.90
N LEU A 146 13.60 5.33 9.39
CA LEU A 146 13.80 5.17 10.82
C LEU A 146 13.88 6.53 11.51
N THR A 147 14.77 7.39 11.02
CA THR A 147 14.93 8.72 11.59
C THR A 147 13.62 9.51 11.55
N TYR A 148 12.85 9.31 10.49
CA TYR A 148 11.58 10.00 10.33
C TYR A 148 10.66 9.74 11.53
N LEU A 149 10.34 8.48 11.75
CA LEU A 149 9.47 8.09 12.87
C LEU A 149 10.13 8.41 14.20
N GLU A 150 11.45 8.48 14.20
CA GLU A 150 12.20 8.79 15.41
C GLU A 150 11.83 10.17 15.96
N LYS A 151 11.85 11.17 15.08
CA LYS A 151 11.51 12.53 15.47
C LYS A 151 10.02 12.78 15.31
N TYR A 152 9.37 12.00 14.45
CA TYR A 152 7.94 12.14 14.20
C TYR A 152 7.14 11.62 15.39
N ARG A 153 5.95 12.18 15.59
CA ARG A 153 5.08 11.77 16.68
C ARG A 153 3.74 11.27 16.16
N PRO A 154 3.31 10.10 16.66
CA PRO A 154 2.04 9.48 16.26
C PRO A 154 0.84 10.26 16.76
N LYS A 155 0.07 10.83 15.82
CA LYS A 155 -1.12 11.60 16.17
C LYS A 155 -2.31 10.68 16.42
N GLN A 156 -2.07 9.37 16.36
CA GLN A 156 -3.13 8.39 16.58
C GLN A 156 -4.21 8.52 15.50
N ARG A 157 -3.82 8.37 14.25
CA ARG A 157 -4.76 8.46 13.13
C ARG A 157 -5.50 7.15 12.93
N LEU A 158 -4.75 6.07 12.71
CA LEU A 158 -5.33 4.76 12.50
C LEU A 158 -5.84 4.18 13.81
N ARG A 159 -5.20 4.55 14.92
CA ARG A 159 -5.60 4.07 16.24
C ARG A 159 -4.71 4.68 17.32
N PHE A 160 -4.93 4.25 18.56
CA PHE A 160 -4.16 4.75 19.69
C PHE A 160 -2.80 4.05 19.76
N LYS A 161 -1.74 4.84 19.80
CA LYS A 161 -0.38 4.31 19.87
C LYS A 161 0.25 4.60 21.24
N ASP A 162 1.24 3.80 21.60
CA ASP A 162 1.93 3.99 22.88
C ASP A 162 0.93 4.05 24.03
N MET A 1 -6.29 -3.18 -24.03
CA MET A 1 -5.53 -3.28 -25.27
C MET A 1 -5.54 -4.70 -25.79
N ALA A 2 -6.69 -5.37 -25.71
CA ALA A 2 -6.81 -6.74 -26.17
C ALA A 2 -5.89 -7.68 -25.40
N ARG A 3 -6.47 -8.43 -24.48
CA ARG A 3 -5.69 -9.37 -23.67
C ARG A 3 -6.61 -10.18 -22.76
N MET A 4 -6.05 -11.21 -22.12
CA MET A 4 -6.81 -12.07 -21.23
C MET A 4 -5.92 -13.12 -20.57
N ASN A 5 -6.17 -13.41 -19.30
CA ASN A 5 -5.39 -14.39 -18.57
C ASN A 5 -5.90 -14.54 -17.14
N ARG A 6 -5.26 -15.42 -16.38
CA ARG A 6 -5.66 -15.66 -15.00
C ARG A 6 -4.55 -15.22 -14.04
N PRO A 7 -4.41 -13.90 -13.86
CA PRO A 7 -3.40 -13.33 -12.96
C PRO A 7 -3.71 -13.59 -11.50
N ALA A 8 -2.75 -14.19 -10.80
CA ALA A 8 -2.92 -14.49 -9.38
C ALA A 8 -2.09 -13.56 -8.51
N PRO A 9 -2.70 -12.46 -8.06
CA PRO A 9 -2.03 -11.46 -7.22
C PRO A 9 -1.74 -11.99 -5.81
N VAL A 10 -1.42 -11.08 -4.90
CA VAL A 10 -1.11 -11.45 -3.52
C VAL A 10 -1.91 -10.60 -2.54
N GLU A 11 -2.75 -11.26 -1.74
CA GLU A 11 -3.56 -10.55 -0.75
C GLU A 11 -2.93 -10.65 0.63
N VAL A 12 -2.73 -9.50 1.26
CA VAL A 12 -2.14 -9.44 2.59
C VAL A 12 -3.12 -8.89 3.61
N SER A 13 -3.64 -9.76 4.47
CA SER A 13 -4.60 -9.36 5.49
C SER A 13 -3.89 -9.06 6.81
N TYR A 14 -4.11 -7.85 7.32
CA TYR A 14 -3.49 -7.43 8.57
C TYR A 14 -4.47 -7.58 9.73
N LYS A 15 -4.18 -6.86 10.82
CA LYS A 15 -5.04 -6.91 12.01
C LYS A 15 -6.47 -6.51 11.67
N HIS A 16 -6.61 -5.37 11.00
CA HIS A 16 -7.92 -4.87 10.61
C HIS A 16 -7.87 -4.22 9.23
N MET A 17 -7.18 -4.87 8.31
CA MET A 17 -7.07 -4.37 6.94
C MET A 17 -6.65 -5.47 5.98
N ARG A 18 -6.68 -5.17 4.68
CA ARG A 18 -6.30 -6.15 3.67
C ARG A 18 -5.88 -5.45 2.37
N PHE A 19 -4.67 -5.73 1.93
CA PHE A 19 -4.14 -5.13 0.71
C PHE A 19 -3.88 -6.19 -0.35
N LEU A 20 -3.66 -5.74 -1.58
CA LEU A 20 -3.38 -6.66 -2.69
C LEU A 20 -2.18 -6.20 -3.50
N ILE A 21 -1.06 -6.90 -3.35
CA ILE A 21 0.16 -6.56 -4.07
C ILE A 21 0.20 -7.25 -5.44
N THR A 22 0.29 -6.44 -6.49
CA THR A 22 0.34 -6.96 -7.85
C THR A 22 1.72 -6.77 -8.47
N HIS A 23 2.03 -7.57 -9.48
CA HIS A 23 3.32 -7.49 -10.16
C HIS A 23 3.25 -8.12 -11.55
N ASN A 24 4.41 -8.28 -12.18
CA ASN A 24 4.47 -8.88 -13.51
C ASN A 24 3.74 -8.01 -14.53
N PRO A 25 4.02 -8.25 -15.82
CA PRO A 25 3.39 -7.50 -16.91
C PRO A 25 1.90 -7.83 -17.07
N THR A 26 1.33 -7.48 -18.21
CA THR A 26 -0.07 -7.73 -18.49
C THR A 26 -0.96 -6.75 -17.74
N ASN A 27 -0.52 -5.49 -17.68
CA ASN A 27 -1.28 -4.45 -16.99
C ASN A 27 -1.35 -3.19 -17.84
N ALA A 28 -0.86 -3.27 -19.08
CA ALA A 28 -0.87 -2.14 -19.99
C ALA A 28 -2.21 -2.03 -20.71
N THR A 29 -3.10 -2.97 -20.42
CA THR A 29 -4.43 -2.98 -21.05
C THR A 29 -5.50 -2.59 -20.04
N LEU A 30 -5.26 -2.90 -18.77
CA LEU A 30 -6.21 -2.58 -17.72
C LEU A 30 -7.49 -3.40 -17.88
N SER A 31 -7.40 -4.48 -18.65
CA SER A 31 -8.55 -5.34 -18.87
C SER A 31 -8.69 -6.38 -17.76
N THR A 32 -7.76 -7.34 -17.73
CA THR A 32 -7.78 -8.38 -16.72
C THR A 32 -7.30 -7.85 -15.37
N PHE A 33 -6.52 -6.78 -15.41
CA PHE A 33 -5.99 -6.18 -14.19
C PHE A 33 -7.12 -5.76 -13.26
N ILE A 34 -8.02 -4.92 -13.76
CA ILE A 34 -9.15 -4.44 -12.98
C ILE A 34 -9.99 -5.60 -12.46
N GLU A 35 -10.16 -6.63 -13.29
CA GLU A 35 -10.94 -7.80 -12.92
C GLU A 35 -10.27 -8.55 -11.76
N ASP A 36 -8.93 -8.53 -11.75
CA ASP A 36 -8.18 -9.21 -10.71
C ASP A 36 -8.43 -8.57 -9.35
N LEU A 37 -8.27 -7.26 -9.27
CA LEU A 37 -8.49 -6.52 -8.03
C LEU A 37 -9.97 -6.45 -7.69
N LYS A 38 -10.81 -6.61 -8.71
CA LYS A 38 -12.26 -6.57 -8.52
C LYS A 38 -12.79 -7.91 -8.04
N LYS A 39 -12.25 -8.99 -8.60
CA LYS A 39 -12.67 -10.34 -8.22
C LYS A 39 -12.20 -10.68 -6.82
N TYR A 40 -11.00 -10.22 -6.47
CA TYR A 40 -10.43 -10.49 -5.16
C TYR A 40 -11.19 -9.73 -4.07
N GLY A 41 -12.07 -8.83 -4.50
CA GLY A 41 -12.86 -8.06 -3.55
C GLY A 41 -12.14 -6.80 -3.10
N ALA A 42 -11.26 -6.28 -3.95
CA ALA A 42 -10.51 -5.07 -3.63
C ALA A 42 -11.10 -3.86 -4.33
N THR A 43 -11.61 -2.91 -3.55
CA THR A 43 -12.21 -1.70 -4.10
C THR A 43 -11.17 -0.59 -4.24
N THR A 44 -9.95 -0.98 -4.59
CA THR A 44 -8.86 -0.01 -4.76
C THR A 44 -7.89 -0.46 -5.84
N VAL A 45 -7.43 0.49 -6.65
CA VAL A 45 -6.50 0.20 -7.73
C VAL A 45 -5.06 0.24 -7.23
N VAL A 46 -4.21 -0.60 -7.81
CA VAL A 46 -2.81 -0.66 -7.43
C VAL A 46 -2.02 0.48 -8.07
N ARG A 47 -2.60 1.67 -8.05
CA ARG A 47 -1.95 2.85 -8.62
C ARG A 47 -0.76 3.29 -7.77
N VAL A 48 -0.48 2.53 -6.71
CA VAL A 48 0.62 2.85 -5.81
C VAL A 48 1.96 2.63 -6.50
N CYS A 49 2.35 3.57 -7.35
CA CYS A 49 3.61 3.49 -8.07
C CYS A 49 3.79 4.68 -9.01
N GLU A 50 4.71 4.56 -9.96
CA GLU A 50 4.98 5.63 -10.91
C GLU A 50 3.86 5.72 -11.95
N VAL A 51 2.64 5.93 -11.47
CA VAL A 51 1.48 6.04 -12.36
C VAL A 51 1.43 7.41 -13.02
N THR A 52 1.01 7.44 -14.29
CA THR A 52 0.91 8.68 -15.03
C THR A 52 -0.18 8.61 -16.09
N TYR A 53 -1.30 7.99 -15.74
CA TYR A 53 -2.42 7.84 -16.66
C TYR A 53 -3.76 7.99 -15.93
N ASP A 54 -4.60 8.88 -16.44
CA ASP A 54 -5.91 9.12 -15.83
C ASP A 54 -6.63 7.81 -15.56
N LYS A 55 -7.72 7.88 -14.80
CA LYS A 55 -8.50 6.69 -14.47
C LYS A 55 -9.88 6.75 -15.12
N THR A 56 -10.05 5.98 -16.19
CA THR A 56 -11.32 5.94 -16.91
C THR A 56 -12.16 4.75 -16.47
N PRO A 57 -11.61 3.54 -16.63
CA PRO A 57 -12.29 2.30 -16.26
C PRO A 57 -12.42 2.15 -14.74
N LEU A 58 -11.30 1.90 -14.07
CA LEU A 58 -11.30 1.73 -12.63
C LEU A 58 -12.05 2.87 -11.94
N GLU A 59 -12.23 3.97 -12.66
CA GLU A 59 -12.93 5.13 -12.14
C GLU A 59 -14.44 4.87 -12.08
N LYS A 60 -15.03 4.63 -13.24
CA LYS A 60 -16.47 4.37 -13.34
C LYS A 60 -16.83 3.08 -12.61
N ASP A 61 -15.84 2.23 -12.39
CA ASP A 61 -16.05 0.95 -11.71
C ASP A 61 -16.24 1.17 -10.22
N GLY A 62 -16.13 2.42 -9.79
CA GLY A 62 -16.29 2.73 -8.37
C GLY A 62 -15.14 2.24 -7.52
N ILE A 63 -13.97 2.11 -8.15
CA ILE A 63 -12.78 1.65 -7.44
C ILE A 63 -11.89 2.82 -7.04
N THR A 64 -11.53 2.87 -5.75
CA THR A 64 -10.68 3.94 -5.24
C THR A 64 -9.31 3.91 -5.91
N VAL A 65 -8.91 5.05 -6.47
CA VAL A 65 -7.61 5.16 -7.14
C VAL A 65 -6.50 5.41 -6.13
N VAL A 66 -5.68 4.40 -5.91
CA VAL A 66 -4.57 4.50 -4.97
C VAL A 66 -3.25 4.75 -5.70
N ASP A 67 -2.95 6.02 -5.96
CA ASP A 67 -1.73 6.40 -6.66
C ASP A 67 -0.78 7.13 -5.72
N TRP A 68 0.40 6.55 -5.51
CA TRP A 68 1.40 7.14 -4.62
C TRP A 68 2.80 6.86 -5.14
N PRO A 69 3.70 7.86 -4.99
CA PRO A 69 5.09 7.74 -5.43
C PRO A 69 5.89 6.75 -4.57
N PHE A 70 5.33 5.57 -4.37
CA PHE A 70 5.98 4.54 -3.57
C PHE A 70 6.69 3.52 -4.47
N ASP A 71 6.79 3.84 -5.76
CA ASP A 71 7.43 2.96 -6.72
C ASP A 71 8.94 2.89 -6.49
N ASP A 72 9.57 4.06 -6.49
CA ASP A 72 11.02 4.15 -6.28
C ASP A 72 11.49 5.59 -6.34
N GLY A 73 11.16 6.36 -5.30
CA GLY A 73 11.57 7.75 -5.25
C GLY A 73 10.95 8.50 -4.09
N ALA A 74 9.62 8.62 -4.10
CA ALA A 74 8.91 9.31 -3.04
C ALA A 74 9.50 10.69 -2.79
N PRO A 75 9.06 11.69 -3.58
CA PRO A 75 9.53 13.06 -3.45
C PRO A 75 9.05 13.73 -2.17
N PRO A 76 7.93 13.24 -1.63
CA PRO A 76 7.34 13.78 -0.40
C PRO A 76 8.19 13.46 0.83
N PRO A 77 8.82 14.50 1.40
CA PRO A 77 9.66 14.36 2.59
C PRO A 77 8.85 14.03 3.84
N GLY A 78 8.73 12.74 4.15
CA GLY A 78 7.99 12.32 5.31
C GLY A 78 6.52 12.64 5.21
N LYS A 79 6.09 13.07 4.03
CA LYS A 79 4.69 13.42 3.79
C LYS A 79 3.89 12.20 3.39
N VAL A 80 4.58 11.17 2.90
CA VAL A 80 3.93 9.94 2.48
C VAL A 80 2.95 9.44 3.52
N VAL A 81 3.29 9.65 4.79
CA VAL A 81 2.43 9.24 5.90
C VAL A 81 0.99 9.69 5.68
N GLU A 82 0.85 10.95 5.25
CA GLU A 82 -0.48 11.51 5.01
C GLU A 82 -1.30 10.61 4.08
N ASP A 83 -0.72 10.27 2.95
CA ASP A 83 -1.38 9.41 1.97
C ASP A 83 -1.59 8.00 2.53
N TRP A 84 -0.64 7.55 3.35
CA TRP A 84 -0.72 6.23 3.95
C TRP A 84 -2.04 6.03 4.67
N LEU A 85 -2.24 6.78 5.75
CA LEU A 85 -3.46 6.69 6.54
C LEU A 85 -4.67 7.07 5.70
N SER A 86 -4.50 8.08 4.86
CA SER A 86 -5.59 8.55 3.99
C SER A 86 -6.18 7.40 3.19
N LEU A 87 -5.33 6.75 2.40
CA LEU A 87 -5.77 5.62 1.58
C LEU A 87 -6.49 4.57 2.42
N VAL A 88 -5.78 4.03 3.40
CA VAL A 88 -6.36 3.02 4.29
C VAL A 88 -7.69 3.48 4.86
N LYS A 89 -7.65 4.56 5.63
CA LYS A 89 -8.86 5.12 6.24
C LYS A 89 -9.96 5.29 5.20
N ALA A 90 -9.56 5.38 3.93
CA ALA A 90 -10.52 5.54 2.85
C ALA A 90 -11.03 4.20 2.35
N LYS A 91 -10.12 3.40 1.79
CA LYS A 91 -10.47 2.09 1.27
C LYS A 91 -11.27 1.29 2.30
N PHE A 92 -10.92 1.46 3.57
CA PHE A 92 -11.60 0.77 4.66
C PHE A 92 -12.90 1.48 5.03
N CYS A 93 -12.97 2.76 4.72
CA CYS A 93 -14.16 3.56 5.04
C CYS A 93 -15.18 3.46 3.91
N GLU A 94 -14.71 3.14 2.71
CA GLU A 94 -15.58 3.02 1.55
C GLU A 94 -16.12 1.59 1.43
N ALA A 95 -15.41 0.64 2.04
CA ALA A 95 -15.82 -0.76 1.99
C ALA A 95 -15.61 -1.43 3.35
N PRO A 96 -16.36 -2.52 3.59
CA PRO A 96 -16.27 -3.29 4.84
C PRO A 96 -14.94 -4.03 4.96
N GLY A 97 -14.94 -5.30 4.53
CA GLY A 97 -13.74 -6.10 4.60
C GLY A 97 -13.05 -6.24 3.26
N SER A 98 -13.28 -5.27 2.37
CA SER A 98 -12.68 -5.29 1.05
C SER A 98 -11.16 -5.31 1.14
N CYS A 99 -10.51 -5.12 -0.01
CA CYS A 99 -9.04 -5.11 -0.05
C CYS A 99 -8.53 -3.90 -0.81
N VAL A 100 -7.26 -3.57 -0.63
CA VAL A 100 -6.64 -2.44 -1.30
C VAL A 100 -5.54 -2.88 -2.24
N ALA A 101 -5.78 -2.75 -3.54
CA ALA A 101 -4.79 -3.13 -4.54
C ALA A 101 -3.72 -2.05 -4.70
N VAL A 102 -2.47 -2.43 -4.50
CA VAL A 102 -1.35 -1.51 -4.62
C VAL A 102 -0.22 -2.11 -5.46
N HIS A 103 0.51 -1.25 -6.16
CA HIS A 103 1.62 -1.70 -7.00
C HIS A 103 2.92 -1.71 -6.21
N CYS A 104 3.80 -2.65 -6.53
CA CYS A 104 5.09 -2.77 -5.86
C CYS A 104 6.15 -3.33 -6.81
N VAL A 105 7.29 -2.64 -6.86
CA VAL A 105 8.38 -3.07 -7.73
C VAL A 105 8.93 -4.42 -7.30
N ALA A 106 9.85 -4.41 -6.35
CA ALA A 106 10.46 -5.65 -5.85
C ALA A 106 10.07 -5.89 -4.40
N GLY A 107 9.84 -4.82 -3.66
CA GLY A 107 9.45 -4.94 -2.26
C GLY A 107 10.39 -4.19 -1.33
N LEU A 108 11.33 -4.91 -0.73
CA LEU A 108 12.28 -4.30 0.19
C LEU A 108 11.75 -2.99 0.74
N GLY A 109 12.65 -2.07 1.05
CA GLY A 109 12.24 -0.78 1.59
C GLY A 109 10.74 -0.64 1.69
N ARG A 110 10.12 -0.05 0.67
CA ARG A 110 8.68 0.14 0.65
C ARG A 110 7.98 -0.94 1.47
N ALA A 111 8.23 -2.20 1.11
CA ALA A 111 7.62 -3.32 1.81
C ALA A 111 7.52 -3.05 3.31
N PRO A 112 8.65 -3.20 4.02
CA PRO A 112 8.70 -2.96 5.46
C PRO A 112 8.55 -1.49 5.83
N VAL A 113 9.23 -0.63 5.08
CA VAL A 113 9.17 0.80 5.33
C VAL A 113 7.72 1.28 5.38
N LEU A 114 6.98 1.04 4.31
CA LEU A 114 5.58 1.45 4.23
C LEU A 114 4.76 0.81 5.34
N VAL A 115 4.71 -0.52 5.34
CA VAL A 115 3.95 -1.25 6.36
C VAL A 115 4.33 -0.78 7.76
N ALA A 116 5.59 -0.39 7.93
CA ALA A 116 6.08 0.08 9.22
C ALA A 116 5.36 1.36 9.64
N LEU A 117 5.19 2.27 8.68
CA LEU A 117 4.53 3.54 8.95
C LEU A 117 3.09 3.32 9.42
N ALA A 118 2.34 2.52 8.65
CA ALA A 118 0.96 2.22 9.00
C ALA A 118 0.87 1.35 10.24
N LEU A 119 1.82 0.43 10.39
CA LEU A 119 1.85 -0.46 11.54
C LEU A 119 1.93 0.33 12.84
N ILE A 120 2.83 1.31 12.88
CA ILE A 120 3.00 2.14 14.06
C ILE A 120 1.77 2.99 14.32
N GLU A 121 1.27 3.64 13.28
CA GLU A 121 0.08 4.48 13.40
C GLU A 121 -1.14 3.65 13.82
N SER A 122 -1.04 2.34 13.68
CA SER A 122 -2.12 1.44 14.03
C SER A 122 -2.17 1.23 15.54
N GLY A 123 -1.05 1.48 16.21
CA GLY A 123 -0.99 1.31 17.65
C GLY A 123 0.16 0.41 18.08
N MET A 124 1.11 0.20 17.18
CA MET A 124 2.26 -0.65 17.47
C MET A 124 3.48 0.19 17.86
N LYS A 125 4.36 -0.40 18.66
CA LYS A 125 5.57 0.30 19.09
C LYS A 125 6.58 0.39 17.96
N TYR A 126 7.13 1.59 17.75
CA TYR A 126 8.12 1.81 16.70
C TYR A 126 9.23 0.77 16.77
N GLU A 127 9.79 0.60 17.96
CA GLU A 127 10.87 -0.36 18.16
C GLU A 127 10.41 -1.77 17.82
N ASP A 128 9.35 -2.22 18.49
CA ASP A 128 8.81 -3.55 18.26
C ASP A 128 8.61 -3.81 16.77
N ALA A 129 7.86 -2.93 16.11
CA ALA A 129 7.60 -3.06 14.69
C ALA A 129 8.91 -3.17 13.89
N ILE A 130 9.83 -2.26 14.16
CA ILE A 130 11.12 -2.25 13.47
C ILE A 130 11.81 -3.61 13.59
N GLN A 131 12.02 -4.05 14.82
CA GLN A 131 12.67 -5.33 15.08
C GLN A 131 12.01 -6.45 14.27
N PHE A 132 10.70 -6.34 14.08
CA PHE A 132 9.95 -7.34 13.33
C PHE A 132 10.38 -7.34 11.86
N ILE A 133 10.05 -6.25 11.16
CA ILE A 133 10.40 -6.14 9.74
C ILE A 133 11.91 -6.13 9.55
N ARG A 134 12.64 -5.85 10.62
CA ARG A 134 14.10 -5.82 10.57
C ARG A 134 14.68 -7.21 10.73
N GLN A 135 13.99 -8.06 11.48
CA GLN A 135 14.43 -9.42 11.71
C GLN A 135 14.03 -10.34 10.56
N LYS A 136 13.03 -9.90 9.80
CA LYS A 136 12.53 -10.68 8.67
C LYS A 136 12.88 -10.00 7.34
N ARG A 137 14.05 -9.36 7.31
CA ARG A 137 14.49 -8.66 6.10
C ARG A 137 15.89 -8.08 6.30
N ARG A 138 16.16 -7.63 7.52
CA ARG A 138 17.47 -7.05 7.84
C ARG A 138 17.64 -5.71 7.14
N GLY A 139 17.96 -4.66 7.91
CA GLY A 139 18.15 -3.35 7.34
C GLY A 139 17.01 -2.94 6.43
N ALA A 140 15.78 -3.20 6.87
CA ALA A 140 14.60 -2.85 6.09
C ALA A 140 14.21 -1.39 6.32
N ILE A 141 13.83 -1.08 7.56
CA ILE A 141 13.43 0.28 7.91
C ILE A 141 14.60 1.07 8.47
N ASN A 142 15.77 0.43 8.54
CA ASN A 142 16.96 1.07 9.07
C ASN A 142 17.29 2.33 8.28
N SER A 143 18.12 3.20 8.85
CA SER A 143 18.52 4.45 8.20
C SER A 143 17.52 5.56 8.52
N LYS A 144 17.43 6.54 7.63
CA LYS A 144 16.52 7.66 7.80
C LYS A 144 15.18 7.18 8.35
N GLN A 145 14.59 6.20 7.68
CA GLN A 145 13.31 5.65 8.10
C GLN A 145 13.28 5.41 9.60
N LEU A 146 14.23 4.64 10.09
CA LEU A 146 14.32 4.32 11.51
C LEU A 146 14.28 5.60 12.35
N THR A 147 15.24 6.49 12.10
CA THR A 147 15.32 7.75 12.83
C THR A 147 14.01 8.52 12.73
N TYR A 148 13.37 8.43 11.57
CA TYR A 148 12.11 9.13 11.33
C TYR A 148 11.12 8.86 12.46
N LEU A 149 10.76 7.59 12.63
CA LEU A 149 9.81 7.20 13.67
C LEU A 149 10.40 7.44 15.06
N GLU A 150 11.71 7.35 15.16
CA GLU A 150 12.40 7.57 16.43
C GLU A 150 12.06 8.94 17.00
N LYS A 151 12.12 9.96 16.15
CA LYS A 151 11.82 11.33 16.57
C LYS A 151 10.33 11.64 16.38
N TYR A 152 9.71 10.96 15.42
CA TYR A 152 8.29 11.17 15.13
C TYR A 152 7.44 10.70 16.30
N ARG A 153 6.33 11.39 16.53
CA ARG A 153 5.42 11.05 17.62
C ARG A 153 4.06 10.61 17.07
N PRO A 154 3.56 9.47 17.58
CA PRO A 154 2.27 8.92 17.16
C PRO A 154 1.09 9.76 17.64
N LYS A 155 0.41 10.40 16.70
CA LYS A 155 -0.74 11.24 17.02
C LYS A 155 -2.01 10.41 17.13
N GLN A 156 -1.85 9.08 17.03
CA GLN A 156 -2.99 8.17 17.13
C GLN A 156 -4.00 8.44 16.01
N ARG A 157 -3.56 8.21 14.77
CA ARG A 157 -4.43 8.43 13.62
C ARG A 157 -5.24 7.18 13.30
N LEU A 158 -4.54 6.08 13.07
CA LEU A 158 -5.19 4.80 12.75
C LEU A 158 -5.78 4.17 14.01
N ARG A 159 -5.20 4.50 15.16
CA ARG A 159 -5.66 3.96 16.43
C ARG A 159 -4.82 4.50 17.59
N PHE A 160 -5.00 3.91 18.76
CA PHE A 160 -4.27 4.33 19.95
C PHE A 160 -2.93 3.62 20.04
N LYS A 161 -1.85 4.40 20.06
CA LYS A 161 -0.50 3.84 20.14
C LYS A 161 0.14 4.15 21.50
N ASP A 162 1.25 3.49 21.79
CA ASP A 162 1.95 3.70 23.05
C ASP A 162 2.15 5.19 23.32
N MET A 1 1.04 -7.54 -24.52
CA MET A 1 1.69 -8.13 -23.35
C MET A 1 0.70 -8.98 -22.56
N ALA A 2 0.30 -10.11 -23.14
CA ALA A 2 -0.64 -11.00 -22.48
C ALA A 2 -2.00 -10.32 -22.27
N ARG A 3 -2.98 -10.73 -23.06
CA ARG A 3 -4.32 -10.16 -22.97
C ARG A 3 -5.33 -11.24 -22.57
N MET A 4 -6.13 -10.94 -21.54
CA MET A 4 -7.13 -11.87 -21.06
C MET A 4 -6.49 -13.14 -20.52
N ASN A 5 -6.49 -13.28 -19.20
CA ASN A 5 -5.90 -14.44 -18.55
C ASN A 5 -6.36 -14.56 -17.10
N ARG A 6 -5.72 -15.45 -16.35
CA ARG A 6 -6.07 -15.65 -14.94
C ARG A 6 -4.94 -15.19 -14.04
N PRO A 7 -4.79 -13.88 -13.88
CA PRO A 7 -3.75 -13.28 -13.04
C PRO A 7 -4.00 -13.52 -11.55
N ALA A 8 -3.02 -14.12 -10.88
CA ALA A 8 -3.13 -14.40 -9.45
C ALA A 8 -2.26 -13.44 -8.64
N PRO A 9 -2.87 -12.35 -8.16
CA PRO A 9 -2.18 -11.34 -7.36
C PRO A 9 -1.80 -11.86 -5.97
N VAL A 10 -1.46 -10.94 -5.07
CA VAL A 10 -1.08 -11.31 -3.71
C VAL A 10 -1.85 -10.49 -2.69
N GLU A 11 -2.64 -11.16 -1.86
CA GLU A 11 -3.44 -10.50 -0.84
C GLU A 11 -2.75 -10.57 0.52
N VAL A 12 -2.59 -9.41 1.16
CA VAL A 12 -1.94 -9.35 2.46
C VAL A 12 -2.90 -8.85 3.53
N SER A 13 -3.33 -9.75 4.40
CA SER A 13 -4.27 -9.40 5.47
C SER A 13 -3.52 -9.06 6.75
N TYR A 14 -3.77 -7.87 7.29
CA TYR A 14 -3.12 -7.42 8.51
C TYR A 14 -4.04 -7.59 9.71
N LYS A 15 -3.75 -6.87 10.78
CA LYS A 15 -4.55 -6.94 12.00
C LYS A 15 -6.01 -6.59 11.71
N HIS A 16 -6.23 -5.46 11.05
CA HIS A 16 -7.58 -5.01 10.70
C HIS A 16 -7.60 -4.36 9.33
N MET A 17 -6.91 -4.97 8.38
CA MET A 17 -6.84 -4.44 7.02
C MET A 17 -6.43 -5.53 6.03
N ARG A 18 -6.52 -5.22 4.74
CA ARG A 18 -6.16 -6.18 3.70
C ARG A 18 -5.82 -5.45 2.40
N PHE A 19 -4.62 -5.72 1.88
CA PHE A 19 -4.17 -5.10 0.64
C PHE A 19 -3.91 -6.15 -0.43
N LEU A 20 -3.76 -5.69 -1.67
CA LEU A 20 -3.49 -6.59 -2.79
C LEU A 20 -2.34 -6.07 -3.65
N ILE A 21 -1.20 -6.75 -3.55
CA ILE A 21 -0.02 -6.35 -4.32
C ILE A 21 0.02 -7.07 -5.67
N THR A 22 0.09 -6.29 -6.74
CA THR A 22 0.13 -6.84 -8.09
C THR A 22 1.32 -7.78 -8.26
N HIS A 23 1.05 -9.02 -8.64
CA HIS A 23 2.09 -10.01 -8.85
C HIS A 23 2.46 -10.12 -10.32
N ASN A 24 3.69 -9.71 -10.65
CA ASN A 24 4.17 -9.76 -12.02
C ASN A 24 3.36 -8.83 -12.92
N PRO A 25 3.95 -8.40 -14.03
CA PRO A 25 3.30 -7.51 -15.00
C PRO A 25 2.16 -8.19 -15.74
N THR A 26 0.94 -7.99 -15.26
CA THR A 26 -0.24 -8.58 -15.87
C THR A 26 -1.29 -7.52 -16.18
N ASN A 27 -0.99 -6.27 -15.83
CA ASN A 27 -1.91 -5.17 -16.07
C ASN A 27 -1.61 -4.48 -17.39
N ALA A 28 -1.23 -5.27 -18.40
CA ALA A 28 -0.92 -4.73 -19.71
C ALA A 28 -2.19 -4.50 -20.54
N THR A 29 -3.31 -4.97 -20.01
CA THR A 29 -4.59 -4.83 -20.70
C THR A 29 -5.58 -4.03 -19.86
N LEU A 30 -5.36 -4.04 -18.55
CA LEU A 30 -6.24 -3.31 -17.62
C LEU A 30 -7.54 -4.08 -17.40
N SER A 31 -8.21 -4.42 -18.48
CA SER A 31 -9.48 -5.16 -18.40
C SER A 31 -9.37 -6.30 -17.39
N THR A 32 -8.38 -7.16 -17.57
CA THR A 32 -8.17 -8.29 -16.69
C THR A 32 -7.71 -7.83 -15.31
N PHE A 33 -6.91 -6.76 -15.29
CA PHE A 33 -6.40 -6.22 -14.03
C PHE A 33 -7.54 -5.80 -13.11
N ILE A 34 -8.48 -5.02 -13.66
CA ILE A 34 -9.62 -4.55 -12.89
C ILE A 34 -10.42 -5.72 -12.31
N GLU A 35 -10.58 -6.77 -13.11
CA GLU A 35 -11.31 -7.95 -12.67
C GLU A 35 -10.59 -8.65 -11.53
N ASP A 36 -9.26 -8.63 -11.57
CA ASP A 36 -8.46 -9.26 -10.54
C ASP A 36 -8.73 -8.64 -9.17
N LEU A 37 -8.60 -7.32 -9.10
CA LEU A 37 -8.83 -6.60 -7.85
C LEU A 37 -10.31 -6.57 -7.51
N LYS A 38 -11.16 -6.77 -8.51
CA LYS A 38 -12.60 -6.77 -8.32
C LYS A 38 -13.08 -8.12 -7.79
N LYS A 39 -12.46 -9.19 -8.27
CA LYS A 39 -12.81 -10.54 -7.85
C LYS A 39 -12.28 -10.83 -6.45
N TYR A 40 -11.11 -10.30 -6.14
CA TYR A 40 -10.49 -10.49 -4.84
C TYR A 40 -11.25 -9.74 -3.75
N GLY A 41 -12.20 -8.90 -4.18
CA GLY A 41 -12.99 -8.13 -3.23
C GLY A 41 -12.28 -6.87 -2.78
N ALA A 42 -11.45 -6.31 -3.67
CA ALA A 42 -10.72 -5.09 -3.35
C ALA A 42 -11.35 -3.88 -4.02
N THR A 43 -11.84 -2.95 -3.20
CA THR A 43 -12.47 -1.73 -3.72
C THR A 43 -11.45 -0.62 -3.90
N THR A 44 -10.24 -0.98 -4.32
CA THR A 44 -9.18 -0.01 -4.53
C THR A 44 -8.27 -0.42 -5.69
N VAL A 45 -7.87 0.55 -6.50
CA VAL A 45 -7.00 0.30 -7.64
C VAL A 45 -5.53 0.35 -7.24
N VAL A 46 -4.73 -0.51 -7.84
CA VAL A 46 -3.30 -0.56 -7.54
C VAL A 46 -2.56 0.62 -8.18
N ARG A 47 -3.20 1.78 -8.16
CA ARG A 47 -2.61 2.98 -8.74
C ARG A 47 -1.39 3.43 -7.94
N VAL A 48 -1.03 2.64 -6.92
CA VAL A 48 0.12 2.96 -6.08
C VAL A 48 1.43 2.75 -6.84
N CYS A 49 1.75 3.72 -7.70
CA CYS A 49 2.98 3.65 -8.48
C CYS A 49 3.08 4.84 -9.43
N GLU A 50 3.96 4.73 -10.42
CA GLU A 50 4.16 5.80 -11.39
C GLU A 50 2.97 5.88 -12.36
N VAL A 51 1.79 6.12 -11.81
CA VAL A 51 0.57 6.23 -12.62
C VAL A 51 0.65 7.42 -13.55
N THR A 52 0.11 7.26 -14.76
CA THR A 52 0.10 8.33 -15.75
C THR A 52 -1.11 8.22 -16.68
N TYR A 53 -2.18 7.62 -16.18
CA TYR A 53 -3.39 7.45 -16.96
C TYR A 53 -4.63 7.77 -16.13
N ASP A 54 -5.61 8.40 -16.77
CA ASP A 54 -6.85 8.78 -16.09
C ASP A 54 -7.73 7.56 -15.86
N LYS A 55 -8.23 7.41 -14.64
CA LYS A 55 -9.08 6.28 -14.29
C LYS A 55 -10.42 6.37 -15.01
N THR A 56 -10.56 5.59 -16.08
CA THR A 56 -11.79 5.57 -16.86
C THR A 56 -12.70 4.43 -16.44
N PRO A 57 -12.18 3.19 -16.52
CA PRO A 57 -12.94 1.99 -16.15
C PRO A 57 -13.17 1.90 -14.65
N LEU A 58 -12.11 1.62 -13.90
CA LEU A 58 -12.20 1.51 -12.45
C LEU A 58 -12.94 2.69 -11.85
N GLU A 59 -13.05 3.77 -12.63
CA GLU A 59 -13.74 4.97 -12.17
C GLU A 59 -15.23 4.70 -11.99
N LYS A 60 -15.86 4.15 -13.02
CA LYS A 60 -17.28 3.84 -12.97
C LYS A 60 -17.54 2.60 -12.13
N ASP A 61 -16.51 1.79 -11.93
CA ASP A 61 -16.62 0.57 -11.14
C ASP A 61 -16.75 0.91 -9.65
N GLY A 62 -16.69 2.20 -9.33
CA GLY A 62 -16.79 2.62 -7.95
C GLY A 62 -15.62 2.17 -7.11
N ILE A 63 -14.48 1.97 -7.76
CA ILE A 63 -13.27 1.54 -7.06
C ILE A 63 -12.40 2.72 -6.67
N THR A 64 -11.97 2.75 -5.42
CA THR A 64 -11.13 3.83 -4.92
C THR A 64 -9.80 3.89 -5.67
N VAL A 65 -9.51 5.04 -6.26
CA VAL A 65 -8.28 5.23 -7.01
C VAL A 65 -7.11 5.53 -6.07
N VAL A 66 -6.20 4.56 -5.94
CA VAL A 66 -5.04 4.72 -5.07
C VAL A 66 -3.79 5.03 -5.89
N ASP A 67 -3.55 6.32 -6.12
CA ASP A 67 -2.39 6.76 -6.88
C ASP A 67 -1.36 7.42 -5.97
N TRP A 68 -0.24 6.74 -5.76
CA TRP A 68 0.83 7.26 -4.91
C TRP A 68 2.20 7.00 -5.53
N PRO A 69 3.09 7.99 -5.45
CA PRO A 69 4.44 7.88 -5.99
C PRO A 69 5.31 6.92 -5.20
N PHE A 70 4.83 5.70 -5.03
CA PHE A 70 5.56 4.67 -4.29
C PHE A 70 6.41 3.82 -5.22
N ASP A 71 6.41 4.18 -6.51
CA ASP A 71 7.17 3.45 -7.51
C ASP A 71 8.11 4.38 -8.26
N ASP A 72 8.31 5.58 -7.72
CA ASP A 72 9.19 6.57 -8.34
C ASP A 72 10.11 7.19 -7.31
N GLY A 73 9.57 8.09 -6.50
CA GLY A 73 10.36 8.76 -5.48
C GLY A 73 9.53 9.22 -4.30
N ALA A 74 8.38 9.81 -4.58
CA ALA A 74 7.49 10.30 -3.54
C ALA A 74 8.12 11.46 -2.77
N PRO A 75 7.28 12.22 -2.06
CA PRO A 75 7.73 13.37 -1.27
C PRO A 75 8.54 12.95 -0.04
N PRO A 76 9.81 13.38 0.01
CA PRO A 76 10.71 13.06 1.11
C PRO A 76 10.31 13.77 2.40
N PRO A 77 9.62 14.91 2.27
CA PRO A 77 9.16 15.70 3.41
C PRO A 77 8.07 14.99 4.20
N GLY A 78 8.27 13.71 4.48
CA GLY A 78 7.29 12.94 5.23
C GLY A 78 5.86 13.28 4.84
N LYS A 79 5.66 13.53 3.55
CA LYS A 79 4.33 13.87 3.03
C LYS A 79 3.55 12.61 2.67
N VAL A 80 4.28 11.55 2.32
CA VAL A 80 3.67 10.29 1.95
C VAL A 80 2.75 9.77 3.06
N VAL A 81 3.19 9.97 4.30
CA VAL A 81 2.40 9.52 5.45
C VAL A 81 0.94 9.94 5.33
N GLU A 82 0.73 11.19 4.92
CA GLU A 82 -0.61 11.73 4.76
C GLU A 82 -1.44 10.85 3.83
N ASP A 83 -0.88 10.56 2.65
CA ASP A 83 -1.57 9.74 1.67
C ASP A 83 -1.71 8.29 2.17
N TRP A 84 -0.73 7.84 2.96
CA TRP A 84 -0.75 6.49 3.49
C TRP A 84 -1.99 6.27 4.36
N LEU A 85 -2.03 6.95 5.51
CA LEU A 85 -3.16 6.82 6.43
C LEU A 85 -4.48 7.15 5.72
N SER A 86 -4.47 8.21 4.92
CA SER A 86 -5.66 8.63 4.19
C SER A 86 -6.26 7.46 3.41
N LEU A 87 -5.44 6.84 2.58
CA LEU A 87 -5.89 5.72 1.77
C LEU A 87 -6.39 4.57 2.65
N VAL A 88 -5.49 4.00 3.44
CA VAL A 88 -5.83 2.91 4.34
C VAL A 88 -7.05 3.26 5.18
N LYS A 89 -7.28 4.55 5.38
CA LYS A 89 -8.42 5.03 6.16
C LYS A 89 -9.66 5.19 5.28
N ALA A 90 -9.44 5.35 3.98
CA ALA A 90 -10.54 5.51 3.03
C ALA A 90 -11.00 4.16 2.51
N LYS A 91 -10.09 3.45 1.84
CA LYS A 91 -10.41 2.15 1.28
C LYS A 91 -11.20 1.30 2.28
N PHE A 92 -10.91 1.47 3.57
CA PHE A 92 -11.59 0.73 4.61
C PHE A 92 -12.86 1.46 5.05
N CYS A 93 -12.82 2.79 5.04
CA CYS A 93 -13.96 3.59 5.43
C CYS A 93 -14.99 3.68 4.30
N GLU A 94 -14.57 3.27 3.11
CA GLU A 94 -15.46 3.30 1.95
C GLU A 94 -16.03 1.92 1.67
N ALA A 95 -15.26 0.89 1.96
CA ALA A 95 -15.70 -0.49 1.74
C ALA A 95 -15.66 -1.29 3.04
N PRO A 96 -16.52 -2.32 3.12
CA PRO A 96 -16.61 -3.19 4.31
C PRO A 96 -15.38 -4.06 4.47
N GLY A 97 -14.36 -3.53 5.15
CA GLY A 97 -13.14 -4.29 5.36
C GLY A 97 -12.61 -4.91 4.08
N SER A 98 -12.98 -4.33 2.94
CA SER A 98 -12.54 -4.85 1.65
C SER A 98 -11.02 -4.84 1.55
N CYS A 99 -10.51 -5.11 0.36
CA CYS A 99 -9.07 -5.13 0.12
C CYS A 99 -8.62 -3.90 -0.64
N VAL A 100 -7.32 -3.60 -0.56
CA VAL A 100 -6.76 -2.44 -1.25
C VAL A 100 -5.70 -2.86 -2.26
N ALA A 101 -6.01 -2.71 -3.54
CA ALA A 101 -5.08 -3.07 -4.60
C ALA A 101 -4.04 -1.99 -4.80
N VAL A 102 -2.77 -2.35 -4.67
CA VAL A 102 -1.68 -1.41 -4.85
C VAL A 102 -0.58 -1.99 -5.73
N HIS A 103 0.10 -1.12 -6.48
CA HIS A 103 1.17 -1.55 -7.36
C HIS A 103 2.51 -1.51 -6.65
N CYS A 104 3.44 -2.37 -7.09
CA CYS A 104 4.76 -2.43 -6.48
C CYS A 104 5.80 -2.85 -7.51
N VAL A 105 6.89 -2.09 -7.60
CA VAL A 105 7.96 -2.38 -8.54
C VAL A 105 8.55 -3.77 -8.29
N ALA A 106 9.51 -3.84 -7.38
CA ALA A 106 10.15 -5.12 -7.04
C ALA A 106 9.77 -5.57 -5.64
N GLY A 107 9.47 -4.60 -4.77
CA GLY A 107 9.11 -4.93 -3.40
C GLY A 107 10.03 -4.28 -2.39
N LEU A 108 10.97 -5.04 -1.86
CA LEU A 108 11.91 -4.54 -0.87
C LEU A 108 11.43 -3.20 -0.31
N GLY A 109 12.38 -2.27 -0.15
CA GLY A 109 12.03 -0.96 0.37
C GLY A 109 10.55 -0.77 0.58
N ARG A 110 9.87 -0.25 -0.45
CA ARG A 110 8.43 -0.03 -0.36
C ARG A 110 7.77 -1.06 0.55
N ALA A 111 8.02 -2.34 0.26
CA ALA A 111 7.44 -3.42 1.06
C ALA A 111 7.41 -3.05 2.54
N PRO A 112 8.58 -3.14 3.20
CA PRO A 112 8.72 -2.83 4.62
C PRO A 112 8.57 -1.34 4.91
N VAL A 113 9.15 -0.52 4.04
CA VAL A 113 9.08 0.93 4.18
C VAL A 113 7.64 1.40 4.31
N LEU A 114 6.83 1.08 3.30
CA LEU A 114 5.42 1.47 3.31
C LEU A 114 4.69 0.87 4.49
N VAL A 115 4.65 -0.46 4.55
CA VAL A 115 3.97 -1.16 5.64
C VAL A 115 4.42 -0.61 7.00
N ALA A 116 5.68 -0.22 7.08
CA ALA A 116 6.23 0.33 8.32
C ALA A 116 5.53 1.61 8.72
N LEU A 117 5.33 2.49 7.75
CA LEU A 117 4.66 3.77 7.99
C LEU A 117 3.27 3.56 8.56
N ALA A 118 2.46 2.77 7.85
CA ALA A 118 1.11 2.47 8.29
C ALA A 118 1.10 1.66 9.57
N LEU A 119 2.03 0.71 9.67
CA LEU A 119 2.12 -0.14 10.85
C LEU A 119 2.27 0.69 12.11
N ILE A 120 3.18 1.66 12.09
CA ILE A 120 3.40 2.53 13.23
C ILE A 120 2.14 3.31 13.59
N GLU A 121 1.57 3.98 12.59
CA GLU A 121 0.35 4.76 12.80
C GLU A 121 -0.81 3.86 13.23
N SER A 122 -0.70 2.58 12.93
CA SER A 122 -1.73 1.61 13.27
C SER A 122 -1.84 1.44 14.78
N GLY A 123 -0.77 1.83 15.49
CA GLY A 123 -0.75 1.71 16.93
C GLY A 123 0.43 0.90 17.43
N MET A 124 1.49 0.84 16.63
CA MET A 124 2.69 0.11 17.00
C MET A 124 3.89 1.03 17.12
N LYS A 125 4.85 0.65 17.96
CA LYS A 125 6.04 1.45 18.16
C LYS A 125 6.93 1.44 16.93
N TYR A 126 7.67 2.52 16.71
CA TYR A 126 8.54 2.63 15.56
C TYR A 126 9.65 1.58 15.61
N GLU A 127 10.34 1.52 16.75
CA GLU A 127 11.42 0.55 16.92
C GLU A 127 10.90 -0.88 16.84
N ASP A 128 9.86 -1.16 17.63
CA ASP A 128 9.27 -2.50 17.65
C ASP A 128 8.93 -2.96 16.23
N ALA A 129 8.12 -2.17 15.53
CA ALA A 129 7.72 -2.49 14.17
C ALA A 129 8.93 -2.70 13.28
N ILE A 130 9.86 -1.74 13.32
CA ILE A 130 11.06 -1.80 12.50
C ILE A 130 11.81 -3.11 12.74
N GLN A 131 12.16 -3.36 13.99
CA GLN A 131 12.88 -4.58 14.35
C GLN A 131 12.19 -5.81 13.77
N PHE A 132 10.86 -5.78 13.72
CA PHE A 132 10.08 -6.88 13.18
C PHE A 132 10.39 -7.10 11.71
N ILE A 133 9.97 -6.15 10.88
CA ILE A 133 10.19 -6.22 9.44
C ILE A 133 11.68 -6.21 9.12
N ARG A 134 12.49 -5.72 10.06
CA ARG A 134 13.93 -5.66 9.87
C ARG A 134 14.58 -6.99 10.25
N GLN A 135 13.90 -7.77 11.08
CA GLN A 135 14.41 -9.06 11.52
C GLN A 135 14.16 -10.13 10.47
N LYS A 136 12.99 -10.09 9.84
CA LYS A 136 12.64 -11.05 8.81
C LYS A 136 13.68 -11.06 7.71
N ARG A 137 14.45 -9.99 7.60
CA ARG A 137 15.49 -9.88 6.58
C ARG A 137 16.62 -8.98 7.05
N ARG A 138 17.36 -8.42 6.09
CA ARG A 138 18.48 -7.55 6.41
C ARG A 138 18.22 -6.12 5.92
N GLY A 139 18.04 -5.20 6.85
CA GLY A 139 17.78 -3.82 6.49
C GLY A 139 16.65 -3.68 5.50
N ALA A 140 15.45 -4.08 5.90
CA ALA A 140 14.29 -4.01 5.02
C ALA A 140 13.85 -2.56 4.83
N ILE A 141 13.63 -1.85 5.94
CA ILE A 141 13.21 -0.46 5.88
C ILE A 141 14.42 0.48 5.87
N ASN A 142 15.06 0.62 7.02
CA ASN A 142 16.24 1.48 7.14
C ASN A 142 16.08 2.73 6.28
N SER A 143 17.21 3.34 5.94
CA SER A 143 17.20 4.54 5.11
C SER A 143 16.51 5.69 5.84
N LYS A 144 16.21 6.76 5.10
CA LYS A 144 15.55 7.93 5.68
C LYS A 144 14.29 7.52 6.44
N GLN A 145 13.73 6.37 6.08
CA GLN A 145 12.53 5.87 6.72
C GLN A 145 12.74 5.72 8.23
N LEU A 146 13.78 4.96 8.59
CA LEU A 146 14.08 4.74 10.00
C LEU A 146 14.33 6.05 10.74
N THR A 147 15.23 6.86 10.19
CA THR A 147 15.55 8.16 10.79
C THR A 147 14.34 9.07 10.82
N TYR A 148 13.47 8.93 9.82
CA TYR A 148 12.26 9.74 9.74
C TYR A 148 11.37 9.52 10.95
N LEU A 149 10.94 8.28 11.15
CA LEU A 149 10.09 7.94 12.28
C LEU A 149 10.80 8.19 13.60
N GLU A 150 12.13 8.16 13.58
CA GLU A 150 12.93 8.39 14.77
C GLU A 150 12.63 9.75 15.37
N LYS A 151 12.57 10.78 14.52
CA LYS A 151 12.28 12.13 14.97
C LYS A 151 10.79 12.45 14.84
N TYR A 152 10.14 11.79 13.89
CA TYR A 152 8.72 12.00 13.66
C TYR A 152 7.89 11.51 14.84
N ARG A 153 6.74 12.14 15.05
CA ARG A 153 5.86 11.77 16.16
C ARG A 153 4.49 11.35 15.63
N PRO A 154 3.97 10.23 16.19
CA PRO A 154 2.67 9.69 15.80
C PRO A 154 1.51 10.58 16.24
N LYS A 155 0.77 11.12 15.28
CA LYS A 155 -0.37 11.99 15.56
C LYS A 155 -1.61 11.16 15.91
N GLN A 156 -1.43 9.84 15.98
CA GLN A 156 -2.53 8.95 16.32
C GLN A 156 -3.58 8.95 15.21
N ARG A 157 -3.12 9.01 13.96
CA ARG A 157 -4.01 9.02 12.81
C ARG A 157 -4.82 7.73 12.74
N LEU A 158 -4.11 6.60 12.66
CA LEU A 158 -4.77 5.29 12.58
C LEU A 158 -5.07 4.77 13.99
N ARG A 159 -6.30 4.97 14.43
CA ARG A 159 -6.73 4.51 15.75
C ARG A 159 -6.02 5.28 16.85
N PHE A 160 -4.78 4.89 17.14
CA PHE A 160 -4.00 5.55 18.17
C PHE A 160 -2.64 4.86 18.35
N LYS A 161 -1.60 5.66 18.53
CA LYS A 161 -0.25 5.13 18.72
C LYS A 161 0.25 5.39 20.14
N ASP A 162 1.30 4.67 20.52
CA ASP A 162 1.87 4.83 21.85
C ASP A 162 2.12 6.29 22.18
N MET A 1 6.19 -5.30 -20.20
CA MET A 1 5.06 -5.70 -19.38
C MET A 1 4.37 -6.93 -19.95
N ALA A 2 4.03 -7.87 -19.09
CA ALA A 2 3.36 -9.10 -19.51
C ALA A 2 1.85 -8.95 -19.44
N ARG A 3 1.14 -10.05 -19.63
CA ARG A 3 -0.32 -10.04 -19.60
C ARG A 3 -0.88 -11.45 -19.77
N MET A 4 -1.67 -11.90 -18.80
CA MET A 4 -2.26 -13.23 -18.85
C MET A 4 -3.78 -13.15 -18.72
N ASN A 5 -4.44 -14.30 -18.67
CA ASN A 5 -5.89 -14.36 -18.55
C ASN A 5 -6.30 -14.56 -17.09
N ARG A 6 -5.56 -15.39 -16.38
CA ARG A 6 -5.85 -15.66 -14.97
C ARG A 6 -4.72 -15.18 -14.08
N PRO A 7 -4.61 -13.85 -13.93
CA PRO A 7 -3.56 -13.23 -13.09
C PRO A 7 -3.79 -13.48 -11.61
N ALA A 8 -2.78 -14.04 -10.94
CA ALA A 8 -2.86 -14.32 -9.52
C ALA A 8 -2.03 -13.35 -8.71
N PRO A 9 -2.67 -12.27 -8.23
CA PRO A 9 -1.99 -11.24 -7.43
C PRO A 9 -1.59 -11.74 -6.05
N VAL A 10 -1.26 -10.81 -5.16
CA VAL A 10 -0.86 -11.16 -3.81
C VAL A 10 -1.65 -10.37 -2.77
N GLU A 11 -2.44 -11.08 -1.97
CA GLU A 11 -3.25 -10.45 -0.94
C GLU A 11 -2.56 -10.52 0.42
N VAL A 12 -2.44 -9.37 1.08
CA VAL A 12 -1.81 -9.30 2.39
C VAL A 12 -2.79 -8.81 3.45
N SER A 13 -3.24 -9.71 4.30
CA SER A 13 -4.18 -9.37 5.37
C SER A 13 -3.44 -8.94 6.63
N TYR A 14 -3.71 -7.71 7.06
CA TYR A 14 -3.07 -7.17 8.25
C TYR A 14 -3.92 -7.43 9.50
N LYS A 15 -3.61 -6.72 10.57
CA LYS A 15 -4.36 -6.87 11.83
C LYS A 15 -5.86 -6.74 11.59
N HIS A 16 -6.26 -5.68 10.90
CA HIS A 16 -7.67 -5.44 10.60
C HIS A 16 -7.84 -4.84 9.21
N MET A 17 -6.92 -5.17 8.31
CA MET A 17 -6.97 -4.66 6.95
C MET A 17 -6.53 -5.72 5.95
N ARG A 18 -6.54 -5.36 4.67
CA ARG A 18 -6.14 -6.29 3.62
C ARG A 18 -5.80 -5.54 2.33
N PHE A 19 -4.59 -5.76 1.82
CA PHE A 19 -4.14 -5.10 0.60
C PHE A 19 -3.83 -6.13 -0.49
N LEU A 20 -3.69 -5.65 -1.72
CA LEU A 20 -3.39 -6.53 -2.85
C LEU A 20 -2.25 -5.97 -3.68
N ILE A 21 -1.09 -6.61 -3.60
CA ILE A 21 0.08 -6.18 -4.34
C ILE A 21 0.15 -6.88 -5.70
N THR A 22 0.23 -6.09 -6.76
CA THR A 22 0.32 -6.63 -8.12
C THR A 22 1.46 -7.62 -8.25
N HIS A 23 1.12 -8.91 -8.23
CA HIS A 23 2.13 -9.96 -8.35
C HIS A 23 3.02 -9.73 -9.57
N ASN A 24 2.47 -9.98 -10.75
CA ASN A 24 3.22 -9.81 -11.99
C ASN A 24 2.63 -8.65 -12.82
N PRO A 25 3.45 -8.12 -13.74
CA PRO A 25 3.03 -7.02 -14.61
C PRO A 25 1.97 -7.44 -15.63
N THR A 26 0.73 -7.50 -15.19
CA THR A 26 -0.37 -7.90 -16.06
C THR A 26 -1.41 -6.77 -16.17
N ASN A 27 -0.92 -5.53 -16.17
CA ASN A 27 -1.81 -4.38 -16.28
C ASN A 27 -1.47 -3.56 -17.52
N ALA A 28 -1.04 -4.24 -18.58
CA ALA A 28 -0.70 -3.57 -19.83
C ALA A 28 -1.93 -3.29 -20.67
N THR A 29 -3.06 -3.87 -20.26
CA THR A 29 -4.31 -3.70 -20.98
C THR A 29 -5.37 -3.07 -20.08
N LEU A 30 -5.23 -3.27 -18.78
CA LEU A 30 -6.18 -2.73 -17.81
C LEU A 30 -7.53 -3.44 -17.90
N SER A 31 -7.55 -4.53 -18.67
CA SER A 31 -8.78 -5.31 -18.85
C SER A 31 -8.94 -6.34 -17.73
N THR A 32 -8.02 -7.28 -17.66
CA THR A 32 -8.05 -8.32 -16.65
C THR A 32 -7.57 -7.79 -15.30
N PHE A 33 -6.82 -6.70 -15.34
CA PHE A 33 -6.29 -6.09 -14.13
C PHE A 33 -7.43 -5.69 -13.18
N ILE A 34 -8.35 -4.89 -13.69
CA ILE A 34 -9.49 -4.44 -12.90
C ILE A 34 -10.30 -5.62 -12.36
N GLU A 35 -10.42 -6.66 -13.17
CA GLU A 35 -11.17 -7.86 -12.78
C GLU A 35 -10.46 -8.59 -11.65
N ASP A 36 -9.12 -8.55 -11.66
CA ASP A 36 -8.32 -9.20 -10.65
C ASP A 36 -8.57 -8.59 -9.27
N LEU A 37 -8.48 -7.26 -9.19
CA LEU A 37 -8.70 -6.55 -7.94
C LEU A 37 -10.18 -6.52 -7.57
N LYS A 38 -11.03 -6.70 -8.58
CA LYS A 38 -12.48 -6.70 -8.38
C LYS A 38 -12.95 -8.07 -7.89
N LYS A 39 -12.36 -9.13 -8.45
CA LYS A 39 -12.72 -10.49 -8.07
C LYS A 39 -12.20 -10.83 -6.68
N TYR A 40 -11.00 -10.35 -6.38
CA TYR A 40 -10.39 -10.60 -5.07
C TYR A 40 -11.16 -9.90 -3.96
N GLY A 41 -12.07 -9.01 -4.35
CA GLY A 41 -12.86 -8.28 -3.38
C GLY A 41 -12.17 -7.00 -2.92
N ALA A 42 -11.38 -6.42 -3.80
CA ALA A 42 -10.67 -5.18 -3.48
C ALA A 42 -11.31 -3.99 -4.18
N THR A 43 -11.83 -3.05 -3.38
CA THR A 43 -12.48 -1.86 -3.92
C THR A 43 -11.47 -0.73 -4.10
N THR A 44 -10.24 -1.09 -4.45
CA THR A 44 -9.19 -0.10 -4.65
C THR A 44 -8.26 -0.52 -5.78
N VAL A 45 -7.83 0.45 -6.58
CA VAL A 45 -6.94 0.19 -7.70
C VAL A 45 -5.48 0.30 -7.28
N VAL A 46 -4.64 -0.54 -7.87
CA VAL A 46 -3.22 -0.54 -7.56
C VAL A 46 -2.50 0.62 -8.23
N ARG A 47 -3.08 1.81 -8.11
CA ARG A 47 -2.50 3.01 -8.70
C ARG A 47 -1.31 3.51 -7.88
N VAL A 48 -0.96 2.75 -6.85
CA VAL A 48 0.17 3.11 -5.99
C VAL A 48 1.48 3.03 -6.74
N CYS A 49 1.80 4.06 -7.50
CA CYS A 49 3.04 4.11 -8.27
C CYS A 49 3.10 5.37 -9.12
N GLU A 50 4.01 5.37 -10.09
CA GLU A 50 4.18 6.53 -10.98
C GLU A 50 3.05 6.59 -12.01
N VAL A 51 1.81 6.65 -11.52
CA VAL A 51 0.64 6.71 -12.39
C VAL A 51 0.44 8.13 -12.92
N THR A 52 -0.01 8.23 -14.16
CA THR A 52 -0.25 9.51 -14.80
C THR A 52 -1.35 9.42 -15.86
N TYR A 53 -2.42 8.71 -15.54
CA TYR A 53 -3.53 8.55 -16.46
C TYR A 53 -4.87 8.78 -15.77
N ASP A 54 -5.85 9.22 -16.55
CA ASP A 54 -7.19 9.48 -16.00
C ASP A 54 -7.96 8.18 -15.81
N LYS A 55 -8.45 7.97 -14.58
CA LYS A 55 -9.21 6.77 -14.26
C LYS A 55 -10.56 6.77 -14.97
N THR A 56 -10.68 5.98 -16.02
CA THR A 56 -11.93 5.90 -16.77
C THR A 56 -12.73 4.67 -16.36
N PRO A 57 -12.13 3.49 -16.50
CA PRO A 57 -12.78 2.22 -16.14
C PRO A 57 -12.96 2.06 -14.64
N LEU A 58 -11.86 1.84 -13.93
CA LEU A 58 -11.89 1.67 -12.49
C LEU A 58 -12.69 2.78 -11.83
N GLU A 59 -12.87 3.89 -12.55
CA GLU A 59 -13.61 5.03 -12.04
C GLU A 59 -15.11 4.72 -11.97
N LYS A 60 -15.68 4.34 -13.12
CA LYS A 60 -17.10 4.01 -13.20
C LYS A 60 -17.40 2.71 -12.47
N ASP A 61 -16.35 1.92 -12.23
CA ASP A 61 -16.50 0.64 -11.54
C ASP A 61 -16.70 0.85 -10.04
N GLY A 62 -16.64 2.11 -9.61
CA GLY A 62 -16.81 2.43 -8.21
C GLY A 62 -15.65 1.96 -7.36
N ILE A 63 -14.47 1.89 -7.97
CA ILE A 63 -13.27 1.47 -7.26
C ILE A 63 -12.40 2.66 -6.87
N THR A 64 -11.97 2.68 -5.61
CA THR A 64 -11.13 3.75 -5.10
C THR A 64 -9.79 3.78 -5.81
N VAL A 65 -9.46 4.93 -6.41
CA VAL A 65 -8.19 5.09 -7.12
C VAL A 65 -7.06 5.40 -6.16
N VAL A 66 -6.21 4.40 -5.91
CA VAL A 66 -5.08 4.58 -5.01
C VAL A 66 -3.81 4.92 -5.77
N ASP A 67 -3.63 6.20 -6.06
CA ASP A 67 -2.45 6.67 -6.79
C ASP A 67 -1.48 7.39 -5.86
N TRP A 68 -0.31 6.81 -5.66
CA TRP A 68 0.69 7.39 -4.78
C TRP A 68 2.09 7.22 -5.37
N PRO A 69 2.91 8.28 -5.27
CA PRO A 69 4.29 8.26 -5.79
C PRO A 69 5.20 7.35 -4.99
N PHE A 70 4.79 6.09 -4.84
CA PHE A 70 5.57 5.11 -4.10
C PHE A 70 6.52 4.36 -5.02
N ASP A 71 6.44 4.65 -6.31
CA ASP A 71 7.29 4.00 -7.31
C ASP A 71 8.76 4.16 -6.95
N ASP A 72 9.17 5.40 -6.68
CA ASP A 72 10.56 5.70 -6.33
C ASP A 72 10.70 5.88 -4.82
N GLY A 73 10.45 7.10 -4.35
CA GLY A 73 10.56 7.38 -2.93
C GLY A 73 9.60 8.47 -2.48
N ALA A 74 8.67 8.83 -3.35
CA ALA A 74 7.69 9.86 -3.04
C ALA A 74 8.36 11.22 -2.85
N PRO A 75 8.03 12.17 -3.74
CA PRO A 75 8.59 13.53 -3.69
C PRO A 75 8.08 14.32 -2.49
N PRO A 76 6.90 13.95 -1.99
CA PRO A 76 6.28 14.62 -0.83
C PRO A 76 7.03 14.33 0.46
N PRO A 77 7.66 15.37 1.02
CA PRO A 77 8.42 15.26 2.27
C PRO A 77 7.52 15.04 3.48
N GLY A 78 7.51 13.81 3.99
CA GLY A 78 6.69 13.48 5.14
C GLY A 78 5.21 13.70 4.87
N LYS A 79 4.86 13.90 3.61
CA LYS A 79 3.47 14.11 3.22
C LYS A 79 2.79 12.80 2.87
N VAL A 80 3.60 11.79 2.54
CA VAL A 80 3.08 10.48 2.18
C VAL A 80 2.18 9.92 3.28
N VAL A 81 2.61 10.12 4.53
CA VAL A 81 1.85 9.64 5.68
C VAL A 81 0.37 9.99 5.55
N GLU A 82 0.10 11.21 5.12
CA GLU A 82 -1.28 11.67 4.95
C GLU A 82 -2.04 10.77 3.98
N ASP A 83 -1.42 10.50 2.83
CA ASP A 83 -2.04 9.65 1.83
C ASP A 83 -2.13 8.20 2.31
N TRP A 84 -1.16 7.79 3.12
CA TRP A 84 -1.13 6.43 3.64
C TRP A 84 -2.38 6.15 4.49
N LEU A 85 -2.47 6.83 5.63
CA LEU A 85 -3.61 6.64 6.52
C LEU A 85 -4.93 6.93 5.79
N SER A 86 -4.96 8.02 5.05
CA SER A 86 -6.15 8.41 4.31
C SER A 86 -6.69 7.23 3.49
N LEU A 87 -5.82 6.67 2.66
CA LEU A 87 -6.20 5.53 1.83
C LEU A 87 -6.72 4.38 2.67
N VAL A 88 -5.83 3.79 3.47
CA VAL A 88 -6.19 2.68 4.34
C VAL A 88 -7.43 3.00 5.16
N LYS A 89 -7.68 4.29 5.36
CA LYS A 89 -8.84 4.75 6.13
C LYS A 89 -10.06 4.89 5.24
N ALA A 90 -9.83 5.07 3.94
CA ALA A 90 -10.92 5.22 2.98
C ALA A 90 -11.33 3.88 2.41
N LYS A 91 -10.39 3.19 1.77
CA LYS A 91 -10.66 1.88 1.18
C LYS A 91 -11.46 1.01 2.14
N PHE A 92 -11.18 1.15 3.42
CA PHE A 92 -11.88 0.38 4.45
C PHE A 92 -13.17 1.07 4.86
N CYS A 93 -13.17 2.39 4.85
CA CYS A 93 -14.35 3.16 5.21
C CYS A 93 -15.34 3.24 4.07
N GLU A 94 -14.90 2.85 2.87
CA GLU A 94 -15.75 2.88 1.69
C GLU A 94 -16.26 1.48 1.36
N ALA A 95 -15.48 0.46 1.71
CA ALA A 95 -15.86 -0.92 1.45
C ALA A 95 -15.84 -1.74 2.74
N PRO A 96 -16.67 -2.80 2.77
CA PRO A 96 -16.76 -3.69 3.94
C PRO A 96 -15.51 -4.52 4.14
N GLY A 97 -14.54 -3.96 4.85
CA GLY A 97 -13.30 -4.68 5.11
C GLY A 97 -12.70 -5.27 3.85
N SER A 98 -13.05 -4.69 2.70
CA SER A 98 -12.54 -5.17 1.42
C SER A 98 -11.02 -5.10 1.37
N CYS A 99 -10.46 -5.34 0.19
CA CYS A 99 -9.01 -5.30 0.01
C CYS A 99 -8.59 -4.05 -0.74
N VAL A 100 -7.32 -3.70 -0.64
CA VAL A 100 -6.78 -2.52 -1.30
C VAL A 100 -5.69 -2.90 -2.29
N ALA A 101 -5.98 -2.76 -3.58
CA ALA A 101 -5.03 -3.08 -4.63
C ALA A 101 -4.03 -1.95 -4.82
N VAL A 102 -2.75 -2.26 -4.63
CA VAL A 102 -1.69 -1.27 -4.78
C VAL A 102 -0.59 -1.77 -5.71
N HIS A 103 0.05 -0.86 -6.44
CA HIS A 103 1.11 -1.21 -7.36
C HIS A 103 2.41 -1.50 -6.61
N CYS A 104 3.08 -2.58 -7.00
CA CYS A 104 4.33 -2.97 -6.35
C CYS A 104 5.23 -3.72 -7.33
N VAL A 105 6.49 -3.29 -7.41
CA VAL A 105 7.45 -3.91 -8.32
C VAL A 105 8.06 -5.16 -7.68
N ALA A 106 9.08 -4.96 -6.86
CA ALA A 106 9.76 -6.06 -6.19
C ALA A 106 9.51 -6.03 -4.68
N GLY A 107 9.36 -4.82 -4.14
CA GLY A 107 9.12 -4.67 -2.72
C GLY A 107 10.11 -3.73 -2.06
N LEU A 108 11.11 -4.28 -1.39
CA LEU A 108 12.12 -3.49 -0.71
C LEU A 108 11.54 -2.16 -0.24
N GLY A 109 12.41 -1.20 0.05
CA GLY A 109 11.96 0.10 0.51
C GLY A 109 10.46 0.18 0.67
N ARG A 110 9.79 0.70 -0.35
CA ARG A 110 8.33 0.82 -0.32
C ARG A 110 7.71 -0.30 0.50
N ALA A 111 8.03 -1.54 0.16
CA ALA A 111 7.50 -2.70 0.86
C ALA A 111 7.40 -2.42 2.37
N PRO A 112 8.55 -2.43 3.04
CA PRO A 112 8.62 -2.19 4.49
C PRO A 112 8.31 -0.74 4.84
N VAL A 113 9.11 0.18 4.30
CA VAL A 113 8.91 1.60 4.56
C VAL A 113 7.43 1.96 4.57
N LEU A 114 6.67 1.36 3.68
CA LEU A 114 5.24 1.62 3.59
C LEU A 114 4.49 0.95 4.73
N VAL A 115 4.52 -0.38 4.76
CA VAL A 115 3.85 -1.14 5.81
C VAL A 115 4.23 -0.62 7.20
N ALA A 116 5.45 -0.10 7.31
CA ALA A 116 5.93 0.43 8.57
C ALA A 116 5.19 1.70 8.96
N LEU A 117 5.08 2.62 8.01
CA LEU A 117 4.40 3.90 8.25
C LEU A 117 2.99 3.66 8.79
N ALA A 118 2.24 2.79 8.11
CA ALA A 118 0.88 2.48 8.53
C ALA A 118 0.88 1.69 9.83
N LEU A 119 1.81 0.75 9.96
CA LEU A 119 1.90 -0.07 11.15
C LEU A 119 2.16 0.79 12.40
N ILE A 120 2.99 1.81 12.23
CA ILE A 120 3.31 2.71 13.34
C ILE A 120 2.11 3.56 13.72
N GLU A 121 1.43 4.10 12.70
CA GLU A 121 0.25 4.93 12.94
C GLU A 121 -0.89 4.11 13.53
N SER A 122 -0.87 2.81 13.27
CA SER A 122 -1.90 1.91 13.77
C SER A 122 -1.86 1.84 15.29
N GLY A 123 -0.71 2.16 15.86
CA GLY A 123 -0.56 2.13 17.31
C GLY A 123 0.63 1.29 17.75
N MET A 124 1.63 1.19 16.88
CA MET A 124 2.83 0.42 17.19
C MET A 124 4.05 1.32 17.30
N LYS A 125 5.03 0.90 18.09
CA LYS A 125 6.26 1.67 18.27
C LYS A 125 7.15 1.58 17.04
N TYR A 126 7.73 2.71 16.66
CA TYR A 126 8.60 2.76 15.49
C TYR A 126 9.73 1.74 15.61
N GLU A 127 10.38 1.72 16.76
CA GLU A 127 11.48 0.78 17.01
C GLU A 127 11.00 -0.66 16.88
N ASP A 128 9.99 -1.02 17.67
CA ASP A 128 9.44 -2.37 17.64
C ASP A 128 9.11 -2.79 16.22
N ALA A 129 8.28 -2.00 15.55
CA ALA A 129 7.88 -2.30 14.18
C ALA A 129 9.10 -2.52 13.29
N ILE A 130 10.09 -1.63 13.40
CA ILE A 130 11.30 -1.73 12.61
C ILE A 130 11.97 -3.09 12.80
N GLN A 131 12.26 -3.43 14.05
CA GLN A 131 12.90 -4.70 14.37
C GLN A 131 12.15 -5.86 13.71
N PHE A 132 10.84 -5.72 13.59
CA PHE A 132 10.01 -6.76 12.99
C PHE A 132 10.27 -6.85 11.49
N ILE A 133 9.89 -5.81 10.76
CA ILE A 133 10.08 -5.77 9.32
C ILE A 133 11.56 -5.88 8.96
N ARG A 134 12.42 -5.60 9.93
CA ARG A 134 13.86 -5.66 9.72
C ARG A 134 14.37 -7.09 9.91
N GLN A 135 13.88 -7.75 10.94
CA GLN A 135 14.29 -9.12 11.24
C GLN A 135 13.76 -10.09 10.19
N LYS A 136 12.67 -9.71 9.54
CA LYS A 136 12.05 -10.54 8.52
C LYS A 136 12.60 -10.19 7.13
N ARG A 137 13.83 -9.67 7.10
CA ARG A 137 14.46 -9.30 5.84
C ARG A 137 15.86 -8.72 6.09
N ARG A 138 16.44 -8.13 5.06
CA ARG A 138 17.77 -7.54 5.16
C ARG A 138 17.71 -6.02 4.98
N GLY A 139 17.78 -5.30 6.09
CA GLY A 139 17.73 -3.85 6.04
C GLY A 139 16.55 -3.35 5.24
N ALA A 140 15.35 -3.53 5.77
CA ALA A 140 14.14 -3.08 5.10
C ALA A 140 13.92 -1.59 5.30
N ILE A 141 13.72 -1.18 6.55
CA ILE A 141 13.49 0.23 6.87
C ILE A 141 14.80 0.90 7.29
N ASN A 142 15.83 0.09 7.52
CA ASN A 142 17.13 0.62 7.92
C ASN A 142 17.58 1.74 6.99
N SER A 143 18.42 2.63 7.51
CA SER A 143 18.93 3.75 6.72
C SER A 143 17.94 4.91 6.73
N LYS A 144 17.90 5.66 5.64
CA LYS A 144 17.00 6.80 5.52
C LYS A 144 15.65 6.48 6.14
N GLN A 145 14.95 5.49 5.57
CA GLN A 145 13.64 5.10 6.06
C GLN A 145 13.61 5.10 7.59
N LEU A 146 14.64 4.54 8.20
CA LEU A 146 14.72 4.48 9.66
C LEU A 146 14.55 5.87 10.27
N THR A 147 15.44 6.78 9.88
CA THR A 147 15.39 8.16 10.39
C THR A 147 14.04 8.79 10.10
N TYR A 148 13.43 8.40 8.99
CA TYR A 148 12.14 8.93 8.58
C TYR A 148 11.15 8.90 9.74
N LEU A 149 10.86 7.70 10.23
CA LEU A 149 9.93 7.53 11.34
C LEU A 149 10.51 8.10 12.64
N GLU A 150 11.83 8.00 12.79
CA GLU A 150 12.50 8.51 13.97
C GLU A 150 12.16 9.98 14.20
N LYS A 151 12.27 10.79 13.15
CA LYS A 151 11.97 12.21 13.24
C LYS A 151 10.47 12.45 13.14
N TYR A 152 9.77 11.55 12.46
CA TYR A 152 8.33 11.67 12.28
C TYR A 152 7.60 11.35 13.59
N ARG A 153 6.55 12.11 13.86
CA ARG A 153 5.76 11.91 15.08
C ARG A 153 4.34 11.46 14.73
N PRO A 154 3.89 10.37 15.36
CA PRO A 154 2.56 9.81 15.16
C PRO A 154 1.46 10.71 15.72
N LYS A 155 0.63 11.26 14.83
CA LYS A 155 -0.46 12.13 15.24
C LYS A 155 -1.68 11.31 15.65
N GLN A 156 -1.53 9.99 15.67
CA GLN A 156 -2.62 9.11 16.05
C GLN A 156 -3.77 9.21 15.05
N ARG A 157 -3.50 8.85 13.80
CA ARG A 157 -4.52 8.92 12.76
C ARG A 157 -5.27 7.59 12.66
N LEU A 158 -4.54 6.51 12.48
CA LEU A 158 -5.13 5.18 12.37
C LEU A 158 -5.60 4.68 13.74
N ARG A 159 -4.91 5.12 14.79
CA ARG A 159 -5.24 4.72 16.15
C ARG A 159 -4.31 5.38 17.15
N PHE A 160 -4.38 4.94 18.41
CA PHE A 160 -3.54 5.49 19.47
C PHE A 160 -2.19 4.79 19.51
N LYS A 161 -1.11 5.57 19.50
CA LYS A 161 0.24 5.04 19.54
C LYS A 161 0.89 5.31 20.89
N ASP A 162 1.88 4.47 21.23
CA ASP A 162 2.59 4.63 22.50
C ASP A 162 1.60 4.71 23.67
N MET A 1 2.43 -4.89 -18.38
CA MET A 1 3.19 -4.74 -19.61
C MET A 1 2.85 -5.86 -20.60
N ALA A 2 2.41 -7.00 -20.07
CA ALA A 2 2.04 -8.14 -20.90
C ALA A 2 1.40 -9.24 -20.07
N ARG A 3 1.19 -10.39 -20.69
CA ARG A 3 0.58 -11.53 -20.01
C ARG A 3 -0.88 -11.23 -19.63
N MET A 4 -1.71 -12.25 -19.62
CA MET A 4 -3.11 -12.11 -19.28
C MET A 4 -3.84 -13.44 -19.32
N ASN A 5 -4.07 -14.01 -18.14
CA ASN A 5 -4.76 -15.29 -18.04
C ASN A 5 -4.93 -15.70 -16.58
N ARG A 6 -6.10 -15.42 -16.02
CA ARG A 6 -6.39 -15.76 -14.63
C ARG A 6 -5.29 -15.26 -13.71
N PRO A 7 -5.21 -13.93 -13.55
CA PRO A 7 -4.21 -13.27 -12.69
C PRO A 7 -4.46 -13.54 -11.22
N ALA A 8 -3.47 -14.14 -10.55
CA ALA A 8 -3.58 -14.44 -9.13
C ALA A 8 -2.69 -13.53 -8.30
N PRO A 9 -3.24 -12.38 -7.87
CA PRO A 9 -2.51 -11.40 -7.07
C PRO A 9 -2.22 -11.91 -5.65
N VAL A 10 -1.86 -10.99 -4.77
CA VAL A 10 -1.55 -11.34 -3.38
C VAL A 10 -2.35 -10.48 -2.41
N GLU A 11 -3.26 -11.11 -1.67
CA GLU A 11 -4.08 -10.40 -0.70
C GLU A 11 -3.48 -10.49 0.70
N VAL A 12 -3.17 -9.33 1.28
CA VAL A 12 -2.59 -9.28 2.61
C VAL A 12 -3.60 -8.77 3.63
N SER A 13 -4.11 -9.67 4.47
CA SER A 13 -5.07 -9.30 5.48
C SER A 13 -4.38 -8.95 6.80
N TYR A 14 -4.60 -7.73 7.27
CA TYR A 14 -4.00 -7.27 8.51
C TYR A 14 -4.97 -7.41 9.68
N LYS A 15 -4.68 -6.73 10.78
CA LYS A 15 -5.54 -6.78 11.96
C LYS A 15 -6.99 -6.49 11.60
N HIS A 16 -7.21 -5.40 10.88
CA HIS A 16 -8.55 -5.01 10.47
C HIS A 16 -8.53 -4.41 9.06
N MET A 17 -7.60 -4.87 8.23
CA MET A 17 -7.47 -4.37 6.87
C MET A 17 -7.14 -5.51 5.91
N ARG A 18 -7.12 -5.20 4.62
CA ARG A 18 -6.82 -6.20 3.60
C ARG A 18 -6.47 -5.53 2.27
N PHE A 19 -5.19 -5.61 1.89
CA PHE A 19 -4.73 -5.01 0.65
C PHE A 19 -4.48 -6.08 -0.42
N LEU A 20 -4.11 -5.65 -1.61
CA LEU A 20 -3.84 -6.57 -2.72
C LEU A 20 -2.64 -6.11 -3.53
N ILE A 21 -1.53 -6.82 -3.37
CA ILE A 21 -0.30 -6.49 -4.08
C ILE A 21 -0.22 -7.26 -5.41
N THR A 22 -0.13 -6.53 -6.51
CA THR A 22 -0.04 -7.14 -7.83
C THR A 22 1.20 -6.64 -8.57
N HIS A 23 1.27 -6.98 -9.86
CA HIS A 23 2.40 -6.57 -10.69
C HIS A 23 1.96 -6.29 -12.12
N ASN A 24 2.92 -6.16 -13.02
CA ASN A 24 2.62 -5.89 -14.42
C ASN A 24 1.97 -4.52 -14.59
N PRO A 25 2.80 -3.47 -14.59
CA PRO A 25 2.32 -2.08 -14.73
C PRO A 25 1.81 -1.79 -16.13
N THR A 26 1.63 -0.51 -16.44
CA THR A 26 1.14 -0.10 -17.75
C THR A 26 -0.31 -0.54 -17.95
N ASN A 27 -0.94 -0.02 -19.01
CA ASN A 27 -2.33 -0.36 -19.32
C ASN A 27 -2.40 -1.48 -20.35
N ALA A 28 -1.33 -2.28 -20.43
CA ALA A 28 -1.28 -3.38 -21.38
C ALA A 28 -2.24 -4.49 -20.99
N THR A 29 -2.64 -4.50 -19.72
CA THR A 29 -3.56 -5.51 -19.21
C THR A 29 -4.55 -4.91 -18.22
N LEU A 30 -5.13 -3.78 -18.59
CA LEU A 30 -6.10 -3.09 -17.73
C LEU A 30 -7.49 -3.69 -17.90
N SER A 31 -7.59 -4.72 -18.73
CA SER A 31 -8.86 -5.40 -18.98
C SER A 31 -9.17 -6.39 -17.87
N THR A 32 -8.19 -7.25 -17.56
CA THR A 32 -8.37 -8.26 -16.53
C THR A 32 -7.99 -7.71 -15.16
N PHE A 33 -7.10 -6.72 -15.15
CA PHE A 33 -6.65 -6.10 -13.90
C PHE A 33 -7.85 -5.67 -13.05
N ILE A 34 -8.83 -5.06 -13.70
CA ILE A 34 -10.02 -4.60 -13.00
C ILE A 34 -10.78 -5.76 -12.37
N GLU A 35 -10.92 -6.85 -13.12
CA GLU A 35 -11.61 -8.03 -12.62
C GLU A 35 -10.85 -8.66 -11.45
N ASP A 36 -9.53 -8.52 -11.47
CA ASP A 36 -8.68 -9.08 -10.42
C ASP A 36 -8.99 -8.42 -9.07
N LEU A 37 -8.93 -7.10 -9.05
CA LEU A 37 -9.19 -6.35 -7.83
C LEU A 37 -10.69 -6.34 -7.50
N LYS A 38 -11.51 -6.59 -8.51
CA LYS A 38 -12.96 -6.63 -8.32
C LYS A 38 -13.40 -7.98 -7.77
N LYS A 39 -12.77 -9.05 -8.25
CA LYS A 39 -13.09 -10.40 -7.80
C LYS A 39 -12.61 -10.63 -6.38
N TYR A 40 -11.45 -10.05 -6.05
CA TYR A 40 -10.88 -10.19 -4.72
C TYR A 40 -11.66 -9.37 -3.70
N GLY A 41 -12.61 -8.58 -4.18
CA GLY A 41 -13.41 -7.76 -3.29
C GLY A 41 -12.68 -6.50 -2.85
N ALA A 42 -11.81 -5.98 -3.72
CA ALA A 42 -11.05 -4.79 -3.41
C ALA A 42 -11.67 -3.56 -4.08
N THR A 43 -12.05 -2.57 -3.27
CA THR A 43 -12.66 -1.36 -3.78
C THR A 43 -11.61 -0.26 -3.99
N THR A 44 -10.39 -0.68 -4.30
CA THR A 44 -9.29 0.26 -4.53
C THR A 44 -8.41 -0.19 -5.69
N VAL A 45 -7.94 0.77 -6.47
CA VAL A 45 -7.08 0.47 -7.62
C VAL A 45 -5.62 0.42 -7.21
N VAL A 46 -4.87 -0.50 -7.80
CA VAL A 46 -3.45 -0.66 -7.50
C VAL A 46 -2.63 0.46 -8.13
N ARG A 47 -3.18 1.67 -8.14
CA ARG A 47 -2.50 2.82 -8.72
C ARG A 47 -1.28 3.20 -7.90
N VAL A 48 -1.01 2.41 -6.85
CA VAL A 48 0.14 2.66 -5.99
C VAL A 48 1.44 2.37 -6.71
N CYS A 49 1.85 3.28 -7.60
CA CYS A 49 3.08 3.12 -8.36
C CYS A 49 3.28 4.29 -9.32
N GLU A 50 4.14 4.09 -10.31
CA GLU A 50 4.43 5.12 -11.30
C GLU A 50 3.26 5.28 -12.27
N VAL A 51 2.08 5.57 -11.74
CA VAL A 51 0.89 5.74 -12.55
C VAL A 51 1.00 6.98 -13.43
N THR A 52 0.48 6.89 -14.65
CA THR A 52 0.52 8.00 -15.59
C THR A 52 -0.66 7.95 -16.55
N TYR A 53 -1.77 7.38 -16.09
CA TYR A 53 -2.97 7.28 -16.91
C TYR A 53 -4.21 7.66 -16.11
N ASP A 54 -5.18 8.27 -16.79
CA ASP A 54 -6.41 8.70 -16.14
C ASP A 54 -7.35 7.51 -15.92
N LYS A 55 -7.91 7.42 -14.71
CA LYS A 55 -8.82 6.35 -14.36
C LYS A 55 -10.12 6.46 -15.16
N THR A 56 -10.23 5.65 -16.21
CA THR A 56 -11.43 5.66 -17.05
C THR A 56 -12.38 4.54 -16.64
N PRO A 57 -11.90 3.29 -16.69
CA PRO A 57 -12.71 2.11 -16.33
C PRO A 57 -12.99 2.05 -14.83
N LEU A 58 -11.97 1.75 -14.05
CA LEU A 58 -12.11 1.65 -12.60
C LEU A 58 -12.86 2.86 -12.05
N GLU A 59 -12.90 3.93 -12.84
CA GLU A 59 -13.58 5.15 -12.43
C GLU A 59 -15.08 4.92 -12.29
N LYS A 60 -15.67 4.32 -13.33
CA LYS A 60 -17.11 4.03 -13.33
C LYS A 60 -17.44 2.89 -12.37
N ASP A 61 -16.45 2.04 -12.11
CA ASP A 61 -16.64 0.90 -11.21
C ASP A 61 -16.74 1.38 -9.76
N GLY A 62 -16.56 2.67 -9.54
CA GLY A 62 -16.64 3.23 -8.20
C GLY A 62 -15.50 2.76 -7.32
N ILE A 63 -14.39 2.36 -7.94
CA ILE A 63 -13.22 1.89 -7.21
C ILE A 63 -12.31 3.05 -6.82
N THR A 64 -11.93 3.09 -5.55
CA THR A 64 -11.06 4.16 -5.06
C THR A 64 -9.72 4.14 -5.78
N VAL A 65 -9.36 5.26 -6.37
CA VAL A 65 -8.09 5.38 -7.09
C VAL A 65 -6.93 5.60 -6.13
N VAL A 66 -6.07 4.59 -6.00
CA VAL A 66 -4.92 4.68 -5.11
C VAL A 66 -3.64 4.91 -5.90
N ASP A 67 -3.31 6.18 -6.13
CA ASP A 67 -2.10 6.54 -6.87
C ASP A 67 -1.07 7.18 -5.94
N TRP A 68 0.03 6.46 -5.72
CA TRP A 68 1.09 6.95 -4.85
C TRP A 68 2.46 6.64 -5.45
N PRO A 69 3.39 7.59 -5.32
CA PRO A 69 4.75 7.45 -5.85
C PRO A 69 5.56 6.42 -5.07
N PHE A 70 4.93 5.29 -4.75
CA PHE A 70 5.61 4.23 -4.02
C PHE A 70 6.19 3.19 -4.97
N ASP A 71 6.31 3.56 -6.23
CA ASP A 71 6.86 2.66 -7.25
C ASP A 71 8.38 2.57 -7.12
N ASP A 72 9.02 3.72 -6.94
CA ASP A 72 10.48 3.77 -6.81
C ASP A 72 10.95 5.19 -6.58
N GLY A 73 10.30 5.89 -5.65
CA GLY A 73 10.66 7.26 -5.35
C GLY A 73 9.93 7.82 -4.15
N ALA A 74 8.94 8.66 -4.40
CA ALA A 74 8.15 9.26 -3.33
C ALA A 74 9.01 10.17 -2.46
N PRO A 75 8.35 11.05 -1.69
CA PRO A 75 9.03 11.99 -0.81
C PRO A 75 9.68 11.29 0.39
N PRO A 76 10.95 11.65 0.66
CA PRO A 76 11.71 11.06 1.77
C PRO A 76 11.19 11.52 3.12
N PRO A 77 10.57 12.71 3.15
CA PRO A 77 10.01 13.28 4.38
C PRO A 77 8.80 12.51 4.88
N GLY A 78 8.10 13.08 5.87
CA GLY A 78 6.92 12.44 6.42
C GLY A 78 5.65 12.87 5.70
N LYS A 79 5.73 12.99 4.38
CA LYS A 79 4.57 13.39 3.59
C LYS A 79 3.76 12.17 3.16
N VAL A 80 4.44 11.15 2.67
CA VAL A 80 3.78 9.93 2.23
C VAL A 80 2.80 9.42 3.28
N VAL A 81 3.16 9.60 4.54
CA VAL A 81 2.32 9.17 5.66
C VAL A 81 0.88 9.63 5.46
N GLU A 82 0.72 10.88 5.05
CA GLU A 82 -0.62 11.44 4.83
C GLU A 82 -1.42 10.57 3.86
N ASP A 83 -0.81 10.25 2.72
CA ASP A 83 -1.47 9.43 1.71
C ASP A 83 -1.68 8.00 2.22
N TRP A 84 -0.78 7.57 3.10
CA TRP A 84 -0.87 6.22 3.65
C TRP A 84 -2.18 6.03 4.42
N LEU A 85 -2.31 6.71 5.55
CA LEU A 85 -3.52 6.62 6.36
C LEU A 85 -4.75 7.01 5.56
N SER A 86 -4.62 8.06 4.75
CA SER A 86 -5.73 8.52 3.92
C SER A 86 -6.31 7.38 3.10
N LEU A 87 -5.48 6.75 2.28
CA LEU A 87 -5.92 5.64 1.45
C LEU A 87 -6.65 4.58 2.27
N VAL A 88 -5.95 4.02 3.25
CA VAL A 88 -6.54 3.00 4.12
C VAL A 88 -7.83 3.50 4.74
N LYS A 89 -7.73 4.53 5.57
CA LYS A 89 -8.91 5.09 6.23
C LYS A 89 -10.02 5.36 5.22
N ALA A 90 -9.64 5.50 3.95
CA ALA A 90 -10.61 5.76 2.90
C ALA A 90 -11.22 4.47 2.38
N LYS A 91 -10.40 3.63 1.77
CA LYS A 91 -10.85 2.35 1.23
C LYS A 91 -11.64 1.57 2.28
N PHE A 92 -11.26 1.73 3.54
CA PHE A 92 -11.94 1.04 4.63
C PHE A 92 -13.17 1.82 5.08
N CYS A 93 -13.19 3.11 4.80
CA CYS A 93 -14.31 3.96 5.18
C CYS A 93 -15.38 3.96 4.09
N GLU A 94 -14.98 3.64 2.86
CA GLU A 94 -15.90 3.59 1.74
C GLU A 94 -16.56 2.22 1.62
N ALA A 95 -15.91 1.21 2.20
CA ALA A 95 -16.43 -0.15 2.16
C ALA A 95 -16.29 -0.83 3.52
N PRO A 96 -17.09 -1.88 3.74
CA PRO A 96 -17.08 -2.64 4.99
C PRO A 96 -15.79 -3.45 5.17
N GLY A 97 -15.82 -4.71 4.73
CA GLY A 97 -14.66 -5.56 4.86
C GLY A 97 -14.00 -5.84 3.53
N SER A 98 -14.15 -4.90 2.58
CA SER A 98 -13.58 -5.07 1.26
C SER A 98 -12.05 -5.18 1.34
N CYS A 99 -11.39 -4.95 0.20
CA CYS A 99 -9.93 -5.02 0.14
C CYS A 99 -9.36 -3.85 -0.64
N VAL A 100 -8.04 -3.69 -0.59
CA VAL A 100 -7.37 -2.61 -1.30
C VAL A 100 -6.37 -3.15 -2.30
N ALA A 101 -6.41 -2.60 -3.51
CA ALA A 101 -5.50 -3.02 -4.58
C ALA A 101 -4.37 -2.01 -4.77
N VAL A 102 -3.14 -2.46 -4.57
CA VAL A 102 -1.98 -1.59 -4.72
C VAL A 102 -0.91 -2.25 -5.60
N HIS A 103 -0.17 -1.44 -6.34
CA HIS A 103 0.88 -1.94 -7.21
C HIS A 103 2.21 -2.07 -6.46
N CYS A 104 2.93 -3.15 -6.70
CA CYS A 104 4.21 -3.39 -6.05
C CYS A 104 5.12 -4.23 -6.93
N VAL A 105 6.42 -3.96 -6.84
CA VAL A 105 7.41 -4.69 -7.64
C VAL A 105 7.76 -6.03 -6.98
N ALA A 106 8.83 -6.04 -6.19
CA ALA A 106 9.26 -7.24 -5.52
C ALA A 106 9.01 -7.16 -4.02
N GLY A 107 9.05 -5.94 -3.48
CA GLY A 107 8.82 -5.73 -2.07
C GLY A 107 9.90 -4.88 -1.42
N LEU A 108 10.83 -5.53 -0.74
CA LEU A 108 11.92 -4.83 -0.07
C LEU A 108 11.48 -3.44 0.38
N GLY A 109 12.44 -2.58 0.68
CA GLY A 109 12.13 -1.23 1.10
C GLY A 109 10.65 -1.00 1.25
N ARG A 110 10.04 -0.39 0.24
CA ARG A 110 8.61 -0.11 0.27
C ARG A 110 7.86 -1.16 1.06
N ALA A 111 8.06 -2.43 0.70
CA ALA A 111 7.40 -3.54 1.39
C ALA A 111 7.29 -3.26 2.88
N PRO A 112 8.40 -3.44 3.61
CA PRO A 112 8.45 -3.22 5.05
C PRO A 112 8.33 -1.75 5.42
N VAL A 113 9.00 -0.89 4.65
CA VAL A 113 8.96 0.55 4.89
C VAL A 113 7.52 1.06 4.93
N LEU A 114 6.79 0.85 3.85
CA LEU A 114 5.40 1.29 3.76
C LEU A 114 4.57 0.68 4.90
N VAL A 115 4.51 -0.64 4.94
CA VAL A 115 3.75 -1.34 5.97
C VAL A 115 4.14 -0.86 7.36
N ALA A 116 5.42 -0.53 7.52
CA ALA A 116 5.93 -0.06 8.81
C ALA A 116 5.24 1.24 9.22
N LEU A 117 5.07 2.14 8.26
CA LEU A 117 4.43 3.42 8.51
C LEU A 117 3.00 3.24 9.00
N ALA A 118 2.24 2.42 8.27
CA ALA A 118 0.85 2.14 8.63
C ALA A 118 0.76 1.32 9.91
N LEU A 119 1.70 0.40 10.07
CA LEU A 119 1.73 -0.46 11.26
C LEU A 119 1.88 0.38 12.53
N ILE A 120 2.83 1.31 12.50
CA ILE A 120 3.06 2.18 13.65
C ILE A 120 1.87 3.08 13.93
N GLU A 121 1.33 3.69 12.87
CA GLU A 121 0.19 4.57 13.00
C GLU A 121 -1.04 3.81 13.49
N SER A 122 -0.99 2.49 13.37
CA SER A 122 -2.11 1.65 13.81
C SER A 122 -2.10 1.48 15.33
N GLY A 123 -0.94 1.71 15.94
CA GLY A 123 -0.83 1.58 17.38
C GLY A 123 0.29 0.66 17.79
N MET A 124 1.23 0.41 16.88
CA MET A 124 2.36 -0.46 17.16
C MET A 124 3.61 0.35 17.48
N LYS A 125 4.52 -0.24 18.25
CA LYS A 125 5.75 0.42 18.63
C LYS A 125 6.75 0.43 17.47
N TYR A 126 7.30 1.60 17.17
CA TYR A 126 8.27 1.74 16.08
C TYR A 126 9.36 0.68 16.18
N GLU A 127 9.96 0.58 17.36
CA GLU A 127 11.03 -0.39 17.59
C GLU A 127 10.54 -1.81 17.30
N ASP A 128 9.50 -2.22 18.01
CA ASP A 128 8.93 -3.55 17.85
C ASP A 128 8.66 -3.84 16.37
N ALA A 129 7.85 -2.98 15.75
CA ALA A 129 7.51 -3.14 14.34
C ALA A 129 8.77 -3.33 13.49
N ILE A 130 9.76 -2.47 13.71
CA ILE A 130 11.00 -2.54 12.96
C ILE A 130 11.64 -3.91 13.07
N GLN A 131 11.89 -4.35 14.31
CA GLN A 131 12.49 -5.65 14.56
C GLN A 131 11.74 -6.75 13.80
N PHE A 132 10.44 -6.56 13.64
CA PHE A 132 9.61 -7.54 12.94
C PHE A 132 9.93 -7.55 11.45
N ILE A 133 9.66 -6.43 10.79
CA ILE A 133 9.91 -6.32 9.35
C ILE A 133 11.41 -6.37 9.05
N ARG A 134 12.22 -6.25 10.11
CA ARG A 134 13.67 -6.29 9.96
C ARG A 134 14.20 -7.72 10.12
N GLN A 135 13.66 -8.43 11.10
CA GLN A 135 14.08 -9.81 11.36
C GLN A 135 13.67 -10.72 10.21
N LYS A 136 12.52 -10.43 9.62
CA LYS A 136 12.01 -11.23 8.52
C LYS A 136 13.03 -11.33 7.39
N ARG A 137 13.82 -10.26 7.21
CA ARG A 137 14.84 -10.23 6.18
C ARG A 137 16.13 -9.62 6.71
N ARG A 138 16.28 -8.31 6.54
CA ARG A 138 17.47 -7.61 7.00
C ARG A 138 17.51 -6.19 6.44
N GLY A 139 17.78 -5.22 7.30
CA GLY A 139 17.85 -3.84 6.87
C GLY A 139 16.69 -3.45 5.98
N ALA A 140 15.47 -3.64 6.47
CA ALA A 140 14.26 -3.31 5.71
C ALA A 140 13.91 -1.84 5.85
N ILE A 141 13.58 -1.43 7.07
CA ILE A 141 13.22 -0.04 7.35
C ILE A 141 14.43 0.75 7.83
N ASN A 142 15.57 0.08 7.94
CA ASN A 142 16.80 0.72 8.39
C ASN A 142 17.10 1.97 7.55
N SER A 143 18.10 2.73 7.98
CA SER A 143 18.48 3.95 7.28
C SER A 143 17.54 5.10 7.62
N LYS A 144 17.43 6.06 6.71
CA LYS A 144 16.57 7.22 6.90
C LYS A 144 15.23 6.79 7.51
N GLN A 145 14.58 5.82 6.88
CA GLN A 145 13.29 5.33 7.36
C GLN A 145 13.32 5.10 8.86
N LEU A 146 14.34 4.38 9.33
CA LEU A 146 14.48 4.08 10.74
C LEU A 146 14.54 5.37 11.57
N THR A 147 15.49 6.25 11.22
CA THR A 147 15.64 7.51 11.93
C THR A 147 14.36 8.34 11.87
N TYR A 148 13.65 8.22 10.75
CA TYR A 148 12.41 8.97 10.57
C TYR A 148 11.44 8.72 11.72
N LEU A 149 11.03 7.46 11.88
CA LEU A 149 10.12 7.09 12.95
C LEU A 149 10.77 7.26 14.32
N GLU A 150 12.10 7.16 14.35
CA GLU A 150 12.84 7.32 15.60
C GLU A 150 12.58 8.68 16.23
N LYS A 151 12.60 9.71 15.40
CA LYS A 151 12.36 11.07 15.86
C LYS A 151 10.89 11.47 15.70
N TYR A 152 10.24 10.87 14.72
CA TYR A 152 8.83 11.15 14.46
C TYR A 152 7.95 10.69 15.61
N ARG A 153 6.84 11.38 15.82
CA ARG A 153 5.91 11.05 16.89
C ARG A 153 4.52 10.74 16.33
N PRO A 154 3.93 9.62 16.79
CA PRO A 154 2.60 9.20 16.35
C PRO A 154 1.49 10.11 16.88
N LYS A 155 0.79 10.77 15.96
CA LYS A 155 -0.29 11.67 16.34
C LYS A 155 -1.60 10.90 16.56
N GLN A 156 -1.51 9.58 16.49
CA GLN A 156 -2.68 8.73 16.67
C GLN A 156 -3.71 8.97 15.57
N ARG A 157 -3.34 8.61 14.34
CA ARG A 157 -4.23 8.79 13.19
C ARG A 157 -5.07 7.54 12.97
N LEU A 158 -4.40 6.41 12.76
CA LEU A 158 -5.09 5.14 12.53
C LEU A 158 -5.65 4.58 13.83
N ARG A 159 -4.98 4.89 14.94
CA ARG A 159 -5.41 4.41 16.25
C ARG A 159 -4.48 4.94 17.35
N PHE A 160 -4.68 4.44 18.57
CA PHE A 160 -3.87 4.85 19.70
C PHE A 160 -2.57 4.06 19.76
N LYS A 161 -1.44 4.76 19.76
CA LYS A 161 -0.13 4.12 19.82
C LYS A 161 0.54 4.37 21.16
N ASP A 162 1.45 3.49 21.53
CA ASP A 162 2.17 3.61 22.79
C ASP A 162 1.21 3.81 23.96
N MET A 1 -7.22 -4.21 -24.52
CA MET A 1 -6.17 -4.43 -25.51
C MET A 1 -5.68 -5.87 -25.48
N ALA A 2 -6.05 -6.59 -24.43
CA ALA A 2 -5.64 -7.98 -24.28
C ALA A 2 -6.26 -8.60 -23.03
N ARG A 3 -7.04 -9.66 -23.21
CA ARG A 3 -7.68 -10.34 -22.11
C ARG A 3 -7.25 -11.81 -22.03
N MET A 4 -6.06 -12.04 -21.48
CA MET A 4 -5.53 -13.39 -21.35
C MET A 4 -4.12 -13.36 -20.74
N ASN A 5 -4.01 -13.89 -19.52
CA ASN A 5 -2.72 -13.92 -18.84
C ASN A 5 -2.85 -14.61 -17.48
N ARG A 6 -3.99 -14.39 -16.82
CA ARG A 6 -4.23 -14.99 -15.51
C ARG A 6 -3.19 -14.53 -14.49
N PRO A 7 -3.19 -13.21 -14.20
CA PRO A 7 -2.25 -12.62 -13.24
C PRO A 7 -2.55 -13.04 -11.80
N ALA A 8 -1.50 -13.42 -11.08
CA ALA A 8 -1.65 -13.83 -9.69
C ALA A 8 -0.92 -12.88 -8.75
N PRO A 9 -1.64 -11.87 -8.25
CA PRO A 9 -1.09 -10.87 -7.33
C PRO A 9 -0.78 -11.46 -5.95
N VAL A 10 -0.52 -10.58 -4.99
CA VAL A 10 -0.21 -11.02 -3.63
C VAL A 10 -1.07 -10.27 -2.61
N GLU A 11 -1.90 -11.02 -1.90
CA GLU A 11 -2.78 -10.43 -0.89
C GLU A 11 -2.12 -10.46 0.49
N VAL A 12 -2.23 -9.35 1.21
CA VAL A 12 -1.64 -9.26 2.54
C VAL A 12 -2.68 -8.82 3.57
N SER A 13 -3.12 -9.75 4.41
CA SER A 13 -4.11 -9.46 5.43
C SER A 13 -3.44 -9.02 6.73
N TYR A 14 -3.82 -7.83 7.21
CA TYR A 14 -3.25 -7.30 8.44
C TYR A 14 -4.20 -7.52 9.61
N LYS A 15 -3.96 -6.80 10.70
CA LYS A 15 -4.78 -6.92 11.90
C LYS A 15 -6.27 -6.93 11.53
N HIS A 16 -6.70 -5.91 10.81
CA HIS A 16 -8.10 -5.81 10.38
C HIS A 16 -8.20 -5.22 8.98
N MET A 17 -7.16 -5.43 8.18
CA MET A 17 -7.14 -4.91 6.81
C MET A 17 -6.65 -5.98 5.84
N ARG A 18 -6.62 -5.63 4.56
CA ARG A 18 -6.16 -6.57 3.53
C ARG A 18 -5.83 -5.83 2.24
N PHE A 19 -4.54 -5.81 1.89
CA PHE A 19 -4.08 -5.14 0.69
C PHE A 19 -3.68 -6.14 -0.38
N LEU A 20 -3.35 -5.65 -1.57
CA LEU A 20 -2.95 -6.51 -2.67
C LEU A 20 -1.75 -5.92 -3.42
N ILE A 21 -0.58 -6.52 -3.23
CA ILE A 21 0.63 -6.06 -3.88
C ILE A 21 0.86 -6.80 -5.19
N THR A 22 0.86 -6.06 -6.30
CA THR A 22 1.07 -6.64 -7.62
C THR A 22 2.35 -7.48 -7.65
N HIS A 23 2.19 -8.80 -7.54
CA HIS A 23 3.33 -9.71 -7.56
C HIS A 23 4.25 -9.40 -8.73
N ASN A 24 3.72 -9.49 -9.94
CA ASN A 24 4.50 -9.21 -11.14
C ASN A 24 3.84 -8.13 -11.99
N PRO A 25 4.62 -7.50 -12.87
CA PRO A 25 4.14 -6.44 -13.76
C PRO A 25 3.19 -6.97 -14.83
N THR A 26 1.90 -6.85 -14.58
CA THR A 26 0.89 -7.32 -15.52
C THR A 26 -0.25 -6.31 -15.65
N ASN A 27 0.10 -5.03 -15.79
CA ASN A 27 -0.90 -3.98 -15.93
C ASN A 27 -0.59 -3.07 -17.11
N ALA A 28 0.05 -3.65 -18.13
CA ALA A 28 0.41 -2.89 -19.32
C ALA A 28 -0.80 -2.67 -20.22
N THR A 29 -1.92 -3.31 -19.87
CA THR A 29 -3.14 -3.19 -20.64
C THR A 29 -4.29 -2.66 -19.78
N LEU A 30 -4.19 -2.90 -18.48
CA LEU A 30 -5.22 -2.44 -17.54
C LEU A 30 -6.54 -3.17 -17.79
N SER A 31 -6.48 -4.21 -18.61
CA SER A 31 -7.67 -4.99 -18.93
C SER A 31 -7.92 -6.06 -17.89
N THR A 32 -7.01 -7.04 -17.82
CA THR A 32 -7.13 -8.13 -16.86
C THR A 32 -6.74 -7.67 -15.45
N PHE A 33 -5.99 -6.58 -15.38
CA PHE A 33 -5.56 -6.04 -14.10
C PHE A 33 -6.76 -5.70 -13.21
N ILE A 34 -7.71 -4.96 -13.78
CA ILE A 34 -8.90 -4.57 -13.04
C ILE A 34 -9.62 -5.79 -12.47
N GLU A 35 -9.70 -6.84 -13.28
CA GLU A 35 -10.36 -8.07 -12.85
C GLU A 35 -9.60 -8.73 -11.70
N ASP A 36 -8.27 -8.59 -11.73
CA ASP A 36 -7.42 -9.17 -10.70
C ASP A 36 -7.78 -8.62 -9.32
N LEU A 37 -7.78 -7.29 -9.21
CA LEU A 37 -8.10 -6.63 -7.95
C LEU A 37 -9.59 -6.74 -7.64
N LYS A 38 -10.39 -6.95 -8.68
CA LYS A 38 -11.83 -7.08 -8.52
C LYS A 38 -12.21 -8.48 -8.04
N LYS A 39 -11.48 -9.48 -8.53
CA LYS A 39 -11.74 -10.86 -8.15
C LYS A 39 -11.23 -11.15 -6.74
N TYR A 40 -10.11 -10.53 -6.39
CA TYR A 40 -9.51 -10.72 -5.07
C TYR A 40 -10.36 -10.04 -3.99
N GLY A 41 -11.35 -9.28 -4.42
CA GLY A 41 -12.23 -8.58 -3.49
C GLY A 41 -11.63 -7.29 -2.99
N ALA A 42 -10.85 -6.62 -3.84
CA ALA A 42 -10.23 -5.36 -3.48
C ALA A 42 -10.94 -4.18 -4.13
N THR A 43 -11.40 -3.25 -3.31
CA THR A 43 -12.11 -2.08 -3.80
C THR A 43 -11.16 -0.90 -3.99
N THR A 44 -9.90 -1.20 -4.31
CA THR A 44 -8.89 -0.17 -4.51
C THR A 44 -7.95 -0.54 -5.64
N VAL A 45 -7.55 0.45 -6.42
CA VAL A 45 -6.64 0.24 -7.55
C VAL A 45 -5.19 0.34 -7.11
N VAL A 46 -4.34 -0.50 -7.69
CA VAL A 46 -2.91 -0.50 -7.36
C VAL A 46 -2.22 0.71 -7.99
N ARG A 47 -2.86 1.87 -7.91
CA ARG A 47 -2.29 3.09 -8.47
C ARG A 47 -1.13 3.59 -7.63
N VAL A 48 -0.79 2.83 -6.59
CA VAL A 48 0.31 3.20 -5.70
C VAL A 48 1.65 3.12 -6.41
N CYS A 49 1.95 4.13 -7.21
CA CYS A 49 3.21 4.17 -7.95
C CYS A 49 3.22 5.34 -8.93
N GLU A 50 4.16 5.31 -9.87
CA GLU A 50 4.29 6.37 -10.86
C GLU A 50 3.13 6.33 -11.86
N VAL A 51 1.95 6.73 -11.40
CA VAL A 51 0.76 6.73 -12.24
C VAL A 51 0.76 7.94 -13.18
N THR A 52 0.31 7.73 -14.41
CA THR A 52 0.25 8.80 -15.40
C THR A 52 -0.88 8.58 -16.39
N TYR A 53 -1.98 8.02 -15.91
CA TYR A 53 -3.14 7.74 -16.76
C TYR A 53 -4.44 7.86 -15.97
N ASP A 54 -5.35 8.69 -16.46
CA ASP A 54 -6.63 8.89 -15.80
C ASP A 54 -7.30 7.55 -15.51
N LYS A 55 -8.37 7.60 -14.71
CA LYS A 55 -9.11 6.40 -14.35
C LYS A 55 -10.49 6.38 -14.99
N THR A 56 -10.63 5.57 -16.04
CA THR A 56 -11.90 5.48 -16.75
C THR A 56 -12.69 4.25 -16.30
N PRO A 57 -12.08 3.06 -16.43
CA PRO A 57 -12.70 1.80 -16.04
C PRO A 57 -12.82 1.66 -14.53
N LEU A 58 -11.69 1.47 -13.86
CA LEU A 58 -11.68 1.32 -12.41
C LEU A 58 -12.48 2.44 -11.73
N GLU A 59 -12.70 3.53 -12.47
CA GLU A 59 -13.45 4.66 -11.95
C GLU A 59 -14.94 4.33 -11.88
N LYS A 60 -15.51 3.92 -13.01
CA LYS A 60 -16.92 3.58 -13.08
C LYS A 60 -17.21 2.28 -12.32
N ASP A 61 -16.16 1.50 -12.08
CA ASP A 61 -16.29 0.24 -11.36
C ASP A 61 -16.50 0.47 -9.87
N GLY A 62 -16.45 1.73 -9.47
CA GLY A 62 -16.62 2.08 -8.07
C GLY A 62 -15.44 1.66 -7.21
N ILE A 63 -14.26 1.60 -7.83
CA ILE A 63 -13.05 1.21 -7.12
C ILE A 63 -12.23 2.44 -6.72
N THR A 64 -11.82 2.47 -5.46
CA THR A 64 -11.04 3.59 -4.93
C THR A 64 -9.69 3.69 -5.66
N VAL A 65 -9.40 4.89 -6.18
CA VAL A 65 -8.14 5.11 -6.88
C VAL A 65 -7.01 5.40 -5.92
N VAL A 66 -6.10 4.44 -5.77
CA VAL A 66 -4.96 4.59 -4.87
C VAL A 66 -3.71 4.99 -5.63
N ASP A 67 -3.54 6.28 -5.86
CA ASP A 67 -2.37 6.78 -6.59
C ASP A 67 -1.44 7.54 -5.65
N TRP A 68 -0.26 6.96 -5.41
CA TRP A 68 0.72 7.58 -4.52
C TRP A 68 2.12 7.47 -5.12
N PRO A 69 2.85 8.59 -5.16
CA PRO A 69 4.21 8.65 -5.69
C PRO A 69 5.21 7.93 -4.80
N PHE A 70 4.97 6.63 -4.57
CA PHE A 70 5.85 5.83 -3.73
C PHE A 70 6.70 4.89 -4.59
N ASP A 71 6.53 4.97 -5.90
CA ASP A 71 7.28 4.14 -6.83
C ASP A 71 8.77 4.14 -6.47
N ASP A 72 9.34 5.33 -6.35
CA ASP A 72 10.75 5.48 -6.02
C ASP A 72 11.09 6.94 -5.74
N GLY A 73 10.87 7.37 -4.51
CA GLY A 73 11.17 8.75 -4.14
C GLY A 73 10.35 9.20 -2.94
N ALA A 74 9.35 10.03 -3.21
CA ALA A 74 8.49 10.54 -2.14
C ALA A 74 9.27 11.45 -1.21
N PRO A 75 8.53 12.27 -0.42
CA PRO A 75 9.14 13.20 0.54
C PRO A 75 9.79 12.48 1.71
N PRO A 76 11.03 12.90 2.05
CA PRO A 76 11.78 12.30 3.16
C PRO A 76 11.19 12.65 4.52
N PRO A 77 10.48 13.80 4.59
CA PRO A 77 9.84 14.26 5.82
C PRO A 77 8.66 13.39 6.22
N GLY A 78 8.24 12.51 5.32
CA GLY A 78 7.12 11.63 5.61
C GLY A 78 5.79 12.33 5.42
N LYS A 79 5.58 12.92 4.25
CA LYS A 79 4.34 13.62 3.95
C LYS A 79 3.30 12.67 3.39
N VAL A 80 3.77 11.60 2.74
CA VAL A 80 2.87 10.60 2.16
C VAL A 80 2.02 9.93 3.23
N VAL A 81 2.52 9.94 4.47
CA VAL A 81 1.81 9.34 5.58
C VAL A 81 0.32 9.66 5.52
N GLU A 82 0.00 10.94 5.26
CA GLU A 82 -1.38 11.38 5.18
C GLU A 82 -2.17 10.49 4.22
N ASP A 83 -1.61 10.23 3.05
CA ASP A 83 -2.26 9.40 2.04
C ASP A 83 -2.35 7.96 2.52
N TRP A 84 -1.33 7.51 3.22
CA TRP A 84 -1.30 6.14 3.73
C TRP A 84 -2.56 5.82 4.52
N LEU A 85 -2.72 6.47 5.66
CA LEU A 85 -3.89 6.26 6.50
C LEU A 85 -5.18 6.54 5.73
N SER A 86 -5.24 7.70 5.09
CA SER A 86 -6.41 8.10 4.32
C SER A 86 -6.88 6.95 3.42
N LEU A 87 -5.96 6.43 2.62
CA LEU A 87 -6.28 5.33 1.70
C LEU A 87 -6.96 4.19 2.46
N VAL A 88 -6.25 3.64 3.44
CA VAL A 88 -6.79 2.54 4.24
C VAL A 88 -8.15 2.90 4.84
N LYS A 89 -8.16 3.91 5.71
CA LYS A 89 -9.39 4.35 6.35
C LYS A 89 -10.48 4.59 5.31
N ALA A 90 -10.08 4.78 4.06
CA ALA A 90 -11.03 5.02 2.98
C ALA A 90 -11.51 3.71 2.38
N LYS A 91 -10.59 2.96 1.75
CA LYS A 91 -10.92 1.69 1.13
C LYS A 91 -11.71 0.80 2.09
N PHE A 92 -11.38 0.90 3.38
CA PHE A 92 -12.07 0.11 4.39
C PHE A 92 -13.38 0.77 4.81
N CYS A 93 -13.46 2.08 4.62
CA CYS A 93 -14.67 2.83 4.98
C CYS A 93 -15.65 2.86 3.82
N GLU A 94 -15.15 2.59 2.61
CA GLU A 94 -15.98 2.59 1.42
C GLU A 94 -16.46 1.18 1.10
N ALA A 95 -15.68 0.18 1.51
CA ALA A 95 -16.04 -1.21 1.27
C ALA A 95 -16.07 -2.00 2.57
N PRO A 96 -16.91 -3.05 2.59
CA PRO A 96 -17.08 -3.90 3.78
C PRO A 96 -15.85 -4.76 4.03
N GLY A 97 -14.89 -4.20 4.77
CA GLY A 97 -13.68 -4.93 5.08
C GLY A 97 -13.05 -5.57 3.86
N SER A 98 -13.33 -5.00 2.69
CA SER A 98 -12.80 -5.53 1.43
C SER A 98 -11.27 -5.49 1.44
N CYS A 99 -10.69 -5.64 0.26
CA CYS A 99 -9.24 -5.63 0.12
C CYS A 99 -8.78 -4.38 -0.64
N VAL A 100 -7.47 -4.15 -0.63
CA VAL A 100 -6.90 -2.99 -1.31
C VAL A 100 -5.81 -3.40 -2.29
N ALA A 101 -5.82 -2.80 -3.47
CA ALA A 101 -4.83 -3.11 -4.50
C ALA A 101 -3.82 -1.98 -4.65
N VAL A 102 -2.56 -2.27 -4.38
CA VAL A 102 -1.49 -1.28 -4.49
C VAL A 102 -0.38 -1.75 -5.42
N HIS A 103 0.26 -0.81 -6.09
CA HIS A 103 1.35 -1.13 -7.01
C HIS A 103 2.62 -1.47 -6.25
N CYS A 104 3.20 -2.63 -6.58
CA CYS A 104 4.42 -3.09 -5.92
C CYS A 104 5.23 -3.99 -6.85
N VAL A 105 6.55 -3.90 -6.73
CA VAL A 105 7.44 -4.72 -7.56
C VAL A 105 7.62 -6.11 -6.97
N ALA A 106 8.64 -6.26 -6.12
CA ALA A 106 8.91 -7.54 -5.49
C ALA A 106 8.66 -7.48 -3.99
N GLY A 107 8.84 -6.30 -3.41
CA GLY A 107 8.62 -6.13 -1.99
C GLY A 107 9.74 -5.34 -1.32
N LEU A 108 10.61 -6.04 -0.62
CA LEU A 108 11.73 -5.40 0.07
C LEU A 108 11.37 -3.98 0.48
N GLY A 109 12.39 -3.15 0.72
CA GLY A 109 12.16 -1.78 1.12
C GLY A 109 10.68 -1.45 1.23
N ARG A 110 10.11 -0.88 0.17
CA ARG A 110 8.70 -0.52 0.16
C ARG A 110 7.89 -1.49 1.01
N ALA A 111 7.98 -2.77 0.68
CA ALA A 111 7.26 -3.80 1.41
C ALA A 111 7.10 -3.44 2.88
N PRO A 112 8.18 -3.60 3.65
CA PRO A 112 8.18 -3.29 5.08
C PRO A 112 8.11 -1.79 5.35
N VAL A 113 8.84 -1.01 4.57
CA VAL A 113 8.86 0.44 4.72
C VAL A 113 7.44 1.00 4.74
N LEU A 114 6.72 0.78 3.64
CA LEU A 114 5.34 1.27 3.52
C LEU A 114 4.47 0.68 4.64
N VAL A 115 4.36 -0.63 4.68
CA VAL A 115 3.55 -1.32 5.68
C VAL A 115 3.94 -0.85 7.09
N ALA A 116 5.21 -0.48 7.26
CA ALA A 116 5.70 -0.02 8.55
C ALA A 116 5.03 1.29 8.95
N LEU A 117 4.97 2.23 8.02
CA LEU A 117 4.35 3.53 8.29
C LEU A 117 2.93 3.35 8.83
N ALA A 118 2.10 2.64 8.09
CA ALA A 118 0.73 2.38 8.50
C ALA A 118 0.68 1.59 9.81
N LEU A 119 1.60 0.65 9.97
CA LEU A 119 1.67 -0.17 11.15
C LEU A 119 1.85 0.68 12.41
N ILE A 120 2.79 1.62 12.35
CA ILE A 120 3.06 2.50 13.47
C ILE A 120 1.85 3.37 13.80
N GLU A 121 1.14 3.79 12.75
CA GLU A 121 -0.04 4.63 12.92
C GLU A 121 -1.19 3.83 13.53
N SER A 122 -1.15 2.51 13.34
CA SER A 122 -2.18 1.63 13.87
C SER A 122 -2.14 1.59 15.40
N GLY A 123 -1.09 2.18 15.97
CA GLY A 123 -0.95 2.20 17.41
C GLY A 123 0.19 1.33 17.89
N MET A 124 1.15 1.07 17.01
CA MET A 124 2.30 0.24 17.36
C MET A 124 3.55 1.09 17.53
N LYS A 125 4.49 0.60 18.32
CA LYS A 125 5.73 1.31 18.57
C LYS A 125 6.65 1.23 17.35
N TYR A 126 7.32 2.34 17.05
CA TYR A 126 8.23 2.40 15.91
C TYR A 126 9.30 1.31 16.01
N GLU A 127 9.95 1.23 17.17
CA GLU A 127 10.99 0.23 17.39
C GLU A 127 10.42 -1.18 17.27
N ASP A 128 9.40 -1.48 18.05
CA ASP A 128 8.77 -2.79 18.03
C ASP A 128 8.45 -3.21 16.60
N ALA A 129 7.69 -2.38 15.90
CA ALA A 129 7.31 -2.67 14.52
C ALA A 129 8.54 -2.95 13.66
N ILE A 130 9.53 -2.06 13.76
CA ILE A 130 10.75 -2.21 12.98
C ILE A 130 11.39 -3.57 13.23
N GLN A 131 11.65 -3.89 14.48
CA GLN A 131 12.26 -5.17 14.85
C GLN A 131 11.52 -6.33 14.19
N PHE A 132 10.20 -6.20 14.07
CA PHE A 132 9.38 -7.23 13.46
C PHE A 132 9.70 -7.37 11.97
N ILE A 133 9.37 -6.34 11.21
CA ILE A 133 9.61 -6.34 9.77
C ILE A 133 11.11 -6.45 9.47
N ARG A 134 11.92 -6.18 10.48
CA ARG A 134 13.37 -6.24 10.32
C ARG A 134 13.89 -7.66 10.54
N GLN A 135 13.37 -8.31 11.57
CA GLN A 135 13.78 -9.68 11.89
C GLN A 135 13.37 -10.64 10.77
N LYS A 136 12.30 -10.30 10.07
CA LYS A 136 11.81 -11.13 8.97
C LYS A 136 12.48 -10.75 7.66
N ARG A 137 13.44 -9.84 7.73
CA ARG A 137 14.17 -9.40 6.55
C ARG A 137 15.30 -8.46 6.93
N ARG A 138 16.54 -8.94 6.79
CA ARG A 138 17.72 -8.16 7.12
C ARG A 138 17.63 -6.77 6.49
N GLY A 139 17.70 -5.74 7.33
CA GLY A 139 17.63 -4.37 6.85
C GLY A 139 16.46 -4.15 5.91
N ALA A 140 15.25 -4.29 6.44
CA ALA A 140 14.04 -4.10 5.65
C ALA A 140 13.65 -2.62 5.57
N ILE A 141 13.35 -2.03 6.72
CA ILE A 141 12.98 -0.63 6.77
C ILE A 141 14.18 0.25 7.08
N ASN A 142 15.25 -0.36 7.59
CA ASN A 142 16.46 0.37 7.93
C ASN A 142 16.72 1.49 6.92
N SER A 143 17.43 2.52 7.36
CA SER A 143 17.76 3.64 6.50
C SER A 143 16.95 4.89 6.91
N LYS A 144 16.82 5.82 5.98
CA LYS A 144 16.09 7.06 6.24
C LYS A 144 14.75 6.76 6.93
N GLN A 145 14.21 5.58 6.64
CA GLN A 145 12.93 5.18 7.23
C GLN A 145 13.03 5.08 8.75
N LEU A 146 13.97 4.28 9.23
CA LEU A 146 14.17 4.10 10.65
C LEU A 146 14.42 5.45 11.34
N THR A 147 15.35 6.22 10.80
CA THR A 147 15.68 7.52 11.35
C THR A 147 14.50 8.48 11.26
N TYR A 148 13.70 8.31 10.22
CA TYR A 148 12.53 9.16 10.00
C TYR A 148 11.56 9.05 11.18
N LEU A 149 11.10 7.83 11.45
CA LEU A 149 10.17 7.59 12.54
C LEU A 149 10.84 7.85 13.89
N GLU A 150 12.16 7.74 13.92
CA GLU A 150 12.92 7.95 15.15
C GLU A 150 12.70 9.36 15.69
N LYS A 151 12.82 10.35 14.82
CA LYS A 151 12.63 11.74 15.20
C LYS A 151 11.18 12.16 15.00
N TYR A 152 10.49 11.49 14.09
CA TYR A 152 9.09 11.80 13.80
C TYR A 152 8.19 11.37 14.95
N ARG A 153 7.07 12.06 15.12
CA ARG A 153 6.13 11.75 16.18
C ARG A 153 4.73 11.47 15.61
N PRO A 154 4.13 10.35 16.02
CA PRO A 154 2.79 9.95 15.57
C PRO A 154 1.70 10.86 16.11
N LYS A 155 0.97 11.51 15.21
CA LYS A 155 -0.11 12.41 15.59
C LYS A 155 -1.38 11.62 15.90
N GLN A 156 -1.30 10.30 15.81
CA GLN A 156 -2.44 9.44 16.09
C GLN A 156 -3.51 9.60 15.00
N ARG A 157 -3.30 8.96 13.86
CA ARG A 157 -4.24 9.04 12.76
C ARG A 157 -5.08 7.76 12.66
N LEU A 158 -4.40 6.62 12.55
CA LEU A 158 -5.08 5.34 12.45
C LEU A 158 -5.65 4.92 13.80
N ARG A 159 -4.96 5.31 14.87
CA ARG A 159 -5.39 4.98 16.22
C ARG A 159 -4.47 5.62 17.26
N PHE A 160 -4.64 5.22 18.52
CA PHE A 160 -3.84 5.77 19.61
C PHE A 160 -2.51 5.02 19.72
N LYS A 161 -1.41 5.72 19.42
CA LYS A 161 -0.09 5.13 19.49
C LYS A 161 0.62 5.52 20.78
N ASP A 162 1.53 4.67 21.23
CA ASP A 162 2.28 4.93 22.46
C ASP A 162 1.34 5.30 23.60
N MET A 1 0.36 -9.31 -18.76
CA MET A 1 0.43 -8.20 -19.71
C MET A 1 -0.66 -8.33 -20.78
N ALA A 2 -1.10 -9.57 -21.02
CA ALA A 2 -2.15 -9.82 -22.00
C ALA A 2 -3.52 -9.48 -21.44
N ARG A 3 -4.50 -9.33 -22.33
CA ARG A 3 -5.86 -9.00 -21.93
C ARG A 3 -6.71 -10.26 -21.80
N MET A 4 -6.09 -11.33 -21.33
CA MET A 4 -6.79 -12.59 -21.15
C MET A 4 -5.87 -13.65 -20.52
N ASN A 5 -5.79 -13.63 -19.20
CA ASN A 5 -4.94 -14.57 -18.48
C ASN A 5 -5.43 -14.77 -17.04
N ARG A 6 -4.65 -15.48 -16.24
CA ARG A 6 -5.00 -15.73 -14.85
C ARG A 6 -3.95 -15.16 -13.91
N PRO A 7 -4.00 -13.82 -13.72
CA PRO A 7 -3.06 -13.12 -12.84
C PRO A 7 -3.28 -13.44 -11.37
N ALA A 8 -2.24 -13.92 -10.70
CA ALA A 8 -2.32 -14.26 -9.29
C ALA A 8 -1.51 -13.29 -8.44
N PRO A 9 -2.16 -12.20 -8.00
CA PRO A 9 -1.51 -11.18 -7.18
C PRO A 9 -1.21 -11.68 -5.77
N VAL A 10 -0.89 -10.75 -4.87
CA VAL A 10 -0.58 -11.10 -3.49
C VAL A 10 -1.44 -10.30 -2.52
N GLU A 11 -2.27 -11.01 -1.75
CA GLU A 11 -3.15 -10.37 -0.78
C GLU A 11 -2.55 -10.46 0.62
N VAL A 12 -2.39 -9.30 1.26
CA VAL A 12 -1.84 -9.26 2.61
C VAL A 12 -2.87 -8.77 3.62
N SER A 13 -3.38 -9.69 4.43
CA SER A 13 -4.38 -9.36 5.43
C SER A 13 -3.73 -9.03 6.77
N TYR A 14 -4.01 -7.84 7.28
CA TYR A 14 -3.46 -7.40 8.56
C TYR A 14 -4.44 -7.63 9.70
N LYS A 15 -4.19 -6.98 10.83
CA LYS A 15 -5.05 -7.11 11.99
C LYS A 15 -6.51 -6.84 11.62
N HIS A 16 -6.74 -5.71 10.96
CA HIS A 16 -8.09 -5.32 10.54
C HIS A 16 -8.07 -4.65 9.17
N MET A 17 -7.18 -5.12 8.30
CA MET A 17 -7.05 -4.55 6.96
C MET A 17 -6.61 -5.62 5.96
N ARG A 18 -6.53 -5.23 4.69
CA ARG A 18 -6.12 -6.15 3.63
C ARG A 18 -5.71 -5.39 2.38
N PHE A 19 -4.51 -5.69 1.88
CA PHE A 19 -3.99 -5.03 0.69
C PHE A 19 -3.64 -6.05 -0.38
N LEU A 20 -3.42 -5.57 -1.60
CA LEU A 20 -3.08 -6.45 -2.72
C LEU A 20 -1.88 -5.90 -3.49
N ILE A 21 -0.74 -6.57 -3.35
CA ILE A 21 0.48 -6.16 -4.03
C ILE A 21 0.61 -6.83 -5.40
N THR A 22 0.81 -6.02 -6.43
CA THR A 22 0.94 -6.52 -7.78
C THR A 22 2.34 -7.09 -8.03
N HIS A 23 2.61 -8.27 -7.46
CA HIS A 23 3.90 -8.91 -7.63
C HIS A 23 4.26 -9.07 -9.10
N ASN A 24 3.63 -10.04 -9.76
CA ASN A 24 3.88 -10.29 -11.17
C ASN A 24 3.18 -9.26 -12.05
N PRO A 25 3.76 -9.00 -13.23
CA PRO A 25 3.20 -8.03 -14.18
C PRO A 25 1.91 -8.51 -14.81
N THR A 26 0.92 -7.62 -14.87
CA THR A 26 -0.38 -7.96 -15.46
C THR A 26 -1.28 -6.73 -15.54
N ASN A 27 -0.67 -5.57 -15.73
CA ASN A 27 -1.41 -4.32 -15.84
C ASN A 27 -0.95 -3.51 -17.04
N ALA A 28 -0.42 -4.19 -18.05
CA ALA A 28 0.06 -3.52 -19.26
C ALA A 28 -1.08 -3.20 -20.20
N THR A 29 -2.26 -3.79 -19.94
CA THR A 29 -3.42 -3.58 -20.77
C THR A 29 -4.58 -2.98 -19.96
N LEU A 30 -4.54 -3.20 -18.65
CA LEU A 30 -5.58 -2.69 -17.77
C LEU A 30 -6.88 -3.44 -17.96
N SER A 31 -6.83 -4.53 -18.72
CA SER A 31 -8.01 -5.34 -19.00
C SER A 31 -8.25 -6.34 -17.88
N THR A 32 -7.29 -7.24 -17.69
CA THR A 32 -7.39 -8.27 -16.66
C THR A 32 -6.97 -7.72 -15.30
N PHE A 33 -6.24 -6.61 -15.32
CA PHE A 33 -5.76 -5.99 -14.09
C PHE A 33 -6.93 -5.61 -13.19
N ILE A 34 -7.87 -4.84 -13.74
CA ILE A 34 -9.04 -4.41 -12.98
C ILE A 34 -9.80 -5.60 -12.42
N GLU A 35 -9.93 -6.64 -13.23
CA GLU A 35 -10.64 -7.85 -12.83
C GLU A 35 -9.90 -8.55 -11.68
N ASP A 36 -8.58 -8.42 -11.68
CA ASP A 36 -7.75 -9.05 -10.65
C ASP A 36 -8.06 -8.46 -9.29
N LEU A 37 -7.98 -7.13 -9.18
CA LEU A 37 -8.25 -6.44 -7.93
C LEU A 37 -9.74 -6.46 -7.60
N LYS A 38 -10.56 -6.66 -8.63
CA LYS A 38 -12.01 -6.70 -8.45
C LYS A 38 -12.46 -8.08 -7.99
N LYS A 39 -11.85 -9.12 -8.55
CA LYS A 39 -12.19 -10.50 -8.19
C LYS A 39 -11.71 -10.82 -6.79
N TYR A 40 -10.55 -10.30 -6.42
CA TYR A 40 -9.97 -10.54 -5.11
C TYR A 40 -10.78 -9.82 -4.02
N GLY A 41 -11.72 -8.99 -4.45
CA GLY A 41 -12.55 -8.26 -3.50
C GLY A 41 -11.92 -6.96 -3.05
N ALA A 42 -11.04 -6.42 -3.89
CA ALA A 42 -10.36 -5.17 -3.57
C ALA A 42 -11.01 -4.00 -4.28
N THR A 43 -11.59 -3.08 -3.51
CA THR A 43 -12.26 -1.91 -4.06
C THR A 43 -11.28 -0.75 -4.22
N THR A 44 -10.02 -1.07 -4.48
CA THR A 44 -8.99 -0.06 -4.65
C THR A 44 -8.01 -0.46 -5.76
N VAL A 45 -7.62 0.52 -6.57
CA VAL A 45 -6.69 0.28 -7.67
C VAL A 45 -5.24 0.39 -7.20
N VAL A 46 -4.37 -0.40 -7.81
CA VAL A 46 -2.95 -0.38 -7.45
C VAL A 46 -2.23 0.80 -8.10
N ARG A 47 -2.90 1.95 -8.10
CA ARG A 47 -2.32 3.15 -8.69
C ARG A 47 -1.12 3.63 -7.88
N VAL A 48 -0.79 2.90 -6.82
CA VAL A 48 0.34 3.24 -5.97
C VAL A 48 1.66 3.09 -6.71
N CYS A 49 1.99 4.09 -7.53
CA CYS A 49 3.23 4.07 -8.30
C CYS A 49 3.30 5.27 -9.24
N GLU A 50 4.23 5.21 -10.19
CA GLU A 50 4.41 6.29 -11.14
C GLU A 50 3.28 6.31 -12.16
N VAL A 51 2.05 6.41 -11.68
CA VAL A 51 0.88 6.44 -12.54
C VAL A 51 0.70 7.81 -13.19
N THR A 52 0.28 7.81 -14.45
CA THR A 52 0.08 9.06 -15.17
C THR A 52 -1.01 8.90 -16.24
N TYR A 53 -1.99 8.04 -15.95
CA TYR A 53 -3.09 7.79 -16.88
C TYR A 53 -4.43 7.96 -16.19
N ASP A 54 -5.27 8.81 -16.75
CA ASP A 54 -6.60 9.06 -16.18
C ASP A 54 -7.35 7.75 -15.96
N LYS A 55 -8.11 7.69 -14.87
CA LYS A 55 -8.87 6.49 -14.54
C LYS A 55 -10.26 6.54 -15.16
N THR A 56 -10.46 5.76 -16.22
CA THR A 56 -11.74 5.72 -16.90
C THR A 56 -12.57 4.53 -16.45
N PRO A 57 -12.01 3.31 -16.60
CA PRO A 57 -12.69 2.08 -16.21
C PRO A 57 -12.80 1.93 -14.69
N LEU A 58 -11.67 1.67 -14.04
CA LEU A 58 -11.65 1.51 -12.60
C LEU A 58 -12.39 2.65 -11.91
N GLU A 59 -12.56 3.76 -12.63
CA GLU A 59 -13.25 4.93 -12.09
C GLU A 59 -14.75 4.66 -11.97
N LYS A 60 -15.37 4.36 -13.11
CA LYS A 60 -16.81 4.08 -13.13
C LYS A 60 -17.12 2.74 -12.47
N ASP A 61 -16.08 1.93 -12.29
CA ASP A 61 -16.25 0.61 -11.66
C ASP A 61 -16.50 0.76 -10.17
N GLY A 62 -16.40 1.98 -9.67
CA GLY A 62 -16.61 2.22 -8.26
C GLY A 62 -15.42 1.81 -7.41
N ILE A 63 -14.24 1.78 -8.02
CA ILE A 63 -13.03 1.39 -7.32
C ILE A 63 -12.20 2.62 -6.93
N THR A 64 -11.79 2.66 -5.67
CA THR A 64 -10.99 3.78 -5.17
C THR A 64 -9.63 3.83 -5.85
N VAL A 65 -9.29 5.00 -6.40
CA VAL A 65 -8.01 5.18 -7.08
C VAL A 65 -6.90 5.48 -6.08
N VAL A 66 -6.01 4.52 -5.90
CA VAL A 66 -4.89 4.69 -4.97
C VAL A 66 -3.60 4.98 -5.72
N ASP A 67 -3.36 6.26 -6.01
CA ASP A 67 -2.16 6.68 -6.72
C ASP A 67 -1.24 7.46 -5.80
N TRP A 68 -0.03 6.94 -5.59
CA TRP A 68 0.95 7.59 -4.74
C TRP A 68 2.35 7.47 -5.33
N PRO A 69 3.13 8.56 -5.25
CA PRO A 69 4.50 8.60 -5.77
C PRO A 69 5.45 7.75 -4.94
N PHE A 70 5.09 6.49 -4.74
CA PHE A 70 5.92 5.57 -3.97
C PHE A 70 6.69 4.62 -4.88
N ASP A 71 6.70 4.93 -6.17
CA ASP A 71 7.39 4.10 -7.16
C ASP A 71 8.88 3.99 -6.81
N ASP A 72 9.61 5.08 -6.99
CA ASP A 72 11.04 5.10 -6.71
C ASP A 72 11.34 6.00 -5.51
N GLY A 73 10.39 6.87 -5.17
CA GLY A 73 10.57 7.77 -4.05
C GLY A 73 9.55 8.90 -4.05
N ALA A 74 9.00 9.18 -2.88
CA ALA A 74 8.01 10.24 -2.74
C ALA A 74 8.69 11.62 -2.61
N PRO A 75 8.29 12.55 -3.49
CA PRO A 75 8.84 13.91 -3.49
C PRO A 75 8.41 14.71 -2.27
N PRO A 76 7.25 14.35 -1.70
CA PRO A 76 6.70 15.03 -0.53
C PRO A 76 7.52 14.77 0.73
N PRO A 77 7.85 15.84 1.46
CA PRO A 77 8.62 15.74 2.71
C PRO A 77 7.84 15.08 3.83
N GLY A 78 7.95 13.76 3.93
CA GLY A 78 7.24 13.02 4.97
C GLY A 78 5.76 13.36 5.00
N LYS A 79 5.23 13.82 3.88
CA LYS A 79 3.82 14.17 3.78
C LYS A 79 2.98 12.96 3.37
N VAL A 80 3.63 11.98 2.76
CA VAL A 80 2.96 10.76 2.31
C VAL A 80 2.10 10.18 3.44
N VAL A 81 2.60 10.26 4.66
CA VAL A 81 1.88 9.74 5.81
C VAL A 81 0.40 10.09 5.74
N GLU A 82 0.11 11.32 5.35
CA GLU A 82 -1.27 11.78 5.24
C GLU A 82 -2.06 10.89 4.27
N ASP A 83 -1.48 10.63 3.11
CA ASP A 83 -2.13 9.81 2.10
C ASP A 83 -2.26 8.37 2.58
N TRP A 84 -1.27 7.92 3.35
CA TRP A 84 -1.28 6.56 3.88
C TRP A 84 -2.53 6.29 4.69
N LEU A 85 -2.65 6.99 5.82
CA LEU A 85 -3.81 6.84 6.69
C LEU A 85 -5.11 7.08 5.93
N SER A 86 -5.14 8.16 5.15
CA SER A 86 -6.32 8.51 4.38
C SER A 86 -6.80 7.33 3.55
N LEU A 87 -5.92 6.82 2.69
CA LEU A 87 -6.26 5.68 1.84
C LEU A 87 -6.78 4.51 2.67
N VAL A 88 -5.92 3.96 3.53
CA VAL A 88 -6.30 2.85 4.38
C VAL A 88 -7.59 3.16 5.15
N LYS A 89 -7.87 4.45 5.32
CA LYS A 89 -9.07 4.87 6.04
C LYS A 89 -10.26 4.98 5.09
N ALA A 90 -9.98 5.15 3.81
CA ALA A 90 -11.02 5.26 2.79
C ALA A 90 -11.38 3.90 2.22
N LYS A 91 -10.39 3.24 1.62
CA LYS A 91 -10.60 1.92 1.02
C LYS A 91 -11.40 1.03 1.95
N PHE A 92 -11.20 1.20 3.25
CA PHE A 92 -11.91 0.40 4.25
C PHE A 92 -13.24 1.06 4.63
N CYS A 93 -13.26 2.38 4.60
CA CYS A 93 -14.47 3.14 4.94
C CYS A 93 -15.42 3.19 3.75
N GLU A 94 -14.92 2.80 2.58
CA GLU A 94 -15.73 2.81 1.36
C GLU A 94 -16.24 1.41 1.03
N ALA A 95 -15.46 0.41 1.43
CA ALA A 95 -15.82 -0.98 1.17
C ALA A 95 -15.83 -1.80 2.46
N PRO A 96 -16.62 -2.88 2.48
CA PRO A 96 -16.74 -3.76 3.64
C PRO A 96 -15.46 -4.57 3.89
N GLY A 97 -14.53 -3.97 4.63
CA GLY A 97 -13.28 -4.65 4.93
C GLY A 97 -12.62 -5.22 3.69
N SER A 98 -12.94 -4.66 2.53
CA SER A 98 -12.39 -5.12 1.26
C SER A 98 -10.86 -5.04 1.28
N CYS A 99 -10.25 -5.25 0.11
CA CYS A 99 -8.80 -5.19 -0.01
C CYS A 99 -8.37 -3.95 -0.78
N VAL A 100 -7.11 -3.56 -0.59
CA VAL A 100 -6.57 -2.39 -1.27
C VAL A 100 -5.45 -2.78 -2.24
N ALA A 101 -5.72 -2.64 -3.53
CA ALA A 101 -4.74 -2.97 -4.56
C ALA A 101 -3.72 -1.86 -4.72
N VAL A 102 -2.45 -2.20 -4.58
CA VAL A 102 -1.37 -1.23 -4.71
C VAL A 102 -0.21 -1.80 -5.51
N HIS A 103 0.46 -0.95 -6.27
CA HIS A 103 1.60 -1.36 -7.09
C HIS A 103 2.89 -1.33 -6.28
N CYS A 104 3.90 -2.06 -6.75
CA CYS A 104 5.18 -2.12 -6.07
C CYS A 104 6.30 -2.44 -7.06
N VAL A 105 7.39 -1.70 -6.97
CA VAL A 105 8.54 -1.90 -7.85
C VAL A 105 9.23 -3.22 -7.55
N ALA A 106 10.26 -3.16 -6.70
CA ALA A 106 11.01 -4.36 -6.33
C ALA A 106 10.64 -4.82 -4.93
N GLY A 107 10.19 -3.89 -4.10
CA GLY A 107 9.81 -4.22 -2.74
C GLY A 107 10.60 -3.43 -1.71
N LEU A 108 11.61 -4.06 -1.13
CA LEU A 108 12.44 -3.41 -0.12
C LEU A 108 11.78 -2.14 0.39
N GLY A 109 12.59 -1.12 0.65
CA GLY A 109 12.06 0.15 1.15
C GLY A 109 10.55 0.16 1.21
N ARG A 110 9.91 0.61 0.13
CA ARG A 110 8.46 0.67 0.09
C ARG A 110 7.83 -0.43 0.94
N ALA A 111 8.06 -1.68 0.54
CA ALA A 111 7.52 -2.81 1.27
C ALA A 111 7.34 -2.49 2.76
N PRO A 112 8.47 -2.44 3.49
CA PRO A 112 8.46 -2.14 4.93
C PRO A 112 8.10 -0.69 5.21
N VAL A 113 8.97 0.23 4.80
CA VAL A 113 8.75 1.65 5.00
C VAL A 113 7.26 1.99 4.91
N LEU A 114 6.59 1.38 3.94
CA LEU A 114 5.16 1.62 3.75
C LEU A 114 4.34 0.99 4.86
N VAL A 115 4.39 -0.33 4.96
CA VAL A 115 3.65 -1.05 6.00
C VAL A 115 4.01 -0.54 7.38
N ALA A 116 5.23 -0.01 7.52
CA ALA A 116 5.70 0.52 8.79
C ALA A 116 4.92 1.77 9.19
N LEU A 117 4.78 2.68 8.24
CA LEU A 117 4.06 3.94 8.48
C LEU A 117 2.65 3.66 9.01
N ALA A 118 1.93 2.80 8.31
CA ALA A 118 0.57 2.45 8.71
C ALA A 118 0.57 1.60 9.98
N LEU A 119 1.51 0.66 10.06
CA LEU A 119 1.62 -0.21 11.22
C LEU A 119 1.71 0.60 12.51
N ILE A 120 2.63 1.57 12.54
CA ILE A 120 2.80 2.42 13.70
C ILE A 120 1.55 3.24 13.98
N GLU A 121 0.98 3.82 12.93
CA GLU A 121 -0.23 4.63 13.07
C GLU A 121 -1.42 3.77 13.47
N SER A 122 -1.25 2.46 13.37
CA SER A 122 -2.32 1.53 13.72
C SER A 122 -2.37 1.32 15.24
N GLY A 123 -1.28 1.65 15.92
CA GLY A 123 -1.23 1.49 17.36
C GLY A 123 -0.06 0.64 17.81
N MET A 124 0.92 0.47 16.93
CA MET A 124 2.10 -0.33 17.23
C MET A 124 3.29 0.56 17.57
N LYS A 125 4.20 0.04 18.39
CA LYS A 125 5.39 0.79 18.79
C LYS A 125 6.38 0.87 17.65
N TYR A 126 6.92 2.07 17.41
CA TYR A 126 7.88 2.28 16.34
C TYR A 126 9.03 1.27 16.43
N GLU A 127 9.59 1.14 17.63
CA GLU A 127 10.68 0.21 17.86
C GLU A 127 10.26 -1.22 17.56
N ASP A 128 9.20 -1.67 18.22
CA ASP A 128 8.70 -3.03 18.03
C ASP A 128 8.48 -3.31 16.55
N ALA A 129 7.68 -2.50 15.89
CA ALA A 129 7.40 -2.67 14.46
C ALA A 129 8.69 -2.75 13.66
N ILE A 130 9.61 -1.83 13.93
CA ILE A 130 10.89 -1.79 13.23
C ILE A 130 11.61 -3.14 13.36
N GLN A 131 11.87 -3.55 14.58
CA GLN A 131 12.56 -4.82 14.84
C GLN A 131 11.90 -5.96 14.08
N PHE A 132 10.58 -5.84 13.86
CA PHE A 132 9.84 -6.86 13.14
C PHE A 132 10.21 -6.88 11.66
N ILE A 133 9.87 -5.80 10.96
CA ILE A 133 10.17 -5.69 9.54
C ILE A 133 11.68 -5.62 9.29
N ARG A 134 12.43 -5.34 10.36
CA ARG A 134 13.87 -5.25 10.27
C ARG A 134 14.52 -6.63 10.41
N GLN A 135 14.01 -7.42 11.35
CA GLN A 135 14.54 -8.75 11.60
C GLN A 135 14.02 -9.74 10.55
N LYS A 136 12.92 -9.38 9.90
CA LYS A 136 12.33 -10.23 8.87
C LYS A 136 12.67 -9.72 7.48
N ARG A 137 13.70 -8.91 7.39
CA ARG A 137 14.14 -8.34 6.11
C ARG A 137 15.31 -7.39 6.30
N ARG A 138 16.22 -7.75 7.21
CA ARG A 138 17.38 -6.91 7.48
C ARG A 138 16.99 -5.45 7.60
N GLY A 139 17.95 -4.56 7.37
CA GLY A 139 17.69 -3.14 7.46
C GLY A 139 16.64 -2.67 6.46
N ALA A 140 15.37 -2.85 6.82
CA ALA A 140 14.28 -2.45 5.95
C ALA A 140 13.90 -0.99 6.16
N ILE A 141 13.49 -0.65 7.39
CA ILE A 141 13.12 0.71 7.73
C ILE A 141 14.30 1.49 8.28
N ASN A 142 15.45 0.82 8.37
CA ASN A 142 16.66 1.46 8.88
C ASN A 142 17.01 2.71 8.08
N SER A 143 17.91 3.52 8.62
CA SER A 143 18.32 4.75 7.96
C SER A 143 17.31 5.87 8.19
N LYS A 144 17.22 6.78 7.23
CA LYS A 144 16.29 7.90 7.33
C LYS A 144 14.95 7.45 7.91
N GLN A 145 14.30 6.51 7.24
CA GLN A 145 13.00 5.99 7.70
C GLN A 145 13.02 5.77 9.21
N LEU A 146 14.05 5.10 9.70
CA LEU A 146 14.19 4.82 11.12
C LEU A 146 14.10 6.11 11.94
N THR A 147 15.01 7.03 11.66
CA THR A 147 15.05 8.30 12.37
C THR A 147 13.72 9.04 12.23
N TYR A 148 13.09 8.89 11.07
CA TYR A 148 11.81 9.55 10.80
C TYR A 148 10.81 9.28 11.94
N LEU A 149 10.50 8.00 12.13
CA LEU A 149 9.56 7.60 13.17
C LEU A 149 10.13 7.88 14.56
N GLU A 150 11.45 7.80 14.67
CA GLU A 150 12.13 8.04 15.94
C GLU A 150 11.75 9.41 16.51
N LYS A 151 11.69 10.41 15.63
CA LYS A 151 11.34 11.76 16.04
C LYS A 151 9.85 12.02 15.86
N TYR A 152 9.25 11.33 14.90
CA TYR A 152 7.83 11.48 14.60
C TYR A 152 6.98 11.04 15.80
N ARG A 153 5.84 11.71 15.97
CA ARG A 153 4.95 11.39 17.08
C ARG A 153 3.60 10.91 16.55
N PRO A 154 3.11 9.80 17.11
CA PRO A 154 1.83 9.21 16.71
C PRO A 154 0.64 10.05 17.17
N LYS A 155 -0.07 10.63 16.20
CA LYS A 155 -1.23 11.47 16.49
C LYS A 155 -2.48 10.62 16.67
N GLN A 156 -2.30 9.29 16.64
CA GLN A 156 -3.43 8.38 16.78
C GLN A 156 -4.47 8.61 15.70
N ARG A 157 -4.14 8.26 14.47
CA ARG A 157 -5.05 8.43 13.34
C ARG A 157 -5.79 7.13 13.03
N LEU A 158 -5.03 6.08 12.75
CA LEU A 158 -5.60 4.78 12.42
C LEU A 158 -6.12 4.10 13.69
N ARG A 159 -5.57 4.47 14.83
CA ARG A 159 -5.99 3.90 16.11
C ARG A 159 -5.19 4.50 17.26
N PHE A 160 -5.32 3.90 18.44
CA PHE A 160 -4.62 4.38 19.62
C PHE A 160 -3.24 3.72 19.73
N LYS A 161 -2.21 4.55 19.74
CA LYS A 161 -0.83 4.06 19.83
C LYS A 161 -0.21 4.43 21.17
N ASP A 162 0.93 3.84 21.49
CA ASP A 162 1.62 4.11 22.74
C ASP A 162 1.75 5.62 22.96
#